data_8U72
#
_entry.id   8U72
#
_cell.length_a   1.00
_cell.length_b   1.00
_cell.length_c   1.00
_cell.angle_alpha   90.00
_cell.angle_beta   90.00
_cell.angle_gamma   90.00
#
_symmetry.space_group_name_H-M   'P 1'
#
loop_
_entity.id
_entity.type
_entity.pdbx_description
1 polymer "RNA (5'-R(P*UP*GP*AP*GP*GP*UP*AP*GP*UP*AP*GP*GP*UP*UP*GP*UP*AP*UP*A)-3')"
2 polymer "DNA (5'-D(P*TP*AP*TP*AP*CP*AP*AP*CP*CP*TP*AP*CP*TP*AP*CP*CP*TP*C)-3')"
3 polymer 'TIR domain-containing protein'
4 polymer 'Piwi domain-containing protein'
5 non-polymer 'MAGNESIUM ION'
6 water water
#
loop_
_entity_poly.entity_id
_entity_poly.type
_entity_poly.pdbx_seq_one_letter_code
_entity_poly.pdbx_strand_id
1 'polyribonucleotide' UGAGGUAGUAGGUUGUAUAGU U,M,S,X
2 'polydeoxyribonucleotide'
;(DA)(DA)(DA)(DC)(DG)(DA)(DC)(DG)(DG)(DC)(DC)(DA)(DG)(DT)(DG)(DC)(DC)(DA)(DA)(DG)
(DC)(DT)(DT)(DA)(DC)(DT)(DA)(DT)(DA)(DC)(DA)(DA)(DC)(DC)(DT)(DA)(DC)(DT)(DA)(DC)
(DC)(DT)(DC)(DA)(DT)
;
V,N,T,Y
3 'polypeptide(L)'
;MRNKIFISHATPEDDDFTRWLSLKLIGLGYEVWCDILFLDKGVDFWSTIEKEIRENTCKFLIVSSTAGNKREGVLKELAV
ATKVKKHLQDDMFIIPLAIDENLSYDDINIEIVRLNAIDFKKSWAKGLQDLLDAFEKQNVPKKPPDHSKSNLLYQQIFLH
DKQAIEKEETYDSNWFPIISFPNELRFHRYDWRLPKQFDVRTLAFPAIRYKEYLCTFAWEYDFIHQLPKTETYNGQESIR
ISTSDILSGRYDTDFIRNYECQRLIVQLINKAFELRMKDKNVREYQMSKTFAYWIEKGKLEKDKFEKIKLVGKQKNKYWH
FGISAAGKLYPSPVLMVSSHIIFTMDGINLIKSKSIQHSSRRKQGKNWWNDKWREKLLAFIRFLSDDQNAIYLNVGSEEK
ILISNKPLKFFGKMSYVTPSEVTLEEESVLADINNFEEDTEDLDELEDIE
;
H,D,B,F
4 'polypeptide(L)'
;MKELIYIEEPSILFAHGQKCTDPRDGLALFGPLNQIYGIKSGVVGTQKGLQIFKSYLDKIQKPIYNHNNITRPMFPGFEA
VFGCKWESQNIVFKEITDEEIRRYLFNASTHKRTYDLVTLFNDKIITANKNDEERVDVWFVIVPEEIYKYCRPNSVLPNE
LVQTKSLISKSKAKSFRYTPTLFEEFNKKLKEVEKEAKTYNYDAQFHDQLKARLLEHTIPTQILRESTLAWRDFKNTFGA
PIRDFSKIEGHLAWTISTAAYYKAGGKPWKLGDIRPGVCYLGLVYKKIEKSKNPQNACCAAQMFLDNGDGTVFKGEVGPW
YNPEKGEYHLKPKEAKALLTQALESYKEQNKSYPKEVFIHARTRFNDEEWNAFNEVTPKNTNLVGVTITKSKPLKLYKTE
GAFPIMRGNAYIVDEKKAFLWTLGFVPKLQSTLSMEVPNPIFIEINKGEAEIQQVLKDILALTKLNYNACIYADGEPVTL
RFANKIGEILTASTEIKTPPLAFKYYI
;
I,E,C,G
#
# COMPACT_ATOMS: atom_id res chain seq x y z
N MET C 1 -0.89 -24.43 -10.75
CA MET C 1 -0.88 -23.64 -11.98
C MET C 1 0.53 -23.21 -12.35
N ARG C 2 1.46 -24.16 -12.32
CA ARG C 2 2.86 -23.89 -12.67
C ARG C 2 3.03 -24.06 -14.18
N ASN C 3 2.59 -23.04 -14.91
CA ASN C 3 2.74 -23.01 -16.37
C ASN C 3 3.45 -21.77 -16.89
N LYS C 4 3.50 -20.68 -16.14
CA LYS C 4 4.13 -19.46 -16.62
C LYS C 4 5.65 -19.63 -16.70
N ILE C 5 6.27 -18.81 -17.54
CA ILE C 5 7.72 -18.83 -17.74
C ILE C 5 8.22 -17.42 -17.41
N PHE C 6 8.64 -17.23 -16.18
CA PHE C 6 9.07 -15.90 -15.73
C PHE C 6 10.34 -15.48 -16.44
N ILE C 7 10.40 -14.20 -16.82
CA ILE C 7 11.57 -13.61 -17.45
C ILE C 7 11.93 -12.34 -16.69
N SER C 8 13.19 -12.22 -16.29
CA SER C 8 13.69 -11.05 -15.58
C SER C 8 14.73 -10.33 -16.45
N HIS C 9 14.85 -9.03 -16.24
CA HIS C 9 15.78 -8.22 -17.03
C HIS C 9 16.18 -7.00 -16.21
N ALA C 10 16.86 -6.07 -16.86
CA ALA C 10 17.20 -4.77 -16.28
C ALA C 10 16.20 -3.72 -16.72
N THR C 11 16.09 -2.66 -15.91
CA THR C 11 15.03 -1.68 -16.16
C THR C 11 15.32 -0.80 -17.36
N PRO C 12 16.42 -0.04 -17.41
CA PRO C 12 16.56 0.90 -18.54
C PRO C 12 16.91 0.21 -19.85
N GLU C 13 17.86 -0.72 -19.83
CA GLU C 13 18.25 -1.44 -21.05
C GLU C 13 17.86 -2.91 -20.91
N ASP C 14 18.29 -3.72 -21.88
CA ASP C 14 17.97 -5.15 -21.92
C ASP C 14 16.46 -5.38 -21.95
N ASP C 15 15.74 -4.48 -22.62
CA ASP C 15 14.29 -4.58 -22.76
C ASP C 15 13.86 -5.06 -24.14
N ASP C 16 14.56 -4.66 -25.19
CA ASP C 16 14.22 -5.11 -26.53
C ASP C 16 14.37 -6.62 -26.67
N PHE C 17 15.45 -7.18 -26.12
CA PHE C 17 15.63 -8.62 -26.16
C PHE C 17 14.51 -9.34 -25.41
N THR C 18 14.12 -8.82 -24.25
CA THR C 18 13.04 -9.43 -23.49
C THR C 18 11.73 -9.39 -24.26
N ARG C 19 11.44 -8.26 -24.90
CA ARG C 19 10.22 -8.16 -25.71
C ARG C 19 10.23 -9.16 -26.85
N TRP C 20 11.37 -9.27 -27.54
CA TRP C 20 11.46 -10.23 -28.64
C TRP C 20 11.26 -11.65 -28.15
N LEU C 21 11.92 -12.02 -27.05
CA LEU C 21 11.79 -13.36 -26.52
C LEU C 21 10.36 -13.66 -26.09
N SER C 22 9.71 -12.71 -25.40
CA SER C 22 8.34 -12.95 -24.95
C SER C 22 7.41 -13.11 -26.13
N LEU C 23 7.54 -12.26 -27.16
CA LEU C 23 6.67 -12.38 -28.32
C LEU C 23 6.88 -13.70 -29.04
N LYS C 24 8.14 -14.12 -29.22
CA LYS C 24 8.40 -15.39 -29.90
C LYS C 24 7.84 -16.56 -29.10
N LEU C 25 8.04 -16.56 -27.79
CA LEU C 25 7.55 -17.66 -26.96
C LEU C 25 6.03 -17.73 -26.98
N ILE C 26 5.36 -16.58 -26.89
CA ILE C 26 3.89 -16.60 -26.93
C ILE C 26 3.41 -17.04 -28.30
N GLY C 27 4.13 -16.65 -29.36
CA GLY C 27 3.79 -17.16 -30.68
C GLY C 27 3.93 -18.66 -30.78
N LEU C 28 4.91 -19.24 -30.07
CA LEU C 28 5.12 -20.68 -30.11
C LEU C 28 4.11 -21.47 -29.30
N GLY C 29 3.26 -20.81 -28.51
CA GLY C 29 2.21 -21.48 -27.76
C GLY C 29 2.45 -21.62 -26.28
N TYR C 30 3.57 -21.15 -25.76
CA TYR C 30 3.84 -21.20 -24.33
C TYR C 30 3.06 -20.10 -23.61
N GLU C 31 3.30 -19.99 -22.30
CA GLU C 31 2.76 -18.90 -21.49
C GLU C 31 3.92 -18.19 -20.81
N VAL C 32 4.02 -16.90 -21.02
CA VAL C 32 5.15 -16.10 -20.54
C VAL C 32 4.61 -14.94 -19.71
N TRP C 33 5.21 -14.73 -18.54
CA TRP C 33 4.91 -13.57 -17.71
C TRP C 33 6.11 -12.64 -17.72
N CYS C 34 5.89 -11.40 -18.14
CA CYS C 34 6.97 -10.42 -18.26
C CYS C 34 6.53 -9.10 -17.68
N ASP C 35 7.51 -8.29 -17.27
CA ASP C 35 7.20 -6.96 -16.68
C ASP C 35 6.78 -5.99 -17.80
N ILE C 36 7.27 -6.20 -19.03
CA ILE C 36 6.97 -5.25 -20.11
C ILE C 36 5.51 -5.37 -20.53
N LEU C 37 5.13 -6.53 -21.05
CA LEU C 37 3.79 -6.69 -21.61
C LEU C 37 2.74 -6.77 -20.51
N PHE C 38 2.94 -7.67 -19.55
CA PHE C 38 2.00 -7.92 -18.47
C PHE C 38 2.23 -6.93 -17.32
N LEU C 39 1.73 -7.24 -16.13
CA LEU C 39 1.79 -6.35 -14.97
C LEU C 39 0.99 -5.06 -15.23
N ASP C 40 -0.32 -5.25 -15.28
CA ASP C 40 -1.28 -4.18 -15.51
C ASP C 40 -1.06 -3.00 -14.56
N LYS C 41 -1.52 -1.82 -14.96
CA LYS C 41 -1.23 -0.59 -14.25
C LYS C 41 -2.08 -0.47 -12.99
N GLY C 42 -1.56 0.26 -12.01
CA GLY C 42 -2.24 0.45 -10.75
C GLY C 42 -2.10 -0.68 -9.76
N VAL C 43 -1.27 -1.68 -10.06
CA VAL C 43 -1.10 -2.86 -9.22
C VAL C 43 0.10 -2.65 -8.31
N ASP C 44 0.06 -3.26 -7.12
CA ASP C 44 1.21 -3.22 -6.23
C ASP C 44 2.45 -3.76 -6.93
N PHE C 45 3.57 -3.08 -6.73
CA PHE C 45 4.75 -3.33 -7.54
C PHE C 45 5.34 -4.71 -7.25
N TRP C 46 5.55 -5.05 -5.97
CA TRP C 46 6.35 -6.21 -5.62
C TRP C 46 5.52 -7.41 -5.18
N SER C 47 4.34 -7.19 -4.61
CA SER C 47 3.54 -8.31 -4.12
C SER C 47 3.14 -9.23 -5.27
N THR C 48 2.73 -8.65 -6.40
CA THR C 48 2.35 -9.46 -7.55
C THR C 48 3.55 -10.21 -8.13
N ILE C 49 4.71 -9.57 -8.16
CA ILE C 49 5.91 -10.24 -8.64
C ILE C 49 6.23 -11.44 -7.76
N GLU C 50 6.17 -11.26 -6.44
CA GLU C 50 6.42 -12.37 -5.53
C GLU C 50 5.41 -13.48 -5.72
N LYS C 51 4.13 -13.13 -5.83
CA LYS C 51 3.09 -14.15 -5.99
C LYS C 51 3.30 -14.94 -7.28
N GLU C 52 3.65 -14.23 -8.36
CA GLU C 52 3.89 -14.91 -9.64
C GLU C 52 5.10 -15.83 -9.56
N ILE C 53 6.20 -15.37 -8.94
CA ILE C 53 7.39 -16.21 -8.84
C ILE C 53 7.09 -17.45 -8.02
N ARG C 54 6.38 -17.30 -6.90
CA ARG C 54 6.14 -18.44 -6.03
C ARG C 54 5.12 -19.41 -6.63
N GLU C 55 3.90 -18.95 -6.86
CA GLU C 55 2.77 -19.84 -7.11
C GLU C 55 2.48 -20.08 -8.59
N ASN C 56 3.27 -19.51 -9.51
CA ASN C 56 2.88 -19.60 -10.92
C ASN C 56 4.00 -19.92 -11.90
N THR C 57 5.26 -19.89 -11.50
CA THR C 57 6.37 -20.04 -12.45
C THR C 57 6.76 -21.50 -12.61
N CYS C 58 6.65 -22.03 -13.83
CA CYS C 58 7.22 -23.34 -14.14
C CYS C 58 8.73 -23.27 -14.28
N LYS C 59 9.25 -22.21 -14.91
CA LYS C 59 10.68 -22.01 -15.09
C LYS C 59 10.99 -20.54 -14.92
N PHE C 60 12.22 -20.24 -14.51
CA PHE C 60 12.65 -18.88 -14.19
C PHE C 60 13.88 -18.55 -15.03
N LEU C 61 13.71 -17.66 -16.00
CA LEU C 61 14.80 -17.25 -16.88
C LEU C 61 15.27 -15.86 -16.47
N ILE C 62 16.57 -15.72 -16.27
CA ILE C 62 17.18 -14.45 -15.88
C ILE C 62 18.23 -14.09 -16.90
N VAL C 63 18.14 -12.89 -17.47
CA VAL C 63 19.14 -12.43 -18.42
C VAL C 63 20.32 -11.86 -17.65
N SER C 64 21.52 -12.18 -18.12
CA SER C 64 22.75 -11.77 -17.46
C SER C 64 23.57 -10.90 -18.41
N SER C 65 24.00 -9.75 -17.94
CA SER C 65 24.78 -8.82 -18.73
C SER C 65 25.52 -7.88 -17.78
N THR C 66 26.34 -7.00 -18.35
CA THR C 66 26.98 -5.98 -17.54
C THR C 66 25.95 -5.05 -16.92
N ALA C 67 24.80 -4.89 -17.56
CA ALA C 67 23.72 -4.08 -16.99
C ALA C 67 23.13 -4.74 -15.75
N GLY C 68 22.88 -6.04 -15.81
CA GLY C 68 22.32 -6.76 -14.70
C GLY C 68 23.38 -7.24 -13.73
N ASN C 69 23.01 -8.26 -12.95
CA ASN C 69 23.86 -8.94 -11.97
C ASN C 69 24.38 -8.01 -10.88
N LYS C 70 23.96 -6.75 -10.91
CA LYS C 70 24.31 -5.81 -9.85
C LYS C 70 23.14 -4.92 -9.46
N ARG C 71 21.98 -5.04 -10.10
CA ARG C 71 20.82 -4.23 -9.78
C ARG C 71 20.00 -4.90 -8.69
N GLU C 72 19.45 -4.09 -7.78
CA GLU C 72 18.81 -4.63 -6.59
C GLU C 72 17.61 -5.51 -6.91
N GLY C 73 16.77 -5.08 -7.85
CA GLY C 73 15.57 -5.84 -8.15
C GLY C 73 15.86 -7.20 -8.74
N VAL C 74 16.86 -7.28 -9.62
CA VAL C 74 17.24 -8.55 -10.21
C VAL C 74 17.71 -9.52 -9.13
N LEU C 75 18.54 -9.02 -8.21
CA LEU C 75 19.02 -9.87 -7.12
C LEU C 75 17.89 -10.30 -6.21
N LYS C 76 16.92 -9.42 -5.96
CA LYS C 76 15.80 -9.78 -5.10
C LYS C 76 14.97 -10.90 -5.71
N GLU C 77 14.62 -10.74 -7.00
CA GLU C 77 13.89 -11.81 -7.67
C GLU C 77 14.71 -13.09 -7.75
N LEU C 78 16.03 -12.96 -7.87
CA LEU C 78 16.89 -14.15 -7.88
C LEU C 78 16.87 -14.86 -6.54
N ALA C 79 16.89 -14.12 -5.44
CA ALA C 79 16.83 -14.74 -4.12
C ALA C 79 15.51 -15.48 -3.92
N VAL C 80 14.40 -14.85 -4.31
CA VAL C 80 13.12 -15.53 -4.20
C VAL C 80 13.09 -16.77 -5.09
N ALA C 81 13.68 -16.67 -6.29
CA ALA C 81 13.72 -17.81 -7.19
C ALA C 81 14.53 -18.96 -6.60
N THR C 82 15.65 -18.65 -5.95
CA THR C 82 16.45 -19.69 -5.31
C THR C 82 15.68 -20.35 -4.18
N LYS C 83 14.94 -19.56 -3.39
CA LYS C 83 14.13 -20.13 -2.32
C LYS C 83 13.09 -21.09 -2.89
N VAL C 84 12.41 -20.67 -3.96
CA VAL C 84 11.37 -21.51 -4.55
C VAL C 84 11.99 -22.77 -5.16
N LYS C 85 13.18 -22.65 -5.76
CA LYS C 85 13.85 -23.81 -6.33
C LYS C 85 14.24 -24.80 -5.25
N LYS C 86 14.74 -24.31 -4.12
CA LYS C 86 15.08 -25.20 -3.01
C LYS C 86 13.83 -25.88 -2.47
N HIS C 87 12.72 -25.16 -2.38
CA HIS C 87 11.49 -25.78 -1.90
C HIS C 87 10.97 -26.84 -2.88
N LEU C 88 11.05 -26.56 -4.18
CA LEU C 88 10.50 -27.45 -5.19
C LEU C 88 11.39 -28.65 -5.50
N GLN C 89 12.65 -28.61 -5.07
CA GLN C 89 13.62 -29.68 -5.36
C GLN C 89 13.74 -29.93 -6.86
N ASP C 90 13.79 -28.86 -7.64
CA ASP C 90 13.98 -28.94 -9.09
C ASP C 90 15.35 -28.35 -9.42
N ASP C 91 16.24 -29.18 -9.94
CA ASP C 91 17.61 -28.73 -10.22
C ASP C 91 17.63 -27.69 -11.32
N MET C 92 16.84 -27.88 -12.37
CA MET C 92 16.82 -26.97 -13.51
C MET C 92 15.61 -26.06 -13.40
N PHE C 93 15.76 -25.02 -12.57
CA PHE C 93 14.73 -24.02 -12.37
C PHE C 93 15.18 -22.62 -12.77
N ILE C 94 16.45 -22.30 -12.65
CA ILE C 94 17.00 -21.01 -13.06
C ILE C 94 17.88 -21.24 -14.27
N ILE C 95 17.52 -20.60 -15.39
CA ILE C 95 18.25 -20.72 -16.64
C ILE C 95 18.78 -19.36 -17.02
N PRO C 96 20.06 -19.09 -16.77
CA PRO C 96 20.63 -17.80 -17.15
C PRO C 96 20.70 -17.64 -18.67
N LEU C 97 20.62 -16.40 -19.11
CA LEU C 97 20.75 -16.04 -20.52
C LEU C 97 21.81 -14.96 -20.64
N ALA C 98 22.95 -15.30 -21.24
CA ALA C 98 24.09 -14.38 -21.34
C ALA C 98 24.01 -13.66 -22.68
N ILE C 99 23.30 -12.53 -22.70
CA ILE C 99 23.16 -11.77 -23.93
C ILE C 99 24.43 -10.99 -24.24
N ASP C 100 25.19 -10.61 -23.23
CA ASP C 100 26.36 -9.77 -23.42
C ASP C 100 27.61 -10.61 -23.67
N GLU C 101 28.52 -10.06 -24.48
CA GLU C 101 29.80 -10.68 -24.75
C GLU C 101 30.95 -9.97 -24.06
N ASN C 102 30.69 -8.85 -23.39
CA ASN C 102 31.71 -8.11 -22.67
C ASN C 102 31.80 -8.50 -21.20
N LEU C 103 31.00 -9.48 -20.76
CA LEU C 103 30.99 -9.93 -19.37
C LEU C 103 31.89 -11.15 -19.24
N SER C 104 33.01 -10.99 -18.55
CA SER C 104 33.96 -12.10 -18.40
C SER C 104 33.40 -13.17 -17.47
N TYR C 105 33.83 -14.42 -17.71
CA TYR C 105 33.38 -15.53 -16.89
C TYR C 105 33.86 -15.41 -15.44
N ASP C 106 34.90 -14.63 -15.20
CA ASP C 106 35.42 -14.42 -13.86
C ASP C 106 34.72 -13.27 -13.14
N ASP C 107 33.73 -12.65 -13.77
CA ASP C 107 33.02 -11.52 -13.17
C ASP C 107 31.53 -11.77 -12.98
N ILE C 108 31.01 -12.91 -13.44
CA ILE C 108 29.60 -13.21 -13.23
C ILE C 108 29.31 -13.28 -11.74
N ASN C 109 28.16 -12.74 -11.34
CA ASN C 109 27.79 -12.70 -9.93
C ASN C 109 27.62 -14.11 -9.37
N ILE C 110 27.84 -14.23 -8.07
CA ILE C 110 27.66 -15.51 -7.39
C ILE C 110 26.19 -15.92 -7.46
N GLU C 111 25.95 -17.25 -7.47
CA GLU C 111 24.68 -17.93 -7.57
C GLU C 111 24.20 -18.01 -9.02
N ILE C 112 24.94 -17.45 -9.97
CA ILE C 112 24.65 -17.65 -11.38
C ILE C 112 25.81 -18.32 -12.12
N VAL C 113 27.06 -18.11 -11.69
CA VAL C 113 28.20 -18.63 -12.44
C VAL C 113 28.28 -20.15 -12.39
N ARG C 114 27.58 -20.79 -11.47
CA ARG C 114 27.61 -22.24 -11.34
C ARG C 114 26.46 -22.92 -12.06
N LEU C 115 25.62 -22.18 -12.78
CA LEU C 115 24.47 -22.74 -13.46
C LEU C 115 24.81 -23.03 -14.92
N ASN C 116 23.83 -23.58 -15.64
CA ASN C 116 23.99 -23.93 -17.05
C ASN C 116 23.39 -22.82 -17.90
N ALA C 117 24.26 -22.00 -18.49
CA ALA C 117 23.85 -20.82 -19.23
C ALA C 117 23.73 -21.12 -20.73
N ILE C 118 22.80 -20.43 -21.37
CA ILE C 118 22.57 -20.56 -22.81
C ILE C 118 23.17 -19.34 -23.49
N ASP C 119 23.90 -19.56 -24.58
CA ASP C 119 24.66 -18.50 -25.25
C ASP C 119 23.77 -17.81 -26.26
N PHE C 120 23.35 -16.58 -25.94
CA PHE C 120 22.70 -15.68 -26.88
C PHE C 120 23.66 -14.64 -27.43
N LYS C 121 24.96 -14.76 -27.11
CA LYS C 121 25.91 -13.73 -27.49
C LYS C 121 26.16 -13.70 -28.99
N LYS C 122 26.38 -14.87 -29.60
CA LYS C 122 26.73 -14.91 -31.01
C LYS C 122 25.52 -14.60 -31.88
N SER C 123 24.49 -15.43 -31.80
CA SER C 123 23.28 -15.24 -32.59
C SER C 123 22.07 -15.59 -31.74
N TRP C 124 21.01 -14.78 -31.86
CA TRP C 124 19.82 -14.99 -31.05
C TRP C 124 19.05 -16.23 -31.48
N ALA C 125 19.11 -16.57 -32.77
CA ALA C 125 18.37 -17.74 -33.26
C ALA C 125 18.91 -19.03 -32.67
N LYS C 126 20.24 -19.17 -32.61
CA LYS C 126 20.83 -20.37 -32.01
C LYS C 126 20.48 -20.47 -30.53
N GLY C 127 20.53 -19.35 -29.82
CA GLY C 127 20.13 -19.35 -28.42
C GLY C 127 18.68 -19.75 -28.25
N LEU C 128 17.80 -19.25 -29.11
CA LEU C 128 16.38 -19.60 -29.00
C LEU C 128 16.16 -21.09 -29.30
N GLN C 129 16.89 -21.63 -30.28
CA GLN C 129 16.79 -23.06 -30.56
C GLN C 129 17.26 -23.89 -29.37
N ASP C 130 18.36 -23.47 -28.74
CA ASP C 130 18.83 -24.18 -27.55
C ASP C 130 17.82 -24.08 -26.41
N LEU C 131 17.19 -22.91 -26.25
CA LEU C 131 16.16 -22.75 -25.24
C LEU C 131 14.99 -23.69 -25.49
N LEU C 132 14.56 -23.80 -26.74
CA LEU C 132 13.45 -24.69 -27.04
C LEU C 132 13.84 -26.15 -26.84
N ASP C 133 15.08 -26.51 -27.14
CA ASP C 133 15.54 -27.88 -26.88
C ASP C 133 15.52 -28.17 -25.39
N ALA C 134 15.99 -27.24 -24.57
CA ALA C 134 15.98 -27.43 -23.12
C ALA C 134 14.55 -27.52 -22.59
N PHE C 135 13.65 -26.69 -23.12
CA PHE C 135 12.25 -26.73 -22.68
C PHE C 135 11.61 -28.06 -23.05
N GLU C 136 11.82 -28.53 -24.28
CA GLU C 136 11.24 -29.79 -24.70
C GLU C 136 11.83 -30.97 -23.95
N LYS C 137 13.09 -30.87 -23.54
CA LYS C 137 13.69 -31.94 -22.75
C LYS C 137 13.02 -32.07 -21.39
N GLN C 138 12.92 -30.96 -20.67
CA GLN C 138 12.39 -30.99 -19.30
C GLN C 138 10.89 -30.71 -19.24
N ASN C 139 10.14 -31.38 -20.12
CA ASN C 139 8.68 -31.44 -20.11
C ASN C 139 8.03 -30.11 -19.70
N VAL C 140 8.34 -29.06 -20.44
CA VAL C 140 7.74 -27.76 -20.16
C VAL C 140 6.40 -27.67 -20.90
N PRO C 141 5.29 -27.39 -20.20
CA PRO C 141 3.99 -27.39 -20.87
C PRO C 141 3.85 -26.27 -21.89
N LYS C 142 3.19 -26.58 -23.00
CA LYS C 142 2.92 -25.61 -24.05
C LYS C 142 1.61 -25.96 -24.73
N LYS C 143 1.05 -24.98 -25.44
CA LYS C 143 -0.21 -25.15 -26.17
C LYS C 143 0.00 -24.96 -27.67
N HIS C 147 -2.62 -23.39 -34.78
CA HIS C 147 -3.24 -23.68 -36.06
C HIS C 147 -2.25 -23.54 -37.20
N SER C 148 -1.14 -24.28 -37.12
CA SER C 148 -0.05 -24.32 -38.10
C SER C 148 0.76 -23.02 -38.14
N LYS C 149 0.35 -21.97 -37.41
CA LYS C 149 1.20 -20.80 -37.28
C LYS C 149 2.40 -21.07 -36.39
N SER C 150 2.32 -22.09 -35.54
CA SER C 150 3.40 -22.48 -34.65
C SER C 150 4.19 -23.67 -35.16
N ASN C 151 3.55 -24.59 -35.90
CA ASN C 151 4.29 -25.70 -36.49
C ASN C 151 5.22 -25.21 -37.60
N LEU C 152 4.68 -24.39 -38.50
CA LEU C 152 5.51 -23.80 -39.55
C LEU C 152 6.59 -22.91 -38.94
N LEU C 153 6.26 -22.16 -37.89
CA LEU C 153 7.24 -21.33 -37.22
C LEU C 153 8.35 -22.18 -36.62
N TYR C 154 8.00 -23.29 -35.97
CA TYR C 154 9.01 -24.15 -35.38
C TYR C 154 9.90 -24.78 -36.44
N GLN C 155 9.30 -25.20 -37.56
CA GLN C 155 10.10 -25.74 -38.65
C GLN C 155 11.04 -24.69 -39.22
N GLN C 156 10.57 -23.45 -39.34
CA GLN C 156 11.41 -22.37 -39.83
C GLN C 156 12.57 -22.10 -38.88
N ILE C 157 12.31 -22.12 -37.58
CA ILE C 157 13.40 -21.91 -36.62
C ILE C 157 14.41 -23.04 -36.70
N PHE C 158 13.92 -24.29 -36.85
CA PHE C 158 14.82 -25.43 -36.92
C PHE C 158 15.68 -25.37 -38.18
N LEU C 159 15.10 -25.02 -39.32
CA LEU C 159 15.82 -24.98 -40.59
C LEU C 159 16.47 -23.64 -40.87
N HIS C 160 16.42 -22.70 -39.92
CA HIS C 160 17.15 -21.44 -40.06
C HIS C 160 18.60 -21.63 -40.46
N ASP C 161 19.20 -22.77 -40.12
CA ASP C 161 20.58 -23.05 -40.51
C ASP C 161 20.72 -24.55 -40.72
N LYS C 162 20.54 -25.00 -41.96
CA LYS C 162 20.83 -26.38 -42.35
C LYS C 162 22.20 -26.40 -43.02
N GLN C 163 23.24 -26.35 -42.18
CA GLN C 163 24.59 -26.24 -42.69
C GLN C 163 25.00 -27.48 -43.47
N ALA C 164 25.92 -27.28 -44.41
CA ALA C 164 26.45 -28.39 -45.19
C ALA C 164 27.36 -29.26 -44.33
N ILE C 165 27.51 -30.51 -44.76
CA ILE C 165 28.28 -31.50 -44.01
C ILE C 165 29.60 -31.75 -44.72
N GLU C 166 30.57 -32.25 -43.96
CA GLU C 166 31.89 -32.58 -44.50
C GLU C 166 31.88 -33.99 -45.10
N LYS C 167 31.10 -34.14 -46.16
CA LYS C 167 30.94 -35.39 -46.88
C LYS C 167 31.60 -35.28 -48.25
N GLU C 168 32.30 -36.35 -48.65
CA GLU C 168 33.03 -36.35 -49.91
C GLU C 168 32.14 -36.88 -51.04
N GLU C 169 32.13 -36.17 -52.16
CA GLU C 169 31.34 -36.53 -53.32
C GLU C 169 32.20 -36.45 -54.57
N THR C 170 31.84 -37.25 -55.58
CA THR C 170 32.54 -37.29 -56.85
C THR C 170 31.61 -36.83 -57.96
N TYR C 171 32.11 -35.94 -58.82
CA TYR C 171 31.31 -35.34 -59.87
C TYR C 171 31.86 -35.72 -61.23
N ASP C 172 30.98 -36.10 -62.15
CA ASP C 172 31.35 -36.27 -63.55
C ASP C 172 31.30 -34.93 -64.27
N SER C 173 32.00 -34.87 -65.40
CA SER C 173 32.02 -33.67 -66.24
C SER C 173 31.69 -34.06 -67.67
N ASN C 174 31.68 -33.07 -68.56
CA ASN C 174 31.48 -33.30 -69.97
C ASN C 174 32.73 -33.01 -70.80
N TRP C 175 33.87 -32.80 -70.14
CA TRP C 175 35.13 -32.53 -70.82
C TRP C 175 35.83 -33.85 -71.08
N PHE C 176 35.57 -34.42 -72.25
CA PHE C 176 36.21 -35.67 -72.63
C PHE C 176 37.62 -35.40 -73.14
N PRO C 177 38.65 -35.98 -72.53
CA PRO C 177 40.02 -35.61 -72.88
C PRO C 177 40.53 -36.36 -74.10
N ILE C 178 41.63 -35.85 -74.64
CA ILE C 178 42.33 -36.47 -75.77
C ILE C 178 43.61 -37.10 -75.24
N ILE C 179 43.74 -38.42 -75.43
CA ILE C 179 44.83 -39.16 -74.83
C ILE C 179 46.12 -39.14 -75.65
N SER C 180 46.04 -38.81 -76.93
CA SER C 180 47.24 -38.80 -77.76
C SER C 180 47.01 -37.92 -78.98
N PHE C 181 48.10 -37.38 -79.51
CA PHE C 181 48.13 -36.57 -80.71
C PHE C 181 49.09 -37.18 -81.72
N PRO C 182 48.90 -36.91 -83.01
CA PRO C 182 49.91 -37.31 -84.00
C PRO C 182 51.23 -36.62 -83.70
N ASN C 183 52.33 -37.32 -84.02
CA ASN C 183 53.64 -36.92 -83.53
C ASN C 183 54.03 -35.53 -84.03
N GLU C 184 53.83 -35.26 -85.32
CA GLU C 184 54.30 -34.02 -85.91
C GLU C 184 53.21 -33.38 -86.76
N LEU C 185 53.21 -32.04 -86.77
CA LEU C 185 52.33 -31.26 -87.61
C LEU C 185 53.08 -30.84 -88.87
N ARG C 186 52.51 -31.14 -90.03
CA ARG C 186 53.20 -30.97 -91.30
C ARG C 186 52.69 -29.75 -92.05
N PHE C 187 53.55 -29.24 -92.94
CA PHE C 187 53.28 -28.02 -93.71
C PHE C 187 53.85 -28.27 -95.11
N HIS C 188 52.99 -28.53 -96.08
CA HIS C 188 53.43 -28.90 -97.42
C HIS C 188 53.32 -27.77 -98.43
N ARG C 189 54.18 -27.79 -99.46
CA ARG C 189 54.16 -26.70 -100.47
C ARG C 189 52.97 -26.87 -101.42
N TYR C 190 52.97 -27.93 -102.22
CA TYR C 190 51.90 -28.19 -103.20
C TYR C 190 51.57 -26.97 -104.04
N ASP C 191 52.58 -26.15 -104.32
CA ASP C 191 52.39 -25.01 -105.20
C ASP C 191 52.08 -25.48 -106.62
N TRP C 192 51.15 -24.77 -107.27
CA TRP C 192 50.76 -24.99 -108.67
C TRP C 192 50.13 -26.37 -108.87
N ARG C 193 50.13 -27.20 -107.82
CA ARG C 193 49.43 -28.46 -107.81
C ARG C 193 48.07 -28.37 -107.12
N LEU C 194 47.71 -27.19 -106.64
CA LEU C 194 46.44 -26.96 -105.96
C LEU C 194 45.83 -25.69 -106.56
N PRO C 195 44.71 -25.80 -107.27
CA PRO C 195 44.12 -24.61 -107.90
C PRO C 195 43.73 -23.55 -106.89
N LYS C 196 43.88 -22.29 -107.30
CA LYS C 196 43.50 -21.18 -106.42
C LYS C 196 42.01 -21.18 -106.15
N GLN C 197 41.20 -21.48 -107.16
CA GLN C 197 39.75 -21.55 -107.01
C GLN C 197 39.31 -22.98 -106.68
N PHE C 198 39.89 -23.50 -105.60
CA PHE C 198 39.56 -24.84 -105.13
C PHE C 198 39.73 -24.84 -103.61
N ASP C 199 38.62 -24.89 -102.88
CA ASP C 199 38.67 -24.81 -101.43
C ASP C 199 39.35 -26.05 -100.84
N VAL C 200 40.00 -25.85 -99.69
CA VAL C 200 40.64 -26.95 -98.99
C VAL C 200 39.63 -27.84 -98.28
N ARG C 201 38.40 -27.39 -98.13
CA ARG C 201 37.32 -28.23 -97.63
C ARG C 201 36.88 -29.17 -98.77
N THR C 202 35.83 -29.96 -98.51
CA THR C 202 35.38 -31.00 -99.44
C THR C 202 36.53 -31.93 -99.80
N LEU C 203 37.46 -32.10 -98.86
CA LEU C 203 38.64 -32.93 -99.03
C LEU C 203 38.62 -34.01 -97.97
N ALA C 204 39.24 -35.16 -98.28
CA ALA C 204 39.12 -36.33 -97.42
C ALA C 204 39.67 -36.07 -96.03
N PHE C 205 40.83 -35.42 -95.95
CA PHE C 205 41.48 -35.22 -94.66
C PHE C 205 41.47 -33.73 -94.30
N PRO C 206 41.45 -33.41 -93.00
CA PRO C 206 41.40 -32.00 -92.58
C PRO C 206 42.63 -31.21 -93.01
N ALA C 207 42.46 -30.25 -93.92
CA ALA C 207 43.57 -29.45 -94.40
C ALA C 207 43.17 -27.98 -94.46
N ILE C 208 44.07 -27.11 -94.05
CA ILE C 208 43.89 -25.66 -94.15
C ILE C 208 44.96 -25.12 -95.08
N ARG C 209 44.62 -24.03 -95.79
CA ARG C 209 45.55 -23.35 -96.67
C ARG C 209 46.14 -22.09 -96.03
N TYR C 210 46.37 -22.13 -94.73
CA TYR C 210 46.77 -20.93 -94.00
C TYR C 210 48.24 -20.60 -94.26
N LYS C 211 48.63 -19.42 -93.78
CA LYS C 211 49.99 -18.88 -93.88
C LYS C 211 50.35 -18.51 -95.31
N GLU C 212 51.46 -17.78 -95.46
CA GLU C 212 51.78 -17.16 -96.75
C GLU C 212 51.91 -18.20 -97.85
N TYR C 213 52.62 -19.28 -97.56
CA TYR C 213 52.71 -20.43 -98.44
C TYR C 213 52.69 -21.66 -97.52
N LEU C 214 53.08 -22.81 -98.05
CA LEU C 214 53.10 -24.05 -97.29
C LEU C 214 51.70 -24.36 -96.76
N CYS C 215 50.77 -24.55 -97.69
CA CYS C 215 49.38 -24.77 -97.38
C CYS C 215 49.13 -26.24 -97.08
N THR C 216 47.86 -26.66 -97.05
CA THR C 216 47.47 -28.06 -96.85
C THR C 216 48.05 -28.60 -95.54
N PHE C 217 47.54 -28.04 -94.46
CA PHE C 217 48.03 -28.18 -93.09
C PHE C 217 47.74 -29.53 -92.50
N ALA C 218 47.29 -30.48 -93.31
CA ALA C 218 46.81 -31.75 -92.80
C ALA C 218 47.93 -32.54 -92.13
N TRP C 219 47.53 -33.48 -91.28
CA TRP C 219 48.48 -34.32 -90.58
C TRP C 219 49.12 -35.36 -91.49
N GLU C 220 48.49 -35.70 -92.61
CA GLU C 220 48.95 -36.81 -93.42
C GLU C 220 48.85 -36.47 -94.90
N TYR C 221 49.43 -37.37 -95.71
CA TYR C 221 49.55 -37.23 -97.16
C TYR C 221 48.34 -37.92 -97.82
N ASP C 222 48.44 -38.19 -99.12
CA ASP C 222 47.49 -39.02 -99.89
C ASP C 222 46.21 -38.28 -100.23
N PHE C 223 46.31 -37.00 -100.61
CA PHE C 223 45.21 -36.30 -101.28
C PHE C 223 45.28 -36.60 -102.78
N ILE C 224 45.08 -37.88 -103.11
CA ILE C 224 45.08 -38.34 -104.49
C ILE C 224 43.65 -38.72 -104.86
N HIS C 225 43.38 -38.67 -106.17
CA HIS C 225 42.06 -38.79 -106.79
C HIS C 225 41.21 -37.55 -106.56
N GLN C 226 41.68 -36.60 -105.76
CA GLN C 226 41.04 -35.30 -105.60
C GLN C 226 41.85 -34.15 -106.19
N LEU C 227 43.18 -34.31 -106.26
CA LEU C 227 44.09 -33.39 -106.92
C LEU C 227 45.31 -34.21 -107.35
N PRO C 228 45.16 -35.07 -108.34
CA PRO C 228 46.21 -36.08 -108.58
C PRO C 228 47.36 -35.54 -109.43
N LYS C 229 48.07 -34.54 -108.89
CA LYS C 229 49.33 -34.12 -109.50
C LYS C 229 50.43 -35.13 -109.25
N THR C 230 50.42 -35.73 -108.05
CA THR C 230 51.31 -36.82 -107.63
C THR C 230 52.76 -36.59 -108.06
N GLU C 231 53.20 -35.33 -107.97
CA GLU C 231 54.58 -34.99 -108.31
C GLU C 231 54.99 -33.81 -107.42
N THR C 232 55.60 -34.12 -106.28
CA THR C 232 56.08 -33.11 -105.36
C THR C 232 57.42 -33.53 -104.78
N TYR C 233 58.22 -32.54 -104.41
CA TYR C 233 59.53 -32.75 -103.80
C TYR C 233 59.38 -32.57 -102.29
N ASN C 234 59.51 -33.68 -101.55
CA ASN C 234 59.26 -33.67 -100.12
C ASN C 234 60.29 -32.87 -99.33
N GLY C 235 61.39 -32.46 -99.95
CA GLY C 235 62.42 -31.74 -99.22
C GLY C 235 61.95 -30.38 -98.72
N GLN C 236 61.10 -29.71 -99.49
CA GLN C 236 60.64 -28.36 -99.15
C GLN C 236 59.55 -28.36 -98.09
N GLU C 237 58.97 -29.51 -97.77
CA GLU C 237 57.90 -29.58 -96.78
C GLU C 237 58.44 -29.30 -95.38
N SER C 238 57.67 -28.55 -94.60
CA SER C 238 58.06 -28.16 -93.26
C SER C 238 57.31 -29.01 -92.24
N ILE C 239 58.03 -29.53 -91.26
CA ILE C 239 57.48 -30.44 -90.25
C ILE C 239 57.77 -29.88 -88.88
N ARG C 240 56.74 -29.81 -88.04
CA ARG C 240 56.86 -29.30 -86.69
C ARG C 240 56.33 -30.32 -85.68
N ILE C 241 56.98 -30.41 -84.53
CA ILE C 241 56.61 -31.36 -83.49
C ILE C 241 55.40 -30.84 -82.74
N SER C 242 54.36 -31.69 -82.62
CA SER C 242 53.15 -31.30 -81.92
C SER C 242 53.37 -31.10 -80.43
N THR C 243 54.48 -31.64 -79.88
CA THR C 243 54.73 -31.49 -78.46
C THR C 243 54.96 -30.02 -78.09
N SER C 244 55.79 -29.33 -78.87
CA SER C 244 56.07 -27.92 -78.59
C SER C 244 54.90 -27.02 -78.98
N ASP C 245 54.11 -27.44 -79.97
CA ASP C 245 52.95 -26.62 -80.38
C ASP C 245 51.94 -26.51 -79.25
N ILE C 246 51.53 -27.65 -78.67
CA ILE C 246 50.51 -27.63 -77.63
C ILE C 246 51.08 -27.08 -76.33
N LEU C 247 52.27 -27.54 -75.95
CA LEU C 247 52.85 -27.22 -74.64
C LEU C 247 53.89 -26.12 -74.80
N SER C 248 53.46 -24.87 -74.58
CA SER C 248 54.28 -23.67 -74.64
C SER C 248 55.49 -23.81 -75.56
N GLY C 249 56.67 -23.91 -74.96
CA GLY C 249 57.87 -24.22 -75.70
C GLY C 249 58.29 -23.11 -76.65
N ARG C 250 59.33 -23.42 -77.43
CA ARG C 250 59.88 -22.49 -78.40
C ARG C 250 59.36 -22.76 -79.81
N TYR C 251 58.14 -23.30 -79.92
CA TYR C 251 57.57 -23.58 -81.24
C TYR C 251 57.31 -22.31 -82.04
N ASP C 252 57.23 -21.15 -81.38
CA ASP C 252 56.98 -19.91 -82.09
C ASP C 252 58.21 -19.47 -82.87
N THR C 253 57.99 -19.06 -84.11
CA THR C 253 59.04 -18.50 -84.96
C THR C 253 58.42 -17.38 -85.80
N ASP C 254 59.25 -16.76 -86.64
CA ASP C 254 58.74 -15.76 -87.58
C ASP C 254 57.79 -16.37 -88.60
N PHE C 255 57.86 -17.69 -88.80
CA PHE C 255 56.93 -18.34 -89.72
C PHE C 255 55.51 -18.33 -89.15
N ILE C 256 55.32 -18.93 -87.98
CA ILE C 256 54.03 -18.94 -87.30
C ILE C 256 54.28 -18.83 -85.81
N ARG C 257 53.65 -17.84 -85.17
CA ARG C 257 53.79 -17.68 -83.74
C ARG C 257 52.96 -18.72 -83.01
N ASN C 258 53.20 -18.85 -81.70
CA ASN C 258 52.61 -19.96 -80.95
C ASN C 258 51.10 -19.84 -80.83
N TYR C 259 50.56 -18.63 -80.70
CA TYR C 259 49.13 -18.47 -80.53
C TYR C 259 48.36 -18.99 -81.74
N GLU C 260 48.77 -18.58 -82.94
CA GLU C 260 48.12 -19.05 -84.16
C GLU C 260 48.30 -20.55 -84.34
N CYS C 261 49.47 -21.07 -83.94
CA CYS C 261 49.77 -22.48 -84.13
C CYS C 261 48.86 -23.40 -83.33
N GLN C 262 48.18 -22.88 -82.32
CA GLN C 262 47.21 -23.66 -81.56
C GLN C 262 45.78 -23.49 -82.00
N ARG C 263 45.40 -22.27 -82.38
CA ARG C 263 44.10 -22.04 -83.00
C ARG C 263 43.97 -22.78 -84.32
N LEU C 264 45.10 -23.14 -84.93
CA LEU C 264 45.10 -23.98 -86.12
C LEU C 264 44.81 -25.43 -85.75
N ILE C 265 45.38 -25.89 -84.63
CA ILE C 265 45.17 -27.28 -84.22
C ILE C 265 43.74 -27.48 -83.73
N VAL C 266 43.18 -26.49 -83.04
CA VAL C 266 41.77 -26.57 -82.64
C VAL C 266 40.87 -26.65 -83.86
N GLN C 267 41.20 -25.89 -84.90
CA GLN C 267 40.43 -25.95 -86.15
C GLN C 267 40.53 -27.34 -86.76
N LEU C 268 41.73 -27.93 -86.77
CA LEU C 268 41.89 -29.26 -87.33
C LEU C 268 41.09 -30.30 -86.56
N ILE C 269 41.07 -30.21 -85.23
CA ILE C 269 40.31 -31.16 -84.43
C ILE C 269 38.81 -31.01 -84.67
N ASN C 270 38.33 -29.76 -84.69
CA ASN C 270 36.91 -29.54 -84.91
C ASN C 270 36.48 -30.00 -86.30
N LYS C 271 37.37 -29.90 -87.29
CA LYS C 271 37.04 -30.43 -88.61
C LYS C 271 37.06 -31.95 -88.62
N ALA C 272 38.07 -32.54 -87.96
CA ALA C 272 38.22 -33.99 -87.96
C ALA C 272 37.03 -34.67 -87.31
N PHE C 273 36.52 -34.10 -86.22
CA PHE C 273 35.31 -34.65 -85.62
C PHE C 273 34.15 -34.64 -86.61
N GLU C 274 34.00 -33.54 -87.35
CA GLU C 274 32.89 -33.43 -88.30
C GLU C 274 33.00 -34.49 -89.40
N LEU C 275 34.21 -34.68 -89.94
CA LEU C 275 34.34 -35.70 -91.00
C LEU C 275 34.18 -37.10 -90.44
N ARG C 276 34.68 -37.36 -89.24
CA ARG C 276 34.54 -38.69 -88.66
C ARG C 276 33.09 -39.03 -88.37
N MET C 277 32.32 -38.06 -87.86
CA MET C 277 30.98 -38.41 -87.41
C MET C 277 30.04 -38.47 -88.60
N LYS C 278 30.47 -39.15 -89.66
CA LYS C 278 29.66 -39.36 -90.86
C LYS C 278 29.78 -40.76 -91.43
N ASP C 279 30.79 -41.55 -91.05
CA ASP C 279 30.83 -42.97 -91.34
C ASP C 279 30.09 -43.78 -90.28
N LYS C 280 29.64 -43.13 -89.21
CA LYS C 280 28.85 -43.77 -88.17
C LYS C 280 27.40 -43.85 -88.65
N ASN C 281 26.47 -44.11 -87.72
CA ASN C 281 25.09 -44.36 -88.11
C ASN C 281 24.14 -43.30 -87.54
N VAL C 282 24.51 -42.03 -87.69
CA VAL C 282 23.70 -40.93 -87.21
C VAL C 282 23.42 -39.99 -88.38
N ARG C 283 22.41 -39.14 -88.22
CA ARG C 283 22.13 -38.08 -89.18
C ARG C 283 22.42 -36.72 -88.55
N GLU C 284 22.25 -35.67 -89.35
CA GLU C 284 22.70 -34.33 -89.00
C GLU C 284 21.52 -33.41 -88.71
N TYR C 285 21.74 -32.49 -87.77
CA TYR C 285 20.85 -31.36 -87.54
C TYR C 285 21.68 -30.09 -87.47
N GLN C 286 21.19 -29.03 -88.09
CA GLN C 286 21.93 -27.77 -88.20
C GLN C 286 21.38 -26.78 -87.19
N MET C 287 22.19 -26.46 -86.18
CA MET C 287 21.84 -25.44 -85.21
C MET C 287 22.25 -24.07 -85.75
N SER C 288 22.25 -23.05 -84.88
CA SER C 288 22.57 -21.70 -85.32
C SER C 288 24.02 -21.59 -85.77
N LYS C 289 24.97 -22.09 -84.94
CA LYS C 289 26.39 -21.94 -85.23
C LYS C 289 27.14 -23.26 -85.20
N THR C 290 26.46 -24.40 -85.12
CA THR C 290 27.14 -25.68 -84.97
C THR C 290 26.24 -26.78 -85.52
N PHE C 291 26.73 -28.02 -85.43
CA PHE C 291 26.03 -29.19 -85.92
C PHE C 291 25.68 -30.12 -84.76
N ALA C 292 24.55 -30.80 -84.88
CA ALA C 292 24.07 -31.73 -83.87
C ALA C 292 23.95 -33.13 -84.47
N TYR C 293 24.29 -34.14 -83.69
CA TYR C 293 24.38 -35.52 -84.17
C TYR C 293 23.40 -36.37 -83.37
N TRP C 294 22.40 -36.93 -84.04
CA TRP C 294 21.36 -37.70 -83.39
C TRP C 294 21.17 -39.06 -84.07
N ILE C 295 20.76 -40.06 -83.27
CA ILE C 295 20.56 -41.43 -83.72
C ILE C 295 19.11 -41.61 -84.15
N GLU C 296 18.89 -42.48 -85.13
CA GLU C 296 17.58 -42.64 -85.74
C GLU C 296 16.76 -43.68 -84.98
N LYS C 297 15.54 -43.91 -85.45
CA LYS C 297 14.63 -44.83 -84.76
C LYS C 297 14.90 -46.28 -85.12
N GLY C 298 15.20 -46.55 -86.39
CA GLY C 298 15.44 -47.93 -86.81
C GLY C 298 16.64 -48.56 -86.13
N LYS C 299 17.71 -47.80 -85.97
CA LYS C 299 18.91 -48.32 -85.32
C LYS C 299 18.65 -48.54 -83.84
N LEU C 300 19.51 -49.36 -83.23
CA LEU C 300 19.47 -49.71 -81.81
C LEU C 300 18.28 -50.62 -81.50
N GLU C 301 18.48 -51.59 -80.62
CA GLU C 301 17.45 -52.54 -80.28
C GLU C 301 16.58 -51.99 -79.15
N LYS C 302 15.26 -51.97 -79.37
CA LYS C 302 14.29 -51.48 -78.40
C LYS C 302 14.55 -50.03 -78.00
N ASP C 303 15.20 -49.27 -78.89
CA ASP C 303 15.50 -47.86 -78.72
C ASP C 303 16.44 -47.59 -77.55
N LYS C 304 17.06 -48.62 -77.00
CA LYS C 304 17.97 -48.48 -75.87
C LYS C 304 19.31 -49.12 -76.23
N PHE C 305 20.40 -48.39 -75.99
CA PHE C 305 21.72 -48.94 -76.30
C PHE C 305 22.22 -49.86 -75.20
N GLU C 306 22.40 -49.30 -74.00
CA GLU C 306 22.90 -50.05 -72.85
C GLU C 306 21.96 -49.86 -71.67
N LYS C 307 20.66 -50.09 -71.92
CA LYS C 307 19.54 -49.90 -71.00
C LYS C 307 19.22 -48.43 -70.82
N ILE C 308 19.81 -47.53 -71.60
CA ILE C 308 19.50 -46.11 -71.57
C ILE C 308 18.79 -45.76 -72.87
N LYS C 309 17.62 -45.14 -72.76
CA LYS C 309 16.83 -44.82 -73.93
C LYS C 309 17.30 -43.51 -74.55
N LEU C 310 17.61 -43.55 -75.86
CA LEU C 310 18.04 -42.39 -76.59
C LEU C 310 17.03 -41.91 -77.62
N VAL C 311 15.89 -42.58 -77.73
CA VAL C 311 14.81 -42.14 -78.60
C VAL C 311 13.48 -42.69 -78.08
N GLY C 312 12.47 -41.84 -77.99
CA GLY C 312 11.17 -42.25 -77.50
C GLY C 312 10.03 -41.61 -78.25
N LYS C 313 8.90 -41.41 -77.58
CA LYS C 313 7.71 -40.87 -78.20
C LYS C 313 7.15 -39.72 -77.36
N GLN C 314 6.65 -38.70 -78.03
CA GLN C 314 6.01 -37.55 -77.39
C GLN C 314 4.77 -37.22 -78.21
N LYS C 315 3.63 -37.77 -77.78
CA LYS C 315 2.34 -37.60 -78.45
C LYS C 315 2.47 -38.12 -79.88
N ASN C 316 2.31 -37.30 -80.91
CA ASN C 316 2.46 -37.73 -82.29
C ASN C 316 3.88 -37.61 -82.81
N LYS C 317 4.81 -37.17 -81.97
CA LYS C 317 6.18 -36.92 -82.38
C LYS C 317 7.14 -37.86 -81.66
N TYR C 318 8.34 -37.97 -82.21
CA TYR C 318 9.43 -38.73 -81.61
C TYR C 318 10.53 -37.78 -81.18
N TRP C 319 11.19 -38.10 -80.06
CA TRP C 319 12.28 -37.29 -79.57
C TRP C 319 13.59 -38.06 -79.67
N HIS C 320 14.63 -37.36 -80.10
CA HIS C 320 15.95 -37.95 -80.28
C HIS C 320 16.95 -37.18 -79.42
N PHE C 321 18.05 -37.85 -79.09
CA PHE C 321 19.11 -37.24 -78.28
C PHE C 321 20.29 -36.91 -79.19
N GLY C 322 20.78 -35.68 -79.08
CA GLY C 322 21.90 -35.23 -79.89
C GLY C 322 22.92 -34.48 -79.07
N ILE C 323 24.17 -34.56 -79.52
CA ILE C 323 25.30 -33.93 -78.83
C ILE C 323 26.09 -33.12 -79.84
N SER C 324 26.81 -32.12 -79.34
CA SER C 324 27.73 -31.32 -80.13
C SER C 324 29.15 -31.57 -79.62
N ALA C 325 30.10 -30.82 -80.19
CA ALA C 325 31.49 -30.98 -79.79
C ALA C 325 32.26 -29.72 -80.13
N ALA C 326 33.38 -29.52 -79.42
CA ALA C 326 34.25 -28.38 -79.64
C ALA C 326 35.60 -28.61 -78.97
N GLY C 327 36.68 -28.49 -79.74
CA GLY C 327 38.00 -28.69 -79.17
C GLY C 327 38.42 -27.55 -78.28
N LYS C 328 39.29 -27.88 -77.31
CA LYS C 328 39.84 -26.89 -76.39
C LYS C 328 41.22 -27.38 -75.97
N LEU C 329 42.11 -26.42 -75.66
CA LEU C 329 43.50 -26.78 -75.43
C LEU C 329 44.16 -26.12 -74.23
N TYR C 330 43.57 -25.09 -73.60
CA TYR C 330 44.31 -24.38 -72.56
C TYR C 330 44.48 -25.22 -71.30
N PRO C 331 43.41 -25.65 -70.59
CA PRO C 331 43.64 -26.43 -69.38
C PRO C 331 44.23 -27.80 -69.71
N SER C 332 43.60 -28.47 -70.67
CA SER C 332 44.07 -29.76 -71.16
C SER C 332 43.46 -29.97 -72.54
N PRO C 333 44.05 -30.84 -73.35
CA PRO C 333 43.45 -31.13 -74.65
C PRO C 333 42.15 -31.92 -74.51
N VAL C 334 41.06 -31.22 -74.24
CA VAL C 334 39.77 -31.83 -73.98
C VAL C 334 38.84 -31.57 -75.16
N LEU C 335 37.66 -32.17 -75.10
CA LEU C 335 36.65 -32.04 -76.15
C LEU C 335 35.30 -31.80 -75.46
N MET C 336 34.92 -30.53 -75.34
CA MET C 336 33.67 -30.20 -74.67
C MET C 336 32.48 -30.69 -75.47
N VAL C 337 31.48 -31.24 -74.76
CA VAL C 337 30.30 -31.81 -75.38
C VAL C 337 29.07 -31.15 -74.77
N SER C 338 28.16 -30.68 -75.63
CA SER C 338 26.91 -30.08 -75.21
C SER C 338 25.76 -30.93 -75.75
N SER C 339 24.82 -31.26 -74.87
CA SER C 339 23.73 -32.17 -75.22
C SER C 339 22.49 -31.40 -75.67
N HIS C 340 21.81 -31.95 -76.68
CA HIS C 340 20.59 -31.36 -77.23
C HIS C 340 19.54 -32.44 -77.40
N ILE C 341 18.32 -32.01 -77.70
CA ILE C 341 17.21 -32.90 -78.02
C ILE C 341 16.64 -32.48 -79.37
N ILE C 342 16.47 -33.44 -80.27
CA ILE C 342 16.02 -33.20 -81.64
C ILE C 342 14.75 -34.00 -81.88
N PHE C 343 13.72 -33.34 -82.42
CA PHE C 343 12.41 -33.95 -82.62
C PHE C 343 12.15 -34.20 -84.10
N THR C 344 11.53 -35.34 -84.38
CA THR C 344 11.11 -35.74 -85.72
C THR C 344 9.61 -35.98 -85.72
N MET C 345 9.09 -36.48 -86.84
CA MET C 345 7.66 -36.69 -87.00
C MET C 345 7.30 -38.17 -87.10
N ASP C 346 7.87 -38.88 -88.07
CA ASP C 346 7.56 -40.29 -88.29
C ASP C 346 8.64 -41.22 -87.75
N GLY C 347 9.65 -40.67 -87.08
CA GLY C 347 10.77 -41.44 -86.58
C GLY C 347 11.98 -41.43 -87.48
N ILE C 348 11.81 -41.08 -88.75
CA ILE C 348 12.93 -40.98 -89.69
C ILE C 348 13.00 -39.66 -90.42
N ASN C 349 11.91 -38.92 -90.55
CA ASN C 349 11.89 -37.65 -91.29
C ASN C 349 11.78 -36.50 -90.32
N LEU C 350 12.71 -35.54 -90.46
CA LEU C 350 12.79 -34.43 -89.49
C LEU C 350 11.67 -33.42 -89.65
N ILE C 351 11.47 -32.59 -88.63
CA ILE C 351 10.46 -31.54 -88.61
C ILE C 351 11.10 -30.26 -89.13
N LYS C 352 10.45 -29.62 -90.11
CA LYS C 352 11.02 -28.50 -90.84
C LYS C 352 10.57 -27.15 -90.29
N SER C 353 10.31 -27.06 -88.98
CA SER C 353 9.93 -25.82 -88.34
C SER C 353 10.85 -25.54 -87.16
N LYS C 354 11.23 -24.29 -86.99
CA LYS C 354 12.15 -23.89 -85.93
C LYS C 354 11.45 -23.48 -84.64
N SER C 355 10.11 -23.49 -84.61
CA SER C 355 9.34 -23.11 -83.44
C SER C 355 8.73 -24.28 -82.71
N ILE C 356 8.19 -25.26 -83.44
CA ILE C 356 7.63 -26.44 -82.79
C ILE C 356 8.73 -27.33 -82.22
N GLN C 357 9.98 -27.15 -82.66
CA GLN C 357 11.09 -27.82 -82.02
C GLN C 357 11.52 -27.13 -80.73
N HIS C 358 11.46 -25.80 -80.70
CA HIS C 358 11.73 -25.08 -79.45
C HIS C 358 10.65 -25.39 -78.41
N SER C 359 9.38 -25.33 -78.81
CA SER C 359 8.27 -25.60 -77.91
C SER C 359 8.19 -27.05 -77.48
N SER C 360 8.93 -27.94 -78.12
CA SER C 360 9.02 -29.33 -77.69
C SER C 360 10.27 -29.61 -76.87
N ARG C 361 11.38 -28.95 -77.19
CA ARG C 361 12.56 -29.00 -76.34
C ARG C 361 12.25 -28.49 -74.94
N ARG C 362 11.59 -27.33 -74.87
CA ARG C 362 11.24 -26.78 -73.55
C ARG C 362 10.25 -27.67 -72.83
N LYS C 363 9.37 -28.34 -73.55
CA LYS C 363 8.42 -29.25 -72.92
C LYS C 363 9.13 -30.48 -72.36
N GLN C 364 10.00 -31.10 -73.16
CA GLN C 364 10.60 -32.37 -72.78
C GLN C 364 11.70 -32.21 -71.74
N GLY C 365 12.40 -31.07 -71.72
CA GLY C 365 13.51 -30.94 -70.79
C GLY C 365 13.10 -30.75 -69.34
N LYS C 366 11.81 -30.50 -69.07
CA LYS C 366 11.39 -30.17 -67.72
C LYS C 366 11.37 -31.40 -66.80
N ASN C 367 11.22 -32.60 -67.34
CA ASN C 367 11.14 -33.81 -66.52
C ASN C 367 12.50 -34.48 -66.31
N TRP C 368 13.55 -33.99 -66.96
CA TRP C 368 14.85 -34.62 -66.90
C TRP C 368 15.75 -33.88 -65.92
N TRP C 369 16.43 -34.62 -65.05
CA TRP C 369 17.32 -34.04 -64.05
C TRP C 369 18.71 -34.67 -64.17
N ASN C 370 19.56 -34.42 -63.16
CA ASN C 370 20.95 -34.84 -63.18
C ASN C 370 21.17 -36.23 -63.77
N ASP C 371 20.43 -37.22 -63.27
CA ASP C 371 20.65 -38.60 -63.70
C ASP C 371 20.30 -38.80 -65.17
N LYS C 372 19.14 -38.32 -65.60
CA LYS C 372 18.68 -38.56 -66.96
C LYS C 372 19.50 -37.81 -68.00
N TRP C 373 20.22 -36.76 -67.60
CA TRP C 373 21.15 -36.13 -68.52
C TRP C 373 22.49 -36.87 -68.52
N ARG C 374 22.98 -37.22 -67.34
CA ARG C 374 24.30 -37.83 -67.23
C ARG C 374 24.35 -39.18 -67.94
N GLU C 375 23.40 -40.07 -67.64
CA GLU C 375 23.44 -41.41 -68.24
C GLU C 375 23.27 -41.31 -69.75
N LYS C 376 22.39 -40.44 -70.22
CA LYS C 376 22.15 -40.32 -71.65
C LYS C 376 23.39 -39.80 -72.37
N LEU C 377 24.05 -38.78 -71.81
CA LEU C 377 25.27 -38.28 -72.44
C LEU C 377 26.35 -39.34 -72.48
N LEU C 378 26.55 -40.06 -71.36
CA LEU C 378 27.58 -41.08 -71.33
C LEU C 378 27.28 -42.21 -72.31
N ALA C 379 26.02 -42.64 -72.38
CA ALA C 379 25.64 -43.69 -73.30
C ALA C 379 25.82 -43.27 -74.75
N PHE C 380 25.46 -42.03 -75.08
CA PHE C 380 25.66 -41.56 -76.44
C PHE C 380 27.13 -41.52 -76.81
N ILE C 381 27.98 -41.06 -75.88
CA ILE C 381 29.41 -41.02 -76.16
C ILE C 381 29.94 -42.44 -76.36
N ARG C 382 29.52 -43.37 -75.50
CA ARG C 382 29.99 -44.74 -75.61
C ARG C 382 29.47 -45.46 -76.86
N PHE C 383 28.33 -45.02 -77.39
CA PHE C 383 27.79 -45.65 -78.59
C PHE C 383 28.69 -45.44 -79.79
N LEU C 384 29.28 -44.24 -79.92
CA LEU C 384 30.10 -43.93 -81.08
C LEU C 384 31.45 -44.64 -81.04
N SER C 385 31.95 -44.96 -79.85
CA SER C 385 33.31 -45.43 -79.71
C SER C 385 33.51 -46.76 -80.43
N ASP C 386 34.65 -46.88 -81.11
CA ASP C 386 35.05 -48.12 -81.76
C ASP C 386 35.84 -49.01 -80.80
N ASP C 387 36.96 -48.50 -80.30
CA ASP C 387 37.69 -49.19 -79.25
C ASP C 387 36.94 -49.06 -77.93
N GLN C 388 37.24 -49.97 -77.01
CA GLN C 388 36.55 -49.99 -75.73
C GLN C 388 36.87 -48.76 -74.88
N ASN C 389 37.97 -48.06 -75.17
CA ASN C 389 38.41 -46.95 -74.33
C ASN C 389 38.69 -45.67 -75.10
N ALA C 390 38.39 -45.61 -76.40
CA ALA C 390 38.67 -44.41 -77.16
C ALA C 390 37.83 -44.39 -78.43
N ILE C 391 37.76 -43.21 -79.05
CA ILE C 391 37.11 -43.02 -80.34
C ILE C 391 38.17 -42.57 -81.34
N TYR C 392 38.10 -43.11 -82.55
CA TYR C 392 39.10 -42.88 -83.58
C TYR C 392 38.65 -41.76 -84.51
N LEU C 393 39.48 -40.73 -84.64
CA LEU C 393 39.30 -39.70 -85.67
C LEU C 393 40.40 -39.87 -86.70
N ASN C 394 40.04 -40.24 -87.93
CA ASN C 394 41.01 -40.44 -88.98
C ASN C 394 41.43 -39.09 -89.54
N VAL C 395 42.58 -38.61 -89.07
CA VAL C 395 43.16 -37.35 -89.56
C VAL C 395 44.12 -37.66 -90.68
N GLY C 396 44.15 -38.91 -91.12
CA GLY C 396 45.02 -39.29 -92.21
C GLY C 396 44.93 -40.78 -92.48
N SER C 397 45.75 -41.23 -93.43
CA SER C 397 45.79 -42.63 -93.80
C SER C 397 46.65 -43.47 -92.87
N GLU C 398 47.45 -42.84 -92.01
CA GLU C 398 48.27 -43.56 -91.04
C GLU C 398 48.21 -42.98 -89.63
N GLU C 399 47.63 -41.80 -89.45
CA GLU C 399 47.57 -41.15 -88.15
C GLU C 399 46.11 -41.00 -87.71
N LYS C 400 45.94 -40.74 -86.42
CA LYS C 400 44.61 -40.58 -85.87
C LYS C 400 44.70 -39.85 -84.53
N ILE C 401 43.56 -39.31 -84.10
CA ILE C 401 43.44 -38.63 -82.81
C ILE C 401 42.42 -39.38 -81.98
N LEU C 402 42.79 -39.70 -80.74
CA LEU C 402 41.98 -40.51 -79.84
C LEU C 402 41.39 -39.64 -78.74
N ILE C 403 40.09 -39.79 -78.50
CA ILE C 403 39.40 -39.14 -77.39
C ILE C 403 39.00 -40.21 -76.38
N SER C 404 39.34 -39.99 -75.12
CA SER C 404 39.03 -40.96 -74.09
C SER C 404 37.52 -41.09 -73.92
N ASN C 405 37.07 -42.31 -73.64
CA ASN C 405 35.65 -42.59 -73.50
C ASN C 405 35.09 -42.13 -72.17
N LYS C 406 35.94 -41.93 -71.16
CA LYS C 406 35.51 -41.57 -69.83
C LYS C 406 35.84 -40.11 -69.55
N PRO C 407 34.86 -39.27 -69.24
CA PRO C 407 35.13 -37.84 -69.07
C PRO C 407 35.91 -37.57 -67.79
N LEU C 408 36.40 -36.33 -67.70
CA LEU C 408 37.12 -35.90 -66.51
C LEU C 408 36.21 -35.97 -65.29
N LYS C 409 36.80 -36.31 -64.15
CA LYS C 409 36.05 -36.49 -62.91
C LYS C 409 36.58 -35.53 -61.86
N PHE C 410 35.66 -34.89 -61.14
CA PHE C 410 35.98 -33.96 -60.07
C PHE C 410 35.45 -34.50 -58.75
N PHE C 411 36.03 -34.04 -57.65
CA PHE C 411 35.58 -34.45 -56.33
C PHE C 411 35.75 -33.30 -55.35
N GLY C 412 34.90 -33.28 -54.33
CA GLY C 412 34.95 -32.25 -53.31
C GLY C 412 34.75 -32.85 -51.94
N LYS C 413 35.10 -32.06 -50.93
CA LYS C 413 35.06 -32.50 -49.54
C LYS C 413 33.84 -32.02 -48.79
N MET C 414 32.99 -31.19 -49.40
CA MET C 414 31.77 -30.71 -48.76
C MET C 414 30.58 -31.02 -49.66
N SER C 415 29.55 -31.63 -49.08
CA SER C 415 28.37 -32.00 -49.83
C SER C 415 27.15 -31.85 -48.93
N TYR C 416 26.02 -32.41 -49.36
CA TYR C 416 24.76 -32.29 -48.65
C TYR C 416 24.10 -33.67 -48.57
N VAL C 417 23.21 -33.81 -47.60
CA VAL C 417 22.42 -35.03 -47.45
C VAL C 417 21.26 -34.97 -48.43
N THR C 418 21.17 -35.96 -49.31
CA THR C 418 20.14 -35.95 -50.35
C THR C 418 18.75 -36.10 -49.73
N PRO C 419 17.79 -35.32 -50.18
CA PRO C 419 16.41 -35.52 -49.72
C PRO C 419 15.84 -36.84 -50.25
N SER C 420 14.78 -37.30 -49.58
CA SER C 420 14.14 -38.55 -49.96
C SER C 420 13.48 -38.45 -51.33
N MET D 1 42.24 -36.54 -60.34
CA MET D 1 40.92 -36.02 -60.00
C MET D 1 41.05 -34.64 -59.37
N LYS D 2 40.52 -33.63 -60.07
CA LYS D 2 40.66 -32.26 -59.60
C LYS D 2 39.83 -32.02 -58.34
N GLU D 3 40.33 -31.13 -57.50
CA GLU D 3 39.70 -30.80 -56.23
C GLU D 3 38.93 -29.49 -56.34
N LEU D 4 37.72 -29.48 -55.80
CA LEU D 4 36.87 -28.29 -55.79
C LEU D 4 36.94 -27.63 -54.42
N ILE D 5 37.22 -26.34 -54.40
CA ILE D 5 37.20 -25.59 -53.14
C ILE D 5 35.78 -25.16 -52.82
N TYR D 6 35.54 -24.83 -51.55
CA TYR D 6 34.24 -24.42 -51.07
C TYR D 6 34.32 -23.01 -50.49
N ILE D 7 33.33 -22.18 -50.84
CA ILE D 7 33.24 -20.81 -50.33
C ILE D 7 32.01 -20.72 -49.45
N GLU D 8 32.22 -20.31 -48.20
CA GLU D 8 31.11 -20.21 -47.25
C GLU D 8 30.14 -19.12 -47.68
N GLU D 9 28.86 -19.37 -47.47
CA GLU D 9 27.82 -18.45 -47.91
C GLU D 9 27.89 -17.15 -47.10
N PRO D 10 27.81 -16.00 -47.74
CA PRO D 10 27.85 -14.73 -47.00
C PRO D 10 26.61 -14.54 -46.14
N SER D 11 26.72 -13.59 -45.22
CA SER D 11 25.66 -13.27 -44.28
C SER D 11 25.24 -11.81 -44.44
N ILE D 12 23.93 -11.58 -44.43
CA ILE D 12 23.36 -10.25 -44.56
C ILE D 12 22.76 -9.85 -43.23
N LEU D 13 23.01 -8.61 -42.82
CA LEU D 13 22.54 -8.14 -41.53
C LEU D 13 21.07 -7.73 -41.59
N PHE D 14 20.47 -7.62 -40.41
CA PHE D 14 19.07 -7.24 -40.26
C PHE D 14 18.97 -6.35 -39.02
N ALA D 15 17.75 -6.19 -38.51
CA ALA D 15 17.54 -5.39 -37.31
C ALA D 15 18.28 -5.99 -36.12
N HIS D 16 18.56 -5.13 -35.13
CA HIS D 16 19.22 -5.49 -33.88
C HIS D 16 20.65 -5.99 -34.09
N GLY D 17 21.22 -5.79 -35.28
CA GLY D 17 22.56 -6.27 -35.54
C GLY D 17 22.69 -7.76 -35.71
N GLN D 18 21.62 -8.44 -36.08
CA GLN D 18 21.61 -9.89 -36.23
C GLN D 18 21.85 -10.29 -37.68
N LYS D 19 22.21 -11.55 -37.88
CA LYS D 19 22.69 -12.05 -39.16
C LYS D 19 21.87 -13.24 -39.63
N CYS D 20 21.80 -13.40 -40.94
CA CYS D 20 21.13 -14.53 -41.57
C CYS D 20 21.61 -14.61 -43.01
N THR D 21 21.16 -15.66 -43.70
CA THR D 21 21.48 -15.85 -45.11
C THR D 21 20.26 -15.78 -46.01
N ASP D 22 19.07 -16.13 -45.51
CA ASP D 22 17.85 -16.05 -46.29
C ASP D 22 17.11 -14.78 -45.90
N PRO D 23 16.94 -13.82 -46.81
CA PRO D 23 16.29 -12.55 -46.42
C PRO D 23 14.89 -12.72 -45.88
N ARG D 24 14.12 -13.68 -46.40
CA ARG D 24 12.75 -13.86 -45.93
C ARG D 24 12.74 -14.22 -44.44
N ASP D 25 13.52 -15.23 -44.06
CA ASP D 25 13.56 -15.64 -42.65
C ASP D 25 14.09 -14.52 -41.76
N GLY D 26 15.15 -13.84 -42.20
CA GLY D 26 15.72 -12.78 -41.39
C GLY D 26 14.76 -11.63 -41.17
N LEU D 27 14.02 -11.25 -42.22
CA LEU D 27 13.02 -10.21 -42.05
C LEU D 27 11.88 -10.68 -41.15
N ALA D 28 11.47 -11.94 -41.29
CA ALA D 28 10.36 -12.45 -40.51
C ALA D 28 10.69 -12.49 -39.02
N LEU D 29 11.92 -12.88 -38.68
CA LEU D 29 12.28 -12.97 -37.27
C LEU D 29 12.65 -11.62 -36.68
N PHE D 30 13.56 -10.90 -37.32
CA PHE D 30 14.12 -9.68 -36.75
C PHE D 30 13.50 -8.41 -37.29
N GLY D 31 13.41 -8.27 -38.61
CA GLY D 31 12.77 -7.12 -39.21
C GLY D 31 13.71 -6.16 -39.90
N PRO D 32 13.15 -5.10 -40.49
CA PRO D 32 13.95 -4.16 -41.29
C PRO D 32 14.94 -3.35 -40.47
N LEU D 33 15.76 -2.55 -41.15
CA LEU D 33 16.86 -1.84 -40.50
C LEU D 33 16.52 -0.40 -40.11
N ASN D 34 15.59 0.24 -40.81
CA ASN D 34 15.29 1.65 -40.58
C ASN D 34 13.80 1.84 -40.39
N GLN D 35 13.43 3.04 -39.96
CA GLN D 35 12.05 3.37 -39.61
C GLN D 35 11.54 4.47 -40.53
N ILE D 36 10.70 4.04 -41.48
CA ILE D 36 9.90 5.00 -42.29
C ILE D 36 8.58 4.78 -41.56
N TYR D 37 7.67 5.74 -41.52
CA TYR D 37 6.51 5.52 -40.62
C TYR D 37 5.30 4.96 -41.33
N GLY D 38 5.17 5.19 -42.62
CA GLY D 38 4.13 4.61 -43.43
C GLY D 38 4.37 4.89 -44.91
N ILE D 39 3.61 4.19 -45.73
CA ILE D 39 3.65 4.34 -47.18
C ILE D 39 2.33 4.93 -47.63
N LYS D 40 2.35 6.17 -48.10
CA LYS D 40 1.17 6.83 -48.65
C LYS D 40 1.14 6.56 -50.15
N SER D 41 0.21 5.71 -50.58
CA SER D 41 0.20 5.23 -51.95
C SER D 41 -0.65 6.11 -52.85
N GLY D 42 -0.43 5.97 -54.15
CA GLY D 42 -1.20 6.66 -55.16
C GLY D 42 -1.40 5.78 -56.38
N VAL D 43 -2.64 5.66 -56.83
CA VAL D 43 -3.00 4.72 -57.90
C VAL D 43 -3.37 5.51 -59.14
N VAL D 44 -2.87 5.08 -60.29
CA VAL D 44 -3.24 5.64 -61.58
C VAL D 44 -3.76 4.49 -62.44
N GLY D 45 -5.01 4.60 -62.87
CA GLY D 45 -5.62 3.56 -63.67
C GLY D 45 -7.12 3.68 -63.63
N THR D 46 -7.78 2.69 -64.24
CA THR D 46 -9.23 2.67 -64.27
C THR D 46 -9.79 2.31 -62.90
N GLN D 47 -11.11 2.48 -62.75
CA GLN D 47 -11.75 2.18 -61.48
C GLN D 47 -11.64 0.69 -61.14
N LYS D 48 -11.73 -0.17 -62.16
CA LYS D 48 -11.53 -1.59 -61.91
C LYS D 48 -10.12 -1.85 -61.40
N GLY D 49 -9.13 -1.14 -61.93
CA GLY D 49 -7.79 -1.26 -61.40
C GLY D 49 -7.70 -0.85 -59.96
N LEU D 50 -8.40 0.23 -59.59
CA LEU D 50 -8.43 0.64 -58.18
C LEU D 50 -9.05 -0.43 -57.30
N GLN D 51 -10.13 -1.05 -57.76
CA GLN D 51 -10.77 -2.09 -56.95
C GLN D 51 -9.84 -3.30 -56.79
N ILE D 52 -9.17 -3.69 -57.88
CA ILE D 52 -8.23 -4.81 -57.80
C ILE D 52 -7.10 -4.50 -56.83
N PHE D 53 -6.56 -3.28 -56.92
CA PHE D 53 -5.46 -2.90 -56.04
C PHE D 53 -5.90 -2.88 -54.58
N LYS D 54 -7.09 -2.33 -54.31
CA LYS D 54 -7.58 -2.31 -52.93
C LYS D 54 -7.81 -3.71 -52.40
N SER D 55 -8.37 -4.59 -53.21
CA SER D 55 -8.61 -5.96 -52.78
C SER D 55 -7.29 -6.66 -52.45
N TYR D 56 -6.29 -6.51 -53.31
CA TYR D 56 -4.99 -7.13 -53.05
C TYR D 56 -4.32 -6.53 -51.82
N LEU D 57 -4.42 -5.21 -51.64
CA LEU D 57 -3.79 -4.57 -50.51
C LEU D 57 -4.43 -4.99 -49.20
N ASP D 58 -5.76 -5.16 -49.20
CA ASP D 58 -6.41 -5.71 -48.02
C ASP D 58 -6.04 -7.17 -47.80
N LYS D 59 -5.85 -7.93 -48.88
CA LYS D 59 -5.47 -9.33 -48.75
C LYS D 59 -4.11 -9.48 -48.09
N ILE D 60 -3.14 -8.66 -48.46
CA ILE D 60 -1.77 -8.84 -47.97
C ILE D 60 -1.56 -8.34 -46.55
N GLN D 61 -2.61 -7.90 -45.87
CA GLN D 61 -2.48 -7.47 -44.48
C GLN D 61 -2.53 -8.63 -43.49
N LYS D 62 -2.83 -9.83 -43.95
CA LYS D 62 -3.03 -11.01 -43.11
C LYS D 62 -2.19 -12.16 -43.64
N PRO D 63 -1.91 -13.17 -42.81
CA PRO D 63 -0.99 -14.24 -43.21
C PRO D 63 -1.41 -14.94 -44.50
N ILE D 64 -0.42 -15.24 -45.34
CA ILE D 64 -0.61 -15.98 -46.58
C ILE D 64 0.40 -17.13 -46.60
N TYR D 65 -0.06 -18.33 -46.97
CA TYR D 65 0.77 -19.52 -46.97
C TYR D 65 0.95 -20.05 -48.39
N ASN D 66 1.96 -20.89 -48.55
CA ASN D 66 2.26 -21.57 -49.80
C ASN D 66 2.07 -23.07 -49.64
N HIS D 67 2.41 -23.81 -50.70
CA HIS D 67 2.34 -25.27 -50.64
C HIS D 67 3.48 -25.85 -49.81
N ASN D 68 4.71 -25.48 -50.15
CA ASN D 68 5.89 -25.89 -49.38
C ASN D 68 6.38 -24.69 -48.60
N ASN D 69 6.18 -24.72 -47.28
CA ASN D 69 6.58 -23.60 -46.44
C ASN D 69 8.05 -23.64 -46.06
N ILE D 70 8.79 -24.65 -46.48
CA ILE D 70 10.23 -24.71 -46.30
C ILE D 70 10.96 -24.18 -47.53
N THR D 71 10.51 -24.58 -48.72
CA THR D 71 11.07 -24.05 -49.95
C THR D 71 10.78 -22.56 -50.09
N ARG D 72 9.58 -22.13 -49.71
CA ARG D 72 9.18 -20.74 -49.77
C ARG D 72 8.53 -20.34 -48.45
N PRO D 73 9.23 -19.59 -47.60
CA PRO D 73 8.66 -19.20 -46.31
C PRO D 73 7.38 -18.40 -46.48
N MET D 74 6.47 -18.58 -45.52
CA MET D 74 5.16 -17.94 -45.56
C MET D 74 5.29 -16.44 -45.33
N PHE D 75 4.17 -15.74 -45.52
CA PHE D 75 4.10 -14.30 -45.29
C PHE D 75 3.31 -14.02 -44.02
N PRO D 76 3.94 -13.51 -42.97
CA PRO D 76 3.17 -13.16 -41.76
C PRO D 76 2.12 -12.09 -41.99
N GLY D 77 2.41 -11.11 -42.83
CA GLY D 77 1.58 -9.94 -43.01
C GLY D 77 2.46 -8.70 -43.05
N PHE D 78 1.96 -7.65 -43.70
CA PHE D 78 2.79 -6.49 -43.97
C PHE D 78 3.24 -5.81 -42.68
N GLU D 79 2.30 -5.51 -41.78
CA GLU D 79 2.67 -4.76 -40.58
C GLU D 79 3.49 -5.62 -39.62
N ALA D 80 3.24 -6.92 -39.58
CA ALA D 80 4.02 -7.80 -38.72
C ALA D 80 5.47 -7.85 -39.17
N VAL D 81 5.72 -7.87 -40.48
CA VAL D 81 7.07 -8.02 -40.98
C VAL D 81 7.83 -6.69 -40.92
N PHE D 82 7.27 -5.65 -41.53
CA PHE D 82 7.99 -4.40 -41.72
C PHE D 82 7.72 -3.35 -40.64
N GLY D 83 6.62 -3.47 -39.91
CA GLY D 83 6.28 -2.43 -38.95
C GLY D 83 5.83 -1.13 -39.58
N CYS D 84 5.28 -1.21 -40.80
CA CYS D 84 4.84 -0.04 -41.54
C CYS D 84 3.34 -0.17 -41.82
N LYS D 85 2.66 0.98 -41.88
CA LYS D 85 1.24 1.02 -42.19
C LYS D 85 1.06 1.35 -43.67
N TRP D 86 0.69 0.35 -44.45
CA TRP D 86 0.34 0.51 -45.86
C TRP D 86 -1.06 -0.05 -46.00
N GLU D 87 -2.06 0.83 -46.08
CA GLU D 87 -3.46 0.42 -46.02
C GLU D 87 -4.22 0.98 -47.22
N SER D 88 -5.33 0.31 -47.53
CA SER D 88 -6.13 0.68 -48.69
C SER D 88 -6.94 1.95 -48.47
N GLN D 89 -7.25 2.29 -47.21
CA GLN D 89 -8.12 3.43 -46.95
C GLN D 89 -7.45 4.75 -47.34
N ASN D 90 -6.14 4.87 -47.13
CA ASN D 90 -5.41 6.10 -47.43
C ASN D 90 -4.76 6.00 -48.81
N ILE D 91 -5.60 6.08 -49.83
CA ILE D 91 -5.17 5.94 -51.22
C ILE D 91 -5.62 7.17 -51.99
N VAL D 92 -4.69 7.75 -52.77
CA VAL D 92 -4.97 8.86 -53.67
C VAL D 92 -5.15 8.29 -55.07
N PHE D 93 -6.24 8.66 -55.73
CA PHE D 93 -6.64 8.06 -56.99
C PHE D 93 -6.67 9.10 -58.10
N LYS D 94 -6.11 8.74 -59.25
CA LYS D 94 -6.22 9.52 -60.48
C LYS D 94 -6.74 8.59 -61.57
N GLU D 95 -7.90 8.91 -62.11
CA GLU D 95 -8.65 7.98 -62.95
C GLU D 95 -8.36 8.20 -64.43
N ILE D 96 -8.20 7.09 -65.15
CA ILE D 96 -8.13 7.10 -66.61
C ILE D 96 -9.44 6.52 -67.12
N THR D 97 -10.24 7.35 -67.78
CA THR D 97 -11.55 6.92 -68.24
C THR D 97 -11.41 5.94 -69.40
N ASP D 98 -12.46 5.13 -69.58
CA ASP D 98 -12.46 4.15 -70.67
C ASP D 98 -12.40 4.83 -72.03
N GLU D 99 -13.01 6.00 -72.16
CA GLU D 99 -12.97 6.73 -73.44
C GLU D 99 -11.55 7.10 -73.82
N GLU D 100 -10.75 7.52 -72.85
CA GLU D 100 -9.38 7.94 -73.15
C GLU D 100 -8.55 6.77 -73.68
N ILE D 101 -8.62 5.61 -73.02
CA ILE D 101 -7.84 4.47 -73.47
C ILE D 101 -8.37 3.96 -74.80
N ARG D 102 -9.69 3.96 -74.97
CA ARG D 102 -10.26 3.53 -76.26
C ARG D 102 -9.78 4.43 -77.40
N ARG D 103 -9.74 5.74 -77.16
CA ARG D 103 -9.30 6.67 -78.20
C ARG D 103 -7.82 6.52 -78.49
N TYR D 104 -6.98 6.49 -77.46
CA TYR D 104 -5.54 6.51 -77.67
C TYR D 104 -5.00 5.16 -78.14
N LEU D 105 -5.54 4.06 -77.61
CA LEU D 105 -4.97 2.75 -77.90
C LEU D 105 -5.19 2.33 -79.35
N PHE D 106 -6.40 2.57 -79.87
CA PHE D 106 -6.75 2.07 -81.19
C PHE D 106 -6.00 2.81 -82.29
N ASN D 107 -5.71 2.07 -83.36
CA ASN D 107 -5.09 2.62 -84.57
C ASN D 107 -3.73 3.22 -84.29
N ALA D 108 -3.29 4.14 -85.16
CA ALA D 108 -2.02 4.86 -85.04
C ALA D 108 -0.83 3.92 -85.17
N SER D 109 0.36 4.49 -85.28
CA SER D 109 1.58 3.70 -85.39
C SER D 109 1.89 3.02 -84.07
N THR D 110 2.73 1.98 -84.14
CA THR D 110 3.15 1.27 -82.93
C THR D 110 3.94 2.19 -82.01
N HIS D 111 4.74 3.10 -82.57
CA HIS D 111 5.44 4.08 -81.75
C HIS D 111 4.50 5.16 -81.26
N LYS D 112 3.59 5.63 -82.13
CA LYS D 112 2.71 6.73 -81.77
C LYS D 112 1.76 6.34 -80.63
N ARG D 113 1.19 5.14 -80.70
CA ARG D 113 0.27 4.72 -79.64
C ARG D 113 0.98 4.57 -78.30
N THR D 114 2.21 4.04 -78.32
CA THR D 114 2.97 3.92 -77.08
C THR D 114 3.31 5.30 -76.51
N TYR D 115 3.71 6.23 -77.37
CA TYR D 115 3.99 7.59 -76.93
C TYR D 115 2.74 8.23 -76.33
N ASP D 116 1.58 7.99 -76.96
CA ASP D 116 0.33 8.57 -76.46
C ASP D 116 -0.02 8.02 -75.08
N LEU D 117 0.06 6.71 -74.90
CA LEU D 117 -0.27 6.13 -73.59
C LEU D 117 0.70 6.60 -72.52
N VAL D 118 2.00 6.64 -72.83
CA VAL D 118 2.98 7.11 -71.86
C VAL D 118 2.72 8.56 -71.52
N THR D 119 2.40 9.39 -72.52
CA THR D 119 2.10 10.79 -72.27
C THR D 119 0.90 10.94 -71.36
N LEU D 120 -0.15 10.16 -71.59
CA LEU D 120 -1.34 10.25 -70.77
C LEU D 120 -1.03 9.91 -69.31
N PHE D 121 -0.41 8.75 -69.09
CA PHE D 121 -0.13 8.31 -67.71
C PHE D 121 0.80 9.28 -67.01
N ASN D 122 1.86 9.72 -67.69
CA ASN D 122 2.84 10.57 -67.02
C ASN D 122 2.32 11.99 -66.84
N ASP D 123 1.45 12.46 -67.73
CA ASP D 123 0.80 13.74 -67.51
C ASP D 123 -0.06 13.70 -66.26
N LYS D 124 -0.83 12.62 -66.09
CA LYS D 124 -1.62 12.49 -64.87
C LYS D 124 -0.72 12.49 -63.64
N ILE D 125 0.35 11.71 -63.68
CA ILE D 125 1.23 11.59 -62.51
C ILE D 125 1.89 12.93 -62.18
N ILE D 126 2.42 13.61 -63.19
CA ILE D 126 3.13 14.86 -62.94
C ILE D 126 2.17 15.94 -62.46
N THR D 127 0.99 16.05 -63.10
CA THR D 127 0.01 17.04 -62.68
C THR D 127 -0.42 16.81 -61.24
N ALA D 128 -0.65 15.54 -60.87
CA ALA D 128 -0.95 15.26 -59.48
C ALA D 128 0.23 15.62 -58.57
N ASN D 129 1.46 15.43 -59.05
CA ASN D 129 2.62 15.72 -58.21
C ASN D 129 2.76 17.20 -57.91
N LYS D 130 2.56 18.06 -58.91
CA LYS D 130 2.83 19.49 -58.70
C LYS D 130 1.60 20.32 -58.37
N ASN D 131 0.39 19.83 -58.66
CA ASN D 131 -0.83 20.60 -58.46
C ASN D 131 -1.73 19.99 -57.40
N ASP D 132 -1.15 19.37 -56.37
CA ASP D 132 -1.92 18.76 -55.30
C ASP D 132 -1.19 18.94 -53.99
N GLU D 133 -1.94 18.81 -52.89
CA GLU D 133 -1.38 18.96 -51.56
C GLU D 133 -1.09 17.63 -50.87
N GLU D 134 -1.89 16.60 -51.15
CA GLU D 134 -1.68 15.30 -50.52
C GLU D 134 -0.35 14.70 -50.96
N ARG D 135 0.40 14.18 -49.99
CA ARG D 135 1.69 13.56 -50.28
C ARG D 135 1.51 12.13 -50.76
N VAL D 136 2.28 11.75 -51.78
CA VAL D 136 2.30 10.39 -52.30
C VAL D 136 3.75 9.93 -52.33
N ASP D 137 4.07 8.90 -51.53
CA ASP D 137 5.45 8.43 -51.46
C ASP D 137 5.81 7.60 -52.70
N VAL D 138 4.93 6.72 -53.14
CA VAL D 138 5.18 5.88 -54.30
C VAL D 138 3.89 5.77 -55.10
N TRP D 139 4.01 5.88 -56.42
CA TRP D 139 2.88 5.82 -57.34
C TRP D 139 2.78 4.44 -57.96
N PHE D 140 1.56 3.91 -58.03
CA PHE D 140 1.30 2.58 -58.59
C PHE D 140 0.50 2.72 -59.87
N VAL D 141 1.03 2.15 -60.95
CA VAL D 141 0.40 2.21 -62.26
C VAL D 141 -0.22 0.84 -62.55
N ILE D 142 -1.54 0.77 -62.49
CA ILE D 142 -2.26 -0.49 -62.73
C ILE D 142 -2.62 -0.50 -64.20
N VAL D 143 -1.77 -1.13 -65.00
CA VAL D 143 -1.93 -1.17 -66.45
C VAL D 143 -3.07 -2.12 -66.82
N PRO D 144 -4.08 -1.66 -67.55
CA PRO D 144 -5.14 -2.57 -68.01
C PRO D 144 -4.59 -3.61 -68.96
N GLU D 145 -5.44 -4.58 -69.31
CA GLU D 145 -4.99 -5.72 -70.10
C GLU D 145 -4.72 -5.34 -71.55
N GLU D 146 -5.54 -4.46 -72.12
CA GLU D 146 -5.41 -4.14 -73.55
C GLU D 146 -4.19 -3.27 -73.82
N ILE D 147 -3.76 -2.47 -72.84
CA ILE D 147 -2.60 -1.60 -73.04
C ILE D 147 -1.34 -2.42 -73.24
N TYR D 148 -1.23 -3.54 -72.54
CA TYR D 148 -0.02 -4.36 -72.63
C TYR D 148 0.21 -4.86 -74.05
N LYS D 149 -0.83 -5.34 -74.71
CA LYS D 149 -0.72 -5.84 -76.07
C LYS D 149 -0.89 -4.72 -77.08
N ASP D 203 4.47 -4.24 -74.30
CA ASP D 203 5.81 -4.22 -74.87
C ASP D 203 6.78 -3.49 -73.95
N ALA D 204 8.08 -3.59 -74.26
CA ALA D 204 9.09 -2.93 -73.44
C ALA D 204 9.10 -1.42 -73.63
N GLN D 205 8.49 -0.92 -74.71
CA GLN D 205 8.51 0.52 -74.98
C GLN D 205 7.82 1.31 -73.88
N PHE D 206 6.67 0.81 -73.41
CA PHE D 206 5.90 1.53 -72.40
C PHE D 206 6.69 1.73 -71.11
N HIS D 207 7.26 0.65 -70.59
CA HIS D 207 7.89 0.68 -69.27
C HIS D 207 9.10 1.61 -69.26
N ASP D 208 10.00 1.46 -70.23
CA ASP D 208 11.22 2.25 -70.23
C ASP D 208 10.93 3.74 -70.45
N GLN D 209 10.01 4.05 -71.36
CA GLN D 209 9.66 5.45 -71.59
C GLN D 209 9.04 6.09 -70.35
N LEU D 210 8.11 5.37 -69.71
CA LEU D 210 7.49 5.88 -68.50
C LEU D 210 8.54 6.15 -67.42
N LYS D 211 9.43 5.18 -67.21
CA LYS D 211 10.47 5.36 -66.20
C LYS D 211 11.42 6.49 -66.57
N ALA D 212 11.66 6.70 -67.87
CA ALA D 212 12.58 7.76 -68.29
C ALA D 212 11.99 9.15 -68.01
N ARG D 213 10.74 9.36 -68.38
CA ARG D 213 10.15 10.67 -68.10
C ARG D 213 9.99 10.92 -66.61
N LEU D 214 9.54 9.90 -65.85
CA LEU D 214 9.47 10.11 -64.40
C LEU D 214 10.84 10.28 -63.79
N LEU D 215 11.88 9.72 -64.41
CA LEU D 215 13.25 10.02 -64.05
C LEU D 215 13.55 11.50 -64.23
N GLU D 216 13.12 12.05 -65.37
CA GLU D 216 13.25 13.49 -65.57
C GLU D 216 12.57 14.25 -64.44
N HIS D 217 11.44 13.75 -63.95
CA HIS D 217 10.74 14.41 -62.85
C HIS D 217 11.04 13.82 -61.47
N THR D 218 11.80 12.72 -61.38
CA THR D 218 12.26 12.14 -60.12
C THR D 218 11.08 11.79 -59.21
N ILE D 219 10.30 10.80 -59.66
CA ILE D 219 9.15 10.30 -58.92
C ILE D 219 9.24 8.78 -58.86
N PRO D 220 9.30 8.19 -57.67
CA PRO D 220 9.23 6.72 -57.57
C PRO D 220 7.90 6.20 -58.12
N THR D 221 7.96 5.05 -58.78
CA THR D 221 6.78 4.48 -59.41
C THR D 221 6.94 2.96 -59.49
N GLN D 222 5.79 2.29 -59.64
CA GLN D 222 5.77 0.84 -59.77
C GLN D 222 4.63 0.45 -60.69
N ILE D 223 4.93 -0.35 -61.70
CA ILE D 223 3.95 -0.80 -62.69
C ILE D 223 3.48 -2.20 -62.32
N LEU D 224 2.18 -2.38 -62.22
CA LEU D 224 1.57 -3.66 -61.90
C LEU D 224 0.48 -3.96 -62.91
N ARG D 225 0.57 -5.14 -63.53
CA ARG D 225 -0.49 -5.57 -64.43
C ARG D 225 -1.71 -6.00 -63.63
N GLU D 226 -2.87 -5.97 -64.30
CA GLU D 226 -4.10 -6.43 -63.65
C GLU D 226 -4.11 -7.95 -63.51
N SER D 227 -3.42 -8.65 -64.41
CA SER D 227 -3.39 -10.11 -64.32
C SER D 227 -2.59 -10.59 -63.12
N THR D 228 -1.55 -9.85 -62.73
CA THR D 228 -0.73 -10.26 -61.60
C THR D 228 -1.52 -10.21 -60.30
N LEU D 229 -2.22 -9.09 -60.05
CA LEU D 229 -2.91 -8.93 -58.78
C LEU D 229 -4.15 -9.82 -58.69
N ALA D 230 -4.87 -9.99 -59.79
CA ALA D 230 -6.09 -10.81 -59.83
C ALA D 230 -5.92 -11.81 -60.96
N TRP D 231 -5.30 -12.94 -60.66
CA TRP D 231 -4.98 -13.93 -61.68
C TRP D 231 -6.11 -14.93 -61.92
N ARG D 232 -7.06 -15.06 -61.00
CA ARG D 232 -8.16 -15.99 -61.19
C ARG D 232 -9.19 -15.47 -62.18
N ASP D 233 -9.38 -14.14 -62.24
CA ASP D 233 -10.40 -13.58 -63.10
C ASP D 233 -10.04 -13.76 -64.58
N PHE D 234 -8.78 -13.49 -64.93
CA PHE D 234 -8.32 -13.57 -66.32
C PHE D 234 -8.03 -15.01 -66.66
N LYS D 235 -9.05 -15.73 -67.13
CA LYS D 235 -8.89 -17.11 -67.54
C LYS D 235 -8.27 -17.18 -68.93
N ASN D 236 -8.13 -18.40 -69.45
CA ASN D 236 -7.48 -18.62 -70.74
C ASN D 236 -8.37 -19.44 -71.66
N THR D 237 -9.66 -19.10 -71.70
CA THR D 237 -10.66 -19.69 -72.58
C THR D 237 -10.83 -21.20 -72.39
N PHE D 238 -10.26 -21.76 -71.32
CA PHE D 238 -10.41 -23.19 -71.06
C PHE D 238 -10.66 -23.46 -69.57
N GLY D 239 -11.13 -22.46 -68.84
CA GLY D 239 -11.36 -22.63 -67.41
C GLY D 239 -10.10 -22.86 -66.60
N ALA D 240 -8.96 -22.35 -67.09
CA ALA D 240 -7.69 -22.49 -66.39
C ALA D 240 -6.96 -21.16 -66.48
N PRO D 241 -6.45 -20.64 -65.37
CA PRO D 241 -5.74 -19.36 -65.41
C PRO D 241 -4.53 -19.42 -66.32
N ILE D 242 -4.29 -18.33 -67.04
CA ILE D 242 -3.12 -18.24 -67.90
C ILE D 242 -1.84 -18.31 -67.06
N ARG D 243 -1.83 -17.61 -65.93
CA ARG D 243 -0.71 -17.63 -64.99
C ARG D 243 -1.28 -17.85 -63.60
N ASP D 244 -1.16 -19.07 -63.09
CA ASP D 244 -1.75 -19.44 -61.81
C ASP D 244 -0.69 -19.33 -60.71
N PHE D 245 -1.03 -18.61 -59.64
CA PHE D 245 -0.16 -18.40 -58.50
C PHE D 245 -0.62 -19.18 -57.28
N SER D 246 -1.36 -20.27 -57.50
CA SER D 246 -2.03 -20.95 -56.40
C SER D 246 -1.06 -21.47 -55.36
N LYS D 247 0.07 -22.03 -55.79
CA LYS D 247 1.02 -22.62 -54.87
C LYS D 247 2.10 -21.65 -54.39
N ILE D 248 2.17 -20.45 -54.95
CA ILE D 248 3.24 -19.51 -54.60
C ILE D 248 2.65 -18.16 -54.21
N GLU D 249 1.43 -18.17 -53.65
CA GLU D 249 0.75 -16.91 -53.33
C GLU D 249 1.48 -16.09 -52.29
N GLY D 250 2.37 -16.70 -51.50
CA GLY D 250 3.10 -15.95 -50.50
C GLY D 250 4.40 -15.37 -51.01
N HIS D 251 4.97 -15.99 -52.05
CA HIS D 251 6.19 -15.45 -52.65
C HIS D 251 5.88 -14.17 -53.42
N LEU D 252 4.75 -14.13 -54.11
CA LEU D 252 4.31 -12.91 -54.77
C LEU D 252 4.17 -11.76 -53.78
N ALA D 253 3.52 -12.03 -52.64
CA ALA D 253 3.36 -11.00 -51.62
C ALA D 253 4.71 -10.56 -51.07
N TRP D 254 5.62 -11.51 -50.83
CA TRP D 254 6.96 -11.16 -50.37
C TRP D 254 7.64 -10.21 -51.34
N THR D 255 7.65 -10.55 -52.63
CA THR D 255 8.33 -9.72 -53.62
C THR D 255 7.71 -8.34 -53.72
N ILE D 256 6.38 -8.28 -53.82
CA ILE D 256 5.71 -6.99 -53.99
C ILE D 256 5.92 -6.12 -52.76
N SER D 257 5.77 -6.68 -51.57
CA SER D 257 5.93 -5.91 -50.35
C SER D 257 7.36 -5.40 -50.20
N THR D 258 8.35 -6.24 -50.50
CA THR D 258 9.73 -5.80 -50.38
C THR D 258 10.04 -4.68 -51.37
N ALA D 259 9.56 -4.82 -52.61
CA ALA D 259 9.80 -3.77 -53.61
C ALA D 259 9.14 -2.46 -53.18
N ALA D 260 7.89 -2.53 -52.71
CA ALA D 260 7.20 -1.31 -52.29
C ALA D 260 7.89 -0.67 -51.09
N TYR D 261 8.35 -1.49 -50.14
CA TYR D 261 9.07 -0.95 -49.00
C TYR D 261 10.37 -0.27 -49.42
N TYR D 262 11.12 -0.89 -50.33
CA TYR D 262 12.37 -0.28 -50.75
C TYR D 262 12.13 1.02 -51.51
N LYS D 263 11.12 1.05 -52.38
CA LYS D 263 10.88 2.23 -53.19
C LYS D 263 10.37 3.42 -52.38
N ALA D 264 9.98 3.22 -51.12
CA ALA D 264 9.48 4.29 -50.26
C ALA D 264 10.54 4.81 -49.31
N GLY D 265 11.78 4.35 -49.43
CA GLY D 265 12.87 4.86 -48.61
C GLY D 265 13.24 4.02 -47.41
N GLY D 266 13.13 2.71 -47.48
CA GLY D 266 13.47 1.85 -46.36
C GLY D 266 14.42 0.75 -46.75
N LYS D 267 15.36 0.43 -45.83
CA LYS D 267 16.30 -0.63 -46.12
CA LYS D 267 16.36 -0.61 -46.05
C LYS D 267 15.81 -1.94 -45.53
N PRO D 268 15.63 -2.95 -46.37
CA PRO D 268 15.22 -4.26 -45.82
C PRO D 268 16.35 -4.98 -45.11
N TRP D 269 17.57 -4.95 -45.66
CA TRP D 269 18.72 -5.59 -45.05
C TRP D 269 19.98 -4.87 -45.53
N LYS D 270 21.14 -5.43 -45.19
CA LYS D 270 22.41 -4.86 -45.61
C LYS D 270 23.47 -5.94 -45.61
N LEU D 271 24.55 -5.68 -46.33
CA LEU D 271 25.69 -6.59 -46.39
C LEU D 271 26.64 -6.32 -45.22
N GLY D 272 27.11 -7.40 -44.60
CA GLY D 272 28.00 -7.24 -43.46
C GLY D 272 29.42 -7.70 -43.68
N ASP D 273 29.61 -8.78 -44.46
CA ASP D 273 30.93 -9.37 -44.67
C ASP D 273 31.47 -8.91 -46.03
N ILE D 274 31.97 -7.68 -46.04
CA ILE D 274 32.61 -7.11 -47.22
C ILE D 274 33.87 -6.38 -46.76
N ARG D 275 34.89 -6.39 -47.60
CA ARG D 275 36.16 -5.79 -47.23
C ARG D 275 36.01 -4.28 -47.06
N PRO D 276 36.39 -3.72 -45.92
CA PRO D 276 36.29 -2.26 -45.74
C PRO D 276 37.44 -1.55 -46.43
N GLY D 277 37.10 -0.57 -47.25
CA GLY D 277 38.08 0.21 -47.97
C GLY D 277 38.21 -0.09 -49.46
N VAL D 278 37.19 -0.66 -50.08
CA VAL D 278 37.22 -0.99 -51.50
C VAL D 278 35.93 -0.49 -52.15
N CYS D 279 35.99 -0.31 -53.46
CA CYS D 279 34.84 0.11 -54.26
C CYS D 279 34.60 -0.91 -55.35
N TYR D 280 33.34 -1.34 -55.50
CA TYR D 280 32.95 -2.29 -56.52
C TYR D 280 32.20 -1.56 -57.63
N LEU D 281 32.78 -1.53 -58.82
CA LEU D 281 32.18 -0.89 -59.97
C LEU D 281 31.86 -1.94 -61.03
N GLY D 282 30.66 -1.87 -61.58
CA GLY D 282 30.26 -2.78 -62.64
C GLY D 282 29.91 -2.03 -63.91
N LEU D 283 30.62 -2.33 -65.00
CA LEU D 283 30.44 -1.64 -66.26
C LEU D 283 29.68 -2.51 -67.23
N VAL D 284 28.59 -1.97 -67.78
CA VAL D 284 27.74 -2.69 -68.73
C VAL D 284 27.57 -1.81 -69.97
N TYR D 285 27.65 -2.42 -71.14
CA TYR D 285 27.56 -1.71 -72.41
C TYR D 285 26.23 -2.04 -73.10
N LYS D 286 25.55 -1.01 -73.56
CA LYS D 286 24.31 -1.15 -74.31
C LYS D 286 24.46 -0.46 -75.66
N LYS D 287 23.91 -1.09 -76.70
CA LYS D 287 24.06 -0.56 -78.06
C LYS D 287 22.99 0.48 -78.34
N ILE D 288 23.41 1.73 -78.52
CA ILE D 288 22.52 2.81 -78.93
C ILE D 288 22.73 3.01 -80.42
N GLU D 289 21.77 2.57 -81.23
CA GLU D 289 21.82 2.75 -82.68
C GLU D 289 20.44 3.17 -83.16
N LYS D 290 20.17 4.48 -83.13
CA LYS D 290 18.92 5.01 -83.65
C LYS D 290 19.12 5.94 -84.83
N SER D 291 19.84 7.05 -84.65
CA SER D 291 20.03 8.04 -85.71
C SER D 291 21.48 8.29 -86.05
N LYS D 292 22.32 8.62 -85.06
CA LYS D 292 23.65 9.14 -85.34
C LYS D 292 24.58 8.03 -85.82
N ASN D 293 24.79 7.02 -84.98
CA ASN D 293 25.73 5.95 -85.27
C ASN D 293 25.46 4.80 -84.30
N PRO D 294 25.91 3.59 -84.63
CA PRO D 294 25.75 2.48 -83.68
C PRO D 294 26.63 2.65 -82.45
N GLN D 295 26.36 3.69 -81.67
CA GLN D 295 27.17 4.00 -80.51
C GLN D 295 26.92 2.99 -79.40
N ASN D 296 27.91 2.87 -78.51
CA ASN D 296 27.85 1.95 -77.37
C ASN D 296 27.97 2.77 -76.09
N ALA D 297 26.89 2.81 -75.31
CA ALA D 297 26.88 3.55 -74.06
C ALA D 297 27.36 2.66 -72.91
N CYS D 298 28.09 3.26 -71.98
CA CYS D 298 28.61 2.56 -70.82
C CYS D 298 27.95 3.12 -69.56
N CYS D 299 27.32 2.25 -68.79
CA CYS D 299 26.67 2.62 -67.54
C CYS D 299 27.26 1.80 -66.40
N ALA D 300 27.48 2.44 -65.27
CA ALA D 300 28.17 1.82 -64.15
C ALA D 300 27.26 1.77 -62.92
N ALA D 301 27.75 1.07 -61.90
CA ALA D 301 27.07 0.98 -60.61
C ALA D 301 28.13 0.79 -59.54
N GLN D 302 28.02 1.54 -58.45
CA GLN D 302 29.04 1.60 -57.42
C GLN D 302 28.50 1.09 -56.09
N MET D 303 29.35 0.38 -55.35
CA MET D 303 29.00 -0.13 -54.03
C MET D 303 30.22 -0.06 -53.13
N PHE D 304 30.04 0.46 -51.93
CA PHE D 304 31.12 0.51 -50.95
C PHE D 304 30.52 0.60 -49.56
N LEU D 305 31.34 0.32 -48.55
CA LEU D 305 30.87 0.18 -47.18
C LEU D 305 31.95 0.67 -46.23
N ASP D 306 31.64 1.68 -45.44
CA ASP D 306 32.53 2.17 -44.40
C ASP D 306 31.82 3.26 -43.60
N ASN D 307 32.47 3.69 -42.52
CA ASN D 307 32.00 4.78 -41.66
C ASN D 307 30.61 4.49 -41.10
N GLY D 308 30.55 3.45 -40.26
CA GLY D 308 29.31 3.04 -39.63
C GLY D 308 28.76 1.71 -40.07
N ASP D 309 29.56 0.91 -40.79
CA ASP D 309 29.15 -0.41 -41.28
C ASP D 309 27.94 -0.33 -42.20
N GLY D 310 27.62 0.84 -42.72
CA GLY D 310 26.52 0.97 -43.65
C GLY D 310 26.92 0.60 -45.06
N THR D 311 25.91 0.30 -45.87
CA THR D 311 26.11 -0.08 -47.26
C THR D 311 25.58 1.02 -48.17
N VAL D 312 26.41 1.50 -49.08
CA VAL D 312 26.05 2.52 -50.04
C VAL D 312 26.00 1.87 -51.41
N PHE D 313 24.81 1.69 -51.94
CA PHE D 313 24.59 1.02 -53.22
C PHE D 313 23.89 2.00 -54.16
N LYS D 314 24.67 2.64 -55.02
CA LYS D 314 24.18 3.62 -55.98
C LYS D 314 24.61 3.19 -57.39
N GLY D 315 24.42 4.07 -58.36
CA GLY D 315 24.90 3.80 -59.69
C GLY D 315 25.58 4.99 -60.34
N GLU D 316 26.86 4.86 -60.66
CA GLU D 316 27.57 5.90 -61.39
C GLU D 316 27.02 6.00 -62.79
N VAL D 317 26.49 7.18 -63.13
CA VAL D 317 25.73 7.34 -64.36
C VAL D 317 26.30 8.52 -65.14
N GLY D 318 25.66 8.88 -66.25
CA GLY D 318 26.25 9.80 -67.19
C GLY D 318 26.92 9.04 -68.33
N PRO D 319 26.15 8.22 -69.04
CA PRO D 319 26.74 7.23 -69.95
C PRO D 319 27.81 7.81 -70.85
N TRP D 320 28.98 7.17 -70.84
CA TRP D 320 30.11 7.57 -71.66
C TRP D 320 30.11 6.74 -72.93
N TYR D 321 29.90 7.39 -74.06
CA TYR D 321 29.66 6.73 -75.33
C TYR D 321 30.97 6.33 -76.00
N ASN D 322 30.85 5.51 -77.04
CA ASN D 322 31.97 5.08 -77.87
C ASN D 322 31.47 4.84 -79.29
N PRO D 323 31.88 5.65 -80.25
CA PRO D 323 31.27 5.61 -81.60
C PRO D 323 31.88 4.56 -82.53
N GLU D 324 31.72 3.30 -82.18
CA GLU D 324 32.16 2.20 -83.04
C GLU D 324 31.08 1.11 -83.03
N LYS D 325 31.06 0.33 -84.11
CA LYS D 325 30.09 -0.76 -84.20
C LYS D 325 30.34 -1.81 -83.13
N GLY D 326 31.59 -2.26 -83.00
CA GLY D 326 31.97 -3.10 -81.88
C GLY D 326 32.64 -2.27 -80.81
N GLU D 327 33.86 -2.62 -80.45
CA GLU D 327 34.70 -1.82 -79.56
C GLU D 327 33.98 -1.50 -78.24
N TYR D 328 33.71 -2.56 -77.49
CA TYR D 328 33.09 -2.43 -76.17
C TYR D 328 34.14 -2.01 -75.14
N HIS D 329 34.71 -0.83 -75.38
CA HIS D 329 35.74 -0.26 -74.52
C HIS D 329 35.53 1.24 -74.43
N LEU D 330 36.34 1.90 -73.61
CA LEU D 330 36.25 3.34 -73.38
C LEU D 330 37.52 4.03 -73.82
N LYS D 331 37.35 5.20 -74.45
CA LYS D 331 38.48 6.04 -74.80
C LYS D 331 39.08 6.65 -73.53
N PRO D 332 40.34 7.10 -73.60
CA PRO D 332 41.01 7.59 -72.38
C PRO D 332 40.24 8.65 -71.61
N LYS D 333 39.66 9.64 -72.29
CA LYS D 333 39.01 10.74 -71.59
C LYS D 333 37.79 10.25 -70.80
N GLU D 334 36.97 9.39 -71.42
CA GLU D 334 35.79 8.90 -70.74
C GLU D 334 36.15 8.02 -69.55
N ALA D 335 37.18 7.19 -69.69
CA ALA D 335 37.65 6.39 -68.56
C ALA D 335 38.15 7.27 -67.43
N LYS D 336 38.89 8.32 -67.76
CA LYS D 336 39.35 9.26 -66.75
C LYS D 336 38.17 9.88 -66.01
N ALA D 337 37.16 10.31 -66.75
CA ALA D 337 35.99 10.92 -66.13
C ALA D 337 35.27 9.92 -65.23
N LEU D 338 35.10 8.69 -65.68
CA LEU D 338 34.42 7.67 -64.88
C LEU D 338 35.15 7.44 -63.56
N LEU D 339 36.45 7.18 -63.63
CA LEU D 339 37.19 6.89 -62.42
C LEU D 339 37.23 8.08 -61.49
N THR D 340 37.39 9.29 -62.03
CA THR D 340 37.41 10.48 -61.19
C THR D 340 36.08 10.68 -60.48
N GLN D 341 34.97 10.50 -61.19
CA GLN D 341 33.66 10.68 -60.56
C GLN D 341 33.44 9.65 -59.45
N ALA D 342 33.79 8.38 -59.71
CA ALA D 342 33.62 7.37 -58.67
C ALA D 342 34.48 7.67 -57.45
N LEU D 343 35.73 8.06 -57.67
CA LEU D 343 36.64 8.35 -56.57
C LEU D 343 36.15 9.54 -55.76
N GLU D 344 35.67 10.59 -56.44
CA GLU D 344 35.18 11.77 -55.73
C GLU D 344 33.93 11.44 -54.93
N SER D 345 33.04 10.61 -55.46
CA SER D 345 31.87 10.20 -54.70
C SER D 345 32.27 9.45 -53.43
N TYR D 346 33.21 8.50 -53.56
CA TYR D 346 33.65 7.75 -52.39
C TYR D 346 34.31 8.67 -51.37
N LYS D 347 35.14 9.61 -51.84
CA LYS D 347 35.83 10.50 -50.92
C LYS D 347 34.86 11.44 -50.23
N GLU D 348 33.82 11.89 -50.94
CA GLU D 348 32.79 12.71 -50.31
C GLU D 348 32.07 11.93 -49.22
N GLN D 349 31.77 10.66 -49.48
CA GLN D 349 31.04 9.88 -48.48
C GLN D 349 31.91 9.53 -47.28
N ASN D 350 33.19 9.18 -47.51
CA ASN D 350 34.03 8.62 -46.47
C ASN D 350 35.12 9.56 -45.98
N LYS D 351 35.24 10.76 -46.56
CA LYS D 351 36.27 11.73 -46.18
C LYS D 351 37.69 11.20 -46.37
N SER D 352 37.86 10.20 -47.24
CA SER D 352 39.17 9.64 -47.51
C SER D 352 39.12 8.91 -48.84
N TYR D 353 40.32 8.61 -49.38
CA TYR D 353 40.37 7.93 -50.67
C TYR D 353 40.38 6.41 -50.47
N PRO D 354 39.83 5.67 -51.44
CA PRO D 354 39.76 4.21 -51.28
C PRO D 354 41.13 3.56 -51.24
N LYS D 355 41.21 2.46 -50.49
CA LYS D 355 42.44 1.69 -50.44
C LYS D 355 42.60 0.80 -51.66
N GLU D 356 41.49 0.35 -52.24
CA GLU D 356 41.51 -0.49 -53.43
C GLU D 356 40.24 -0.22 -54.23
N VAL D 357 40.30 -0.52 -55.52
CA VAL D 357 39.16 -0.40 -56.41
C VAL D 357 38.97 -1.73 -57.12
N PHE D 358 37.74 -2.21 -57.16
CA PHE D 358 37.40 -3.53 -57.70
C PHE D 358 36.49 -3.33 -58.90
N ILE D 359 37.08 -3.20 -60.07
CA ILE D 359 36.33 -3.01 -61.31
C ILE D 359 36.04 -4.37 -61.92
N HIS D 360 34.77 -4.64 -62.17
CA HIS D 360 34.36 -5.89 -62.81
C HIS D 360 33.39 -5.58 -63.95
N ALA D 361 33.43 -6.41 -64.98
CA ALA D 361 32.55 -6.24 -66.13
C ALA D 361 32.45 -7.57 -66.86
N ARG D 362 31.56 -7.60 -67.85
CA ARG D 362 31.39 -8.78 -68.69
C ARG D 362 32.36 -8.79 -69.86
N THR D 363 33.17 -7.75 -70.03
CA THR D 363 34.14 -7.64 -71.11
C THR D 363 35.52 -7.36 -70.52
N ARG D 364 36.54 -7.54 -71.35
CA ARG D 364 37.91 -7.35 -70.93
C ARG D 364 38.33 -5.89 -71.09
N PHE D 365 39.42 -5.53 -70.43
CA PHE D 365 39.97 -4.18 -70.47
C PHE D 365 41.25 -4.16 -71.28
N ASN D 366 41.48 -3.05 -71.98
CA ASN D 366 42.67 -2.90 -72.79
C ASN D 366 43.67 -1.96 -72.13
N ASP D 367 44.87 -1.93 -72.71
CA ASP D 367 45.99 -1.22 -72.10
C ASP D 367 45.75 0.28 -72.07
N GLU D 368 45.10 0.84 -73.08
CA GLU D 368 44.81 2.29 -73.07
C GLU D 368 43.89 2.64 -71.91
N GLU D 369 42.81 1.89 -71.74
CA GLU D 369 41.88 2.15 -70.65
C GLU D 369 42.56 1.98 -69.29
N TRP D 370 43.35 0.92 -69.14
CA TRP D 370 44.00 0.72 -67.85
C TRP D 370 45.07 1.78 -67.57
N ASN D 371 45.77 2.24 -68.60
CA ASN D 371 46.74 3.30 -68.41
C ASN D 371 46.05 4.60 -68.01
N ALA D 372 44.90 4.91 -68.62
CA ALA D 372 44.15 6.08 -68.20
C ALA D 372 43.70 5.95 -66.74
N PHE D 373 43.20 4.77 -66.37
CA PHE D 373 42.77 4.55 -64.99
C PHE D 373 43.94 4.75 -64.02
N ASN D 374 45.10 4.20 -64.35
CA ASN D 374 46.26 4.33 -63.47
C ASN D 374 46.77 5.77 -63.43
N GLU D 375 46.58 6.52 -64.52
CA GLU D 375 46.93 7.94 -64.50
C GLU D 375 46.02 8.70 -63.54
N VAL D 376 44.73 8.38 -63.53
CA VAL D 376 43.80 9.09 -62.65
C VAL D 376 44.04 8.72 -61.19
N THR D 377 44.32 7.45 -60.92
CA THR D 377 44.29 6.95 -59.55
C THR D 377 45.35 7.64 -58.70
N PRO D 378 45.08 7.80 -57.40
CA PRO D 378 46.04 8.49 -56.52
C PRO D 378 47.28 7.66 -56.22
N LYS D 379 48.13 8.16 -55.34
CA LYS D 379 49.42 7.53 -55.08
C LYS D 379 49.25 6.15 -54.44
N ASN D 380 48.31 6.01 -53.51
CA ASN D 380 48.19 4.77 -52.75
C ASN D 380 46.84 4.09 -52.95
N THR D 381 46.40 3.99 -54.19
CA THR D 381 45.17 3.28 -54.54
C THR D 381 45.48 2.25 -55.61
N ASN D 382 45.05 1.02 -55.40
CA ASN D 382 45.29 -0.08 -56.33
C ASN D 382 44.01 -0.41 -57.08
N LEU D 383 44.16 -0.87 -58.31
CA LEU D 383 43.04 -1.23 -59.18
C LEU D 383 43.13 -2.69 -59.57
N VAL D 384 41.98 -3.37 -59.57
CA VAL D 384 41.88 -4.76 -59.97
C VAL D 384 40.74 -4.91 -60.95
N GLY D 385 41.00 -5.57 -62.07
CA GLY D 385 39.98 -5.82 -63.09
C GLY D 385 39.58 -7.28 -63.09
N VAL D 386 38.27 -7.52 -63.22
CA VAL D 386 37.72 -8.87 -63.23
C VAL D 386 36.69 -8.97 -64.35
N THR D 387 36.73 -10.08 -65.10
CA THR D 387 35.78 -10.35 -66.16
C THR D 387 34.95 -11.57 -65.78
N ILE D 388 33.63 -11.42 -65.80
CA ILE D 388 32.72 -12.48 -65.38
C ILE D 388 31.89 -12.90 -66.59
N THR D 389 32.37 -13.93 -67.28
CA THR D 389 31.58 -14.57 -68.32
C THR D 389 30.54 -15.49 -67.66
N LYS D 390 29.55 -15.92 -68.45
CA LYS D 390 28.41 -16.59 -67.85
C LYS D 390 28.10 -17.94 -68.49
N SER D 391 28.37 -18.11 -69.78
CA SER D 391 27.90 -19.31 -70.46
C SER D 391 28.99 -20.10 -71.15
N LYS D 392 30.11 -20.33 -70.46
CA LYS D 392 31.08 -21.26 -71.01
C LYS D 392 30.63 -22.70 -70.76
N PRO D 393 30.87 -23.62 -71.69
CA PRO D 393 30.25 -24.96 -71.62
C PRO D 393 30.94 -25.95 -70.69
N LEU D 394 30.71 -25.77 -69.39
CA LEU D 394 31.09 -26.75 -68.37
C LEU D 394 29.84 -27.15 -67.59
N LYS D 395 29.72 -28.45 -67.32
CA LYS D 395 28.55 -28.97 -66.62
C LYS D 395 28.99 -30.14 -65.75
N LEU D 396 29.04 -29.93 -64.44
CA LEU D 396 29.47 -30.95 -63.49
C LEU D 396 28.26 -31.74 -63.03
N TYR D 397 28.11 -32.96 -63.51
CA TYR D 397 27.06 -33.85 -63.04
C TYR D 397 27.47 -34.54 -61.75
N LYS D 398 26.48 -34.93 -60.97
CA LYS D 398 26.72 -35.69 -59.74
C LYS D 398 26.58 -37.18 -60.05
N THR D 399 27.56 -37.97 -59.58
CA THR D 399 27.68 -39.35 -60.03
C THR D 399 26.54 -40.22 -59.54
N GLU D 400 26.08 -40.01 -58.30
CA GLU D 400 25.16 -40.95 -57.67
C GLU D 400 23.75 -40.39 -57.53
N GLY D 401 23.58 -39.24 -56.89
CA GLY D 401 22.25 -38.73 -56.62
C GLY D 401 21.56 -38.19 -57.85
N ALA D 402 20.26 -37.99 -57.71
CA ALA D 402 19.43 -37.37 -58.74
C ALA D 402 19.31 -35.87 -58.55
N PHE D 403 20.04 -35.29 -57.60
CA PHE D 403 20.05 -33.88 -57.32
C PHE D 403 21.41 -33.27 -57.68
N PRO D 404 21.44 -32.01 -58.12
CA PRO D 404 22.68 -31.47 -58.70
C PRO D 404 23.73 -31.06 -57.67
N ILE D 405 24.81 -30.45 -58.17
CA ILE D 405 25.92 -30.02 -57.32
C ILE D 405 25.47 -28.86 -56.44
N MET D 406 26.08 -28.75 -55.26
CA MET D 406 25.73 -27.71 -54.32
C MET D 406 26.21 -26.35 -54.80
N ARG D 407 25.56 -25.30 -54.30
CA ARG D 407 25.99 -23.94 -54.56
C ARG D 407 27.16 -23.58 -53.67
N GLY D 408 28.13 -22.85 -54.24
CA GLY D 408 29.32 -22.45 -53.51
C GLY D 408 30.56 -23.23 -53.86
N ASN D 409 30.43 -24.37 -54.53
CA ASN D 409 31.59 -25.10 -55.00
C ASN D 409 32.32 -24.29 -56.07
N ALA D 410 33.64 -24.20 -55.95
CA ALA D 410 34.45 -23.45 -56.89
C ALA D 410 35.61 -24.28 -57.37
N TYR D 411 35.90 -24.20 -58.67
CA TYR D 411 36.99 -24.92 -59.30
C TYR D 411 37.99 -23.91 -59.81
N ILE D 412 39.24 -24.05 -59.38
CA ILE D 412 40.31 -23.12 -59.74
C ILE D 412 41.16 -23.76 -60.81
N VAL D 413 41.18 -23.17 -62.01
CA VAL D 413 41.96 -23.71 -63.10
C VAL D 413 43.34 -23.08 -63.20
N ASP D 414 43.56 -21.94 -62.56
CA ASP D 414 44.82 -21.21 -62.64
C ASP D 414 44.80 -20.14 -61.57
N GLU D 415 45.97 -19.57 -61.29
CA GLU D 415 46.10 -18.53 -60.26
C GLU D 415 45.38 -17.26 -60.65
N LYS D 416 44.75 -17.23 -61.81
CA LYS D 416 44.01 -16.06 -62.26
C LYS D 416 42.63 -16.36 -62.83
N LYS D 417 42.25 -17.62 -62.99
CA LYS D 417 40.95 -17.99 -63.51
C LYS D 417 40.31 -19.04 -62.61
N ALA D 418 38.99 -18.99 -62.49
CA ALA D 418 38.28 -19.97 -61.68
C ALA D 418 36.82 -19.99 -62.08
N PHE D 419 36.16 -21.11 -61.76
CA PHE D 419 34.72 -21.27 -61.94
C PHE D 419 34.04 -21.19 -60.58
N LEU D 420 32.85 -20.60 -60.56
CA LEU D 420 32.04 -20.53 -59.34
C LEU D 420 30.64 -21.00 -59.67
N TRP D 421 30.09 -21.87 -58.82
CA TRP D 421 28.71 -22.32 -58.97
C TRP D 421 27.83 -21.45 -58.09
N THR D 422 27.20 -20.44 -58.69
CA THR D 422 26.29 -19.57 -57.97
C THR D 422 24.86 -20.08 -57.97
N LEU D 423 24.59 -21.17 -58.69
CA LEU D 423 23.28 -21.81 -58.71
C LEU D 423 23.43 -23.25 -58.21
N GLY D 424 22.33 -23.99 -58.27
CA GLY D 424 22.34 -25.40 -57.90
C GLY D 424 21.45 -25.67 -56.71
N PHE D 425 21.83 -26.69 -55.94
CA PHE D 425 21.05 -27.15 -54.80
C PHE D 425 21.57 -26.48 -53.53
N VAL D 426 20.67 -25.86 -52.79
CA VAL D 426 21.00 -25.16 -51.55
C VAL D 426 20.46 -25.98 -50.38
N PRO D 427 21.26 -26.20 -49.34
CA PRO D 427 20.78 -27.08 -48.25
C PRO D 427 19.58 -26.53 -47.49
N LYS D 428 19.57 -25.22 -47.21
CA LYS D 428 18.51 -24.66 -46.37
C LYS D 428 17.14 -24.83 -47.00
N LEU D 429 17.02 -24.50 -48.28
CA LEU D 429 15.71 -24.57 -48.94
C LEU D 429 15.36 -25.96 -49.42
N GLN D 430 16.30 -26.90 -49.40
CA GLN D 430 16.08 -28.27 -49.85
C GLN D 430 15.49 -28.30 -51.25
N SER D 431 16.00 -27.43 -52.11
CA SER D 431 15.52 -27.33 -53.49
C SER D 431 16.66 -26.80 -54.35
N THR D 432 16.34 -26.47 -55.60
CA THR D 432 17.33 -26.01 -56.56
C THR D 432 17.02 -24.58 -56.98
N LEU D 433 18.07 -23.80 -57.17
CA LEU D 433 17.92 -22.43 -57.63
C LEU D 433 17.78 -22.32 -59.14
N SER D 434 17.83 -23.45 -59.86
CA SER D 434 17.74 -23.46 -61.31
C SER D 434 17.14 -24.80 -61.74
N MET D 435 17.26 -25.10 -63.03
CA MET D 435 16.79 -26.36 -63.57
C MET D 435 17.80 -26.89 -64.59
N GLU D 436 17.78 -28.20 -64.79
CA GLU D 436 18.56 -28.87 -65.82
C GLU D 436 20.07 -28.62 -65.65
N VAL D 437 20.61 -29.17 -64.57
CA VAL D 437 22.06 -29.21 -64.36
C VAL D 437 22.66 -27.80 -64.41
N PRO D 438 22.56 -27.04 -63.32
CA PRO D 438 22.93 -25.62 -63.35
C PRO D 438 24.28 -25.35 -63.98
N ASN D 439 24.41 -24.15 -64.57
CA ASN D 439 25.56 -23.67 -65.30
C ASN D 439 26.44 -22.80 -64.40
N PRO D 440 27.75 -23.02 -64.37
CA PRO D 440 28.62 -22.16 -63.57
C PRO D 440 28.98 -20.89 -64.33
N ILE D 441 29.70 -20.01 -63.64
CA ILE D 441 30.19 -18.78 -64.22
C ILE D 441 31.71 -18.77 -64.13
N PHE D 442 32.33 -17.97 -65.00
CA PHE D 442 33.78 -17.92 -65.14
C PHE D 442 34.29 -16.57 -64.66
N ILE D 443 35.29 -16.61 -63.78
CA ILE D 443 35.87 -15.41 -63.19
C ILE D 443 37.35 -15.37 -63.54
N GLU D 444 37.81 -14.24 -64.06
CA GLU D 444 39.20 -14.06 -64.45
C GLU D 444 39.72 -12.74 -63.90
N ILE D 445 40.94 -12.75 -63.36
CA ILE D 445 41.59 -11.55 -62.84
C ILE D 445 42.36 -10.93 -63.99
N ASN D 446 41.67 -10.08 -64.75
CA ASN D 446 42.25 -9.43 -65.93
C ASN D 446 42.76 -8.05 -65.55
N LYS D 447 44.03 -7.78 -65.86
CA LYS D 447 44.65 -6.47 -65.63
C LYS D 447 44.60 -6.11 -64.14
N GLY D 448 45.34 -6.88 -63.35
CA GLY D 448 45.44 -6.57 -61.93
C GLY D 448 46.24 -7.63 -61.20
N GLU D 449 46.44 -7.38 -59.91
CA GLU D 449 47.16 -8.29 -59.03
C GLU D 449 46.35 -8.47 -57.76
N ALA D 450 45.89 -9.69 -57.51
CA ALA D 450 45.09 -10.03 -56.33
C ALA D 450 45.03 -11.54 -56.22
N GLU D 451 44.30 -12.01 -55.20
CA GLU D 451 44.13 -13.44 -54.95
C GLU D 451 42.80 -13.90 -55.53
N ILE D 452 42.75 -15.19 -55.89
CA ILE D 452 41.57 -15.75 -56.56
C ILE D 452 40.49 -16.19 -55.59
N GLN D 453 40.78 -16.23 -54.28
CA GLN D 453 39.76 -16.60 -53.31
C GLN D 453 38.99 -15.39 -52.80
N GLN D 454 39.70 -14.29 -52.53
CA GLN D 454 39.04 -13.06 -52.13
C GLN D 454 38.09 -12.58 -53.23
N VAL D 455 38.48 -12.75 -54.49
CA VAL D 455 37.63 -12.33 -55.60
C VAL D 455 36.33 -13.12 -55.59
N LEU D 456 36.41 -14.43 -55.40
CA LEU D 456 35.20 -15.26 -55.40
C LEU D 456 34.31 -14.94 -54.21
N LYS D 457 34.90 -14.71 -53.04
CA LYS D 457 34.11 -14.33 -51.88
C LYS D 457 33.38 -13.01 -52.12
N ASP D 458 34.08 -12.03 -52.71
CA ASP D 458 33.45 -10.75 -53.02
C ASP D 458 32.35 -10.93 -54.04
N ILE D 459 32.54 -11.80 -55.03
CA ILE D 459 31.52 -12.04 -56.04
C ILE D 459 30.26 -12.59 -55.40
N LEU D 460 30.40 -13.57 -54.50
CA LEU D 460 29.23 -14.11 -53.82
C LEU D 460 28.54 -13.04 -52.98
N ALA D 461 29.32 -12.26 -52.22
CA ALA D 461 28.74 -11.19 -51.42
C ALA D 461 27.95 -10.22 -52.29
N LEU D 462 28.47 -9.90 -53.47
CA LEU D 462 27.73 -9.03 -54.39
C LEU D 462 26.46 -9.70 -54.89
N THR D 463 26.50 -11.02 -55.11
CA THR D 463 25.26 -11.71 -55.50
C THR D 463 24.20 -11.62 -54.42
N LYS D 464 24.60 -11.46 -53.16
CA LYS D 464 23.59 -11.35 -52.09
C LYS D 464 23.09 -9.92 -51.87
N LEU D 465 22.67 -9.21 -52.92
CA LEU D 465 22.17 -7.84 -52.74
C LEU D 465 20.99 -7.48 -53.66
N ASN D 466 20.15 -8.44 -54.01
CA ASN D 466 19.05 -8.16 -54.94
C ASN D 466 17.86 -7.62 -54.15
N TYR D 467 17.64 -6.30 -54.24
CA TYR D 467 16.50 -5.68 -53.59
C TYR D 467 15.22 -5.76 -54.42
N ASN D 468 15.34 -5.93 -55.74
CA ASN D 468 14.17 -5.92 -56.60
C ASN D 468 13.31 -7.17 -56.43
N ALA D 469 13.86 -8.23 -55.83
CA ALA D 469 13.10 -9.45 -55.57
C ALA D 469 13.55 -10.03 -54.24
N CYS D 470 12.69 -10.88 -53.66
CA CYS D 470 12.97 -11.54 -52.39
C CYS D 470 13.27 -13.01 -52.69
N ILE D 471 14.56 -13.31 -52.85
CA ILE D 471 15.03 -14.66 -53.12
C ILE D 471 16.29 -14.91 -52.30
N TYR D 472 16.71 -16.18 -52.25
CA TYR D 472 17.94 -16.52 -51.55
C TYR D 472 19.14 -15.82 -52.17
N ALA D 473 19.31 -15.94 -53.48
CA ALA D 473 20.38 -15.28 -54.21
C ALA D 473 20.12 -15.46 -55.70
N ASP D 474 20.88 -14.72 -56.50
CA ASP D 474 20.81 -14.83 -57.96
C ASP D 474 22.16 -15.25 -58.50
N GLY D 475 22.14 -15.76 -59.73
CA GLY D 475 23.36 -16.30 -60.33
C GLY D 475 24.41 -15.24 -60.58
N GLU D 476 24.00 -14.11 -61.12
CA GLU D 476 24.99 -13.10 -61.46
C GLU D 476 25.08 -12.04 -60.37
N PRO D 477 26.24 -11.37 -60.24
CA PRO D 477 26.32 -10.25 -59.29
C PRO D 477 25.33 -9.17 -59.65
N VAL D 478 24.74 -8.55 -58.62
CA VAL D 478 23.67 -7.60 -58.83
C VAL D 478 24.19 -6.24 -59.31
N THR D 479 25.46 -5.92 -59.05
CA THR D 479 26.02 -4.66 -59.51
C THR D 479 25.97 -4.52 -61.02
N LEU D 480 26.01 -5.64 -61.74
CA LEU D 480 25.94 -5.61 -63.20
C LEU D 480 24.50 -5.63 -63.70
N ARG D 481 23.63 -6.38 -63.03
CA ARG D 481 22.22 -6.41 -63.41
C ARG D 481 21.57 -5.04 -63.25
N PHE D 482 21.87 -4.35 -62.15
CA PHE D 482 21.28 -3.02 -61.95
C PHE D 482 21.84 -2.01 -62.95
N ALA D 483 23.13 -2.14 -63.30
CA ALA D 483 23.69 -1.28 -64.34
C ALA D 483 23.01 -1.53 -65.67
N ASN D 484 22.73 -2.80 -65.99
CA ASN D 484 22.01 -3.10 -67.22
C ASN D 484 20.61 -2.50 -67.21
N LYS D 485 19.93 -2.56 -66.06
CA LYS D 485 18.61 -1.93 -65.96
C LYS D 485 18.69 -0.43 -66.17
N ILE D 486 19.71 0.20 -65.57
CA ILE D 486 19.89 1.64 -65.74
C ILE D 486 20.11 1.99 -67.21
N GLY D 487 20.94 1.21 -67.88
CA GLY D 487 21.17 1.45 -69.30
C GLY D 487 19.91 1.27 -70.13
N GLU D 488 19.16 0.20 -69.86
CA GLU D 488 17.93 -0.04 -70.59
C GLU D 488 16.94 1.10 -70.40
N ILE D 489 16.89 1.67 -69.20
CA ILE D 489 16.00 2.79 -68.94
C ILE D 489 16.49 4.04 -69.67
N LEU D 490 17.80 4.29 -69.66
CA LEU D 490 18.32 5.55 -70.17
C LEU D 490 18.30 5.60 -71.70
N THR D 491 18.64 4.50 -72.36
CA THR D 491 18.76 4.54 -73.81
C THR D 491 17.42 4.79 -74.52
N ALA D 492 16.30 4.63 -73.82
CA ALA D 492 15.01 4.89 -74.43
C ALA D 492 14.59 6.36 -74.38
N SER D 493 15.29 7.19 -73.61
CA SER D 493 14.94 8.60 -73.45
C SER D 493 15.74 9.44 -74.44
N THR D 494 15.72 10.76 -74.24
CA THR D 494 16.39 11.71 -75.13
C THR D 494 17.26 12.67 -74.31
N GLU D 495 18.50 12.26 -74.04
CA GLU D 495 19.57 13.15 -73.60
C GLU D 495 19.22 13.88 -72.30
N ILE D 496 19.12 13.10 -71.23
CA ILE D 496 19.04 13.70 -69.90
C ILE D 496 20.40 14.24 -69.51
N LYS D 497 20.42 15.44 -68.93
CA LYS D 497 21.68 16.09 -68.61
C LYS D 497 22.41 15.41 -67.46
N THR D 498 21.80 15.42 -66.27
CA THR D 498 22.37 14.80 -65.09
C THR D 498 21.33 13.90 -64.44
N PRO D 499 21.32 12.60 -64.76
CA PRO D 499 20.28 11.73 -64.22
C PRO D 499 20.49 11.51 -62.73
N PRO D 500 19.42 11.24 -61.98
CA PRO D 500 19.58 10.86 -60.57
C PRO D 500 20.31 9.53 -60.44
N LEU D 501 21.09 9.41 -59.38
CA LEU D 501 21.90 8.23 -59.14
C LEU D 501 21.22 7.22 -58.23
N ALA D 502 20.06 7.56 -57.66
CA ALA D 502 19.37 6.66 -56.75
C ALA D 502 18.68 5.55 -57.52
N PHE D 503 18.58 4.38 -56.88
CA PHE D 503 18.04 3.20 -57.53
C PHE D 503 16.52 3.12 -57.48
N LYS D 504 15.86 3.95 -56.67
CA LYS D 504 14.41 3.88 -56.55
C LYS D 504 13.72 4.27 -57.84
N TYR D 505 14.25 5.26 -58.54
CA TYR D 505 13.59 5.76 -59.74
C TYR D 505 13.68 4.78 -60.90
N TYR D 506 14.75 4.00 -60.97
CA TYR D 506 14.96 3.11 -62.11
C TYR D 506 14.20 1.81 -61.97
N ILE D 507 14.51 1.03 -60.93
CA ILE D 507 13.90 -0.27 -60.73
C ILE D 507 12.43 -0.13 -60.36
N MET E 1 -27.52 59.29 -35.44
CA MET E 1 -26.84 58.03 -35.14
C MET E 1 -27.04 57.01 -36.25
N LYS E 2 -25.95 56.38 -36.68
CA LYS E 2 -25.99 55.36 -37.71
C LYS E 2 -25.79 53.99 -37.08
N GLU E 3 -26.49 53.00 -37.60
CA GLU E 3 -26.47 51.65 -37.05
C GLU E 3 -25.45 50.78 -37.77
N LEU E 4 -24.68 50.02 -37.01
CA LEU E 4 -23.72 49.08 -37.55
C LEU E 4 -24.27 47.67 -37.41
N ILE E 5 -24.34 46.94 -38.52
CA ILE E 5 -24.78 45.56 -38.47
C ILE E 5 -23.64 44.67 -37.97
N TYR E 6 -23.99 43.46 -37.54
CA TYR E 6 -23.05 42.51 -37.01
C TYR E 6 -23.03 41.26 -37.87
N ILE E 7 -21.84 40.76 -38.17
CA ILE E 7 -21.66 39.53 -38.93
C ILE E 7 -21.11 38.48 -37.99
N GLU E 8 -21.87 37.40 -37.79
CA GLU E 8 -21.44 36.33 -36.92
C GLU E 8 -20.18 35.68 -37.46
N GLU E 9 -19.25 35.39 -36.57
CA GLU E 9 -17.96 34.87 -36.99
C GLU E 9 -18.11 33.47 -37.58
N PRO E 10 -17.37 33.14 -38.62
CA PRO E 10 -17.47 31.81 -39.23
C PRO E 10 -16.83 30.74 -38.35
N SER E 11 -17.12 29.50 -38.69
CA SER E 11 -16.62 28.34 -37.95
C SER E 11 -15.89 27.41 -38.90
N ILE E 12 -14.76 26.87 -38.43
CA ILE E 12 -13.92 25.98 -39.22
C ILE E 12 -14.15 24.55 -38.75
N LEU E 13 -14.05 23.61 -39.69
CA LEU E 13 -14.36 22.21 -39.44
C LEU E 13 -13.08 21.43 -39.19
N PHE E 14 -12.96 20.87 -37.99
CA PHE E 14 -11.84 20.04 -37.60
C PHE E 14 -12.20 18.56 -37.78
N ALA E 15 -11.38 17.68 -37.21
CA ALA E 15 -11.64 16.26 -37.30
C ALA E 15 -12.96 15.89 -36.64
N HIS E 16 -13.43 14.68 -36.93
CA HIS E 16 -14.65 14.10 -36.41
C HIS E 16 -15.90 14.88 -36.82
N GLY E 17 -15.78 15.81 -37.75
CA GLY E 17 -16.92 16.59 -38.18
C GLY E 17 -17.41 17.62 -37.18
N GLN E 18 -16.53 18.09 -36.31
CA GLN E 18 -16.90 19.06 -35.29
C GLN E 18 -16.40 20.45 -35.65
N LYS E 19 -17.13 21.46 -35.19
CA LYS E 19 -16.88 22.85 -35.54
C LYS E 19 -16.31 23.60 -34.33
N CYS E 20 -15.54 24.64 -34.63
CA CYS E 20 -14.99 25.51 -33.61
C CYS E 20 -14.65 26.85 -34.28
N THR E 21 -14.01 27.72 -33.52
CA THR E 21 -13.65 29.05 -34.03
C THR E 21 -12.16 29.32 -33.95
N ASP E 22 -11.51 28.97 -32.84
CA ASP E 22 -10.08 29.15 -32.70
C ASP E 22 -9.36 27.88 -33.13
N PRO E 23 -8.48 27.95 -34.14
CA PRO E 23 -7.73 26.74 -34.52
C PRO E 23 -6.89 26.18 -33.38
N ARG E 24 -6.31 27.05 -32.56
CA ARG E 24 -5.50 26.59 -31.43
C ARG E 24 -6.34 25.78 -30.45
N ASP E 25 -7.63 26.09 -30.34
CA ASP E 25 -8.51 25.40 -29.41
C ASP E 25 -9.20 24.19 -30.03
N GLY E 26 -9.36 24.18 -31.35
CA GLY E 26 -10.03 23.08 -32.02
C GLY E 26 -9.09 21.95 -32.40
N LEU E 27 -7.81 22.28 -32.59
CA LEU E 27 -6.85 21.22 -32.90
C LEU E 27 -6.53 20.38 -31.68
N ALA E 28 -6.49 21.00 -30.49
CA ALA E 28 -6.17 20.27 -29.28
C ALA E 28 -7.26 19.27 -28.92
N LEU E 29 -8.53 19.67 -29.06
CA LEU E 29 -9.63 18.81 -28.62
C LEU E 29 -9.95 17.73 -29.64
N PHE E 30 -9.85 18.03 -30.93
CA PHE E 30 -10.21 17.07 -31.97
C PHE E 30 -9.03 16.69 -32.85
N GLY E 31 -8.32 17.64 -33.43
CA GLY E 31 -7.15 17.35 -34.22
C GLY E 31 -7.34 17.52 -35.71
N PRO E 32 -6.29 17.27 -36.48
CA PRO E 32 -6.36 17.45 -37.93
C PRO E 32 -7.22 16.39 -38.59
N LEU E 33 -7.57 16.64 -39.85
CA LEU E 33 -8.54 15.82 -40.56
C LEU E 33 -7.91 14.58 -41.21
N ASN E 34 -6.69 14.68 -41.68
CA ASN E 34 -6.06 13.61 -42.45
C ASN E 34 -4.97 12.91 -41.64
N GLN E 35 -4.59 11.74 -42.12
CA GLN E 35 -3.61 10.89 -41.45
C GLN E 35 -2.34 10.82 -42.29
N ILE E 36 -1.32 11.55 -41.86
CA ILE E 36 0.05 11.33 -42.33
C ILE E 36 0.80 10.65 -41.19
N TYR E 37 1.58 9.64 -41.52
CA TYR E 37 2.13 8.77 -40.49
C TYR E 37 3.35 9.36 -39.80
N GLY E 38 4.02 10.33 -40.41
CA GLY E 38 5.18 10.94 -39.79
C GLY E 38 5.91 11.91 -40.69
N ILE E 39 6.74 12.76 -40.09
CA ILE E 39 7.51 13.76 -40.82
C ILE E 39 8.98 13.42 -40.65
N LYS E 40 9.62 13.01 -41.75
CA LYS E 40 11.04 12.71 -41.75
C LYS E 40 11.79 13.98 -42.16
N SER E 41 12.55 14.54 -41.24
CA SER E 41 13.12 15.86 -41.41
C SER E 41 14.49 15.80 -42.08
N GLY E 42 14.96 16.97 -42.52
CA GLY E 42 16.28 17.13 -43.08
C GLY E 42 16.84 18.50 -42.79
N VAL E 43 18.10 18.57 -42.39
CA VAL E 43 18.72 19.82 -41.94
C VAL E 43 19.90 20.13 -42.85
N VAL E 44 19.96 21.38 -43.30
CA VAL E 44 21.09 21.88 -44.09
C VAL E 44 21.63 23.09 -43.35
N GLY E 45 22.66 22.89 -42.54
CA GLY E 45 23.26 23.98 -41.81
C GLY E 45 24.49 23.51 -41.07
N THR E 46 25.06 24.41 -40.28
CA THR E 46 26.24 24.10 -39.48
C THR E 46 25.89 23.07 -38.41
N GLN E 47 26.92 22.43 -37.86
CA GLN E 47 26.71 21.43 -36.83
C GLN E 47 26.09 22.02 -35.57
N LYS E 48 26.42 23.27 -35.23
CA LYS E 48 25.73 23.92 -34.13
C LYS E 48 24.27 24.18 -34.47
N GLY E 49 23.97 24.44 -35.75
CA GLY E 49 22.58 24.51 -36.17
C GLY E 49 21.86 23.19 -35.97
N LEU E 50 22.55 22.07 -36.24
CA LEU E 50 21.95 20.77 -35.96
C LEU E 50 21.69 20.57 -34.48
N GLN E 51 22.63 20.98 -33.62
CA GLN E 51 22.43 20.84 -32.19
C GLN E 51 21.25 21.69 -31.72
N ILE E 52 21.16 22.94 -32.21
CA ILE E 52 20.06 23.82 -31.84
C ILE E 52 18.74 23.22 -32.29
N PHE E 53 18.69 22.71 -33.52
CA PHE E 53 17.44 22.15 -34.03
C PHE E 53 17.03 20.92 -33.24
N LYS E 54 17.98 20.04 -32.91
CA LYS E 54 17.62 18.84 -32.15
C LYS E 54 17.18 19.20 -30.74
N SER E 55 17.82 20.19 -30.12
CA SER E 55 17.40 20.65 -28.81
C SER E 55 15.98 21.19 -28.84
N TYR E 56 15.66 22.02 -29.85
CA TYR E 56 14.31 22.57 -29.95
C TYR E 56 13.29 21.48 -30.25
N LEU E 57 13.63 20.53 -31.12
CA LEU E 57 12.70 19.49 -31.49
C LEU E 57 12.46 18.53 -30.34
N ASP E 58 13.45 18.37 -29.45
CA ASP E 58 13.21 17.60 -28.23
C ASP E 58 12.41 18.41 -27.22
N LYS E 59 12.61 19.73 -27.17
CA LYS E 59 11.86 20.55 -26.22
C LYS E 59 10.37 20.58 -26.56
N ILE E 60 10.03 20.66 -27.84
CA ILE E 60 8.61 20.77 -28.22
C ILE E 60 7.86 19.45 -28.16
N GLN E 61 8.51 18.37 -27.74
CA GLN E 61 7.81 17.09 -27.58
C GLN E 61 6.97 17.04 -26.31
N LYS E 62 7.14 17.98 -25.39
CA LYS E 62 6.45 18.03 -24.12
C LYS E 62 5.74 19.37 -23.96
N PRO E 63 4.71 19.45 -23.12
CA PRO E 63 3.89 20.66 -23.07
C PRO E 63 4.68 21.91 -22.71
N ILE E 64 4.30 23.03 -23.33
CA ILE E 64 4.91 24.33 -23.10
C ILE E 64 3.80 25.31 -22.77
N TYR E 65 4.03 26.16 -21.78
CA TYR E 65 3.02 27.08 -21.26
C TYR E 65 3.37 28.52 -21.58
N ASN E 66 2.32 29.32 -21.81
CA ASN E 66 2.45 30.76 -21.99
C ASN E 66 2.23 31.48 -20.66
N HIS E 67 2.42 32.80 -20.67
CA HIS E 67 2.13 33.59 -19.47
C HIS E 67 0.63 33.73 -19.26
N ASN E 68 -0.13 33.98 -20.32
CA ASN E 68 -1.58 34.09 -20.26
C ASN E 68 -2.16 33.00 -21.16
N ASN E 69 -2.84 32.03 -20.55
CA ASN E 69 -3.37 30.90 -21.28
C ASN E 69 -4.78 31.13 -21.81
N ILE E 70 -5.34 32.31 -21.61
CA ILE E 70 -6.60 32.69 -22.23
C ILE E 70 -6.37 33.42 -23.54
N THR E 71 -5.44 34.39 -23.54
CA THR E 71 -5.07 35.07 -24.76
C THR E 71 -4.20 34.20 -25.65
N ARG E 72 -3.33 33.39 -25.06
CA ARG E 72 -2.38 32.56 -25.80
C ARG E 72 -2.44 31.14 -25.25
N PRO E 73 -3.24 30.25 -25.85
CA PRO E 73 -3.38 28.91 -25.30
C PRO E 73 -2.07 28.14 -25.27
N MET E 74 -1.98 27.22 -24.32
CA MET E 74 -0.78 26.40 -24.16
C MET E 74 -0.65 25.37 -25.28
N PHE E 75 0.51 24.75 -25.35
CA PHE E 75 0.82 23.75 -26.38
C PHE E 75 0.90 22.37 -25.76
N PRO E 76 -0.03 21.46 -26.05
CA PRO E 76 0.06 20.10 -25.47
C PRO E 76 1.32 19.35 -25.86
N GLY E 77 1.82 19.54 -27.07
CA GLY E 77 2.94 18.77 -27.58
C GLY E 77 2.57 18.24 -28.95
N PHE E 78 3.60 18.00 -29.78
CA PHE E 78 3.34 17.67 -31.18
C PHE E 78 2.54 16.38 -31.31
N GLU E 79 2.98 15.31 -30.65
CA GLU E 79 2.31 14.03 -30.81
C GLU E 79 0.91 14.04 -30.18
N ALA E 80 0.74 14.80 -29.10
CA ALA E 80 -0.57 14.89 -28.46
C ALA E 80 -1.56 15.63 -29.34
N VAL E 81 -1.11 16.66 -30.05
CA VAL E 81 -2.01 17.47 -30.87
C VAL E 81 -2.28 16.80 -32.20
N PHE E 82 -1.23 16.53 -32.98
CA PHE E 82 -1.40 16.13 -34.36
C PHE E 82 -1.48 14.62 -34.57
N GLY E 83 -1.09 13.83 -33.57
CA GLY E 83 -1.11 12.39 -33.76
C GLY E 83 -0.04 11.86 -34.68
N CYS E 84 1.01 12.64 -34.92
CA CYS E 84 2.12 12.27 -35.78
C CYS E 84 3.38 12.07 -34.95
N LYS E 85 4.44 11.66 -35.61
CA LYS E 85 5.74 11.48 -34.98
C LYS E 85 6.76 12.31 -35.75
N TRP E 86 7.20 13.42 -35.15
CA TRP E 86 8.24 14.27 -35.71
C TRP E 86 9.39 14.24 -34.71
N GLU E 87 10.24 13.23 -34.82
CA GLU E 87 11.25 12.95 -33.81
C GLU E 87 12.57 13.61 -34.16
N SER E 88 13.45 13.69 -33.15
CA SER E 88 14.77 14.26 -33.30
C SER E 88 15.85 13.20 -33.51
N GLN E 89 15.46 12.02 -33.97
CA GLN E 89 16.40 10.93 -34.23
C GLN E 89 16.38 10.47 -35.68
N ASN E 90 15.22 10.48 -36.33
CA ASN E 90 15.13 10.17 -37.76
C ASN E 90 15.35 11.45 -38.56
N ILE E 91 16.58 11.94 -38.50
CA ILE E 91 16.94 13.24 -39.03
C ILE E 91 18.11 13.09 -39.99
N VAL E 92 17.91 13.50 -41.23
CA VAL E 92 18.95 13.45 -42.26
C VAL E 92 19.69 14.78 -42.26
N PHE E 93 21.02 14.70 -42.20
CA PHE E 93 21.85 15.89 -42.03
C PHE E 93 22.82 16.04 -43.21
N LYS E 94 22.92 17.27 -43.72
CA LYS E 94 23.89 17.62 -44.75
C LYS E 94 24.64 18.86 -44.25
N GLU E 95 25.92 18.70 -43.98
CA GLU E 95 26.69 19.71 -43.27
C GLU E 95 27.23 20.78 -44.21
N ILE E 96 27.31 22.00 -43.70
CA ILE E 96 27.97 23.11 -44.36
C ILE E 96 29.07 23.60 -43.44
N THR E 97 30.31 23.47 -43.88
CA THR E 97 31.44 23.85 -43.05
C THR E 97 31.54 25.36 -42.93
N ASP E 98 32.10 25.82 -41.81
CA ASP E 98 32.28 27.25 -41.60
C ASP E 98 33.26 27.84 -42.61
N GLU E 99 34.21 27.04 -43.09
CA GLU E 99 35.16 27.51 -44.09
C GLU E 99 34.45 27.93 -45.36
N GLU E 100 33.48 27.13 -45.82
CA GLU E 100 32.74 27.47 -47.03
C GLU E 100 31.96 28.76 -46.85
N ILE E 101 31.32 28.92 -45.69
CA ILE E 101 30.54 30.13 -45.43
C ILE E 101 31.44 31.35 -45.42
N ARG E 102 32.58 31.27 -44.74
CA ARG E 102 33.50 32.40 -44.69
C ARG E 102 34.03 32.73 -46.07
N ARG E 103 34.38 31.71 -46.85
CA ARG E 103 34.87 31.93 -48.21
C ARG E 103 33.83 32.63 -49.07
N TYR E 104 32.57 32.20 -48.96
CA TYR E 104 31.53 32.75 -49.83
C TYR E 104 30.97 34.08 -49.34
N LEU E 105 31.20 34.46 -48.08
CA LEU E 105 30.68 35.72 -47.59
C LEU E 105 31.75 36.74 -47.20
N PHE E 106 33.03 36.44 -47.42
CA PHE E 106 34.08 37.32 -46.94
C PHE E 106 33.97 38.73 -47.49
N ASN E 107 34.20 38.92 -48.80
CA ASN E 107 33.96 40.22 -49.42
C ASN E 107 32.97 40.13 -50.57
N ALA E 108 33.27 39.33 -51.60
CA ALA E 108 32.47 39.16 -52.81
C ALA E 108 31.75 40.43 -53.24
N SER E 109 30.42 40.34 -53.36
CA SER E 109 29.56 41.47 -53.69
C SER E 109 28.27 41.28 -52.90
N THR E 110 27.20 41.97 -53.30
CA THR E 110 25.88 41.74 -52.71
C THR E 110 25.10 40.71 -53.51
N HIS E 111 24.82 41.01 -54.79
CA HIS E 111 24.15 40.07 -55.67
C HIS E 111 25.01 38.85 -55.98
N LYS E 112 26.32 38.90 -55.68
CA LYS E 112 27.17 37.73 -55.81
C LYS E 112 27.20 36.90 -54.54
N ARG E 113 27.23 37.56 -53.38
CA ARG E 113 27.16 36.83 -52.12
C ARG E 113 25.85 36.06 -52.00
N THR E 114 24.72 36.73 -52.29
CA THR E 114 23.44 36.06 -52.18
C THR E 114 23.35 34.89 -53.15
N TYR E 115 23.81 35.10 -54.39
CA TYR E 115 23.76 34.03 -55.38
C TYR E 115 24.64 32.86 -54.96
N ASP E 116 25.83 33.14 -54.44
CA ASP E 116 26.73 32.06 -54.03
C ASP E 116 26.16 31.25 -52.88
N LEU E 117 25.59 31.93 -51.88
CA LEU E 117 24.99 31.22 -50.75
C LEU E 117 23.81 30.37 -51.21
N VAL E 118 22.97 30.93 -52.09
CA VAL E 118 21.83 30.18 -52.61
C VAL E 118 22.31 28.95 -53.38
N THR E 119 23.36 29.12 -54.19
CA THR E 119 23.90 27.98 -54.93
C THR E 119 24.41 26.91 -53.99
N LEU E 120 25.10 27.30 -52.91
CA LEU E 120 25.61 26.30 -51.98
C LEU E 120 24.48 25.50 -51.35
N PHE E 121 23.50 26.20 -50.77
CA PHE E 121 22.41 25.51 -50.08
C PHE E 121 21.59 24.67 -51.06
N ASN E 122 21.30 25.20 -52.24
CA ASN E 122 20.50 24.46 -53.20
C ASN E 122 21.26 23.27 -53.76
N ASP E 123 22.58 23.40 -53.95
CA ASP E 123 23.36 22.26 -54.40
C ASP E 123 23.27 21.13 -53.38
N LYS E 124 23.43 21.47 -52.10
CA LYS E 124 23.31 20.44 -51.07
C LYS E 124 21.93 19.79 -51.10
N ILE E 125 20.87 20.59 -51.14
CA ILE E 125 19.52 20.05 -51.05
C ILE E 125 19.20 19.20 -52.28
N ILE E 126 19.47 19.71 -53.48
CA ILE E 126 19.11 19.00 -54.69
C ILE E 126 19.94 17.73 -54.83
N THR E 127 21.24 17.79 -54.51
CA THR E 127 22.06 16.59 -54.57
C THR E 127 21.53 15.54 -53.60
N ALA E 128 21.22 15.92 -52.36
CA ALA E 128 20.65 14.97 -51.43
C ALA E 128 19.32 14.42 -51.93
N ASN E 129 18.57 15.21 -52.69
CA ASN E 129 17.28 14.75 -53.17
C ASN E 129 17.42 13.72 -54.29
N LYS E 130 18.33 13.97 -55.25
CA LYS E 130 18.34 13.13 -56.43
C LYS E 130 19.12 11.84 -56.23
N ASN E 131 20.30 11.90 -55.60
CA ASN E 131 21.13 10.71 -55.41
C ASN E 131 21.25 10.42 -53.91
N ASP E 132 20.26 9.72 -53.39
CA ASP E 132 20.18 9.24 -52.00
C ASP E 132 18.96 8.33 -51.89
N GLU E 133 18.98 7.47 -50.89
CA GLU E 133 17.90 6.54 -50.65
C GLU E 133 16.92 7.01 -49.58
N GLU E 134 17.42 7.64 -48.52
CA GLU E 134 16.56 8.08 -47.43
C GLU E 134 15.56 9.12 -47.92
N ARG E 135 14.33 9.02 -47.44
CA ARG E 135 13.26 9.91 -47.84
C ARG E 135 13.17 11.07 -46.86
N VAL E 136 13.15 12.29 -47.39
CA VAL E 136 12.99 13.51 -46.60
C VAL E 136 11.76 14.24 -47.09
N ASP E 137 10.86 14.57 -46.17
CA ASP E 137 9.60 15.23 -46.53
C ASP E 137 9.73 16.75 -46.49
N VAL E 138 10.32 17.29 -45.43
CA VAL E 138 10.51 18.73 -45.28
C VAL E 138 11.98 18.99 -45.00
N TRP E 139 12.56 19.96 -45.71
CA TRP E 139 13.95 20.34 -45.53
C TRP E 139 14.01 21.59 -44.67
N PHE E 140 14.77 21.54 -43.58
CA PHE E 140 14.86 22.63 -42.63
C PHE E 140 16.22 23.30 -42.78
N VAL E 141 16.23 24.52 -43.30
CA VAL E 141 17.46 25.27 -43.56
C VAL E 141 17.72 26.14 -42.34
N ILE E 142 18.68 25.74 -41.51
CA ILE E 142 19.05 26.50 -40.32
C ILE E 142 20.10 27.51 -40.74
N VAL E 143 19.70 28.78 -40.79
CA VAL E 143 20.54 29.85 -41.32
C VAL E 143 21.30 30.48 -40.16
N PRO E 144 22.64 30.48 -40.18
CA PRO E 144 23.39 31.15 -39.12
C PRO E 144 23.08 32.64 -39.04
N GLU E 145 23.62 33.29 -38.01
CA GLU E 145 23.32 34.68 -37.77
C GLU E 145 24.00 35.60 -38.78
N GLU E 146 25.16 35.21 -39.30
CA GLU E 146 25.90 36.06 -40.22
C GLU E 146 25.42 35.96 -41.66
N ILE E 147 24.54 35.03 -41.97
CA ILE E 147 24.03 34.87 -43.33
C ILE E 147 22.82 35.77 -43.57
N TYR E 148 21.97 35.95 -42.57
CA TYR E 148 20.76 36.76 -42.70
C TYR E 148 21.03 38.26 -42.56
N LYS E 149 22.29 38.68 -42.69
CA LYS E 149 22.63 40.09 -42.61
C LYS E 149 23.67 40.46 -43.67
N GLN E 205 16.02 38.76 -49.50
CA GLN E 205 16.66 38.58 -50.79
C GLN E 205 17.16 37.14 -50.96
N PHE E 206 17.66 36.55 -49.88
CA PHE E 206 18.14 35.18 -49.91
C PHE E 206 16.97 34.19 -49.90
N HIS E 207 15.92 34.50 -49.12
CA HIS E 207 14.81 33.57 -48.97
C HIS E 207 14.06 33.38 -50.27
N ASP E 208 13.75 34.47 -50.98
CA ASP E 208 13.01 34.37 -52.23
C ASP E 208 13.81 33.62 -53.29
N GLN E 209 15.12 33.91 -53.39
CA GLN E 209 15.97 33.20 -54.34
C GLN E 209 16.00 31.71 -54.03
N LEU E 210 16.19 31.36 -52.75
CA LEU E 210 16.20 29.96 -52.36
C LEU E 210 14.90 29.28 -52.75
N LYS E 211 13.77 29.91 -52.43
CA LYS E 211 12.48 29.27 -52.68
C LYS E 211 12.20 29.13 -54.17
N ALA E 212 12.61 30.11 -54.99
CA ALA E 212 12.37 29.99 -56.42
C ALA E 212 13.25 28.92 -57.05
N ARG E 213 14.55 28.93 -56.71
CA ARG E 213 15.44 27.94 -57.31
C ARG E 213 15.16 26.52 -56.81
N LEU E 214 14.47 26.39 -55.67
CA LEU E 214 13.99 25.06 -55.27
C LEU E 214 12.65 24.72 -55.93
N LEU E 215 11.77 25.72 -56.07
CA LEU E 215 10.57 25.60 -56.89
C LEU E 215 10.88 25.00 -58.25
N GLU E 216 12.09 25.27 -58.76
CA GLU E 216 12.49 24.65 -60.01
C GLU E 216 12.39 23.12 -59.96
N HIS E 217 12.56 22.52 -58.77
CA HIS E 217 12.49 21.06 -58.62
C HIS E 217 11.39 20.59 -57.67
N THR E 218 10.56 21.49 -57.15
CA THR E 218 9.41 21.13 -56.31
C THR E 218 9.82 20.34 -55.07
N ILE E 219 10.55 21.03 -54.19
CA ILE E 219 10.99 20.48 -52.92
C ILE E 219 10.48 21.37 -51.79
N PRO E 220 9.65 20.86 -50.87
CA PRO E 220 9.24 21.68 -49.72
C PRO E 220 10.43 22.08 -48.86
N THR E 221 10.36 23.27 -48.30
CA THR E 221 11.49 23.83 -47.55
C THR E 221 10.95 24.73 -46.44
N GLN E 222 11.76 24.92 -45.40
CA GLN E 222 11.42 25.84 -44.33
C GLN E 222 12.69 26.44 -43.78
N ILE E 223 12.82 27.77 -43.88
CA ILE E 223 13.98 28.47 -43.36
C ILE E 223 13.74 28.81 -41.89
N LEU E 224 14.73 28.51 -41.06
CA LEU E 224 14.63 28.75 -39.62
C LEU E 224 15.95 29.36 -39.15
N ARG E 225 15.93 30.65 -38.82
CA ARG E 225 17.12 31.28 -38.30
C ARG E 225 17.42 30.76 -36.89
N GLU E 226 18.69 30.85 -36.51
CA GLU E 226 19.11 30.34 -35.20
C GLU E 226 18.64 31.21 -34.06
N SER E 227 18.30 32.48 -34.32
CA SER E 227 17.80 33.34 -33.26
C SER E 227 16.40 32.94 -32.81
N THR E 228 15.62 32.34 -33.70
CA THR E 228 14.27 31.92 -33.34
C THR E 228 14.29 30.74 -32.38
N LEU E 229 15.15 29.76 -32.62
CA LEU E 229 15.17 28.53 -31.85
C LEU E 229 16.05 28.60 -30.61
N ALA E 230 16.98 29.54 -30.55
CA ALA E 230 17.92 29.67 -29.44
C ALA E 230 18.00 31.12 -29.00
N TRP E 231 16.83 31.74 -28.79
CA TRP E 231 16.77 33.16 -28.49
C TRP E 231 17.48 33.54 -27.20
N ARG E 232 17.63 32.61 -26.27
CA ARG E 232 18.31 32.94 -25.01
C ARG E 232 19.82 33.07 -25.18
N ASP E 233 20.40 32.28 -26.09
CA ASP E 233 21.86 32.29 -26.24
C ASP E 233 22.33 33.59 -26.90
N PHE E 234 21.61 34.07 -27.91
CA PHE E 234 22.02 35.27 -28.65
C PHE E 234 21.63 36.50 -27.82
N LYS E 235 22.37 36.69 -26.73
CA LYS E 235 22.06 37.76 -25.79
C LYS E 235 22.21 39.13 -26.43
N ASN E 236 23.43 39.48 -26.83
CA ASN E 236 23.74 40.80 -27.37
C ASN E 236 23.33 41.91 -26.39
N THR E 237 23.22 43.14 -26.90
CA THR E 237 22.80 44.32 -26.12
C THR E 237 23.72 44.41 -24.89
N PHE E 238 23.17 44.56 -23.68
CA PHE E 238 23.97 44.62 -22.47
C PHE E 238 23.66 43.46 -21.51
N GLY E 239 23.00 42.42 -22.00
CA GLY E 239 22.65 41.29 -21.18
C GLY E 239 21.21 40.84 -21.35
N ALA E 240 20.47 41.52 -22.22
CA ALA E 240 19.09 41.18 -22.48
C ALA E 240 18.93 40.68 -23.91
N PRO E 241 18.12 39.64 -24.14
CA PRO E 241 17.96 39.11 -25.49
C PRO E 241 17.36 40.15 -26.43
N ILE E 242 17.76 40.07 -27.69
CA ILE E 242 17.26 41.00 -28.70
C ILE E 242 15.76 40.81 -28.90
N ARG E 243 15.28 39.57 -28.81
CA ARG E 243 13.85 39.26 -28.90
C ARG E 243 13.56 38.16 -27.89
N ASP E 244 13.00 38.53 -26.74
CA ASP E 244 12.69 37.56 -25.71
C ASP E 244 11.34 36.91 -25.98
N PHE E 245 11.31 35.58 -25.95
CA PHE E 245 10.11 34.80 -26.21
C PHE E 245 9.52 34.22 -24.93
N SER E 246 9.97 34.70 -23.77
CA SER E 246 9.68 34.04 -22.50
C SER E 246 8.18 33.92 -22.26
N LYS E 247 7.42 34.94 -22.62
CA LYS E 247 5.99 34.95 -22.36
C LYS E 247 5.16 34.41 -23.53
N ILE E 248 5.79 34.06 -24.65
CA ILE E 248 5.06 33.65 -25.83
C ILE E 248 5.54 32.29 -26.33
N GLU E 249 6.29 31.56 -25.49
CA GLU E 249 6.91 30.31 -25.91
C GLU E 249 5.91 29.23 -26.27
N GLY E 250 4.62 29.43 -26.01
CA GLY E 250 3.62 28.46 -26.40
C GLY E 250 3.02 28.77 -27.75
N HIS E 251 3.26 30.00 -28.24
CA HIS E 251 2.78 30.40 -29.56
C HIS E 251 3.80 30.07 -30.65
N LEU E 252 5.09 30.21 -30.34
CA LEU E 252 6.14 29.82 -31.28
C LEU E 252 6.04 28.35 -31.64
N ALA E 253 5.86 27.50 -30.63
CA ALA E 253 5.73 26.07 -30.88
C ALA E 253 4.49 25.76 -31.71
N TRP E 254 3.37 26.39 -31.37
CA TRP E 254 2.14 26.19 -32.15
C TRP E 254 2.36 26.53 -33.62
N THR E 255 2.96 27.69 -33.88
CA THR E 255 3.11 28.16 -35.26
C THR E 255 4.08 27.28 -36.03
N ILE E 256 5.23 26.95 -35.43
CA ILE E 256 6.20 26.11 -36.11
C ILE E 256 5.62 24.73 -36.39
N SER E 257 4.93 24.15 -35.41
CA SER E 257 4.36 22.81 -35.59
C SER E 257 3.31 22.80 -36.68
N THR E 258 2.43 23.81 -36.71
CA THR E 258 1.39 23.80 -37.74
C THR E 258 1.98 24.04 -39.13
N ALA E 259 3.01 24.89 -39.23
CA ALA E 259 3.66 25.07 -40.52
C ALA E 259 4.31 23.78 -41.00
N ALA E 260 5.02 23.09 -40.10
CA ALA E 260 5.67 21.84 -40.46
C ALA E 260 4.64 20.78 -40.86
N TYR E 261 3.52 20.72 -40.14
CA TYR E 261 2.48 19.75 -40.48
C TYR E 261 1.89 20.03 -41.85
N TYR E 262 1.62 21.30 -42.15
CA TYR E 262 1.03 21.61 -43.45
C TYR E 262 2.01 21.34 -44.58
N LYS E 263 3.28 21.70 -44.39
CA LYS E 263 4.26 21.51 -45.47
C LYS E 263 4.62 20.06 -45.70
N ALA E 264 4.19 19.14 -44.84
CA ALA E 264 4.49 17.72 -44.98
C ALA E 264 3.29 16.92 -45.47
N GLY E 265 2.33 17.56 -46.11
CA GLY E 265 1.17 16.87 -46.64
C GLY E 265 0.00 16.74 -45.70
N GLY E 266 -0.06 17.55 -44.63
CA GLY E 266 -1.14 17.48 -43.68
C GLY E 266 -2.22 18.52 -43.94
N LYS E 267 -3.40 18.25 -43.40
CA LYS E 267 -4.55 19.14 -43.52
C LYS E 267 -5.02 19.56 -42.13
N PRO E 268 -4.60 20.73 -41.64
CA PRO E 268 -4.96 21.12 -40.27
C PRO E 268 -6.45 21.29 -40.04
N TRP E 269 -7.09 22.16 -40.82
CA TRP E 269 -8.52 22.40 -40.69
C TRP E 269 -9.09 22.73 -42.07
N LYS E 270 -10.39 23.03 -42.10
CA LYS E 270 -11.06 23.30 -43.35
C LYS E 270 -12.28 24.17 -43.09
N LEU E 271 -12.72 24.86 -44.14
CA LEU E 271 -13.89 25.74 -44.06
C LEU E 271 -15.16 24.96 -44.37
N GLY E 272 -16.24 25.34 -43.67
CA GLY E 272 -17.51 24.66 -43.88
C GLY E 272 -18.64 25.57 -44.32
N ASP E 273 -18.61 26.84 -43.92
CA ASP E 273 -19.70 27.77 -44.21
C ASP E 273 -19.33 28.68 -45.38
N ILE E 274 -19.45 28.13 -46.58
CA ILE E 274 -19.25 28.89 -47.82
C ILE E 274 -20.22 28.34 -48.86
N ARG E 275 -20.65 29.23 -49.75
CA ARG E 275 -21.67 28.84 -50.73
C ARG E 275 -21.14 27.78 -51.68
N PRO E 276 -21.82 26.65 -51.82
CA PRO E 276 -21.40 25.66 -52.81
C PRO E 276 -21.53 26.18 -54.23
N GLY E 277 -20.54 25.86 -55.05
CA GLY E 277 -20.60 26.20 -56.46
C GLY E 277 -19.75 27.40 -56.85
N VAL E 278 -19.74 28.43 -56.01
CA VAL E 278 -19.05 29.67 -56.34
C VAL E 278 -17.55 29.49 -56.16
N CYS E 279 -16.78 30.17 -57.00
CA CYS E 279 -15.32 30.20 -56.90
C CYS E 279 -14.88 31.47 -56.17
N TYR E 280 -13.57 31.55 -55.92
CA TYR E 280 -12.99 32.69 -55.22
C TYR E 280 -11.60 32.93 -55.79
N LEU E 281 -11.45 33.95 -56.62
CA LEU E 281 -10.17 34.32 -57.21
C LEU E 281 -9.67 35.62 -56.62
N GLY E 282 -8.38 35.67 -56.33
CA GLY E 282 -7.77 36.89 -55.81
C GLY E 282 -6.59 37.33 -56.64
N LEU E 283 -6.69 38.50 -57.27
CA LEU E 283 -5.67 39.00 -58.19
C LEU E 283 -4.82 40.07 -57.50
N VAL E 284 -3.50 39.90 -57.57
CA VAL E 284 -2.56 40.85 -57.01
C VAL E 284 -1.51 41.16 -58.08
N TYR E 285 -1.21 42.44 -58.26
CA TYR E 285 -0.24 42.89 -59.26
C TYR E 285 1.07 43.25 -58.56
N LYS E 286 2.17 42.75 -59.10
CA LYS E 286 3.51 43.04 -58.60
C LYS E 286 4.33 43.70 -59.69
N LYS E 287 5.21 44.62 -59.27
CA LYS E 287 6.05 45.35 -60.21
C LYS E 287 7.34 44.56 -60.44
N ILE E 288 7.38 43.83 -61.56
CA ILE E 288 8.63 43.21 -62.02
C ILE E 288 9.53 44.24 -62.67
N GLU E 289 9.10 45.51 -62.71
CA GLU E 289 9.83 46.58 -63.38
C GLU E 289 11.21 46.82 -62.81
N LYS E 290 11.60 46.14 -61.72
CA LYS E 290 12.94 46.32 -61.18
C LYS E 290 14.01 45.93 -62.18
N SER E 291 13.70 45.05 -63.11
CA SER E 291 14.63 44.61 -64.15
C SER E 291 14.32 45.34 -65.46
N LYS E 292 15.01 44.92 -66.52
CA LYS E 292 14.79 45.53 -67.83
C LYS E 292 13.39 45.20 -68.35
N ASN E 293 12.92 46.05 -69.27
CA ASN E 293 11.57 45.93 -69.83
C ASN E 293 10.54 46.01 -68.70
N PRO E 294 10.34 47.19 -68.11
CA PRO E 294 9.41 47.30 -66.98
C PRO E 294 8.01 46.78 -67.32
N GLN E 295 7.44 46.03 -66.38
CA GLN E 295 6.16 45.38 -66.60
C GLN E 295 5.45 45.23 -65.27
N ASN E 296 4.24 44.66 -65.31
CA ASN E 296 3.43 44.44 -64.12
C ASN E 296 2.88 43.02 -64.20
N ALA E 297 3.31 42.16 -63.29
CA ALA E 297 2.87 40.77 -63.29
C ALA E 297 1.65 40.61 -62.39
N CYS E 298 0.75 39.71 -62.80
CA CYS E 298 -0.47 39.42 -62.05
C CYS E 298 -0.45 37.96 -61.62
N CYS E 299 -0.90 37.72 -60.39
CA CYS E 299 -0.97 36.38 -59.81
C CYS E 299 -2.34 36.17 -59.18
N ALA E 300 -2.77 34.91 -59.10
CA ALA E 300 -4.10 34.58 -58.62
C ALA E 300 -4.03 33.42 -57.64
N ALA E 301 -5.16 33.17 -57.00
CA ALA E 301 -5.31 32.05 -56.07
C ALA E 301 -6.79 31.69 -56.00
N GLN E 302 -7.10 30.40 -56.08
CA GLN E 302 -8.47 29.92 -56.12
C GLN E 302 -8.82 29.18 -54.84
N MET E 303 -10.02 29.46 -54.31
CA MET E 303 -10.58 28.74 -53.17
C MET E 303 -12.01 28.31 -53.49
N PHE E 304 -12.15 27.14 -54.11
CA PHE E 304 -13.46 26.55 -54.35
C PHE E 304 -13.65 25.30 -53.50
N LEU E 305 -14.88 24.82 -53.45
CA LEU E 305 -15.24 23.68 -52.62
C LEU E 305 -15.36 22.42 -53.47
N ASP E 306 -14.98 21.29 -52.89
CA ASP E 306 -15.00 20.02 -53.60
C ASP E 306 -16.45 19.60 -53.89
N ASN E 307 -16.58 18.50 -54.64
CA ASN E 307 -17.90 18.01 -54.99
C ASN E 307 -18.72 17.63 -53.76
N GLY E 308 -18.06 17.36 -52.64
CA GLY E 308 -18.75 17.17 -51.38
C GLY E 308 -17.80 17.00 -50.22
N ASP E 309 -18.02 17.76 -49.16
CA ASP E 309 -17.23 17.69 -47.93
C ASP E 309 -15.73 17.82 -48.22
N GLY E 310 -15.35 18.99 -48.73
CA GLY E 310 -13.96 19.23 -49.04
C GLY E 310 -13.70 20.69 -49.33
N THR E 311 -12.43 21.07 -49.25
CA THR E 311 -11.99 22.42 -49.55
C THR E 311 -10.73 22.35 -50.39
N VAL E 312 -10.68 23.17 -51.44
CA VAL E 312 -9.52 23.25 -52.33
C VAL E 312 -8.96 24.67 -52.27
N PHE E 313 -7.68 24.78 -51.96
CA PHE E 313 -7.01 26.07 -51.81
C PHE E 313 -5.64 25.97 -52.48
N LYS E 314 -5.57 26.38 -53.75
CA LYS E 314 -4.33 26.32 -54.50
C LYS E 314 -4.04 27.68 -55.14
N GLY E 315 -3.02 27.72 -55.99
CA GLY E 315 -2.71 28.93 -56.73
C GLY E 315 -3.08 28.84 -58.19
N GLU E 316 -3.24 29.98 -58.85
CA GLU E 316 -3.54 30.04 -60.28
C GLU E 316 -2.51 30.99 -60.89
N VAL E 317 -1.37 30.43 -61.30
CA VAL E 317 -0.23 31.25 -61.71
C VAL E 317 0.19 30.92 -63.13
N GLY E 318 1.29 31.51 -63.57
CA GLY E 318 1.59 31.64 -64.97
C GLY E 318 1.67 33.10 -65.33
N PRO E 319 2.23 33.93 -64.42
CA PRO E 319 1.87 35.36 -64.35
C PRO E 319 1.70 36.06 -65.67
N TRP E 320 0.54 36.71 -65.83
CA TRP E 320 0.21 37.42 -67.06
C TRP E 320 0.66 38.87 -66.91
N TYR E 321 1.58 39.30 -67.76
CA TYR E 321 2.28 40.57 -67.62
C TYR E 321 1.47 41.70 -68.25
N ASN E 322 1.98 42.92 -68.06
CA ASN E 322 1.39 44.12 -68.64
C ASN E 322 2.50 45.08 -69.02
N PRO E 323 2.65 45.41 -70.31
CA PRO E 323 3.82 46.18 -70.76
C PRO E 323 3.86 47.62 -70.27
N GLU E 324 2.76 48.16 -69.75
CA GLU E 324 2.72 49.57 -69.38
C GLU E 324 3.44 49.78 -68.05
N LYS E 325 3.38 51.01 -67.53
CA LYS E 325 4.11 51.37 -66.32
C LYS E 325 3.21 51.45 -65.09
N GLY E 326 2.17 52.27 -65.15
CA GLY E 326 1.21 52.37 -64.06
C GLY E 326 -0.13 51.70 -64.32
N GLU E 327 -0.22 50.85 -65.34
CA GLU E 327 -1.48 50.22 -65.71
C GLU E 327 -1.62 48.92 -64.93
N TYR E 328 -2.16 49.03 -63.71
CA TYR E 328 -2.45 47.86 -62.88
C TYR E 328 -3.73 47.19 -63.36
N HIS E 329 -3.72 46.78 -64.62
CA HIS E 329 -4.86 46.18 -65.28
C HIS E 329 -4.37 45.05 -66.17
N LEU E 330 -5.30 44.44 -66.91
CA LEU E 330 -4.99 43.26 -67.70
C LEU E 330 -5.51 43.42 -69.12
N LYS E 331 -4.83 42.78 -70.05
CA LYS E 331 -5.21 42.81 -71.45
C LYS E 331 -6.31 41.78 -71.72
N PRO E 332 -7.09 41.98 -72.78
CA PRO E 332 -8.20 41.03 -73.06
C PRO E 332 -7.75 39.59 -73.19
N LYS E 333 -6.67 39.32 -73.92
CA LYS E 333 -6.23 37.94 -74.12
C LYS E 333 -5.78 37.31 -72.81
N GLU E 334 -5.03 38.05 -72.01
CA GLU E 334 -4.56 37.54 -70.72
C GLU E 334 -5.73 37.27 -69.78
N ALA E 335 -6.72 38.16 -69.77
CA ALA E 335 -7.90 37.95 -68.95
C ALA E 335 -8.67 36.71 -69.38
N LYS E 336 -8.81 36.52 -70.70
CA LYS E 336 -9.49 35.32 -71.20
C LYS E 336 -8.73 34.07 -70.78
N ALA E 337 -7.40 34.08 -70.90
CA ALA E 337 -6.61 32.92 -70.51
C ALA E 337 -6.76 32.62 -69.03
N LEU E 338 -6.73 33.66 -68.19
CA LEU E 338 -6.83 33.46 -66.75
C LEU E 338 -8.19 32.85 -66.38
N LEU E 339 -9.27 33.43 -66.92
CA LEU E 339 -10.59 32.91 -66.58
C LEU E 339 -10.77 31.48 -67.09
N THR E 340 -10.30 31.20 -68.31
CA THR E 340 -10.44 29.84 -68.84
C THR E 340 -9.66 28.84 -67.98
N GLN E 341 -8.45 29.20 -67.58
CA GLN E 341 -7.66 28.29 -66.75
C GLN E 341 -8.35 28.02 -65.42
N ALA E 342 -8.86 29.07 -64.77
CA ALA E 342 -9.54 28.89 -63.49
C ALA E 342 -10.80 28.03 -63.64
N LEU E 343 -11.58 28.28 -64.70
CA LEU E 343 -12.81 27.54 -64.90
C LEU E 343 -12.52 26.07 -65.18
N GLU E 344 -11.50 25.78 -66.00
CA GLU E 344 -11.16 24.39 -66.26
C GLU E 344 -10.62 23.71 -65.00
N SER E 345 -9.87 24.45 -64.17
CA SER E 345 -9.40 23.89 -62.91
C SER E 345 -10.57 23.49 -62.02
N TYR E 346 -11.59 24.34 -61.93
CA TYR E 346 -12.77 23.99 -61.14
C TYR E 346 -13.50 22.79 -61.75
N LYS E 347 -13.66 22.78 -63.08
CA LYS E 347 -14.46 21.74 -63.72
C LYS E 347 -13.77 20.38 -63.67
N GLU E 348 -12.44 20.35 -63.69
CA GLU E 348 -11.74 19.07 -63.61
C GLU E 348 -11.99 18.39 -62.27
N GLN E 349 -12.21 19.17 -61.21
CA GLN E 349 -12.45 18.60 -59.89
C GLN E 349 -13.94 18.32 -59.64
N ASN E 350 -14.80 19.29 -59.90
CA ASN E 350 -16.22 19.13 -59.60
C ASN E 350 -17.02 18.52 -60.75
N LYS E 351 -16.39 18.25 -61.89
CA LYS E 351 -17.04 17.62 -63.04
C LYS E 351 -18.24 18.43 -63.53
N SER E 352 -18.25 19.73 -63.26
CA SER E 352 -19.32 20.61 -63.70
C SER E 352 -18.80 22.03 -63.68
N TYR E 353 -19.50 22.91 -64.39
CA TYR E 353 -19.09 24.30 -64.44
C TYR E 353 -19.61 25.06 -63.22
N PRO E 354 -18.94 26.13 -62.81
CA PRO E 354 -19.38 26.86 -61.62
C PRO E 354 -20.75 27.49 -61.81
N LYS E 355 -21.28 28.02 -60.71
CA LYS E 355 -22.53 28.76 -60.73
C LYS E 355 -22.33 30.26 -60.60
N GLU E 356 -21.22 30.69 -60.00
CA GLU E 356 -20.88 32.09 -59.85
C GLU E 356 -19.38 32.19 -59.64
N VAL E 357 -18.77 33.24 -60.20
CA VAL E 357 -17.35 33.51 -60.01
C VAL E 357 -17.22 34.79 -59.20
N PHE E 358 -16.43 34.73 -58.14
CA PHE E 358 -16.29 35.81 -57.18
C PHE E 358 -14.86 36.32 -57.26
N ILE E 359 -14.63 37.29 -58.15
CA ILE E 359 -13.30 37.86 -58.34
C ILE E 359 -13.14 39.05 -57.39
N HIS E 360 -12.05 39.07 -56.65
CA HIS E 360 -11.73 40.18 -55.77
C HIS E 360 -10.28 40.58 -55.95
N ALA E 361 -9.99 41.86 -55.72
CA ALA E 361 -8.64 42.38 -55.85
C ALA E 361 -8.56 43.68 -55.08
N ARG E 362 -7.35 44.22 -54.99
CA ARG E 362 -7.10 45.49 -54.33
C ARG E 362 -7.31 46.68 -55.26
N THR E 363 -7.60 46.44 -56.53
CA THR E 363 -7.75 47.49 -57.53
C THR E 363 -9.08 47.34 -58.24
N ARG E 364 -9.44 48.37 -59.01
CA ARG E 364 -10.68 48.37 -59.77
C ARG E 364 -10.54 47.53 -61.03
N PHE E 365 -11.69 47.22 -61.63
CA PHE E 365 -11.75 46.47 -62.88
C PHE E 365 -12.33 47.37 -63.96
N ASN E 366 -11.59 47.55 -65.05
CA ASN E 366 -12.07 48.38 -66.14
C ASN E 366 -13.02 47.58 -67.03
N ASP E 367 -13.68 48.29 -67.94
CA ASP E 367 -14.65 47.67 -68.84
C ASP E 367 -14.00 46.87 -69.95
N GLU E 368 -12.68 46.99 -70.14
CA GLU E 368 -12.01 46.27 -71.21
C GLU E 368 -11.74 44.81 -70.84
N GLU E 369 -11.56 44.51 -69.55
CA GLU E 369 -11.35 43.14 -69.12
C GLU E 369 -12.65 42.44 -68.77
N TRP E 370 -13.62 43.15 -68.20
CA TRP E 370 -14.88 42.51 -67.84
C TRP E 370 -15.64 42.02 -69.06
N ASN E 371 -15.50 42.72 -70.19
CA ASN E 371 -16.11 42.25 -71.43
C ASN E 371 -15.51 40.92 -71.86
N ALA E 372 -14.19 40.79 -71.78
CA ALA E 372 -13.56 39.51 -72.09
C ALA E 372 -14.01 38.43 -71.12
N PHE E 373 -14.07 38.76 -69.83
CA PHE E 373 -14.53 37.80 -68.83
C PHE E 373 -15.92 37.28 -69.15
N ASN E 374 -16.83 38.19 -69.52
CA ASN E 374 -18.18 37.78 -69.91
C ASN E 374 -18.19 37.04 -71.24
N GLU E 375 -17.22 37.33 -72.10
CA GLU E 375 -17.15 36.64 -73.39
C GLU E 375 -16.77 35.17 -73.21
N VAL E 376 -15.91 34.88 -72.24
CA VAL E 376 -15.47 33.50 -72.05
C VAL E 376 -16.34 32.71 -71.07
N THR E 377 -17.14 33.37 -70.25
CA THR E 377 -17.95 32.65 -69.27
C THR E 377 -19.10 31.94 -69.98
N PRO E 378 -19.31 30.65 -69.71
CA PRO E 378 -20.38 29.91 -70.41
C PRO E 378 -21.67 29.84 -69.62
N LYS E 379 -22.75 29.46 -70.30
CA LYS E 379 -24.03 29.09 -69.69
C LYS E 379 -24.49 30.22 -68.76
N ASN E 380 -24.76 29.94 -67.49
CA ASN E 380 -25.31 30.92 -66.57
C ASN E 380 -24.37 31.16 -65.39
N THR E 381 -23.07 31.21 -65.67
CA THR E 381 -22.06 31.47 -64.64
C THR E 381 -21.92 32.97 -64.46
N ASN E 382 -22.52 33.50 -63.40
CA ASN E 382 -22.44 34.92 -63.11
C ASN E 382 -21.05 35.29 -62.59
N LEU E 383 -20.72 36.56 -62.69
CA LEU E 383 -19.44 37.09 -62.22
C LEU E 383 -19.69 38.31 -61.33
N VAL E 384 -18.86 38.45 -60.29
CA VAL E 384 -18.93 39.57 -59.38
C VAL E 384 -17.51 40.08 -59.13
N GLY E 385 -17.32 41.39 -59.26
CA GLY E 385 -16.03 42.02 -59.02
C GLY E 385 -16.08 42.85 -57.75
N VAL E 386 -15.13 42.58 -56.85
CA VAL E 386 -15.06 43.23 -55.55
C VAL E 386 -13.68 43.84 -55.38
N THR E 387 -13.64 45.04 -54.80
CA THR E 387 -12.39 45.75 -54.53
C THR E 387 -12.25 45.96 -53.04
N ILE E 388 -11.10 45.58 -52.48
CA ILE E 388 -10.88 45.60 -51.04
C ILE E 388 -9.71 46.55 -50.77
N THR E 389 -10.03 47.81 -50.51
CA THR E 389 -9.04 48.76 -50.04
C THR E 389 -8.81 48.53 -48.54
N LYS E 390 -7.69 49.05 -48.04
CA LYS E 390 -7.27 48.72 -46.69
C LYS E 390 -7.13 49.90 -45.74
N SER E 391 -6.68 51.06 -46.20
CA SER E 391 -6.32 52.15 -45.30
C SER E 391 -7.07 53.43 -45.64
N LYS E 392 -8.37 53.33 -45.84
CA LYS E 392 -9.19 54.54 -45.94
C LYS E 392 -9.44 55.10 -44.54
N PRO E 393 -9.23 56.39 -44.31
CA PRO E 393 -9.20 56.96 -42.94
C PRO E 393 -10.56 57.14 -42.27
N LEU E 394 -11.06 56.05 -41.67
CA LEU E 394 -12.23 56.10 -40.81
C LEU E 394 -11.94 55.28 -39.55
N LYS E 395 -11.93 55.95 -38.41
CA LYS E 395 -11.64 55.30 -37.13
C LYS E 395 -12.82 55.53 -36.19
N LEU E 396 -13.36 54.45 -35.66
CA LEU E 396 -14.49 54.52 -34.72
C LEU E 396 -13.98 54.26 -33.31
N TYR E 397 -14.22 55.21 -32.43
CA TYR E 397 -13.82 55.07 -31.03
C TYR E 397 -14.98 54.51 -30.22
N LYS E 398 -14.74 54.34 -28.92
CA LYS E 398 -15.77 53.91 -27.97
C LYS E 398 -15.96 55.01 -26.95
N THR E 399 -17.21 55.40 -26.72
CA THR E 399 -17.48 56.55 -25.87
C THR E 399 -17.08 56.29 -24.42
N GLU E 400 -17.29 55.08 -23.92
CA GLU E 400 -16.99 54.73 -22.53
C GLU E 400 -16.18 53.45 -22.50
N GLY E 401 -14.92 53.55 -22.06
CA GLY E 401 -14.07 52.40 -21.99
C GLY E 401 -12.71 52.61 -22.64
N ALA E 402 -11.73 51.83 -22.23
CA ALA E 402 -10.39 51.90 -22.80
C ALA E 402 -10.12 50.78 -23.79
N PHE E 403 -11.15 50.05 -24.20
CA PHE E 403 -11.02 48.93 -25.11
C PHE E 403 -11.69 49.25 -26.45
N PRO E 404 -11.19 48.69 -27.55
CA PRO E 404 -11.61 49.15 -28.87
C PRO E 404 -12.93 48.49 -29.31
N ILE E 405 -13.32 48.82 -30.55
CA ILE E 405 -14.58 48.34 -31.10
C ILE E 405 -14.46 46.85 -31.42
N MET E 406 -15.54 46.13 -31.16
CA MET E 406 -15.59 44.68 -31.37
C MET E 406 -15.41 44.33 -32.85
N ARG E 407 -14.75 43.21 -33.10
CA ARG E 407 -14.57 42.73 -34.47
C ARG E 407 -15.87 42.15 -35.00
N GLY E 408 -16.12 42.36 -36.29
CA GLY E 408 -17.32 41.89 -36.93
C GLY E 408 -18.36 42.96 -37.19
N ASN E 409 -18.16 44.17 -36.68
CA ASN E 409 -19.08 45.26 -36.94
C ASN E 409 -18.89 45.78 -38.36
N ALA E 410 -20.00 45.95 -39.08
CA ALA E 410 -19.98 46.42 -40.46
C ALA E 410 -20.86 47.65 -40.60
N TYR E 411 -20.32 48.69 -41.23
CA TYR E 411 -21.05 49.92 -41.51
C TYR E 411 -21.34 49.96 -43.00
N ILE E 412 -22.61 49.90 -43.36
CA ILE E 412 -23.03 49.82 -44.75
C ILE E 412 -23.32 51.24 -45.25
N VAL E 413 -22.46 51.75 -46.13
CA VAL E 413 -22.63 53.09 -46.67
C VAL E 413 -23.70 53.11 -47.76
N ASP E 414 -23.54 52.24 -48.76
CA ASP E 414 -24.46 52.14 -49.88
C ASP E 414 -24.66 50.65 -50.13
N GLU E 415 -25.54 50.32 -51.08
CA GLU E 415 -25.78 48.91 -51.38
C GLU E 415 -24.56 48.27 -52.04
N LYS E 416 -23.65 49.07 -52.59
CA LYS E 416 -22.42 48.58 -53.19
C LYS E 416 -21.18 48.84 -52.35
N LYS E 417 -21.30 49.45 -51.17
CA LYS E 417 -20.13 49.74 -50.34
C LYS E 417 -20.41 49.36 -48.89
N ALA E 418 -19.32 49.10 -48.15
CA ALA E 418 -19.42 48.72 -46.75
C ALA E 418 -18.08 48.95 -46.08
N PHE E 419 -18.08 48.88 -44.75
CA PHE E 419 -16.87 49.04 -43.92
C PHE E 419 -16.80 47.85 -42.97
N LEU E 420 -16.07 46.82 -43.38
CA LEU E 420 -15.86 45.64 -42.55
C LEU E 420 -14.80 45.91 -41.49
N TRP E 421 -15.02 45.37 -40.29
CA TRP E 421 -14.06 45.48 -39.20
C TRP E 421 -13.49 44.08 -38.95
N THR E 422 -12.26 43.86 -39.38
CA THR E 422 -11.61 42.57 -39.19
C THR E 422 -10.76 42.53 -37.93
N LEU E 423 -10.04 43.61 -37.65
CA LEU E 423 -9.28 43.72 -36.41
C LEU E 423 -10.13 44.39 -35.34
N GLY E 424 -9.82 44.08 -34.09
CA GLY E 424 -10.57 44.64 -32.98
C GLY E 424 -10.42 43.87 -31.69
N PHE E 425 -11.49 43.78 -30.90
CA PHE E 425 -11.48 43.08 -29.63
C PHE E 425 -12.23 41.77 -29.78
N VAL E 426 -11.56 40.67 -29.46
CA VAL E 426 -12.14 39.34 -29.54
C VAL E 426 -12.57 38.93 -28.14
N PRO E 427 -13.86 38.70 -27.89
CA PRO E 427 -14.30 38.31 -26.54
C PRO E 427 -13.68 37.00 -26.07
N LYS E 428 -13.44 36.04 -26.97
CA LYS E 428 -12.89 34.75 -26.55
C LYS E 428 -11.48 34.92 -26.00
N LEU E 429 -10.65 35.69 -26.68
CA LEU E 429 -9.29 35.93 -26.20
C LEU E 429 -9.21 37.05 -25.17
N GLN E 430 -10.28 37.83 -25.02
CA GLN E 430 -10.31 38.96 -24.09
C GLN E 430 -9.13 39.90 -24.32
N SER E 431 -8.83 40.17 -25.59
CA SER E 431 -7.70 41.02 -25.94
C SER E 431 -7.91 41.54 -27.35
N THR E 432 -7.03 42.46 -27.74
CA THR E 432 -7.12 43.12 -29.04
C THR E 432 -6.26 42.39 -30.07
N LEU E 433 -6.82 42.24 -31.28
CA LEU E 433 -6.09 41.63 -32.38
C LEU E 433 -5.11 42.59 -33.04
N SER E 434 -5.03 43.83 -32.57
CA SER E 434 -4.18 44.84 -33.18
C SER E 434 -3.67 45.75 -32.08
N MET E 435 -3.14 46.91 -32.47
CA MET E 435 -2.61 47.88 -31.53
C MET E 435 -3.19 49.25 -31.82
N GLU E 436 -3.38 50.04 -30.76
CA GLU E 436 -4.02 51.37 -30.82
C GLU E 436 -5.48 51.15 -31.25
N VAL E 437 -6.01 51.96 -32.15
CA VAL E 437 -7.40 51.85 -32.60
C VAL E 437 -7.40 51.14 -33.94
N PRO E 438 -8.09 50.01 -34.08
CA PRO E 438 -8.03 49.24 -35.33
C PRO E 438 -8.63 50.00 -36.51
N ASN E 439 -8.11 49.69 -37.69
CA ASN E 439 -8.50 50.24 -38.99
C ASN E 439 -9.35 49.24 -39.75
N PRO E 440 -10.43 49.69 -40.38
CA PRO E 440 -11.30 48.80 -41.14
C PRO E 440 -10.91 48.74 -42.62
N ILE E 441 -11.34 47.65 -43.25
CA ILE E 441 -11.17 47.50 -44.69
C ILE E 441 -12.43 48.00 -45.38
N PHE E 442 -12.30 48.35 -46.65
CA PHE E 442 -13.38 48.90 -47.45
C PHE E 442 -13.72 47.91 -48.55
N ILE E 443 -14.99 47.53 -48.63
CA ILE E 443 -15.47 46.55 -49.60
C ILE E 443 -16.43 47.24 -50.56
N GLU E 444 -16.21 47.06 -51.86
CA GLU E 444 -17.02 47.67 -52.88
C GLU E 444 -17.33 46.65 -53.98
N ILE E 445 -18.60 46.55 -54.35
CA ILE E 445 -19.02 45.64 -55.43
C ILE E 445 -18.86 46.41 -56.72
N ASN E 446 -17.66 46.35 -57.30
CA ASN E 446 -17.33 47.14 -58.48
C ASN E 446 -18.20 46.75 -59.67
N LYS E 447 -18.05 45.51 -60.14
CA LYS E 447 -18.76 45.02 -61.31
C LYS E 447 -19.59 43.81 -60.94
N GLY E 448 -20.81 43.76 -61.48
CA GLY E 448 -21.71 42.65 -61.24
C GLY E 448 -22.82 43.02 -60.28
N GLU E 449 -23.67 42.02 -60.01
CA GLU E 449 -24.82 42.18 -59.12
C GLU E 449 -24.74 41.13 -58.02
N ALA E 450 -24.77 41.58 -56.77
CA ALA E 450 -24.73 40.70 -55.61
C ALA E 450 -25.13 41.49 -54.38
N GLU E 451 -25.48 40.77 -53.32
CA GLU E 451 -25.85 41.39 -52.06
C GLU E 451 -24.60 41.68 -51.22
N ILE E 452 -24.61 42.82 -50.53
CA ILE E 452 -23.42 43.25 -49.79
C ILE E 452 -23.17 42.37 -48.58
N GLN E 453 -24.24 41.93 -47.90
CA GLN E 453 -24.07 41.13 -46.69
C GLN E 453 -23.45 39.77 -47.01
N GLN E 454 -23.86 39.15 -48.11
CA GLN E 454 -23.25 37.89 -48.53
C GLN E 454 -21.77 38.08 -48.83
N VAL E 455 -21.43 39.20 -49.48
CA VAL E 455 -20.04 39.51 -49.77
C VAL E 455 -19.23 39.64 -48.47
N LEU E 456 -19.79 40.34 -47.49
CA LEU E 456 -19.11 40.52 -46.21
C LEU E 456 -18.91 39.20 -45.48
N LYS E 457 -19.93 38.33 -45.49
CA LYS E 457 -19.78 37.00 -44.90
C LYS E 457 -18.68 36.21 -45.59
N ASP E 458 -18.63 36.28 -46.93
CA ASP E 458 -17.57 35.58 -47.66
C ASP E 458 -16.20 36.15 -47.33
N ILE E 459 -16.11 37.47 -47.10
CA ILE E 459 -14.82 38.05 -46.75
C ILE E 459 -14.33 37.52 -45.40
N LEU E 460 -15.23 37.43 -44.42
CA LEU E 460 -14.83 36.81 -43.15
C LEU E 460 -14.42 35.36 -43.34
N ALA E 461 -15.16 34.61 -44.16
CA ALA E 461 -14.81 33.22 -44.41
C ALA E 461 -13.40 33.11 -44.99
N LEU E 462 -13.08 33.96 -45.96
CA LEU E 462 -11.73 33.95 -46.53
C LEU E 462 -10.70 34.36 -45.49
N THR E 463 -11.04 35.31 -44.62
CA THR E 463 -10.13 35.73 -43.56
C THR E 463 -9.77 34.57 -42.64
N LYS E 464 -10.68 33.60 -42.49
CA LYS E 464 -10.51 32.50 -41.55
C LYS E 464 -9.71 31.32 -42.13
N LEU E 465 -8.81 31.54 -43.08
CA LEU E 465 -8.16 30.44 -43.79
C LEU E 465 -6.65 30.63 -43.90
N ASN E 466 -5.98 31.06 -42.83
CA ASN E 466 -4.53 31.26 -42.86
C ASN E 466 -3.84 30.00 -42.34
N TYR E 467 -3.08 29.33 -43.21
CA TYR E 467 -2.34 28.14 -42.81
C TYR E 467 -0.89 28.43 -42.43
N ASN E 468 -0.33 29.56 -42.86
CA ASN E 468 1.08 29.84 -42.58
C ASN E 468 1.32 30.12 -41.11
N ALA E 469 0.34 30.66 -40.40
CA ALA E 469 0.45 30.94 -38.98
C ALA E 469 -0.80 30.45 -38.26
N CYS E 470 -0.64 30.11 -36.99
CA CYS E 470 -1.74 29.66 -36.15
C CYS E 470 -2.18 30.85 -35.30
N ILE E 471 -3.20 31.56 -35.76
CA ILE E 471 -3.74 32.72 -35.08
C ILE E 471 -5.26 32.66 -35.16
N TYR E 472 -5.91 33.62 -34.48
CA TYR E 472 -7.37 33.65 -34.47
C TYR E 472 -7.92 33.99 -35.85
N ALA E 473 -7.44 35.09 -36.43
CA ALA E 473 -7.92 35.52 -37.76
C ALA E 473 -6.91 36.52 -38.33
N ASP E 474 -7.18 37.01 -39.54
CA ASP E 474 -6.29 38.03 -40.16
C ASP E 474 -7.06 39.35 -40.28
N GLY E 475 -6.48 40.31 -41.00
CA GLY E 475 -7.14 41.60 -41.23
C GLY E 475 -7.50 41.82 -42.71
N GLU E 476 -7.46 40.77 -43.55
CA GLU E 476 -7.77 40.83 -45.01
C GLU E 476 -7.88 39.40 -45.57
N PRO E 477 -8.56 39.11 -46.72
CA PRO E 477 -8.69 37.71 -47.13
C PRO E 477 -7.34 37.09 -47.45
N VAL E 478 -7.18 35.82 -47.06
CA VAL E 478 -5.89 35.17 -47.16
C VAL E 478 -5.50 34.86 -48.60
N THR E 479 -6.47 34.84 -49.53
CA THR E 479 -6.14 34.60 -50.93
C THR E 479 -5.24 35.69 -51.47
N LEU E 480 -5.54 36.95 -51.14
CA LEU E 480 -4.70 38.06 -51.58
C LEU E 480 -3.29 37.94 -51.01
N ARG E 481 -3.17 37.60 -49.73
CA ARG E 481 -1.87 37.50 -49.10
C ARG E 481 -1.04 36.38 -49.72
N PHE E 482 -1.66 35.23 -49.98
CA PHE E 482 -0.93 34.13 -50.59
C PHE E 482 -0.56 34.42 -52.03
N ALA E 483 -1.43 35.13 -52.76
CA ALA E 483 -1.08 35.56 -54.12
C ALA E 483 0.11 36.52 -54.10
N ASN E 484 0.13 37.43 -53.12
CA ASN E 484 1.27 38.32 -52.99
C ASN E 484 2.55 37.55 -52.69
N LYS E 485 2.47 36.55 -51.82
CA LYS E 485 3.63 35.72 -51.54
C LYS E 485 4.12 35.00 -52.79
N ILE E 486 3.19 34.46 -53.58
CA ILE E 486 3.56 33.77 -54.81
C ILE E 486 4.24 34.73 -55.77
N GLY E 487 3.68 35.94 -55.91
CA GLY E 487 4.29 36.92 -56.79
C GLY E 487 5.68 37.33 -56.34
N GLU E 488 5.87 37.49 -55.03
CA GLU E 488 7.19 37.80 -54.50
C GLU E 488 8.18 36.70 -54.81
N ILE E 489 7.73 35.44 -54.71
CA ILE E 489 8.62 34.32 -55.01
C ILE E 489 8.97 34.29 -56.50
N LEU E 490 7.97 34.50 -57.36
CA LEU E 490 8.19 34.37 -58.80
C LEU E 490 8.93 35.55 -59.41
N THR E 491 8.89 36.72 -58.79
CA THR E 491 9.60 37.87 -59.33
C THR E 491 11.11 37.62 -59.37
N ALA E 492 11.66 37.06 -58.30
CA ALA E 492 13.09 36.82 -58.20
C ALA E 492 13.58 35.67 -59.07
N SER E 493 12.67 34.89 -59.65
CA SER E 493 13.05 33.75 -60.48
C SER E 493 13.48 34.23 -61.86
N THR E 494 13.84 33.27 -62.73
CA THR E 494 14.28 33.56 -64.09
C THR E 494 13.49 32.68 -65.06
N GLU E 495 12.31 33.14 -65.47
CA GLU E 495 11.53 32.55 -66.54
C GLU E 495 11.22 31.07 -66.26
N ILE E 496 10.44 30.86 -65.21
CA ILE E 496 9.94 29.53 -64.88
C ILE E 496 8.67 29.27 -65.69
N LYS E 497 8.61 28.10 -66.33
CA LYS E 497 7.49 27.73 -67.18
C LYS E 497 6.66 26.68 -66.47
N THR E 498 5.34 26.89 -66.43
CA THR E 498 4.38 26.01 -65.78
C THR E 498 4.77 25.72 -64.34
N PRO E 499 4.67 26.70 -63.44
CA PRO E 499 5.05 26.47 -62.04
C PRO E 499 4.03 25.61 -61.32
N PRO E 500 4.41 24.97 -60.22
CA PRO E 500 3.43 24.20 -59.44
C PRO E 500 2.38 25.09 -58.80
N LEU E 501 1.22 24.51 -58.56
CA LEU E 501 0.06 25.21 -58.03
C LEU E 501 -0.16 24.95 -56.54
N ALA E 502 0.84 24.40 -55.85
CA ALA E 502 0.69 24.00 -54.45
C ALA E 502 1.40 24.99 -53.55
N PHE E 503 0.77 25.33 -52.43
CA PHE E 503 1.32 26.31 -51.52
C PHE E 503 2.46 25.78 -50.68
N LYS E 504 2.68 24.46 -50.67
CA LYS E 504 3.80 23.90 -49.91
C LYS E 504 5.13 24.42 -50.43
N TYR E 505 5.27 24.52 -51.75
CA TYR E 505 6.52 24.93 -52.36
C TYR E 505 6.76 26.44 -52.22
N TYR E 506 5.71 27.23 -52.10
CA TYR E 506 5.84 28.68 -51.98
C TYR E 506 5.88 29.11 -50.51
N ILE E 507 4.83 28.77 -49.76
CA ILE E 507 4.72 29.16 -48.37
C ILE E 507 5.74 28.42 -47.52
N ASN L 3 -19.85 3.77 -12.60
CA ASN L 3 -19.46 3.89 -13.99
C ASN L 3 -18.74 5.20 -14.24
N LYS L 4 -18.32 5.86 -13.16
CA LYS L 4 -17.64 7.14 -13.24
C LYS L 4 -16.14 6.95 -13.12
N ILE L 5 -15.42 8.05 -13.34
CA ILE L 5 -13.96 8.11 -13.16
C ILE L 5 -13.65 9.38 -12.40
N PHE L 6 -12.92 9.26 -11.30
CA PHE L 6 -12.63 10.38 -10.43
C PHE L 6 -11.18 10.81 -10.60
N ILE L 7 -10.97 12.12 -10.77
CA ILE L 7 -9.64 12.70 -10.93
C ILE L 7 -9.43 13.71 -9.81
N SER L 8 -8.33 13.55 -9.07
CA SER L 8 -7.96 14.46 -8.00
C SER L 8 -6.71 15.23 -8.39
N HIS L 9 -6.69 16.52 -8.09
CA HIS L 9 -5.60 17.38 -8.52
C HIS L 9 -5.56 18.62 -7.64
N ALA L 10 -4.45 19.34 -7.72
CA ALA L 10 -4.34 20.65 -7.09
C ALA L 10 -5.22 21.65 -7.84
N THR L 11 -5.70 22.65 -7.12
CA THR L 11 -6.62 23.63 -7.69
C THR L 11 -5.90 24.67 -8.56
N PRO L 12 -4.90 25.42 -8.04
CA PRO L 12 -4.30 26.48 -8.86
C PRO L 12 -3.30 25.95 -9.88
N GLU L 13 -2.57 24.90 -9.52
CA GLU L 13 -1.61 24.26 -10.40
C GLU L 13 -2.14 22.90 -10.83
N ASP L 14 -1.48 22.32 -11.83
CA ASP L 14 -1.89 21.03 -12.40
C ASP L 14 -3.34 21.08 -12.88
N ASP L 15 -3.72 22.18 -13.51
CA ASP L 15 -5.07 22.39 -13.98
C ASP L 15 -5.24 22.09 -15.47
N ASP L 16 -4.34 22.62 -16.31
CA ASP L 16 -4.46 22.46 -17.75
C ASP L 16 -4.44 20.99 -18.15
N PHE L 17 -3.55 20.21 -17.51
CA PHE L 17 -3.53 18.78 -17.74
C PHE L 17 -4.88 18.15 -17.43
N THR L 18 -5.52 18.60 -16.35
CA THR L 18 -6.80 18.01 -15.97
C THR L 18 -7.88 18.34 -16.99
N ARG L 19 -7.93 19.59 -17.48
CA ARG L 19 -8.92 19.91 -18.51
C ARG L 19 -8.69 19.07 -19.77
N TRP L 20 -7.43 18.98 -20.21
CA TRP L 20 -7.13 18.20 -21.40
C TRP L 20 -7.54 16.75 -21.24
N LEU L 21 -7.12 16.12 -20.13
CA LEU L 21 -7.43 14.72 -19.91
C LEU L 21 -8.93 14.49 -19.79
N SER L 22 -9.63 15.35 -19.04
CA SER L 22 -11.06 15.17 -18.84
C SER L 22 -11.81 15.26 -20.16
N LEU L 23 -11.51 16.28 -20.97
CA LEU L 23 -12.23 16.41 -22.24
C LEU L 23 -11.88 15.27 -23.19
N LYS L 24 -10.62 14.83 -23.20
CA LYS L 24 -10.26 13.70 -24.05
C LYS L 24 -11.01 12.43 -23.65
N LEU L 25 -11.10 12.16 -22.34
CA LEU L 25 -11.80 10.95 -21.90
C LEU L 25 -13.31 11.06 -22.12
N ILE L 26 -13.87 12.27 -22.00
CA ILE L 26 -15.29 12.43 -22.31
C ILE L 26 -15.54 12.21 -23.79
N GLY L 27 -14.60 12.62 -24.64
CA GLY L 27 -14.77 12.42 -26.07
C GLY L 27 -14.95 10.96 -26.44
N LEU L 28 -14.21 10.07 -25.81
CA LEU L 28 -14.29 8.65 -26.16
C LEU L 28 -15.44 7.92 -25.47
N GLY L 29 -16.12 8.55 -24.51
CA GLY L 29 -17.29 7.94 -23.91
C GLY L 29 -17.09 7.44 -22.49
N TYR L 30 -16.21 8.10 -21.73
CA TYR L 30 -15.93 7.73 -20.34
C TYR L 30 -16.47 8.83 -19.43
N GLU L 31 -17.53 8.53 -18.70
CA GLU L 31 -18.11 9.50 -17.77
C GLU L 31 -17.11 9.83 -16.66
N VAL L 32 -16.62 11.06 -16.65
CA VAL L 32 -15.61 11.48 -15.67
C VAL L 32 -16.24 12.51 -14.74
N TRP L 33 -15.81 12.49 -13.49
CA TRP L 33 -16.30 13.39 -12.46
C TRP L 33 -15.12 14.18 -11.93
N CYS L 34 -14.93 15.39 -12.43
CA CYS L 34 -13.84 16.26 -12.02
C CYS L 34 -14.38 17.56 -11.46
N ASP L 35 -13.61 18.15 -10.54
CA ASP L 35 -14.04 19.40 -9.91
C ASP L 35 -14.09 20.56 -10.88
N ILE L 36 -13.40 20.46 -12.02
CA ILE L 36 -13.41 21.54 -12.99
C ILE L 36 -14.77 21.63 -13.68
N LEU L 37 -15.33 20.49 -14.08
CA LEU L 37 -16.58 20.50 -14.84
C LEU L 37 -17.73 21.07 -14.03
N PHE L 38 -17.86 20.64 -12.78
CA PHE L 38 -18.95 21.09 -11.93
C PHE L 38 -18.63 22.45 -11.33
N TRP L 46 -18.96 19.55 -0.55
CA TRP L 46 -17.86 18.70 -0.13
C TRP L 46 -18.34 17.28 0.14
N SER L 47 -19.59 17.16 0.62
CA SER L 47 -20.17 15.84 0.85
C SER L 47 -20.41 15.11 -0.47
N THR L 48 -20.67 15.85 -1.55
CA THR L 48 -20.87 15.23 -2.85
C THR L 48 -19.63 14.49 -3.30
N ILE L 49 -18.45 15.06 -3.08
CA ILE L 49 -17.21 14.39 -3.45
C ILE L 49 -17.09 13.07 -2.71
N GLU L 50 -17.37 13.08 -1.41
CA GLU L 50 -17.23 11.86 -0.62
C GLU L 50 -18.26 10.81 -1.02
N LYS L 51 -19.44 11.23 -1.46
CA LYS L 51 -20.41 10.25 -1.92
C LYS L 51 -20.04 9.68 -3.29
N GLU L 52 -19.45 10.51 -4.16
CA GLU L 52 -19.06 10.01 -5.47
C GLU L 52 -17.85 9.09 -5.41
N ILE L 53 -16.92 9.33 -4.47
CA ILE L 53 -15.79 8.42 -4.34
C ILE L 53 -16.25 7.05 -3.85
N ARG L 54 -17.34 7.00 -3.07
CA ARG L 54 -17.80 5.74 -2.49
C ARG L 54 -18.76 5.00 -3.41
N GLU L 55 -19.91 5.60 -3.71
CA GLU L 55 -21.02 4.87 -4.32
C GLU L 55 -21.09 5.00 -5.83
N ASN L 56 -20.24 5.82 -6.46
CA ASN L 56 -20.38 6.05 -7.89
C ASN L 56 -19.13 5.73 -8.70
N THR L 57 -17.95 6.06 -8.22
CA THR L 57 -16.75 5.98 -9.04
C THR L 57 -16.36 4.54 -9.30
N CYS L 58 -15.61 4.35 -10.39
CA CYS L 58 -15.09 3.04 -10.79
C CYS L 58 -13.57 2.98 -10.75
N LYS L 59 -12.89 4.00 -11.25
CA LYS L 59 -11.44 4.10 -11.13
C LYS L 59 -11.09 5.47 -10.57
N PHE L 60 -10.23 5.49 -9.57
CA PHE L 60 -9.82 6.73 -8.91
C PHE L 60 -8.40 7.07 -9.38
N LEU L 61 -8.28 8.17 -10.11
CA LEU L 61 -6.99 8.63 -10.63
C LEU L 61 -6.51 9.81 -9.82
N ILE L 62 -5.25 9.78 -9.42
CA ILE L 62 -4.64 10.85 -8.64
C ILE L 62 -3.46 11.41 -9.40
N VAL L 63 -3.40 12.74 -9.50
CA VAL L 63 -2.32 13.41 -10.22
C VAL L 63 -1.21 13.71 -9.23
N SER L 64 0.02 13.31 -9.57
CA SER L 64 1.18 13.49 -8.71
C SER L 64 2.04 14.61 -9.25
N SER L 65 2.37 15.56 -8.38
CA SER L 65 3.20 16.70 -8.76
C SER L 65 3.79 17.33 -7.51
N THR L 66 4.81 18.17 -7.72
CA THR L 66 5.41 18.88 -6.60
C THR L 66 4.39 19.82 -5.94
N ALA L 67 3.58 20.50 -6.74
CA ALA L 67 2.52 21.34 -6.19
C ALA L 67 1.53 20.50 -5.39
N GLY L 68 1.15 19.35 -5.91
CA GLY L 68 0.34 18.39 -5.18
C GLY L 68 1.19 17.65 -4.17
N ASN L 69 0.74 16.42 -3.84
CA ASN L 69 1.50 15.51 -2.99
C ASN L 69 1.56 16.00 -1.54
N LYS L 70 1.06 17.20 -1.29
CA LYS L 70 0.94 17.71 0.07
C LYS L 70 -0.33 18.52 0.29
N ARG L 71 -1.20 18.64 -0.71
CA ARG L 71 -2.44 19.39 -0.56
C ARG L 71 -3.45 18.58 0.25
N GLU L 72 -4.25 19.26 1.05
CA GLU L 72 -5.13 18.58 1.99
C GLU L 72 -6.26 17.84 1.28
N GLY L 73 -6.90 18.51 0.31
CA GLY L 73 -8.08 17.92 -0.31
C GLY L 73 -7.78 16.65 -1.06
N VAL L 74 -6.68 16.63 -1.82
CA VAL L 74 -6.31 15.43 -2.56
C VAL L 74 -5.95 14.31 -1.58
N LEU L 75 -5.31 14.63 -0.46
CA LEU L 75 -4.98 13.62 0.53
C LEU L 75 -6.24 13.02 1.15
N LYS L 76 -7.23 13.85 1.48
CA LYS L 76 -8.47 13.32 2.04
C LYS L 76 -9.21 12.45 1.02
N GLU L 77 -9.26 12.89 -0.24
CA GLU L 77 -9.89 12.08 -1.27
C GLU L 77 -9.15 10.76 -1.45
N LEU L 78 -7.82 10.79 -1.37
CA LEU L 78 -7.04 9.56 -1.46
C LEU L 78 -7.34 8.62 -0.31
N ALA L 79 -7.48 9.16 0.90
CA ALA L 79 -7.80 8.31 2.05
C ALA L 79 -9.15 7.66 1.89
N VAL L 80 -10.15 8.43 1.46
CA VAL L 80 -11.47 7.86 1.24
C VAL L 80 -11.42 6.79 0.15
N ALA L 81 -10.65 7.05 -0.91
CA ALA L 81 -10.53 6.08 -2.00
C ALA L 81 -9.86 4.81 -1.52
N THR L 82 -8.85 4.92 -0.67
CA THR L 82 -8.21 3.73 -0.11
C THR L 82 -9.19 2.92 0.73
N LYS L 83 -10.01 3.60 1.54
CA LYS L 83 -10.99 2.88 2.34
C LYS L 83 -12.02 2.18 1.45
N VAL L 84 -12.43 2.82 0.36
CA VAL L 84 -13.37 2.16 -0.55
C VAL L 84 -12.70 0.99 -1.26
N LYS L 85 -11.42 1.13 -1.61
CA LYS L 85 -10.70 0.06 -2.28
C LYS L 85 -10.56 -1.16 -1.38
N LYS L 86 -10.30 -0.94 -0.09
CA LYS L 86 -10.17 -2.06 0.84
C LYS L 86 -11.47 -2.84 1.01
N HIS L 87 -12.60 -2.29 0.56
CA HIS L 87 -13.89 -2.95 0.64
C HIS L 87 -14.38 -3.50 -0.68
N LEU L 88 -14.08 -2.82 -1.79
CA LEU L 88 -14.57 -3.24 -3.10
C LEU L 88 -13.83 -4.45 -3.65
N GLN L 89 -12.72 -4.85 -3.04
CA GLN L 89 -11.92 -5.99 -3.49
C GLN L 89 -11.45 -5.79 -4.93
N ASP L 90 -10.66 -4.75 -5.13
CA ASP L 90 -10.03 -4.48 -6.42
C ASP L 90 -8.69 -3.80 -6.17
N ASP L 91 -7.64 -4.34 -6.78
CA ASP L 91 -6.29 -3.84 -6.57
C ASP L 91 -5.89 -2.75 -7.56
N MET L 92 -6.77 -2.39 -8.50
CA MET L 92 -6.50 -1.37 -9.49
C MET L 92 -7.47 -0.20 -9.36
N PHE L 93 -7.82 0.14 -8.12
CA PHE L 93 -8.73 1.25 -7.89
C PHE L 93 -8.04 2.59 -7.94
N ILE L 94 -6.76 2.63 -7.62
CA ILE L 94 -5.98 3.87 -7.61
C ILE L 94 -4.89 3.74 -8.66
N ILE L 95 -4.89 4.66 -9.63
CA ILE L 95 -3.91 4.66 -10.70
C ILE L 95 -3.20 6.00 -10.74
N PRO L 96 -2.06 6.16 -10.08
CA PRO L 96 -1.37 7.45 -10.10
C PRO L 96 -0.89 7.82 -11.49
N LEU L 97 -0.87 9.12 -11.77
CA LEU L 97 -0.38 9.67 -13.02
C LEU L 97 0.74 10.65 -12.71
N ALA L 98 1.92 10.40 -13.25
CA ALA L 98 3.09 11.23 -12.99
C ALA L 98 3.16 12.30 -14.07
N ILE L 99 2.95 13.55 -13.69
CA ILE L 99 2.90 14.65 -14.65
C ILE L 99 3.93 15.71 -14.28
N ASP L 100 5.03 15.30 -13.66
CA ASP L 100 6.08 16.22 -13.28
C ASP L 100 7.43 15.67 -13.71
N GLU L 101 8.45 16.53 -13.64
CA GLU L 101 9.81 16.12 -13.94
C GLU L 101 10.83 16.62 -12.93
N ASN L 102 10.40 17.33 -11.88
CA ASN L 102 11.29 17.78 -10.83
C ASN L 102 11.09 17.03 -9.51
N LEU L 103 10.17 16.08 -9.48
CA LEU L 103 9.93 15.26 -8.30
C LEU L 103 10.34 13.83 -8.60
N SER L 104 11.21 13.28 -7.76
CA SER L 104 11.71 11.93 -7.96
C SER L 104 10.62 10.90 -7.68
N TYR L 105 10.84 9.69 -8.18
CA TYR L 105 9.96 8.57 -7.88
C TYR L 105 10.16 8.03 -6.48
N ASP L 106 11.15 8.54 -5.73
CA ASP L 106 11.43 8.09 -4.38
C ASP L 106 10.97 9.11 -3.33
N ASP L 107 10.29 10.19 -3.75
CA ASP L 107 9.78 11.19 -2.83
C ASP L 107 8.26 11.19 -2.78
N ILE L 108 7.61 10.22 -3.43
CA ILE L 108 6.16 10.15 -3.44
C ILE L 108 5.65 9.79 -2.06
N ASN L 109 4.55 10.43 -1.65
CA ASN L 109 3.98 10.19 -0.33
C ASN L 109 3.50 8.75 -0.19
N ILE L 110 3.18 8.37 1.05
CA ILE L 110 2.72 7.02 1.36
C ILE L 110 1.33 6.82 0.78
N GLU L 111 0.85 5.57 0.83
CA GLU L 111 -0.47 5.13 0.38
C GLU L 111 -0.56 5.10 -1.14
N ILE L 112 0.44 5.64 -1.82
CA ILE L 112 0.47 5.58 -3.28
C ILE L 112 1.89 5.21 -3.73
N VAL L 113 2.85 5.30 -2.80
CA VAL L 113 4.25 5.02 -3.13
C VAL L 113 4.47 3.57 -3.51
N ARG L 114 3.55 2.67 -3.19
CA ARG L 114 3.70 1.27 -3.50
C ARG L 114 3.01 0.89 -4.81
N LEU L 115 2.47 1.86 -5.53
CA LEU L 115 1.74 1.63 -6.78
C LEU L 115 2.55 2.16 -7.95
N ASN L 116 2.60 1.38 -9.03
CA ASN L 116 3.34 1.79 -10.22
C ASN L 116 2.56 2.86 -10.98
N ALA L 117 3.25 3.94 -11.33
CA ALA L 117 2.62 5.08 -11.97
C ALA L 117 2.49 4.83 -13.48
N ILE L 118 2.16 5.88 -14.22
CA ILE L 118 1.98 5.77 -15.67
C ILE L 118 2.98 6.62 -16.45
N ASP L 119 3.60 7.63 -15.82
CA ASP L 119 4.68 8.41 -16.43
C ASP L 119 4.19 9.16 -17.68
N PHE L 120 3.30 10.11 -17.43
CA PHE L 120 2.93 11.14 -18.41
C PHE L 120 4.05 12.15 -18.64
N LYS L 121 5.22 11.93 -18.05
CA LYS L 121 6.28 12.93 -18.08
C LYS L 121 6.86 13.10 -19.49
N LYS L 122 7.16 11.99 -20.17
CA LYS L 122 7.82 12.07 -21.47
C LYS L 122 6.91 12.67 -22.52
N SER L 123 5.67 12.17 -22.61
CA SER L 123 4.74 12.63 -23.62
C SER L 123 3.33 12.24 -23.20
N TRP L 124 2.38 13.15 -23.42
CA TRP L 124 1.01 12.94 -22.96
C TRP L 124 0.25 11.94 -23.82
N ALA L 125 0.57 11.85 -25.12
CA ALA L 125 -0.15 10.93 -26.00
C ALA L 125 0.11 9.49 -25.61
N LYS L 126 1.36 9.14 -25.30
CA LYS L 126 1.68 7.78 -24.87
C LYS L 126 0.95 7.44 -23.58
N GLY L 127 0.91 8.39 -22.64
CA GLY L 127 0.18 8.17 -21.41
C GLY L 127 -1.30 7.92 -21.66
N LEU L 128 -1.91 8.70 -22.54
CA LEU L 128 -3.32 8.49 -22.86
C LEU L 128 -3.55 7.14 -23.51
N GLN L 129 -2.66 6.74 -24.42
CA GLN L 129 -2.81 5.46 -25.08
C GLN L 129 -2.71 4.30 -24.10
N ASP L 130 -1.72 4.35 -23.19
CA ASP L 130 -1.61 3.27 -22.22
C ASP L 130 -2.76 3.28 -21.22
N LEU L 131 -3.27 4.47 -20.87
CA LEU L 131 -4.44 4.54 -20.01
C LEU L 131 -5.65 3.88 -20.66
N LEU L 132 -5.87 4.14 -21.95
CA LEU L 132 -6.99 3.51 -22.63
C LEU L 132 -6.79 2.01 -22.76
N ASP L 133 -5.54 1.57 -22.99
CA ASP L 133 -5.26 0.14 -23.03
C ASP L 133 -5.56 -0.52 -21.69
N ALA L 134 -5.16 0.14 -20.59
CA ALA L 134 -5.45 -0.39 -19.27
C ALA L 134 -6.95 -0.46 -19.01
N PHE L 135 -7.70 0.58 -19.42
CA PHE L 135 -9.14 0.56 -19.23
C PHE L 135 -9.78 -0.57 -20.02
N GLU L 136 -9.32 -0.79 -21.25
CA GLU L 136 -9.86 -1.89 -22.05
C GLU L 136 -9.50 -3.25 -21.45
N LYS L 137 -8.32 -3.35 -20.82
CA LYS L 137 -7.90 -4.62 -20.24
C LYS L 137 -8.68 -4.93 -18.96
N GLN L 138 -9.00 -3.91 -18.17
CA GLN L 138 -9.69 -4.09 -16.91
C GLN L 138 -11.20 -3.98 -17.02
N ASN L 139 -11.73 -3.82 -18.24
CA ASN L 139 -13.16 -3.86 -18.51
C ASN L 139 -13.91 -2.71 -17.83
N VAL L 140 -13.38 -1.50 -17.98
CA VAL L 140 -14.09 -0.32 -17.49
C VAL L 140 -15.26 -0.02 -18.42
N PRO L 141 -16.46 0.21 -17.90
CA PRO L 141 -17.63 0.39 -18.77
C PRO L 141 -17.50 1.65 -19.62
N LYS L 142 -18.19 1.62 -20.76
CA LYS L 142 -18.06 2.70 -21.74
C LYS L 142 -19.33 2.77 -22.58
N LYS L 143 -19.44 3.86 -23.32
CA LYS L 143 -20.49 4.10 -24.31
C LYS L 143 -19.82 4.48 -25.61
N PRO L 144 -20.52 4.33 -26.74
CA PRO L 144 -19.91 4.64 -28.04
C PRO L 144 -19.43 6.08 -28.08
N PRO L 145 -18.31 6.35 -28.77
CA PRO L 145 -17.72 7.70 -28.72
C PRO L 145 -18.68 8.76 -29.21
N ASP L 146 -18.90 9.76 -28.36
CA ASP L 146 -19.77 10.90 -28.66
C ASP L 146 -18.89 12.15 -28.56
N HIS L 147 -18.22 12.48 -29.66
CA HIS L 147 -17.27 13.58 -29.65
C HIS L 147 -17.95 14.94 -29.55
N SER L 148 -19.26 15.01 -29.77
CA SER L 148 -19.98 16.26 -29.65
C SER L 148 -19.97 16.76 -28.20
N LYS L 149 -20.10 15.85 -27.24
CA LYS L 149 -20.23 16.26 -25.84
C LYS L 149 -18.99 16.94 -25.33
N SER L 150 -17.80 16.52 -25.78
CA SER L 150 -16.59 17.17 -25.31
C SER L 150 -16.42 18.57 -25.89
N ASN L 151 -17.20 18.91 -26.91
CA ASN L 151 -17.30 20.27 -27.42
C ASN L 151 -18.38 21.05 -26.67
N LEU L 152 -19.51 20.40 -26.41
CA LEU L 152 -20.60 21.05 -25.70
C LEU L 152 -20.16 21.51 -24.31
N LEU L 153 -19.48 20.64 -23.56
CA LEU L 153 -19.07 21.03 -22.22
C LEU L 153 -17.97 22.08 -22.27
N TYR L 154 -17.08 22.02 -23.27
CA TYR L 154 -16.07 23.06 -23.42
C TYR L 154 -16.72 24.42 -23.64
N GLN L 155 -17.75 24.46 -24.47
CA GLN L 155 -18.46 25.72 -24.71
C GLN L 155 -19.21 26.18 -23.46
N GLN L 156 -19.86 25.25 -22.74
CA GLN L 156 -20.68 25.64 -21.59
C GLN L 156 -19.83 26.14 -20.43
N ILE L 157 -18.75 25.43 -20.10
CA ILE L 157 -18.01 25.73 -18.87
C ILE L 157 -16.91 26.75 -19.13
N PHE L 158 -16.00 26.42 -20.05
CA PHE L 158 -14.82 27.26 -20.25
C PHE L 158 -15.10 28.53 -21.05
N LEU L 159 -16.16 28.54 -21.87
CA LEU L 159 -16.48 29.69 -22.70
C LEU L 159 -17.79 30.34 -22.29
N HIS L 160 -18.15 30.25 -21.00
CA HIS L 160 -19.42 30.80 -20.55
C HIS L 160 -19.42 32.32 -20.60
N ASP L 161 -18.37 32.95 -20.08
CA ASP L 161 -18.32 34.40 -19.99
C ASP L 161 -17.68 35.06 -21.20
N LYS L 162 -17.13 34.27 -22.13
CA LYS L 162 -16.46 34.81 -23.31
C LYS L 162 -17.35 34.57 -24.53
N GLN L 163 -18.28 35.49 -24.76
CA GLN L 163 -19.18 35.44 -25.91
C GLN L 163 -19.59 36.87 -26.26
N ALA L 164 -20.59 36.99 -27.14
CA ALA L 164 -21.10 38.27 -27.59
C ALA L 164 -22.44 38.53 -26.93
N ILE L 165 -22.55 39.63 -26.21
CA ILE L 165 -23.77 40.01 -25.52
C ILE L 165 -24.55 40.98 -26.39
N GLU L 166 -25.87 40.98 -26.23
CA GLU L 166 -26.75 41.92 -26.93
C GLU L 166 -26.78 43.24 -26.14
N LYS L 167 -25.66 43.95 -26.20
CA LYS L 167 -25.45 45.19 -25.48
C LYS L 167 -25.33 46.35 -26.46
N GLU L 168 -25.84 47.51 -26.04
CA GLU L 168 -25.87 48.70 -26.89
C GLU L 168 -24.77 49.66 -26.46
N GLU L 169 -23.94 50.08 -27.42
CA GLU L 169 -22.98 51.14 -27.19
C GLU L 169 -23.03 52.15 -28.33
N THR L 170 -22.57 53.36 -28.02
CA THR L 170 -22.46 54.44 -28.98
C THR L 170 -20.99 54.69 -29.29
N TYR L 171 -20.65 54.73 -30.57
CA TYR L 171 -19.28 54.87 -31.02
C TYR L 171 -19.05 56.26 -31.57
N ASP L 172 -17.96 56.90 -31.13
CA ASP L 172 -17.53 58.15 -31.73
C ASP L 172 -16.79 57.89 -33.03
N SER L 173 -16.55 58.96 -33.78
CA SER L 173 -15.80 58.88 -35.03
C SER L 173 -14.93 60.13 -35.15
N ASN L 174 -14.18 60.21 -36.24
CA ASN L 174 -13.35 61.37 -36.53
C ASN L 174 -13.84 62.14 -37.74
N TRP L 175 -15.02 61.83 -38.25
CA TRP L 175 -15.60 62.53 -39.39
C TRP L 175 -16.39 63.72 -38.86
N PHE L 176 -15.74 64.87 -38.81
CA PHE L 176 -16.41 66.09 -38.36
C PHE L 176 -17.19 66.70 -39.52
N PRO L 177 -18.51 66.86 -39.41
CA PRO L 177 -19.32 67.27 -40.56
C PRO L 177 -19.40 68.78 -40.71
N ILE L 178 -19.80 69.19 -41.91
CA ILE L 178 -19.95 70.60 -42.26
C ILE L 178 -21.42 70.96 -42.22
N ILE L 179 -21.80 71.85 -41.31
CA ILE L 179 -23.21 72.18 -41.11
C ILE L 179 -23.74 73.00 -42.28
N SER L 180 -22.98 73.98 -42.76
CA SER L 180 -23.46 74.89 -43.79
C SER L 180 -22.35 75.21 -44.78
N PHE L 181 -22.73 75.37 -46.05
CA PHE L 181 -21.87 75.71 -47.16
C PHE L 181 -22.17 77.12 -47.65
N PRO L 182 -21.19 77.81 -48.25
CA PRO L 182 -21.50 79.09 -48.89
C PRO L 182 -22.50 78.89 -50.03
N ASN L 183 -23.37 79.89 -50.22
CA ASN L 183 -24.54 79.71 -51.06
C ASN L 183 -24.19 79.63 -52.54
N GLU L 184 -23.20 80.39 -52.99
CA GLU L 184 -22.93 80.54 -54.42
C GLU L 184 -21.47 80.25 -54.72
N LEU L 185 -21.22 79.43 -55.73
CA LEU L 185 -19.89 79.20 -56.28
C LEU L 185 -19.75 80.05 -57.54
N ARG L 186 -18.75 80.92 -57.57
CA ARG L 186 -18.65 81.96 -58.58
C ARG L 186 -17.59 81.60 -59.61
N PHE L 187 -17.76 82.16 -60.82
CA PHE L 187 -16.91 81.85 -61.97
C PHE L 187 -16.53 83.18 -62.60
N HIS L 188 -15.48 83.83 -62.10
CA HIS L 188 -15.14 85.16 -62.55
C HIS L 188 -14.18 85.08 -63.74
N ARG L 189 -14.26 86.09 -64.61
CA ARG L 189 -13.43 86.09 -65.82
C ARG L 189 -12.04 86.64 -65.55
N TYR L 190 -11.97 87.91 -65.12
CA TYR L 190 -10.73 88.54 -64.69
C TYR L 190 -9.63 88.38 -65.75
N ASP L 191 -9.99 88.56 -67.01
CA ASP L 191 -9.00 88.48 -68.08
C ASP L 191 -8.11 89.72 -68.08
N TRP L 192 -6.83 89.50 -68.37
CA TRP L 192 -5.82 90.54 -68.55
C TRP L 192 -5.63 91.38 -67.28
N ARG L 193 -6.41 91.11 -66.24
CA ARG L 193 -6.22 91.71 -64.93
C ARG L 193 -5.53 90.76 -63.96
N LEU L 194 -5.14 89.59 -64.43
CA LEU L 194 -4.35 88.62 -63.67
C LEU L 194 -3.24 88.13 -64.57
N PRO L 195 -1.98 88.43 -64.23
CA PRO L 195 -0.87 88.01 -65.10
C PRO L 195 -0.84 86.50 -65.29
N LYS L 196 -0.40 86.09 -66.48
CA LYS L 196 -0.26 84.66 -66.76
C LYS L 196 0.87 84.02 -65.97
N GLN L 197 1.71 84.81 -65.29
CA GLN L 197 2.80 84.29 -64.49
C GLN L 197 2.51 84.24 -63.01
N PHE L 198 1.50 84.96 -62.53
CA PHE L 198 1.12 84.92 -61.13
C PHE L 198 0.60 83.54 -60.74
N ASP L 199 1.17 82.96 -59.70
CA ASP L 199 0.60 81.75 -59.11
C ASP L 199 -0.70 82.09 -58.41
N VAL L 200 -1.75 81.32 -58.68
CA VAL L 200 -3.03 81.58 -58.03
C VAL L 200 -2.95 81.20 -56.56
N ARG L 201 -2.06 80.28 -56.21
CA ARG L 201 -1.71 80.05 -54.82
C ARG L 201 -0.93 81.27 -54.29
N THR L 202 -0.55 81.19 -53.01
CA THR L 202 0.05 82.32 -52.29
C THR L 202 -0.85 83.55 -52.31
N LEU L 203 -2.13 83.34 -52.55
CA LEU L 203 -3.15 84.39 -52.57
C LEU L 203 -4.00 84.28 -51.31
N ALA L 204 -4.47 85.42 -50.82
CA ALA L 204 -5.12 85.46 -49.51
C ALA L 204 -6.34 84.56 -49.46
N PHE L 205 -7.10 84.49 -50.53
CA PHE L 205 -8.35 83.74 -50.48
C PHE L 205 -8.28 82.51 -51.38
N PRO L 206 -9.02 81.46 -51.05
CA PRO L 206 -8.96 80.23 -51.86
C PRO L 206 -9.41 80.48 -53.29
N ALA L 207 -8.52 80.20 -54.23
CA ALA L 207 -8.81 80.40 -55.64
C ALA L 207 -7.92 79.50 -56.47
N ILE L 208 -8.45 79.09 -57.64
CA ILE L 208 -7.69 78.28 -58.60
C ILE L 208 -8.19 78.62 -59.99
N ARG L 209 -7.30 78.45 -60.97
CA ARG L 209 -7.52 78.89 -62.34
C ARG L 209 -8.28 77.87 -63.19
N TYR L 210 -9.05 76.99 -62.56
CA TYR L 210 -9.64 75.87 -63.28
C TYR L 210 -10.63 76.35 -64.35
N LYS L 211 -10.91 75.43 -65.27
CA LYS L 211 -11.89 75.61 -66.35
C LYS L 211 -11.42 76.60 -67.41
N GLU L 212 -11.96 76.44 -68.62
CA GLU L 212 -11.54 77.23 -69.76
C GLU L 212 -11.75 78.70 -69.45
N TYR L 213 -10.67 79.41 -69.14
CA TYR L 213 -10.77 80.77 -68.56
C TYR L 213 -11.81 80.83 -67.45
N LEU L 214 -12.49 81.97 -67.28
CA LEU L 214 -13.56 82.11 -66.30
C LEU L 214 -12.92 81.51 -65.05
N CYS L 215 -11.67 81.88 -64.84
CA CYS L 215 -10.82 81.24 -63.84
C CYS L 215 -10.96 81.94 -62.49
N THR L 216 -10.04 81.66 -61.58
CA THR L 216 -9.99 82.29 -60.26
C THR L 216 -11.28 82.05 -59.47
N PHE L 217 -11.50 80.77 -59.16
CA PHE L 217 -12.67 80.36 -58.39
C PHE L 217 -12.61 81.02 -57.02
N ALA L 218 -13.63 81.78 -56.66
CA ALA L 218 -13.47 82.74 -55.60
C ALA L 218 -14.19 82.38 -54.31
N TRP L 219 -15.51 82.18 -54.39
CA TRP L 219 -16.41 82.16 -53.23
C TRP L 219 -16.53 83.53 -52.60
N GLU L 220 -15.77 84.52 -53.09
CA GLU L 220 -15.85 85.89 -52.61
C GLU L 220 -14.92 86.77 -53.43
N TYR L 221 -15.21 88.06 -53.45
CA TYR L 221 -14.47 89.07 -54.19
C TYR L 221 -13.33 89.61 -53.30
N ASP L 222 -12.74 90.74 -53.68
CA ASP L 222 -11.75 91.48 -52.88
C ASP L 222 -10.39 90.79 -52.83
N PHE L 223 -9.90 90.34 -53.98
CA PHE L 223 -8.47 90.07 -54.13
C PHE L 223 -7.73 91.34 -54.53
N ILE L 224 -7.93 92.41 -53.76
CA ILE L 224 -7.26 93.67 -54.01
C ILE L 224 -6.00 93.74 -53.16
N HIS L 225 -5.07 94.62 -53.54
CA HIS L 225 -3.70 94.74 -53.01
C HIS L 225 -2.82 93.59 -53.45
N GLN L 226 -3.35 92.61 -54.16
CA GLN L 226 -2.57 91.55 -54.77
C GLN L 226 -2.64 91.62 -56.28
N LEU L 227 -3.81 91.94 -56.83
CA LEU L 227 -4.00 92.12 -58.26
C LEU L 227 -4.77 93.41 -58.47
N PRO L 228 -4.11 94.56 -58.35
CA PRO L 228 -4.84 95.83 -58.48
C PRO L 228 -5.14 96.09 -59.95
N LYS L 229 -6.39 95.82 -60.33
CA LYS L 229 -6.94 96.32 -61.58
C LYS L 229 -8.29 97.00 -61.35
N THR L 230 -9.09 96.47 -60.40
CA THR L 230 -10.42 96.99 -60.02
C THR L 230 -11.20 97.56 -61.20
N GLU L 231 -11.13 96.86 -62.33
CA GLU L 231 -11.75 97.32 -63.57
C GLU L 231 -12.50 96.16 -64.23
N THR L 232 -13.33 95.46 -63.46
CA THR L 232 -14.04 94.28 -63.93
C THR L 232 -15.53 94.57 -64.08
N TYR L 233 -16.10 94.15 -65.20
CA TYR L 233 -17.54 94.24 -65.44
C TYR L 233 -18.19 92.99 -64.88
N ASN L 234 -18.96 93.15 -63.79
CA ASN L 234 -19.51 92.00 -63.08
C ASN L 234 -20.51 91.21 -63.91
N GLY L 235 -20.97 91.75 -65.03
CA GLY L 235 -21.98 91.05 -65.81
C GLY L 235 -21.49 89.73 -66.40
N GLN L 236 -20.22 89.69 -66.81
CA GLN L 236 -19.70 88.49 -67.47
C GLN L 236 -19.43 87.36 -66.49
N GLU L 237 -19.38 87.65 -65.19
CA GLU L 237 -19.08 86.63 -64.20
C GLU L 237 -20.23 85.63 -64.09
N SER L 238 -19.89 84.35 -63.94
CA SER L 238 -20.86 83.28 -63.85
C SER L 238 -20.98 82.81 -62.41
N ILE L 239 -22.22 82.51 -61.99
CA ILE L 239 -22.51 82.11 -60.63
C ILE L 239 -23.32 80.83 -60.66
N ARG L 240 -22.87 79.83 -59.90
CA ARG L 240 -23.58 78.57 -59.76
C ARG L 240 -24.09 78.43 -58.33
N ILE L 241 -24.92 77.41 -58.12
CA ILE L 241 -25.54 77.14 -56.83
C ILE L 241 -24.82 75.96 -56.19
N SER L 242 -24.33 76.14 -54.97
CA SER L 242 -23.65 75.07 -54.28
C SER L 242 -24.58 73.95 -53.85
N THR L 243 -25.90 74.14 -53.99
CA THR L 243 -26.86 73.10 -53.69
C THR L 243 -27.03 72.12 -54.85
N SER L 244 -27.02 72.63 -56.09
CA SER L 244 -27.08 71.77 -57.26
C SER L 244 -25.72 71.23 -57.67
N ASP L 245 -24.63 71.90 -57.28
CA ASP L 245 -23.30 71.34 -57.50
C ASP L 245 -23.12 70.03 -56.74
N ILE L 246 -23.86 69.86 -55.65
CA ILE L 246 -23.87 68.62 -54.90
C ILE L 246 -25.24 67.97 -55.09
N LEU L 247 -25.37 66.75 -54.59
CA LEU L 247 -26.62 65.98 -54.64
C LEU L 247 -27.08 65.70 -56.06
N SER L 248 -26.17 65.81 -57.04
CA SER L 248 -26.47 65.52 -58.44
C SER L 248 -27.69 66.31 -58.92
N GLY L 249 -27.75 67.58 -58.54
CA GLY L 249 -28.86 68.44 -58.89
C GLY L 249 -28.90 68.83 -60.35
N ARG L 250 -28.18 68.09 -61.19
CA ARG L 250 -28.12 68.33 -62.63
C ARG L 250 -27.43 69.66 -62.95
N TYR L 251 -26.41 70.00 -62.17
CA TYR L 251 -25.53 71.11 -62.51
C TYR L 251 -24.59 70.77 -63.64
N ASP L 252 -24.60 69.51 -64.09
CA ASP L 252 -23.78 69.04 -65.21
C ASP L 252 -24.13 69.78 -66.49
N THR L 253 -23.21 70.61 -66.97
CA THR L 253 -23.35 71.32 -68.23
C THR L 253 -22.09 71.12 -69.06
N ASP L 254 -22.11 71.62 -70.30
CA ASP L 254 -20.91 71.53 -71.13
C ASP L 254 -19.77 72.38 -70.59
N PHE L 255 -20.08 73.39 -69.79
CA PHE L 255 -19.01 74.18 -69.15
C PHE L 255 -18.20 73.32 -68.19
N ILE L 256 -18.87 72.63 -67.27
CA ILE L 256 -18.23 71.76 -66.31
C ILE L 256 -19.23 70.70 -65.86
N ARG L 257 -18.82 69.44 -65.89
CA ARG L 257 -19.71 68.37 -65.51
C ARG L 257 -19.79 68.24 -63.98
N ASN L 258 -20.81 67.52 -63.52
CA ASN L 258 -21.10 67.45 -62.10
C ASN L 258 -20.09 66.63 -61.31
N TYR L 259 -19.26 65.83 -61.98
CA TYR L 259 -18.24 65.09 -61.25
C TYR L 259 -17.05 65.97 -60.94
N GLU L 260 -16.56 66.71 -61.94
CA GLU L 260 -15.41 67.59 -61.74
C GLU L 260 -15.73 68.70 -60.73
N CYS L 261 -16.99 69.10 -60.63
CA CYS L 261 -17.34 70.22 -59.75
C CYS L 261 -17.12 69.88 -58.29
N GLN L 262 -17.44 68.65 -57.87
CA GLN L 262 -17.24 68.29 -56.47
C GLN L 262 -15.77 68.11 -56.14
N ARG L 263 -15.01 67.49 -57.06
CA ARG L 263 -13.56 67.44 -56.94
C ARG L 263 -12.96 68.84 -56.94
N LEU L 264 -13.69 69.81 -57.46
CA LEU L 264 -13.23 71.19 -57.52
C LEU L 264 -13.52 71.92 -56.22
N ILE L 265 -14.64 71.58 -55.57
CA ILE L 265 -15.00 72.16 -54.28
C ILE L 265 -14.12 71.63 -53.16
N VAL L 266 -13.85 70.31 -53.17
CA VAL L 266 -13.02 69.74 -52.11
C VAL L 266 -11.65 70.38 -52.10
N GLN L 267 -11.14 70.79 -53.26
CA GLN L 267 -9.88 71.51 -53.31
C GLN L 267 -9.97 72.82 -52.55
N LEU L 268 -11.06 73.56 -52.73
CA LEU L 268 -11.22 74.82 -52.02
C LEU L 268 -11.33 74.60 -50.52
N ILE L 269 -11.98 73.51 -50.11
CA ILE L 269 -12.09 73.21 -48.67
C ILE L 269 -10.72 72.91 -48.08
N ASN L 270 -9.95 72.04 -48.76
CA ASN L 270 -8.64 71.69 -48.23
C ASN L 270 -7.65 72.83 -48.31
N LYS L 271 -7.91 73.84 -49.12
CA LYS L 271 -7.06 75.03 -49.08
C LYS L 271 -7.51 76.00 -48.00
N ALA L 272 -8.82 76.11 -47.80
CA ALA L 272 -9.34 76.99 -46.76
C ALA L 272 -8.90 76.55 -45.38
N PHE L 273 -8.88 75.24 -45.12
CA PHE L 273 -8.39 74.77 -43.83
C PHE L 273 -6.93 75.16 -43.62
N GLU L 274 -6.10 74.95 -44.63
CA GLU L 274 -4.68 75.22 -44.51
C GLU L 274 -4.41 76.71 -44.30
N LEU L 275 -5.16 77.58 -44.97
CA LEU L 275 -4.92 79.00 -44.78
C LEU L 275 -5.58 79.54 -43.51
N ARG L 276 -6.59 78.84 -42.98
CA ARG L 276 -7.17 79.26 -41.71
C ARG L 276 -6.26 78.90 -40.54
N MET L 277 -5.64 77.72 -40.58
CA MET L 277 -4.76 77.35 -39.47
C MET L 277 -3.52 78.24 -39.37
N LYS L 278 -3.22 79.04 -40.39
CA LYS L 278 -2.10 79.96 -40.30
C LYS L 278 -2.39 81.13 -39.38
N ASP L 279 -3.65 81.36 -39.02
CA ASP L 279 -4.03 82.47 -38.17
C ASP L 279 -4.22 82.08 -36.71
N LYS L 280 -4.22 80.79 -36.41
CA LYS L 280 -4.42 80.32 -35.04
C LYS L 280 -3.08 80.33 -34.29
N ASN L 281 -3.06 79.71 -33.11
CA ASN L 281 -1.86 79.63 -32.29
C ASN L 281 -1.09 78.33 -32.49
N VAL L 282 -1.20 77.72 -33.66
CA VAL L 282 -0.58 76.44 -33.94
C VAL L 282 0.49 76.63 -35.01
N ARG L 283 1.54 75.81 -34.91
CA ARG L 283 2.59 75.77 -35.92
C ARG L 283 2.34 74.57 -36.84
N GLU L 284 3.25 74.35 -37.78
CA GLU L 284 3.05 73.35 -38.81
C GLU L 284 4.23 72.40 -38.88
N TYR L 285 3.94 71.16 -39.29
CA TYR L 285 4.94 70.13 -39.56
C TYR L 285 4.65 69.52 -40.92
N GLN L 286 5.70 69.16 -41.64
CA GLN L 286 5.57 68.64 -43.00
C GLN L 286 5.73 67.13 -43.00
N MET L 287 4.82 66.46 -43.69
CA MET L 287 4.84 65.01 -43.85
C MET L 287 5.02 64.67 -45.33
N SER L 288 4.89 63.39 -45.65
CA SER L 288 5.17 62.93 -47.01
C SER L 288 4.21 63.55 -48.01
N LYS L 289 2.91 63.62 -47.67
CA LYS L 289 1.91 64.11 -48.62
C LYS L 289 0.92 65.08 -48.00
N THR L 290 1.17 65.59 -46.80
CA THR L 290 0.16 66.39 -46.10
C THR L 290 0.86 67.26 -45.05
N PHE L 291 0.07 68.08 -44.37
CA PHE L 291 0.54 68.98 -43.33
C PHE L 291 -0.08 68.59 -41.99
N ALA L 292 0.67 68.81 -40.93
CA ALA L 292 0.22 68.54 -39.57
C ALA L 292 0.45 69.77 -38.70
N TYR L 293 -0.48 70.05 -37.79
CA TYR L 293 -0.46 71.24 -36.97
C TYR L 293 -0.41 70.86 -35.50
N TRP L 294 0.46 71.54 -34.75
CA TRP L 294 0.66 71.25 -33.33
C TRP L 294 0.82 72.55 -32.57
N ILE L 295 0.59 72.47 -31.25
CA ILE L 295 0.63 73.62 -30.36
C ILE L 295 1.99 73.67 -29.68
N GLU L 296 2.50 74.88 -29.45
CA GLU L 296 3.78 75.05 -28.80
C GLU L 296 3.68 74.76 -27.31
N LYS L 297 4.80 74.93 -26.61
CA LYS L 297 4.83 74.61 -25.18
C LYS L 297 4.36 75.77 -24.32
N GLY L 298 4.70 77.00 -24.71
CA GLY L 298 4.31 78.15 -23.91
C GLY L 298 2.81 78.34 -23.82
N LYS L 299 2.10 78.11 -24.93
CA LYS L 299 0.66 78.26 -24.94
C LYS L 299 0.01 77.19 -24.06
N LEU L 300 -1.23 77.50 -23.63
CA LEU L 300 -2.04 76.62 -22.79
C LEU L 300 -1.52 76.57 -21.37
N GLU L 301 -2.42 76.63 -20.39
CA GLU L 301 -2.04 76.65 -18.99
C GLU L 301 -1.83 75.22 -18.49
N LYS L 302 -0.68 74.97 -17.87
CA LYS L 302 -0.31 73.66 -17.34
C LYS L 302 -0.30 72.58 -18.41
N ASP L 303 -0.14 72.96 -19.68
CA ASP L 303 -0.08 72.06 -20.83
C ASP L 303 -1.36 71.28 -21.04
N LYS L 304 -2.45 71.65 -20.38
CA LYS L 304 -3.73 70.97 -20.50
C LYS L 304 -4.81 71.97 -20.87
N PHE L 305 -5.61 71.65 -21.88
CA PHE L 305 -6.66 72.57 -22.31
C PHE L 305 -7.90 72.46 -21.44
N GLU L 306 -8.55 71.29 -21.45
CA GLU L 306 -9.77 71.04 -20.69
C GLU L 306 -9.61 69.80 -19.84
N LYS L 307 -8.50 69.74 -19.11
CA LYS L 307 -8.02 68.64 -18.28
C LYS L 307 -7.40 67.54 -19.13
N ILE L 308 -7.24 67.76 -20.44
CA ILE L 308 -6.58 66.81 -21.34
C ILE L 308 -5.25 67.41 -21.76
N LYS L 309 -4.17 66.67 -21.55
CA LYS L 309 -2.83 67.15 -21.84
C LYS L 309 -2.49 66.93 -23.30
N LEU L 310 -1.93 67.95 -23.94
CA LEU L 310 -1.55 67.89 -25.35
C LEU L 310 -0.06 68.08 -25.57
N VAL L 311 0.73 68.20 -24.50
CA VAL L 311 2.18 68.26 -24.61
C VAL L 311 2.81 67.83 -23.30
N GLY L 312 3.83 66.97 -23.39
CA GLY L 312 4.52 66.48 -22.21
C GLY L 312 5.99 66.30 -22.43
N LYS L 313 6.59 65.30 -21.77
CA LYS L 313 8.03 65.10 -21.81
C LYS L 313 8.34 63.63 -22.01
N GLN L 314 9.25 63.34 -22.95
CA GLN L 314 9.77 62.00 -23.17
C GLN L 314 11.27 62.08 -22.96
N LYS L 315 11.73 61.81 -21.74
CA LYS L 315 13.13 61.87 -21.36
C LYS L 315 13.64 63.28 -21.61
N ASN L 316 14.58 63.50 -22.53
CA ASN L 316 15.10 64.83 -22.81
C ASN L 316 14.30 65.57 -23.87
N LYS L 317 13.26 64.95 -24.43
CA LYS L 317 12.48 65.53 -25.51
C LYS L 317 11.09 65.89 -25.02
N TYR L 318 10.38 66.67 -25.84
CA TYR L 318 9.00 67.05 -25.60
C TYR L 318 8.15 66.52 -26.74
N TRP L 319 6.95 66.03 -26.40
CA TRP L 319 6.04 65.48 -27.39
C TRP L 319 4.81 66.36 -27.52
N HIS L 320 4.37 66.56 -28.76
CA HIS L 320 3.20 67.37 -29.08
C HIS L 320 2.18 66.53 -29.82
N PHE L 321 0.92 66.90 -29.69
CA PHE L 321 -0.16 66.23 -30.42
C PHE L 321 -0.52 67.04 -31.65
N GLY L 322 -0.58 66.38 -32.80
CA GLY L 322 -0.88 67.04 -34.05
C GLY L 322 -1.96 66.31 -34.82
N ILE L 323 -2.71 67.08 -35.61
CA ILE L 323 -3.80 66.57 -36.41
C ILE L 323 -3.67 67.07 -37.84
N SER L 324 -4.25 66.32 -38.76
CA SER L 324 -4.37 66.72 -40.16
C SER L 324 -5.85 66.76 -40.54
N ALA L 325 -6.14 67.06 -41.79
CA ALA L 325 -7.52 67.15 -42.25
C ALA L 325 -7.57 66.97 -43.76
N ALA L 326 -8.75 66.61 -44.24
CA ALA L 326 -8.99 66.38 -45.66
C ALA L 326 -10.48 66.36 -45.97
N GLY L 327 -10.90 67.06 -47.02
CA GLY L 327 -12.30 67.10 -47.37
C GLY L 327 -12.80 65.82 -48.02
N LYS L 328 -14.12 65.64 -47.95
CA LYS L 328 -14.78 64.50 -48.57
C LYS L 328 -16.25 64.86 -48.72
N LEU L 329 -16.88 64.37 -49.79
CA LEU L 329 -18.20 64.84 -50.14
C LEU L 329 -19.21 63.76 -50.54
N TYR L 330 -18.83 62.49 -50.59
CA TYR L 330 -19.82 61.53 -51.09
C TYR L 330 -20.92 61.23 -50.08
N PRO L 331 -20.61 60.66 -48.89
CA PRO L 331 -21.69 60.32 -47.96
C PRO L 331 -22.34 61.58 -47.42
N SER L 332 -21.50 62.47 -46.91
CA SER L 332 -21.91 63.80 -46.48
C SER L 332 -20.67 64.67 -46.43
N PRO L 333 -20.82 65.98 -46.55
CA PRO L 333 -19.65 66.85 -46.42
C PRO L 333 -19.03 66.73 -45.04
N VAL L 334 -17.82 66.18 -44.97
CA VAL L 334 -17.15 65.89 -43.72
C VAL L 334 -15.72 66.41 -43.80
N LEU L 335 -15.00 66.32 -42.69
CA LEU L 335 -13.60 66.74 -42.61
C LEU L 335 -12.86 65.66 -41.84
N MET L 336 -12.25 64.72 -42.56
CA MET L 336 -11.60 63.56 -41.95
C MET L 336 -10.32 64.01 -41.27
N VAL L 337 -10.27 63.86 -39.95
CA VAL L 337 -9.12 64.28 -39.15
C VAL L 337 -8.32 63.05 -38.75
N SER L 338 -7.00 63.12 -38.90
CA SER L 338 -6.09 62.06 -38.53
C SER L 338 -5.10 62.56 -37.49
N SER L 339 -4.76 61.70 -36.54
CA SER L 339 -3.97 62.08 -35.38
C SER L 339 -2.50 61.77 -35.60
N HIS L 340 -1.64 62.62 -35.03
CA HIS L 340 -0.19 62.47 -35.13
C HIS L 340 0.44 62.93 -33.83
N ILE L 341 1.68 62.51 -33.60
CA ILE L 341 2.51 63.01 -32.51
C ILE L 341 3.78 63.60 -33.10
N ILE L 342 4.08 64.84 -32.74
CA ILE L 342 5.23 65.57 -33.25
C ILE L 342 6.18 65.83 -32.09
N PHE L 343 7.45 65.46 -32.26
CA PHE L 343 8.44 65.55 -31.21
C PHE L 343 9.38 66.72 -31.44
N THR L 344 9.71 67.42 -30.38
CA THR L 344 10.66 68.52 -30.38
C THR L 344 11.76 68.24 -29.36
N MET L 345 12.66 69.21 -29.19
CA MET L 345 13.79 69.07 -28.28
C MET L 345 13.68 70.03 -27.10
N ASP L 346 13.58 71.32 -27.36
CA ASP L 346 13.46 72.32 -26.30
C ASP L 346 12.01 72.56 -25.89
N GLY L 347 11.07 72.33 -26.80
CA GLY L 347 9.67 72.64 -26.58
C GLY L 347 9.12 73.66 -27.55
N ILE L 348 9.97 74.38 -28.27
CA ILE L 348 9.54 75.37 -29.26
C ILE L 348 10.30 75.15 -30.56
N ASN L 349 11.39 74.38 -30.50
CA ASN L 349 12.26 74.15 -31.64
C ASN L 349 12.11 72.70 -32.09
N LEU L 350 11.73 72.53 -33.36
CA LEU L 350 11.49 71.18 -33.91
C LEU L 350 12.82 70.43 -34.09
N ILE L 351 12.73 69.10 -34.16
CA ILE L 351 13.89 68.23 -34.34
C ILE L 351 14.02 67.88 -35.82
N LYS L 352 15.21 68.10 -36.38
CA LYS L 352 15.46 67.89 -37.80
C LYS L 352 16.16 66.55 -38.01
N SER L 353 15.43 65.48 -37.69
CA SER L 353 15.97 64.13 -37.84
C SER L 353 15.21 63.28 -38.84
N LYS L 354 13.90 63.17 -38.70
CA LYS L 354 13.06 62.33 -39.55
C LYS L 354 13.44 60.85 -39.44
N SER L 355 14.37 60.54 -38.54
CA SER L 355 14.78 59.16 -38.34
C SER L 355 14.58 58.77 -36.88
N ILE L 356 14.72 59.73 -35.98
CA ILE L 356 14.40 59.48 -34.57
C ILE L 356 12.94 59.75 -34.27
N GLN L 357 12.23 60.49 -35.12
CA GLN L 357 10.84 60.77 -34.84
C GLN L 357 9.95 59.56 -35.09
N HIS L 358 10.31 58.72 -36.05
CA HIS L 358 9.63 57.45 -36.20
C HIS L 358 9.84 56.57 -34.96
N SER L 359 11.09 56.49 -34.48
CA SER L 359 11.39 55.64 -33.32
C SER L 359 10.85 56.23 -32.02
N SER L 360 10.47 57.50 -32.01
CA SER L 360 9.81 58.11 -30.85
C SER L 360 8.30 57.99 -30.94
N ARG L 361 7.73 58.12 -32.14
CA ARG L 361 6.31 57.88 -32.34
C ARG L 361 5.93 56.45 -32.00
N ARG L 362 6.70 55.47 -32.50
CA ARG L 362 6.39 54.08 -32.19
C ARG L 362 6.63 53.77 -30.72
N LYS L 363 7.54 54.50 -30.07
CA LYS L 363 7.76 54.31 -28.64
C LYS L 363 6.60 54.87 -27.82
N GLN L 364 6.14 56.06 -28.18
CA GLN L 364 5.11 56.73 -27.37
C GLN L 364 3.72 56.16 -27.61
N GLY L 365 3.42 55.70 -28.83
CA GLY L 365 2.08 55.24 -29.09
C GLY L 365 1.70 53.89 -28.54
N LYS L 366 2.61 53.22 -27.82
CA LYS L 366 2.33 51.89 -27.30
C LYS L 366 1.56 51.91 -25.99
N ASN L 367 1.65 52.99 -25.22
CA ASN L 367 0.91 53.11 -23.97
C ASN L 367 -0.41 53.84 -24.13
N TRP L 368 -0.76 54.23 -25.35
CA TRP L 368 -1.97 55.00 -25.61
C TRP L 368 -3.04 54.10 -26.21
N TRP L 369 -4.24 54.18 -25.66
CA TRP L 369 -5.35 53.35 -26.10
C TRP L 369 -6.55 54.22 -26.46
N ASN L 370 -7.71 53.60 -26.60
CA ASN L 370 -8.91 54.28 -27.10
C ASN L 370 -9.16 55.59 -26.36
N ASP L 371 -9.08 55.55 -25.03
CA ASP L 371 -9.42 56.73 -24.23
C ASP L 371 -8.49 57.90 -24.55
N LYS L 372 -7.18 57.66 -24.52
CA LYS L 372 -6.23 58.75 -24.74
C LYS L 372 -6.42 59.37 -26.11
N TRP L 373 -6.51 58.55 -27.15
CA TRP L 373 -6.69 59.07 -28.50
C TRP L 373 -7.97 59.89 -28.59
N ARG L 374 -9.07 59.37 -28.05
CA ARG L 374 -10.33 60.08 -28.11
C ARG L 374 -10.24 61.45 -27.45
N GLU L 375 -9.77 61.49 -26.20
CA GLU L 375 -9.74 62.76 -25.48
C GLU L 375 -8.79 63.76 -26.13
N LYS L 376 -7.61 63.32 -26.57
CA LYS L 376 -6.68 64.26 -27.16
C LYS L 376 -7.21 64.81 -28.49
N LEU L 377 -7.80 63.96 -29.32
CA LEU L 377 -8.36 64.45 -30.58
C LEU L 377 -9.48 65.44 -30.33
N LEU L 378 -10.40 65.11 -29.41
CA LEU L 378 -11.52 66.00 -29.15
C LEU L 378 -11.04 67.32 -28.56
N ALA L 379 -10.08 67.28 -27.64
CA ALA L 379 -9.57 68.51 -27.05
C ALA L 379 -8.87 69.38 -28.07
N PHE L 380 -8.08 68.77 -28.97
CA PHE L 380 -7.41 69.56 -29.99
C PHE L 380 -8.42 70.19 -30.94
N ILE L 381 -9.48 69.47 -31.30
CA ILE L 381 -10.50 70.05 -32.17
C ILE L 381 -11.20 71.21 -31.47
N ARG L 382 -11.55 71.04 -30.20
CA ARG L 382 -12.24 72.10 -29.48
C ARG L 382 -11.33 73.31 -29.23
N PHE L 383 -10.02 73.10 -29.19
CA PHE L 383 -9.11 74.22 -28.96
C PHE L 383 -9.18 75.23 -30.09
N LEU L 384 -9.35 74.76 -31.33
CA LEU L 384 -9.37 75.66 -32.47
C LEU L 384 -10.68 76.43 -32.59
N SER L 385 -11.80 75.81 -32.19
CA SER L 385 -13.11 76.38 -32.46
C SER L 385 -13.26 77.76 -31.82
N ASP L 386 -13.85 78.69 -32.57
CA ASP L 386 -14.15 80.02 -32.07
C ASP L 386 -15.54 80.05 -31.44
N ASP L 387 -16.56 79.69 -32.21
CA ASP L 387 -17.90 79.54 -31.66
C ASP L 387 -17.96 78.27 -30.82
N GLN L 388 -18.98 78.20 -29.96
CA GLN L 388 -19.09 77.07 -29.04
C GLN L 388 -19.26 75.75 -29.78
N ASN L 389 -19.98 75.77 -30.91
CA ASN L 389 -20.33 74.55 -31.62
C ASN L 389 -19.86 74.55 -33.08
N ALA L 390 -18.92 75.41 -33.45
CA ALA L 390 -18.44 75.44 -34.82
C ALA L 390 -17.06 76.07 -34.88
N ILE L 391 -16.38 75.84 -35.99
CA ILE L 391 -15.08 76.44 -36.29
C ILE L 391 -15.18 77.15 -37.63
N TYR L 392 -14.60 78.34 -37.71
CA TYR L 392 -14.85 79.26 -38.82
C TYR L 392 -13.70 79.18 -39.83
N LEU L 393 -14.03 78.89 -41.08
CA LEU L 393 -13.08 78.96 -42.19
C LEU L 393 -13.50 80.15 -43.06
N ASN L 394 -12.73 81.24 -43.00
CA ASN L 394 -13.07 82.45 -43.73
C ASN L 394 -12.64 82.30 -45.18
N VAL L 395 -13.48 81.60 -45.95
CA VAL L 395 -13.26 81.51 -47.39
C VAL L 395 -13.43 82.89 -48.03
N GLY L 396 -14.27 83.74 -47.44
CA GLY L 396 -14.54 85.03 -48.02
C GLY L 396 -14.65 86.12 -46.98
N SER L 397 -14.72 87.36 -47.49
CA SER L 397 -14.91 88.52 -46.63
C SER L 397 -16.32 88.59 -46.06
N GLU L 398 -17.27 87.84 -46.63
CA GLU L 398 -18.63 87.81 -46.13
C GLU L 398 -19.22 86.41 -46.04
N GLU L 399 -18.58 85.40 -46.60
CA GLU L 399 -19.06 84.03 -46.53
C GLU L 399 -17.98 83.14 -45.93
N LYS L 400 -18.39 82.00 -45.39
CA LYS L 400 -17.49 81.13 -44.66
C LYS L 400 -18.06 79.72 -44.65
N ILE L 401 -17.18 78.74 -44.39
CA ILE L 401 -17.56 77.35 -44.25
C ILE L 401 -17.51 76.99 -42.76
N LEU L 402 -18.55 76.30 -42.29
CA LEU L 402 -18.70 75.98 -40.87
C LEU L 402 -18.63 74.47 -40.67
N ILE L 403 -17.74 74.04 -39.79
CA ILE L 403 -17.57 72.63 -39.45
C ILE L 403 -17.98 72.43 -38.00
N SER L 404 -18.69 71.32 -37.74
CA SER L 404 -19.19 71.06 -36.40
C SER L 404 -18.06 70.67 -35.46
N ASN L 405 -18.18 71.09 -34.21
CA ASN L 405 -17.24 70.66 -33.19
C ASN L 405 -17.45 69.21 -32.77
N LYS L 406 -18.66 68.68 -32.96
CA LYS L 406 -19.01 67.36 -32.49
C LYS L 406 -18.96 66.37 -33.65
N PRO L 407 -18.12 65.34 -33.59
CA PRO L 407 -18.00 64.41 -34.71
C PRO L 407 -19.23 63.53 -34.85
N LEU L 408 -19.31 62.86 -35.99
CA LEU L 408 -20.42 61.94 -36.24
C LEU L 408 -20.38 60.77 -35.27
N LYS L 409 -21.56 60.35 -34.82
CA LYS L 409 -21.68 59.31 -33.81
C LYS L 409 -22.32 58.07 -34.42
N PHE L 410 -21.85 56.90 -34.00
CA PHE L 410 -22.35 55.62 -34.45
C PHE L 410 -22.86 54.83 -33.26
N PHE L 411 -23.66 53.79 -33.54
CA PHE L 411 -24.22 52.98 -32.46
C PHE L 411 -24.52 51.59 -32.99
N GLY L 412 -24.37 50.59 -32.12
CA GLY L 412 -24.60 49.21 -32.46
C GLY L 412 -25.47 48.51 -31.43
N LYS L 413 -25.78 47.24 -31.73
CA LYS L 413 -26.66 46.44 -30.88
C LYS L 413 -26.02 45.18 -30.35
N MET L 414 -24.80 44.86 -30.74
CA MET L 414 -24.08 43.69 -30.23
C MET L 414 -22.73 44.15 -29.71
N SER L 415 -22.33 43.62 -28.55
CA SER L 415 -21.17 44.16 -27.86
C SER L 415 -20.61 43.10 -26.91
N TYR L 416 -19.68 43.52 -26.06
CA TYR L 416 -19.01 42.63 -25.14
C TYR L 416 -18.94 43.28 -23.76
N VAL L 417 -18.66 42.47 -22.76
CA VAL L 417 -18.47 42.95 -21.39
C VAL L 417 -17.00 43.33 -21.22
N THR L 418 -16.75 44.56 -20.81
CA THR L 418 -15.38 45.06 -20.74
C THR L 418 -14.60 44.32 -19.65
N PRO L 419 -13.33 44.00 -19.90
CA PRO L 419 -12.51 43.39 -18.85
C PRO L 419 -12.31 44.34 -17.68
N SER L 420 -12.12 43.76 -16.50
CA SER L 420 -11.91 44.54 -15.29
C SER L 420 -10.58 45.28 -15.34
N MET M 1 -7.70 29.20 21.01
CA MET M 1 -6.73 29.64 22.00
C MET M 1 -7.36 29.66 23.40
N ARG M 2 -6.73 30.39 24.31
CA ARG M 2 -7.22 30.59 25.67
C ARG M 2 -7.26 29.23 26.37
N ASN M 3 -8.36 28.84 27.02
CA ASN M 3 -8.34 27.67 27.88
C ASN M 3 -9.60 26.80 27.83
N LYS M 4 -10.56 27.09 26.96
CA LYS M 4 -11.77 26.28 26.91
C LYS M 4 -11.54 25.02 26.09
N ILE M 5 -12.41 24.05 26.30
CA ILE M 5 -12.38 22.78 25.60
C ILE M 5 -13.75 22.55 24.99
N PHE M 6 -13.85 22.70 23.67
CA PHE M 6 -15.13 22.57 22.98
C PHE M 6 -15.48 21.11 22.77
N ILE M 7 -16.77 20.79 22.92
CA ILE M 7 -17.29 19.45 22.65
C ILE M 7 -18.51 19.59 21.77
N SER M 8 -18.56 18.83 20.68
CA SER M 8 -19.64 18.92 19.68
C SER M 8 -20.28 17.54 19.53
N HIS M 9 -21.44 17.35 20.13
CA HIS M 9 -22.17 16.10 20.09
C HIS M 9 -23.38 16.23 19.16
N ALA M 10 -24.21 15.19 19.13
CA ALA M 10 -25.52 15.26 18.49
C ALA M 10 -26.55 15.69 19.53
N THR M 11 -27.57 16.44 19.08
CA THR M 11 -28.50 17.04 20.02
C THR M 11 -29.44 16.00 20.66
N PRO M 12 -30.31 15.31 19.91
CA PRO M 12 -31.26 14.41 20.59
C PRO M 12 -30.59 13.14 21.09
N GLU M 13 -29.77 12.54 20.24
CA GLU M 13 -29.05 11.33 20.62
C GLU M 13 -27.80 11.69 21.41
N ASP M 14 -27.14 10.67 21.94
CA ASP M 14 -25.95 10.83 22.79
C ASP M 14 -26.34 11.75 23.95
N ASP M 15 -25.49 12.73 24.30
CA ASP M 15 -25.72 13.73 25.34
C ASP M 15 -25.65 13.10 26.73
N ASP M 16 -25.67 11.77 26.79
CA ASP M 16 -25.44 11.05 28.03
C ASP M 16 -23.95 10.86 28.25
N PHE M 17 -23.27 10.31 27.24
CA PHE M 17 -21.82 10.33 27.24
C PHE M 17 -21.30 11.75 27.35
N THR M 18 -21.95 12.70 26.67
CA THR M 18 -21.49 14.08 26.70
C THR M 18 -21.64 14.69 28.09
N ARG M 19 -22.78 14.46 28.74
CA ARG M 19 -22.96 14.94 30.11
C ARG M 19 -21.91 14.33 31.03
N TRP M 20 -21.70 13.01 30.91
CA TRP M 20 -20.70 12.32 31.73
C TRP M 20 -19.32 12.93 31.55
N LEU M 21 -18.87 13.05 30.29
CA LEU M 21 -17.53 13.55 30.02
C LEU M 21 -17.37 15.00 30.46
N SER M 22 -18.39 15.83 30.19
CA SER M 22 -18.30 17.23 30.56
C SER M 22 -18.17 17.40 32.06
N LEU M 23 -19.01 16.68 32.82
CA LEU M 23 -18.96 16.83 34.28
C LEU M 23 -17.65 16.32 34.85
N LYS M 24 -17.15 15.17 34.36
CA LYS M 24 -15.88 14.68 34.87
C LYS M 24 -14.73 15.62 34.49
N LEU M 25 -14.73 16.15 33.27
CA LEU M 25 -13.67 17.04 32.84
C LEU M 25 -13.65 18.34 33.65
N ILE M 26 -14.83 18.89 33.95
CA ILE M 26 -14.88 20.09 34.79
C ILE M 26 -14.42 19.74 36.21
N GLY M 27 -14.85 18.59 36.73
CA GLY M 27 -14.43 18.18 38.06
C GLY M 27 -12.96 17.88 38.17
N LEU M 28 -12.27 17.64 37.06
CA LEU M 28 -10.84 17.41 37.11
C LEU M 28 -10.02 18.70 37.01
N GLY M 29 -10.65 19.83 36.70
CA GLY M 29 -9.96 21.11 36.69
C GLY M 29 -10.00 21.86 35.38
N TYR M 30 -10.66 21.36 34.34
CA TYR M 30 -10.67 22.01 33.04
C TYR M 30 -11.93 22.84 32.85
N GLU M 31 -11.85 23.77 31.89
CA GLU M 31 -13.00 24.55 31.46
C GLU M 31 -13.58 23.91 30.21
N VAL M 32 -14.88 23.69 30.22
CA VAL M 32 -15.57 23.01 29.12
C VAL M 32 -16.65 23.92 28.58
N TRP M 33 -16.91 23.81 27.28
CA TRP M 33 -18.01 24.52 26.63
C TRP M 33 -18.83 23.48 25.88
N CYS M 34 -19.81 22.91 26.58
CA CYS M 34 -20.79 22.05 25.95
C CYS M 34 -22.09 22.81 25.69
N ASP M 35 -22.77 22.43 24.61
CA ASP M 35 -24.09 22.99 24.34
C ASP M 35 -25.15 22.45 25.29
N ILE M 36 -24.82 21.43 26.09
CA ILE M 36 -25.76 20.86 27.05
C ILE M 36 -25.68 21.51 28.42
N LEU M 37 -24.65 22.32 28.68
CA LEU M 37 -24.52 22.99 29.97
C LEU M 37 -25.22 24.34 30.00
N PHE M 38 -25.55 24.91 28.85
CA PHE M 38 -26.19 26.21 28.76
C PHE M 38 -27.68 26.00 28.50
N LEU M 39 -28.50 26.22 29.52
CA LEU M 39 -29.95 26.10 29.39
C LEU M 39 -30.60 27.43 29.03
N ASP M 40 -30.12 28.03 27.94
CA ASP M 40 -30.64 29.32 27.49
C ASP M 40 -30.32 29.54 26.01
N ASP M 44 -27.08 27.41 21.66
CA ASP M 44 -27.21 28.85 21.86
C ASP M 44 -27.26 29.58 20.52
N PHE M 45 -28.01 29.01 19.57
CA PHE M 45 -28.15 29.56 18.21
C PHE M 45 -26.77 29.63 17.59
N TRP M 46 -26.26 30.81 17.24
CA TRP M 46 -24.91 30.97 16.70
C TRP M 46 -24.34 32.27 17.25
N SER M 47 -23.25 32.73 16.64
CA SER M 47 -22.57 33.99 16.96
C SER M 47 -21.97 33.97 18.35
N THR M 48 -22.23 32.90 19.10
CA THR M 48 -21.52 32.57 20.33
C THR M 48 -20.70 31.30 20.18
N ILE M 49 -21.24 30.31 19.48
CA ILE M 49 -20.46 29.14 19.11
C ILE M 49 -19.27 29.56 18.25
N GLU M 50 -19.52 30.40 17.25
CA GLU M 50 -18.45 30.87 16.38
C GLU M 50 -17.43 31.71 17.16
N LYS M 51 -17.91 32.57 18.06
CA LYS M 51 -16.99 33.35 18.87
C LYS M 51 -16.18 32.47 19.81
N GLU M 52 -16.73 31.32 20.21
CA GLU M 52 -15.98 30.40 21.06
C GLU M 52 -14.92 29.67 20.28
N ILE M 53 -15.31 28.93 19.23
CA ILE M 53 -14.36 28.11 18.50
C ILE M 53 -13.26 28.95 17.88
N ARG M 54 -13.57 30.17 17.45
CA ARG M 54 -12.61 30.99 16.74
C ARG M 54 -11.72 31.83 17.65
N GLU M 55 -12.06 31.96 18.94
CA GLU M 55 -11.33 32.91 19.76
C GLU M 55 -10.85 32.36 21.09
N ASN M 56 -11.55 31.39 21.68
CA ASN M 56 -11.21 31.01 23.04
C ASN M 56 -11.29 29.50 23.31
N THR M 57 -11.07 28.66 22.30
CA THR M 57 -11.03 27.22 22.50
C THR M 57 -9.63 26.70 22.27
N CYS M 58 -9.08 26.03 23.28
CA CYS M 58 -7.76 25.41 23.14
C CYS M 58 -7.82 24.15 22.29
N LYS M 59 -8.85 23.32 22.49
CA LYS M 59 -9.00 22.08 21.73
C LYS M 59 -10.48 21.84 21.43
N PHE M 60 -10.72 21.15 20.33
CA PHE M 60 -12.07 20.92 19.81
C PHE M 60 -12.31 19.43 19.71
N LEU M 61 -13.21 18.90 20.53
CA LEU M 61 -13.50 17.48 20.57
C LEU M 61 -14.79 17.20 19.82
N ILE M 62 -14.76 16.17 18.97
CA ILE M 62 -15.91 15.80 18.16
C ILE M 62 -16.31 14.37 18.51
N VAL M 63 -17.61 14.15 18.71
CA VAL M 63 -18.16 12.85 19.03
C VAL M 63 -18.66 12.19 17.76
N SER M 64 -18.20 10.97 17.50
CA SER M 64 -18.54 10.24 16.28
C SER M 64 -19.41 9.04 16.62
N SER M 65 -20.56 8.94 15.95
CA SER M 65 -21.48 7.83 16.15
C SER M 65 -22.34 7.72 14.90
N THR M 66 -23.18 6.67 14.86
CA THR M 66 -24.06 6.50 13.71
C THR M 66 -25.11 7.60 13.63
N ALA M 67 -25.44 8.23 14.76
CA ALA M 67 -26.33 9.37 14.74
C ALA M 67 -25.62 10.63 14.27
N GLY M 68 -24.33 10.75 14.59
CA GLY M 68 -23.54 11.88 14.15
C GLY M 68 -23.11 11.72 12.70
N ASN M 69 -22.14 12.55 12.32
CA ASN M 69 -21.54 12.57 10.99
C ASN M 69 -22.53 13.07 9.93
N LYS M 70 -23.78 13.30 10.32
CA LYS M 70 -24.79 13.76 9.37
C LYS M 70 -25.79 14.72 10.02
N ARG M 71 -25.35 15.47 11.04
CA ARG M 71 -26.25 16.32 11.80
C ARG M 71 -26.12 17.80 11.46
N GLU M 72 -25.54 18.13 10.30
CA GLU M 72 -25.54 19.49 9.78
C GLU M 72 -24.83 20.45 10.72
N GLY M 73 -25.38 20.66 11.92
CA GLY M 73 -24.73 21.55 12.87
C GLY M 73 -23.35 21.06 13.27
N VAL M 74 -23.21 19.74 13.46
CA VAL M 74 -21.91 19.17 13.77
C VAL M 74 -20.92 19.43 12.65
N LEU M 75 -21.38 19.29 11.40
CA LEU M 75 -20.49 19.49 10.26
C LEU M 75 -20.12 20.97 10.10
N LYS M 76 -21.05 21.88 10.37
CA LYS M 76 -20.72 23.31 10.32
C LYS M 76 -19.70 23.66 11.40
N GLU M 77 -19.90 23.14 12.61
CA GLU M 77 -18.92 23.35 13.67
C GLU M 77 -17.58 22.75 13.29
N LEU M 78 -17.58 21.61 12.61
CA LEU M 78 -16.35 20.99 12.15
C LEU M 78 -15.64 21.85 11.12
N ALA M 79 -16.40 22.47 10.21
CA ALA M 79 -15.78 23.35 9.22
C ALA M 79 -15.14 24.57 9.89
N VAL M 80 -15.85 25.17 10.85
CA VAL M 80 -15.26 26.29 11.58
C VAL M 80 -14.00 25.83 12.31
N ALA M 81 -14.04 24.63 12.90
CA ALA M 81 -12.87 24.11 13.61
C ALA M 81 -11.70 23.90 12.66
N THR M 82 -11.97 23.39 11.45
CA THR M 82 -10.90 23.20 10.47
C THR M 82 -10.28 24.52 10.07
N LYS M 83 -11.11 25.55 9.86
CA LYS M 83 -10.56 26.86 9.55
C LYS M 83 -9.68 27.39 10.68
N VAL M 84 -10.14 27.24 11.93
CA VAL M 84 -9.36 27.72 13.06
C VAL M 84 -8.07 26.94 13.21
N LYS M 85 -8.10 25.63 12.94
CA LYS M 85 -6.88 24.83 13.01
C LYS M 85 -5.88 25.26 11.95
N LYS M 86 -6.34 25.49 10.72
CA LYS M 86 -5.45 25.96 9.67
C LYS M 86 -4.84 27.31 10.04
N HIS M 87 -5.65 28.18 10.65
CA HIS M 87 -5.11 29.46 11.12
C HIS M 87 -4.05 29.26 12.19
N LEU M 88 -4.32 28.36 13.14
CA LEU M 88 -3.48 28.23 14.33
C LEU M 88 -2.22 27.41 14.09
N GLN M 89 -2.16 26.64 13.01
CA GLN M 89 -1.02 25.77 12.71
C GLN M 89 -0.72 24.81 13.86
N ASP M 90 -1.79 24.28 14.47
CA ASP M 90 -1.67 23.29 15.54
C ASP M 90 -2.32 22.00 15.05
N ASP M 91 -1.51 20.97 14.80
CA ASP M 91 -2.04 19.71 14.29
C ASP M 91 -2.95 19.01 15.28
N MET M 92 -2.80 19.30 16.58
CA MET M 92 -3.62 18.68 17.61
C MET M 92 -4.74 19.65 17.99
N PHE M 93 -5.78 19.65 17.19
CA PHE M 93 -6.95 20.49 17.46
C PHE M 93 -8.25 19.71 17.45
N ILE M 94 -8.41 18.74 16.56
CA ILE M 94 -9.62 17.95 16.45
C ILE M 94 -9.31 16.54 16.91
N ILE M 95 -9.95 16.12 18.00
CA ILE M 95 -9.69 14.83 18.63
C ILE M 95 -10.99 14.03 18.61
N PRO M 96 -11.17 13.15 17.63
CA PRO M 96 -12.40 12.36 17.57
C PRO M 96 -12.50 11.37 18.73
N LEU M 97 -13.74 11.01 19.06
CA LEU M 97 -14.03 10.05 20.12
C LEU M 97 -14.93 8.97 19.54
N ALA M 98 -14.37 7.77 19.33
CA ALA M 98 -15.15 6.66 18.80
C ALA M 98 -16.02 6.08 19.91
N ILE M 99 -17.33 6.06 19.70
CA ILE M 99 -18.26 5.66 20.74
C ILE M 99 -19.18 4.54 20.27
N ASP M 100 -19.46 4.48 18.97
CA ASP M 100 -20.44 3.54 18.46
C ASP M 100 -19.78 2.20 18.13
N GLU M 101 -20.62 1.19 18.00
CA GLU M 101 -20.17 -0.15 17.61
C GLU M 101 -20.71 -0.60 16.27
N ASN M 102 -21.88 -0.12 15.85
CA ASN M 102 -22.41 -0.44 14.53
C ASN M 102 -21.78 0.41 13.43
N LEU M 103 -20.98 1.41 13.80
CA LEU M 103 -20.27 2.25 12.84
C LEU M 103 -18.80 1.86 12.83
N SER M 104 -18.28 1.55 11.65
CA SER M 104 -16.92 1.08 11.48
C SER M 104 -15.94 2.24 11.38
N TYR M 105 -14.66 1.91 11.38
CA TYR M 105 -13.60 2.89 11.18
C TYR M 105 -13.42 3.27 9.72
N ASP M 106 -14.22 2.71 8.82
CA ASP M 106 -14.11 2.98 7.39
C ASP M 106 -15.30 3.75 6.82
N ASP M 107 -16.30 4.07 7.65
CA ASP M 107 -17.44 4.87 7.23
C ASP M 107 -17.38 6.29 7.79
N ILE M 108 -16.19 6.74 8.17
CA ILE M 108 -16.03 8.04 8.82
C ILE M 108 -16.16 9.15 7.78
N ASN M 109 -16.90 10.19 8.14
CA ASN M 109 -17.05 11.35 7.29
C ASN M 109 -15.71 12.08 7.15
N ILE M 110 -15.49 12.67 5.97
CA ILE M 110 -14.22 13.33 5.68
C ILE M 110 -13.98 14.48 6.65
N GLU M 111 -12.71 14.88 6.76
CA GLU M 111 -12.13 15.80 7.74
C GLU M 111 -11.97 15.10 9.08
N ILE M 112 -12.39 13.84 9.20
CA ILE M 112 -12.16 13.04 10.39
C ILE M 112 -11.49 11.70 10.08
N VAL M 113 -11.59 11.20 8.84
CA VAL M 113 -11.08 9.87 8.50
C VAL M 113 -9.56 9.79 8.53
N ARG M 114 -8.87 10.93 8.54
CA ARG M 114 -7.41 10.95 8.54
C ARG M 114 -6.82 11.20 9.92
N LEU M 115 -7.63 11.11 10.97
CA LEU M 115 -7.19 11.40 12.33
C LEU M 115 -7.38 10.18 13.21
N ASN M 116 -6.49 10.01 14.19
CA ASN M 116 -6.57 8.91 15.14
C ASN M 116 -7.40 9.34 16.35
N ALA M 117 -8.39 8.52 16.70
CA ALA M 117 -9.36 8.85 17.74
C ALA M 117 -8.87 8.36 19.11
N ILE M 118 -9.77 8.39 20.09
CA ILE M 118 -9.45 7.93 21.43
C ILE M 118 -10.01 6.53 21.71
N ASP M 119 -11.01 6.09 20.95
CA ASP M 119 -11.57 4.74 21.04
C ASP M 119 -12.17 4.48 22.43
N PHE M 120 -13.24 5.23 22.72
CA PHE M 120 -14.08 4.98 23.89
C PHE M 120 -14.96 3.75 23.73
N LYS M 121 -14.74 2.93 22.70
CA LYS M 121 -15.68 1.86 22.40
C LYS M 121 -15.63 0.76 23.46
N LYS M 122 -14.44 0.32 23.83
CA LYS M 122 -14.31 -0.81 24.76
C LYS M 122 -14.76 -0.42 26.16
N SER M 123 -14.27 0.71 26.68
CA SER M 123 -14.59 1.13 28.03
C SER M 123 -14.33 2.61 28.17
N TRP M 124 -15.24 3.31 28.83
CA TRP M 124 -15.13 4.77 28.94
C TRP M 124 -13.93 5.17 29.80
N ALA M 125 -13.58 4.36 30.80
CA ALA M 125 -12.46 4.71 31.68
C ALA M 125 -11.14 4.76 30.93
N LYS M 126 -10.89 3.76 30.08
CA LYS M 126 -9.65 3.76 29.31
C LYS M 126 -9.58 4.95 28.36
N GLY M 127 -10.69 5.27 27.69
CA GLY M 127 -10.71 6.42 26.82
C GLY M 127 -10.48 7.72 27.56
N LEU M 128 -11.10 7.87 28.74
CA LEU M 128 -10.88 9.08 29.51
C LEU M 128 -9.44 9.20 29.98
N GLN M 129 -8.82 8.07 30.37
CA GLN M 129 -7.43 8.13 30.76
C GLN M 129 -6.53 8.49 29.57
N ASP M 130 -6.86 7.98 28.38
CA ASP M 130 -6.11 8.37 27.19
C ASP M 130 -6.24 9.87 26.93
N LEU M 131 -7.46 10.40 27.09
CA LEU M 131 -7.69 11.82 26.87
C LEU M 131 -6.91 12.66 27.87
N LEU M 132 -6.90 12.27 29.14
CA LEU M 132 -6.15 13.01 30.14
C LEU M 132 -4.65 12.93 29.88
N ASP M 133 -4.16 11.76 29.44
CA ASP M 133 -2.74 11.64 29.11
C ASP M 133 -2.38 12.58 27.96
N ALA M 134 -3.23 12.64 26.93
CA ALA M 134 -2.97 13.56 25.81
C ALA M 134 -3.00 15.00 26.28
N PHE M 135 -3.95 15.37 27.12
CA PHE M 135 -4.04 16.74 27.60
C PHE M 135 -2.81 17.12 28.41
N GLU M 136 -2.39 16.24 29.31
CA GLU M 136 -1.21 16.52 30.13
C GLU M 136 0.07 16.49 29.32
N LYS M 137 0.08 15.82 28.18
CA LYS M 137 1.27 15.76 27.34
C LYS M 137 1.36 16.95 26.38
N GLN M 138 0.23 17.38 25.83
CA GLN M 138 0.19 18.52 24.92
C GLN M 138 0.08 19.85 25.63
N ASN M 139 0.07 19.86 26.96
CA ASN M 139 0.15 21.08 27.77
C ASN M 139 -1.10 21.96 27.61
N VAL M 140 -2.27 21.36 27.82
CA VAL M 140 -3.50 22.14 27.91
C VAL M 140 -3.59 22.75 29.30
N PRO M 141 -3.78 24.07 29.42
CA PRO M 141 -3.78 24.71 30.74
C PRO M 141 -4.88 24.15 31.63
N LYS M 142 -4.56 24.02 32.91
CA LYS M 142 -5.46 23.43 33.89
C LYS M 142 -5.40 24.22 35.19
N LYS M 143 -6.50 24.18 35.94
CA LYS M 143 -6.61 24.73 37.27
C LYS M 143 -6.53 23.62 38.31
N PRO M 144 -6.16 23.94 39.55
CA PRO M 144 -6.07 22.91 40.57
C PRO M 144 -7.42 22.22 40.75
N PRO M 145 -7.41 20.91 41.05
CA PRO M 145 -8.67 20.13 41.03
C PRO M 145 -9.75 20.68 41.94
N ASP M 146 -10.83 21.16 41.34
CA ASP M 146 -12.03 21.53 42.05
C ASP M 146 -13.11 20.49 41.80
N HIS M 147 -13.84 20.11 42.85
CA HIS M 147 -14.79 19.02 42.75
C HIS M 147 -16.20 19.36 43.18
N SER M 148 -16.41 20.46 43.90
CA SER M 148 -17.78 20.88 44.20
C SER M 148 -18.45 21.51 43.00
N LYS M 149 -17.68 21.95 42.00
CA LYS M 149 -18.27 22.61 40.84
C LYS M 149 -19.09 21.63 40.01
N SER M 150 -18.62 20.40 39.86
CA SER M 150 -19.42 19.41 39.13
C SER M 150 -20.75 19.17 39.83
N ASN M 151 -20.73 19.06 41.15
CA ASN M 151 -21.96 18.91 41.92
C ASN M 151 -22.88 20.11 41.71
N LEU M 152 -22.33 21.32 41.79
CA LEU M 152 -23.14 22.52 41.66
C LEU M 152 -23.75 22.61 40.28
N LEU M 153 -22.99 22.29 39.23
CA LEU M 153 -23.53 22.30 37.88
C LEU M 153 -24.61 21.25 37.71
N TYR M 154 -24.40 20.06 38.27
CA TYR M 154 -25.42 19.02 38.18
C TYR M 154 -26.73 19.47 38.81
N GLN M 155 -26.65 20.08 40.00
CA GLN M 155 -27.86 20.57 40.64
C GLN M 155 -28.50 21.71 39.86
N GLN M 156 -27.68 22.64 39.35
CA GLN M 156 -28.23 23.83 38.71
C GLN M 156 -28.90 23.49 37.39
N ILE M 157 -28.24 22.73 36.53
CA ILE M 157 -28.73 22.52 35.18
C ILE M 157 -29.65 21.31 35.11
N PHE M 158 -29.20 20.16 35.59
CA PHE M 158 -29.95 18.92 35.39
C PHE M 158 -31.03 18.70 36.45
N LEU M 159 -31.04 19.48 37.52
CA LEU M 159 -32.05 19.38 38.58
C LEU M 159 -32.83 20.68 38.71
N HIS M 160 -33.16 21.28 37.57
CA HIS M 160 -33.82 22.59 37.58
C HIS M 160 -35.25 22.48 38.11
N ASP M 161 -36.01 21.51 37.60
CA ASP M 161 -37.43 21.36 37.93
C ASP M 161 -37.69 20.01 38.58
N LYS M 162 -36.84 19.63 39.53
CA LYS M 162 -36.99 18.35 40.21
C LYS M 162 -36.92 18.49 41.73
N GLN M 163 -37.07 19.71 42.24
CA GLN M 163 -37.01 19.99 43.67
C GLN M 163 -38.42 20.15 44.24
N ALA M 164 -38.48 20.52 45.51
CA ALA M 164 -39.73 20.82 46.20
C ALA M 164 -39.95 22.32 46.28
N ILE M 165 -41.22 22.70 46.40
CA ILE M 165 -41.61 24.10 46.43
C ILE M 165 -42.40 24.37 47.71
N GLU M 166 -42.81 25.62 47.90
CA GLU M 166 -43.51 26.07 49.10
C GLU M 166 -45.00 26.28 48.85
N LYS M 167 -45.62 25.43 48.06
CA LYS M 167 -47.03 25.58 47.73
C LYS M 167 -47.92 24.89 48.76
N GLU M 168 -49.20 25.23 48.73
CA GLU M 168 -50.19 24.70 49.67
C GLU M 168 -50.93 23.53 49.03
N GLU M 169 -51.11 22.46 49.81
CA GLU M 169 -51.77 21.27 49.32
C GLU M 169 -52.72 20.74 50.40
N THR M 170 -53.85 20.17 49.97
CA THR M 170 -54.85 19.63 50.86
C THR M 170 -55.08 18.16 50.53
N TYR M 171 -55.02 17.30 51.55
CA TYR M 171 -55.19 15.86 51.39
C TYR M 171 -56.44 15.39 52.11
N ASP M 172 -57.16 14.47 51.48
CA ASP M 172 -58.24 13.75 52.14
C ASP M 172 -57.70 12.47 52.76
N SER M 173 -58.47 11.92 53.69
CA SER M 173 -58.06 10.69 54.37
C SER M 173 -59.18 9.66 54.36
N ASN M 174 -59.01 8.57 55.09
CA ASN M 174 -60.05 7.56 55.26
C ASN M 174 -60.55 7.48 56.69
N TRP M 175 -60.23 8.46 57.52
CA TRP M 175 -60.71 8.54 58.88
C TRP M 175 -62.02 9.34 58.88
N PHE M 176 -63.12 8.67 59.20
CA PHE M 176 -64.43 9.31 59.20
C PHE M 176 -64.82 9.65 60.63
N PRO M 177 -64.90 10.92 61.01
CA PRO M 177 -65.19 11.26 62.41
C PRO M 177 -66.57 10.80 62.84
N ILE M 178 -66.71 10.56 64.14
CA ILE M 178 -67.99 10.26 64.77
C ILE M 178 -68.47 11.52 65.47
N ILE M 179 -69.69 11.95 65.15
CA ILE M 179 -70.18 13.27 65.58
C ILE M 179 -71.16 13.19 66.74
N SER M 180 -71.59 12.01 67.16
CA SER M 180 -72.59 11.92 68.23
C SER M 180 -72.52 10.57 68.93
N PHE M 181 -72.33 10.57 70.26
CA PHE M 181 -72.35 9.39 71.10
C PHE M 181 -73.52 9.45 72.09
N PRO M 182 -74.31 8.37 72.20
CA PRO M 182 -75.42 8.39 73.16
C PRO M 182 -74.95 8.61 74.58
N ASN M 183 -75.83 9.26 75.36
CA ASN M 183 -75.48 9.78 76.68
C ASN M 183 -75.39 8.71 77.75
N GLU M 184 -76.15 7.63 77.64
CA GLU M 184 -76.23 6.71 78.76
C GLU M 184 -75.96 5.28 78.33
N LEU M 185 -75.07 4.61 79.06
CA LEU M 185 -74.58 3.28 78.71
C LEU M 185 -75.30 2.18 79.47
N ARG M 186 -75.82 2.48 80.66
CA ARG M 186 -76.87 1.73 81.34
C ARG M 186 -76.55 0.24 81.45
N PHE M 187 -75.54 -0.04 82.28
CA PHE M 187 -75.29 -1.41 82.75
C PHE M 187 -76.59 -1.97 83.32
N HIS M 188 -77.16 -2.98 82.69
CA HIS M 188 -78.40 -3.57 83.19
C HIS M 188 -77.97 -4.67 84.14
N ARG M 189 -78.94 -5.38 84.70
CA ARG M 189 -78.76 -6.45 85.67
C ARG M 189 -79.84 -7.54 85.43
N TYR M 190 -79.77 -8.11 84.23
CA TYR M 190 -80.83 -8.96 83.69
C TYR M 190 -80.63 -10.36 84.25
N ASP M 191 -79.95 -10.50 85.38
CA ASP M 191 -79.71 -11.82 85.97
C ASP M 191 -81.01 -12.59 86.16
N TRP M 192 -80.92 -13.90 85.98
CA TRP M 192 -82.01 -14.88 86.10
C TRP M 192 -83.07 -14.66 85.02
N ARG M 193 -82.96 -13.58 84.27
CA ARG M 193 -83.79 -13.35 83.09
C ARG M 193 -83.05 -13.67 81.80
N LEU M 194 -81.78 -14.06 81.90
CA LEU M 194 -80.95 -14.39 80.74
C LEU M 194 -80.52 -15.85 80.85
N PRO M 195 -81.14 -16.76 80.09
CA PRO M 195 -80.69 -18.15 80.11
C PRO M 195 -79.22 -18.25 79.74
N LYS M 196 -78.43 -18.90 80.61
CA LYS M 196 -76.99 -18.92 80.40
C LYS M 196 -76.60 -19.99 79.39
N GLN M 197 -77.31 -20.01 78.25
CA GLN M 197 -76.89 -20.75 77.06
C GLN M 197 -77.11 -19.96 75.78
N PHE M 198 -78.02 -18.99 75.78
CA PHE M 198 -78.27 -18.15 74.61
C PHE M 198 -77.27 -17.00 74.61
N ASP M 199 -76.50 -16.89 73.54
CA ASP M 199 -75.46 -15.88 73.46
C ASP M 199 -76.06 -14.49 73.28
N VAL M 200 -75.38 -13.50 73.86
CA VAL M 200 -75.81 -12.12 73.68
C VAL M 200 -75.58 -11.66 72.25
N ARG M 201 -74.77 -12.38 71.47
CA ARG M 201 -74.68 -12.17 70.04
C ARG M 201 -75.90 -12.80 69.36
N THR M 202 -75.94 -12.71 68.04
CA THR M 202 -77.12 -13.08 67.25
C THR M 202 -78.37 -12.35 67.74
N LEU M 203 -78.15 -11.24 68.44
CA LEU M 203 -79.20 -10.42 69.02
C LEU M 203 -79.06 -9.02 68.47
N ALA M 204 -80.17 -8.44 68.00
CA ALA M 204 -80.13 -7.06 67.55
C ALA M 204 -79.80 -6.14 68.73
N PHE M 205 -79.49 -4.88 68.41
CA PHE M 205 -79.32 -3.85 69.41
C PHE M 205 -78.18 -4.23 70.34
N PRO M 206 -76.92 -4.12 69.88
CA PRO M 206 -75.81 -4.86 70.50
C PRO M 206 -75.73 -4.73 72.01
N ALA M 207 -75.42 -5.86 72.66
CA ALA M 207 -75.23 -5.92 74.10
C ALA M 207 -74.31 -7.09 74.41
N ILE M 208 -73.45 -6.91 75.41
CA ILE M 208 -72.50 -7.94 75.83
C ILE M 208 -72.55 -8.07 77.35
N ARG M 209 -72.05 -9.21 77.85
CA ARG M 209 -72.14 -9.56 79.27
C ARG M 209 -70.89 -9.20 80.05
N TYR M 210 -70.06 -8.30 79.52
CA TYR M 210 -68.78 -8.03 80.17
C TYR M 210 -68.99 -7.35 81.52
N LYS M 211 -67.90 -7.28 82.29
CA LYS M 211 -67.89 -6.71 83.63
C LYS M 211 -68.88 -7.42 84.55
N GLU M 212 -68.57 -8.69 84.81
CA GLU M 212 -69.22 -9.55 85.79
C GLU M 212 -70.73 -9.42 85.81
N TYR M 213 -71.33 -9.49 87.01
CA TYR M 213 -72.73 -9.13 87.17
C TYR M 213 -72.93 -7.68 86.78
N LEU M 214 -74.19 -7.28 86.64
CA LEU M 214 -74.56 -6.09 85.87
C LEU M 214 -74.14 -6.28 84.42
N CYS M 215 -74.67 -7.36 83.83
CA CYS M 215 -74.07 -7.93 82.62
C CYS M 215 -74.38 -7.10 81.39
N THR M 216 -75.67 -6.94 81.07
CA THR M 216 -76.06 -6.40 79.77
C THR M 216 -75.43 -5.04 79.53
N PHE M 217 -74.86 -4.86 78.35
CA PHE M 217 -74.07 -3.68 78.00
C PHE M 217 -74.78 -2.79 77.00
N ALA M 218 -76.08 -2.95 76.83
CA ALA M 218 -76.73 -2.34 75.68
C ALA M 218 -76.68 -0.82 75.76
N TRP M 219 -76.64 -0.19 74.58
CA TRP M 219 -76.75 1.26 74.52
C TRP M 219 -78.17 1.73 74.81
N GLU M 220 -79.16 0.83 74.76
CA GLU M 220 -80.54 1.21 75.02
C GLU M 220 -81.35 -0.02 75.40
N TYR M 221 -82.66 0.20 75.56
CA TYR M 221 -83.63 -0.77 76.07
C TYR M 221 -84.26 -1.55 74.91
N ASP M 222 -85.43 -2.16 75.16
CA ASP M 222 -86.19 -2.97 74.22
C ASP M 222 -85.54 -4.30 73.86
N PHE M 223 -85.38 -5.17 74.86
CA PHE M 223 -85.02 -6.57 74.67
C PHE M 223 -86.15 -7.49 75.12
N ILE M 224 -87.39 -7.05 74.93
CA ILE M 224 -88.54 -7.79 75.42
C ILE M 224 -89.05 -8.81 74.41
N HIS M 225 -88.72 -8.64 73.13
CA HIS M 225 -89.20 -9.55 72.09
C HIS M 225 -88.28 -10.73 71.84
N GLN M 226 -86.97 -10.54 71.96
CA GLN M 226 -86.01 -11.61 71.72
C GLN M 226 -85.76 -12.48 72.94
N LEU M 227 -86.23 -12.07 74.11
CA LEU M 227 -86.16 -12.88 75.31
C LEU M 227 -87.27 -12.45 76.27
N PRO M 228 -88.43 -13.11 76.23
CA PRO M 228 -89.56 -12.62 77.01
C PRO M 228 -89.46 -12.99 78.48
N LYS M 229 -89.06 -12.02 79.31
CA LYS M 229 -89.15 -12.16 80.76
C LYS M 229 -89.95 -11.04 81.39
N THR M 230 -89.65 -9.77 81.03
CA THR M 230 -90.40 -8.60 81.46
C THR M 230 -90.29 -8.39 82.96
N GLU M 231 -90.69 -7.21 83.45
CA GLU M 231 -90.81 -6.91 84.87
C GLU M 231 -89.45 -6.90 85.56
N THR M 232 -88.49 -6.21 84.96
CA THR M 232 -87.20 -5.95 85.59
C THR M 232 -87.23 -4.60 86.30
N TYR M 233 -86.63 -4.56 87.48
CA TYR M 233 -86.62 -3.33 88.26
C TYR M 233 -85.73 -2.28 87.59
N ASN M 234 -86.27 -1.08 87.41
CA ASN M 234 -85.51 -0.02 86.76
C ASN M 234 -84.31 0.39 87.61
N GLY M 235 -84.47 0.43 88.93
CA GLY M 235 -83.39 0.82 89.81
C GLY M 235 -82.18 -0.10 89.75
N GLN M 236 -82.36 -1.32 89.25
CA GLN M 236 -81.25 -2.28 89.13
C GLN M 236 -80.47 -1.98 87.84
N GLU M 237 -79.74 -0.86 87.88
CA GLU M 237 -78.91 -0.43 86.77
C GLU M 237 -77.99 0.68 87.25
N SER M 238 -76.74 0.65 86.81
CA SER M 238 -75.76 1.67 87.16
C SER M 238 -75.48 2.48 85.90
N ILE M 239 -76.18 3.61 85.78
CA ILE M 239 -76.11 4.44 84.59
C ILE M 239 -74.71 5.02 84.41
N ARG M 240 -74.33 5.26 83.16
CA ARG M 240 -73.04 5.81 82.80
C ARG M 240 -73.21 6.95 81.80
N ILE M 241 -72.13 7.70 81.57
CA ILE M 241 -72.11 8.80 80.63
C ILE M 241 -70.90 8.65 79.72
N SER M 242 -71.12 8.81 78.41
CA SER M 242 -70.01 8.76 77.46
C SER M 242 -69.04 9.92 77.66
N THR M 243 -69.52 11.04 78.18
CA THR M 243 -68.59 12.14 78.47
C THR M 243 -67.64 11.78 79.60
N SER M 244 -68.03 10.82 80.45
CA SER M 244 -67.16 10.29 81.49
C SER M 244 -66.58 8.92 81.14
N ASP M 245 -66.97 8.34 80.01
CA ASP M 245 -66.29 7.14 79.52
C ASP M 245 -65.15 7.49 78.58
N ILE M 246 -65.27 8.61 77.86
CA ILE M 246 -64.25 9.08 76.93
C ILE M 246 -63.72 10.39 77.51
N LEU M 247 -62.74 11.00 76.82
CA LEU M 247 -62.12 12.26 77.26
C LEU M 247 -61.44 12.09 78.62
N SER M 248 -60.85 10.90 78.83
CA SER M 248 -60.12 10.52 80.04
C SER M 248 -61.07 10.30 81.20
N GLY M 249 -62.33 10.68 81.04
CA GLY M 249 -63.38 10.21 81.92
C GLY M 249 -63.35 10.70 83.35
N ARG M 250 -62.24 10.40 84.04
CA ARG M 250 -62.13 10.45 85.49
C ARG M 250 -63.09 9.51 86.19
N TYR M 251 -63.76 8.63 85.43
CA TYR M 251 -64.71 7.67 85.99
C TYR M 251 -64.02 6.31 86.21
N ASP M 252 -62.95 6.36 87.00
CA ASP M 252 -62.19 5.16 87.34
C ASP M 252 -62.82 4.44 88.53
N THR M 253 -64.07 4.04 88.34
CA THR M 253 -64.79 3.32 89.37
C THR M 253 -64.19 1.93 89.58
N ASP M 254 -64.32 1.43 90.80
CA ASP M 254 -63.86 0.07 91.11
C ASP M 254 -64.69 -0.99 90.38
N PHE M 255 -65.84 -0.62 89.83
CA PHE M 255 -66.66 -1.56 89.07
C PHE M 255 -66.05 -1.79 87.70
N ILE M 256 -65.90 -0.74 86.90
CA ILE M 256 -65.24 -0.79 85.61
C ILE M 256 -64.18 0.30 85.55
N ARG M 257 -62.96 -0.06 85.20
CA ARG M 257 -61.92 0.93 84.99
C ARG M 257 -62.16 1.65 83.67
N ASN M 258 -61.66 2.89 83.59
CA ASN M 258 -61.97 3.74 82.44
C ASN M 258 -61.33 3.21 81.16
N TYR M 259 -60.17 2.56 81.25
CA TYR M 259 -59.52 2.03 80.06
C TYR M 259 -60.35 0.92 79.43
N GLU M 260 -60.91 0.04 80.25
CA GLU M 260 -61.71 -1.07 79.73
C GLU M 260 -62.99 -0.57 79.06
N CYS M 261 -63.58 0.50 79.62
CA CYS M 261 -64.81 1.05 79.06
C CYS M 261 -64.61 1.50 77.62
N GLN M 262 -63.45 2.05 77.28
CA GLN M 262 -63.20 2.47 75.92
C GLN M 262 -63.17 1.28 74.97
N ARG M 263 -62.53 0.19 75.39
CA ARG M 263 -62.54 -1.03 74.59
C ARG M 263 -63.96 -1.54 74.39
N LEU M 264 -64.79 -1.49 75.44
CA LEU M 264 -66.17 -1.95 75.32
C LEU M 264 -66.97 -1.06 74.37
N ILE M 265 -66.73 0.25 74.41
CA ILE M 265 -67.38 1.16 73.48
C ILE M 265 -66.98 0.83 72.05
N VAL M 266 -65.70 0.54 71.82
CA VAL M 266 -65.26 0.15 70.47
C VAL M 266 -65.97 -1.12 70.03
N GLN M 267 -66.12 -2.09 70.94
CA GLN M 267 -66.82 -3.32 70.61
C GLN M 267 -68.26 -3.03 70.18
N LEU M 268 -68.94 -2.17 70.95
CA LEU M 268 -70.32 -1.82 70.60
C LEU M 268 -70.39 -1.12 69.25
N ILE M 269 -69.44 -0.24 68.97
CA ILE M 269 -69.43 0.47 67.69
C ILE M 269 -69.28 -0.51 66.54
N ASN M 270 -68.34 -1.46 66.67
CA ASN M 270 -68.13 -2.44 65.60
C ASN M 270 -69.38 -3.29 65.39
N LYS M 271 -69.99 -3.75 66.49
CA LYS M 271 -71.18 -4.57 66.35
C LYS M 271 -72.34 -3.78 65.74
N ALA M 272 -72.47 -2.51 66.10
CA ALA M 272 -73.51 -1.68 65.50
C ALA M 272 -73.31 -1.53 64.00
N PHE M 273 -72.06 -1.32 63.57
CA PHE M 273 -71.79 -1.22 62.14
C PHE M 273 -72.15 -2.52 61.43
N GLU M 274 -71.74 -3.65 62.01
CA GLU M 274 -72.01 -4.94 61.37
C GLU M 274 -73.50 -5.21 61.28
N LEU M 275 -74.25 -4.86 62.33
CA LEU M 275 -75.70 -5.07 62.30
C LEU M 275 -76.37 -4.15 61.29
N ARG M 276 -75.92 -2.89 61.21
CA ARG M 276 -76.55 -1.94 60.29
C ARG M 276 -76.33 -2.33 58.84
N MET M 277 -75.13 -2.81 58.50
CA MET M 277 -74.87 -3.16 57.10
C MET M 277 -75.75 -4.30 56.61
N LYS M 278 -76.38 -5.06 57.51
CA LYS M 278 -77.35 -6.07 57.09
C LYS M 278 -78.67 -5.45 56.67
N ASP M 279 -78.98 -4.23 57.09
CA ASP M 279 -80.22 -3.57 56.74
C ASP M 279 -80.12 -2.76 55.45
N LYS M 280 -78.94 -2.67 54.85
CA LYS M 280 -78.74 -1.98 53.59
C LYS M 280 -78.82 -2.96 52.43
N ASN M 281 -78.44 -2.52 51.24
CA ASN M 281 -78.46 -3.36 50.05
C ASN M 281 -77.09 -3.94 49.72
N VAL M 282 -76.12 -3.80 50.61
CA VAL M 282 -74.79 -4.34 50.39
C VAL M 282 -74.77 -5.81 50.79
N ARG M 283 -73.94 -6.58 50.13
CA ARG M 283 -73.87 -8.02 50.35
C ARG M 283 -72.72 -8.36 51.30
N GLU M 284 -72.42 -9.64 51.40
CA GLU M 284 -71.53 -10.18 52.42
C GLU M 284 -70.31 -10.83 51.79
N TYR M 285 -69.14 -10.63 52.42
CA TYR M 285 -67.93 -11.35 52.05
C TYR M 285 -67.00 -11.33 53.26
N GLN M 286 -66.25 -12.41 53.44
CA GLN M 286 -65.42 -12.60 54.63
C GLN M 286 -63.95 -12.61 54.26
N MET M 287 -63.14 -11.94 55.09
CA MET M 287 -61.69 -11.93 55.00
C MET M 287 -61.12 -12.71 56.17
N SER M 288 -59.79 -12.67 56.31
CA SER M 288 -59.12 -13.42 57.36
C SER M 288 -59.56 -12.95 58.75
N LYS M 289 -59.28 -11.69 59.08
CA LYS M 289 -59.54 -11.17 60.41
C LYS M 289 -60.69 -10.16 60.44
N THR M 290 -61.31 -9.86 59.31
CA THR M 290 -62.29 -8.78 59.25
C THR M 290 -63.41 -9.18 58.29
N PHE M 291 -64.26 -8.21 57.94
CA PHE M 291 -65.45 -8.44 57.14
C PHE M 291 -65.52 -7.39 56.04
N ALA M 292 -66.06 -7.77 54.88
CA ALA M 292 -66.14 -6.89 53.73
C ALA M 292 -67.54 -6.88 53.15
N TYR M 293 -67.96 -5.71 52.66
CA TYR M 293 -69.30 -5.51 52.11
C TYR M 293 -69.19 -4.90 50.72
N TRP M 294 -69.92 -5.46 49.77
CA TRP M 294 -69.82 -5.07 48.36
C TRP M 294 -71.21 -4.93 47.74
N ILE M 295 -71.31 -4.06 46.74
CA ILE M 295 -72.59 -3.82 46.08
C ILE M 295 -72.91 -4.97 45.13
N GLU M 296 -74.19 -5.05 44.77
CA GLU M 296 -74.69 -6.13 43.94
C GLU M 296 -74.91 -5.63 42.52
N LYS M 297 -74.59 -6.48 41.54
CA LYS M 297 -74.82 -6.14 40.14
C LYS M 297 -76.31 -6.18 39.82
N GLY M 298 -76.78 -5.18 39.09
CA GLY M 298 -78.19 -5.07 38.76
C GLY M 298 -78.81 -3.81 39.31
N LYS M 299 -78.47 -3.47 40.55
CA LYS M 299 -78.84 -2.18 41.12
C LYS M 299 -77.77 -1.16 40.76
N LEU M 300 -78.02 0.10 41.13
CA LEU M 300 -77.14 1.22 40.78
C LEU M 300 -76.97 1.28 39.26
N GLU M 301 -78.08 1.64 38.61
CA GLU M 301 -78.21 1.56 37.16
C GLU M 301 -77.00 2.13 36.44
N LYS M 302 -76.68 1.52 35.29
CA LYS M 302 -75.47 1.79 34.53
C LYS M 302 -74.21 1.40 35.30
N ASP M 303 -74.35 0.55 36.31
CA ASP M 303 -73.22 0.07 37.11
C ASP M 303 -72.41 1.22 37.69
N LYS M 304 -73.09 2.32 38.01
CA LYS M 304 -72.43 3.56 38.40
C LYS M 304 -73.18 4.21 39.55
N PHE M 305 -72.42 4.89 40.41
CA PHE M 305 -73.01 5.85 41.34
C PHE M 305 -73.17 7.16 40.59
N GLU M 306 -73.35 8.27 41.32
CA GLU M 306 -73.66 9.54 40.69
C GLU M 306 -72.70 9.85 39.53
N LYS M 307 -71.40 9.60 39.69
CA LYS M 307 -70.47 9.73 38.58
C LYS M 307 -69.36 8.70 38.58
N ILE M 308 -69.41 7.67 39.43
CA ILE M 308 -68.27 6.80 39.68
C ILE M 308 -68.73 5.35 39.59
N LYS M 309 -68.03 4.56 38.78
CA LYS M 309 -68.34 3.14 38.67
C LYS M 309 -67.90 2.40 39.93
N LEU M 310 -68.81 1.63 40.52
CA LEU M 310 -68.49 0.77 41.65
C LEU M 310 -68.57 -0.71 41.31
N VAL M 311 -68.95 -1.05 40.09
CA VAL M 311 -68.94 -2.42 39.61
C VAL M 311 -68.65 -2.39 38.11
N GLY M 312 -67.61 -3.10 37.70
CA GLY M 312 -67.16 -3.13 36.33
C GLY M 312 -66.96 -4.55 35.84
N LYS M 313 -66.07 -4.68 34.86
CA LYS M 313 -65.80 -5.98 34.25
C LYS M 313 -64.30 -6.18 34.08
N GLN M 314 -63.92 -7.45 34.07
CA GLN M 314 -62.58 -7.91 33.72
C GLN M 314 -62.75 -8.83 32.51
N LYS M 315 -61.68 -9.53 32.12
CA LYS M 315 -61.72 -10.41 30.96
C LYS M 315 -62.96 -11.30 30.96
N ASN M 316 -63.28 -11.90 32.11
CA ASN M 316 -64.51 -12.68 32.23
C ASN M 316 -65.21 -12.46 33.56
N LYS M 317 -64.76 -11.53 34.38
CA LYS M 317 -65.26 -11.34 35.74
C LYS M 317 -66.00 -10.01 35.86
N TYR M 318 -66.49 -9.75 37.06
CA TYR M 318 -67.38 -8.63 37.35
C TYR M 318 -66.95 -7.91 38.63
N TRP M 319 -65.67 -7.53 38.69
CA TRP M 319 -65.07 -6.94 39.89
C TRP M 319 -65.99 -5.94 40.57
N HIS M 320 -66.01 -5.99 41.90
CA HIS M 320 -66.82 -5.13 42.74
C HIS M 320 -65.93 -4.38 43.73
N PHE M 321 -66.40 -3.23 44.18
CA PHE M 321 -65.69 -2.44 45.17
C PHE M 321 -66.27 -2.70 46.55
N GLY M 322 -65.41 -2.94 47.53
CA GLY M 322 -65.85 -3.23 48.88
C GLY M 322 -65.01 -2.49 49.90
N ILE M 323 -65.58 -2.32 51.09
CA ILE M 323 -64.93 -1.59 52.17
C ILE M 323 -65.07 -2.37 53.48
N SER M 324 -64.18 -2.05 54.42
CA SER M 324 -64.24 -2.54 55.79
C SER M 324 -64.44 -1.36 56.74
N ALA M 325 -64.43 -1.66 58.04
CA ALA M 325 -64.60 -0.60 59.04
C ALA M 325 -64.00 -1.06 60.35
N ALA M 326 -63.60 -0.08 61.16
CA ALA M 326 -63.03 -0.33 62.48
C ALA M 326 -63.03 0.97 63.26
N GLY M 327 -63.40 0.89 64.54
CA GLY M 327 -63.44 2.06 65.38
C GLY M 327 -62.12 2.36 66.08
N LYS M 328 -62.03 3.56 66.63
CA LYS M 328 -60.86 4.02 67.37
C LYS M 328 -61.21 5.33 68.06
N LEU M 329 -60.71 5.51 69.28
CA LEU M 329 -61.09 6.67 70.07
C LEU M 329 -59.92 7.44 70.68
N TYR M 330 -58.67 7.06 70.40
CA TYR M 330 -57.59 7.80 71.04
C TYR M 330 -57.38 9.16 70.36
N PRO M 331 -57.11 9.23 69.04
CA PRO M 331 -57.03 10.55 68.39
C PRO M 331 -58.40 11.03 67.91
N SER M 332 -59.33 11.20 68.86
CA SER M 332 -60.73 11.55 68.63
C SER M 332 -61.46 10.38 67.99
N PRO M 333 -62.75 10.19 68.30
CA PRO M 333 -63.49 9.03 67.77
C PRO M 333 -63.63 9.11 66.26
N VAL M 334 -63.06 8.12 65.56
CA VAL M 334 -63.13 8.02 64.11
C VAL M 334 -63.56 6.61 63.74
N LEU M 335 -63.78 6.40 62.43
CA LEU M 335 -64.15 5.10 61.89
C LEU M 335 -63.24 4.83 60.69
N MET M 336 -62.12 4.16 60.94
CA MET M 336 -61.19 3.82 59.87
C MET M 336 -61.86 2.90 58.86
N VAL M 337 -61.63 3.18 57.58
CA VAL M 337 -62.24 2.41 56.50
C VAL M 337 -61.13 1.98 55.54
N SER M 338 -61.13 0.71 55.17
CA SER M 338 -60.23 0.17 54.16
C SER M 338 -61.00 -0.08 52.87
N SER M 339 -60.27 -0.42 51.81
CA SER M 339 -60.86 -0.64 50.50
C SER M 339 -60.34 -1.93 49.91
N HIS M 340 -61.25 -2.70 49.30
CA HIS M 340 -60.92 -3.97 48.68
C HIS M 340 -61.68 -4.09 47.35
N ILE M 341 -61.29 -5.07 46.56
CA ILE M 341 -61.98 -5.42 45.32
C ILE M 341 -62.42 -6.87 45.40
N ILE M 342 -63.70 -7.11 45.12
CA ILE M 342 -64.28 -8.44 45.19
C ILE M 342 -64.70 -8.85 43.78
N PHE M 343 -64.25 -10.04 43.37
CA PHE M 343 -64.49 -10.53 42.01
C PHE M 343 -65.52 -11.64 42.04
N THR M 344 -66.53 -11.52 41.19
CA THR M 344 -67.57 -12.52 41.00
C THR M 344 -67.54 -13.00 39.54
N MET M 345 -68.45 -13.90 39.20
CA MET M 345 -68.45 -14.54 37.90
C MET M 345 -69.62 -14.09 37.03
N ASP M 346 -70.85 -14.28 37.48
CA ASP M 346 -72.03 -13.89 36.73
C ASP M 346 -72.61 -12.57 37.18
N GLY M 347 -71.92 -11.86 38.09
CA GLY M 347 -72.41 -10.63 38.64
C GLY M 347 -73.20 -10.77 39.92
N ILE M 348 -73.69 -11.97 40.22
CA ILE M 348 -74.51 -12.19 41.40
C ILE M 348 -73.82 -13.17 42.34
N ASN M 349 -73.51 -14.36 41.83
CA ASN M 349 -72.88 -15.40 42.64
C ASN M 349 -71.36 -15.24 42.61
N LEU M 350 -70.78 -15.33 43.81
CA LEU M 350 -69.34 -15.07 43.93
C LEU M 350 -68.48 -16.25 43.49
N ILE M 351 -67.17 -16.04 43.44
CA ILE M 351 -66.19 -17.05 43.08
C ILE M 351 -65.47 -17.46 44.36
N LYS M 352 -65.50 -18.76 44.65
CA LYS M 352 -64.95 -19.29 45.90
C LYS M 352 -63.61 -19.95 45.59
N SER M 353 -62.56 -19.14 45.52
CA SER M 353 -61.20 -19.66 45.38
C SER M 353 -60.24 -18.58 45.89
N LYS M 354 -59.73 -18.77 47.11
CA LYS M 354 -58.77 -17.80 47.63
C LYS M 354 -57.37 -18.11 47.11
N SER M 355 -57.26 -18.35 45.80
CA SER M 355 -55.99 -18.37 45.10
C SER M 355 -56.05 -17.62 43.77
N ILE M 356 -57.22 -17.46 43.17
CA ILE M 356 -57.38 -16.62 41.99
C ILE M 356 -57.92 -15.24 42.36
N GLN M 357 -58.58 -15.10 43.52
CA GLN M 357 -58.98 -13.78 43.97
C GLN M 357 -57.75 -12.91 44.24
N HIS M 358 -56.69 -13.50 44.79
CA HIS M 358 -55.45 -12.77 44.97
C HIS M 358 -54.84 -12.37 43.63
N SER M 359 -54.86 -13.29 42.66
CA SER M 359 -54.26 -13.03 41.36
C SER M 359 -55.11 -12.11 40.50
N SER M 360 -56.32 -11.81 40.94
CA SER M 360 -57.15 -10.80 40.31
C SER M 360 -57.08 -9.46 41.01
N ARG M 361 -56.96 -9.46 42.34
CA ARG M 361 -56.67 -8.22 43.06
C ARG M 361 -55.36 -7.62 42.58
N ARG M 362 -54.30 -8.44 42.54
CA ARG M 362 -53.00 -7.92 42.11
C ARG M 362 -53.02 -7.54 40.64
N LYS M 363 -53.86 -8.21 39.84
CA LYS M 363 -53.99 -7.84 38.43
C LYS M 363 -54.65 -6.47 38.27
N GLN M 364 -55.76 -6.26 38.98
CA GLN M 364 -56.54 -5.04 38.77
C GLN M 364 -55.94 -3.84 39.48
N GLY M 365 -55.20 -4.03 40.57
CA GLY M 365 -54.71 -2.89 41.31
C GLY M 365 -53.58 -2.13 40.63
N LYS M 366 -53.04 -2.66 39.53
CA LYS M 366 -51.90 -2.02 38.89
C LYS M 366 -52.28 -0.79 38.08
N ASN M 367 -53.54 -0.64 37.70
CA ASN M 367 -53.98 0.47 36.86
C ASN M 367 -54.80 1.50 37.63
N TRP M 368 -54.78 1.44 38.95
CA TRP M 368 -55.50 2.39 39.79
C TRP M 368 -54.49 3.20 40.58
N TRP M 369 -54.62 4.52 40.52
CA TRP M 369 -53.70 5.44 41.16
C TRP M 369 -54.48 6.38 42.08
N ASN M 370 -53.81 7.42 42.57
CA ASN M 370 -54.37 8.21 43.65
C ASN M 370 -55.41 9.18 43.11
N ASP M 371 -56.29 8.70 42.27
CA ASP M 371 -57.58 9.32 42.00
C ASP M 371 -58.72 8.32 42.05
N LYS M 372 -58.52 7.12 41.51
CA LYS M 372 -59.57 6.12 41.38
C LYS M 372 -59.80 5.35 42.67
N TRP M 373 -58.88 5.42 43.62
CA TRP M 373 -59.14 4.89 44.95
C TRP M 373 -59.95 5.89 45.76
N ARG M 374 -59.54 7.16 45.73
CA ARG M 374 -60.21 8.18 46.52
C ARG M 374 -61.65 8.39 46.05
N GLU M 375 -61.87 8.47 44.74
CA GLU M 375 -63.22 8.67 44.23
C GLU M 375 -64.15 7.56 44.66
N LYS M 376 -63.73 6.31 44.48
CA LYS M 376 -64.56 5.17 44.83
C LYS M 376 -64.82 5.11 46.33
N LEU M 377 -63.78 5.37 47.14
CA LEU M 377 -63.96 5.36 48.58
C LEU M 377 -64.96 6.41 49.04
N LEU M 378 -64.86 7.62 48.48
CA LEU M 378 -65.76 8.69 48.89
C LEU M 378 -67.15 8.55 48.28
N ALA M 379 -67.31 7.76 47.23
CA ALA M 379 -68.62 7.52 46.66
C ALA M 379 -69.35 6.34 47.31
N PHE M 380 -68.61 5.38 47.88
CA PHE M 380 -69.29 4.27 48.54
C PHE M 380 -69.96 4.72 49.83
N ILE M 381 -69.32 5.61 50.57
CA ILE M 381 -69.87 6.08 51.83
C ILE M 381 -71.16 6.86 51.59
N ARG M 382 -71.21 7.65 50.52
CA ARG M 382 -72.45 8.34 50.20
C ARG M 382 -73.53 7.38 49.72
N PHE M 383 -73.16 6.23 49.17
CA PHE M 383 -74.15 5.18 48.95
C PHE M 383 -74.69 4.66 50.27
N LEU M 384 -73.84 4.58 51.29
CA LEU M 384 -74.30 4.24 52.64
C LEU M 384 -74.63 5.51 53.43
N SER M 385 -75.69 6.18 53.01
CA SER M 385 -76.10 7.46 53.62
C SER M 385 -77.62 7.47 53.77
N ASP M 386 -78.09 7.24 55.00
CA ASP M 386 -79.50 7.45 55.30
C ASP M 386 -79.86 8.93 55.19
N ASP M 387 -79.23 9.76 56.02
CA ASP M 387 -79.35 11.20 55.92
C ASP M 387 -78.27 11.73 54.98
N GLN M 388 -78.57 12.84 54.31
CA GLN M 388 -77.67 13.39 53.31
C GLN M 388 -76.37 13.93 53.89
N ASN M 389 -76.15 13.83 55.20
CA ASN M 389 -74.91 14.30 55.80
C ASN M 389 -74.34 13.36 56.84
N ALA M 390 -74.94 12.19 57.07
CA ALA M 390 -74.45 11.25 58.07
C ALA M 390 -75.05 9.88 57.78
N ILE M 391 -74.47 8.87 58.43
CA ILE M 391 -74.92 7.48 58.30
C ILE M 391 -75.48 7.04 59.65
N TYR M 392 -76.66 6.43 59.62
CA TYR M 392 -77.35 6.00 60.83
C TYR M 392 -76.91 4.59 61.21
N LEU M 393 -76.64 4.38 62.49
CA LEU M 393 -76.44 3.05 63.06
C LEU M 393 -77.48 2.86 64.15
N ASN M 394 -78.45 1.99 63.90
CA ASN M 394 -79.52 1.75 64.87
C ASN M 394 -78.96 0.96 66.04
N VAL M 395 -78.58 1.66 67.10
CA VAL M 395 -78.06 1.03 68.31
C VAL M 395 -78.98 1.25 69.50
N GLY M 396 -79.99 2.11 69.38
CA GLY M 396 -80.93 2.33 70.45
C GLY M 396 -82.31 2.60 69.89
N SER M 397 -83.32 2.16 70.65
CA SER M 397 -84.70 2.41 70.24
C SER M 397 -85.03 3.90 70.29
N GLU M 398 -84.23 4.69 70.99
CA GLU M 398 -84.27 6.14 70.90
C GLU M 398 -82.87 6.72 70.77
N GLU M 399 -81.85 5.88 70.56
CA GLU M 399 -80.46 6.31 70.47
C GLU M 399 -79.90 5.96 69.11
N LYS M 400 -79.04 6.84 68.58
CA LYS M 400 -78.44 6.65 67.27
C LYS M 400 -76.96 7.00 67.34
N ILE M 401 -76.20 6.47 66.38
CA ILE M 401 -74.80 6.81 66.20
C ILE M 401 -74.62 7.33 64.78
N LEU M 402 -73.99 8.50 64.65
CA LEU M 402 -73.83 9.16 63.38
C LEU M 402 -72.35 9.31 63.04
N ILE M 403 -71.99 8.96 61.81
CA ILE M 403 -70.64 9.16 61.28
C ILE M 403 -70.75 10.09 60.08
N SER M 404 -69.88 11.09 60.03
CA SER M 404 -69.97 12.10 58.97
C SER M 404 -69.75 11.47 57.60
N ASN M 405 -70.48 11.96 56.61
CA ASN M 405 -70.39 11.46 55.25
C ASN M 405 -69.07 11.85 54.57
N LYS M 406 -68.33 12.80 55.13
CA LYS M 406 -67.12 13.32 54.52
C LYS M 406 -65.92 13.05 55.42
N PRO M 407 -64.82 12.56 54.88
CA PRO M 407 -63.68 12.18 55.71
C PRO M 407 -62.90 13.39 56.22
N LEU M 408 -62.07 13.12 57.23
CA LEU M 408 -61.20 14.14 57.79
C LEU M 408 -60.13 14.53 56.77
N LYS M 409 -59.77 15.81 56.77
CA LYS M 409 -58.87 16.37 55.78
C LYS M 409 -57.58 16.87 56.42
N PHE M 410 -56.49 16.79 55.66
CA PHE M 410 -55.17 17.22 56.11
C PHE M 410 -54.60 18.18 55.07
N PHE M 411 -53.67 19.03 55.53
CA PHE M 411 -53.02 19.97 54.63
C PHE M 411 -51.58 20.19 55.08
N GLY M 412 -50.72 20.49 54.10
CA GLY M 412 -49.33 20.76 54.37
C GLY M 412 -48.84 21.96 53.59
N LYS M 413 -47.68 22.47 54.02
CA LYS M 413 -47.10 23.69 53.46
C LYS M 413 -45.89 23.41 52.57
N MET M 414 -45.90 22.28 51.86
CA MET M 414 -44.78 21.92 50.99
C MET M 414 -45.19 20.78 50.07
N SER M 415 -44.95 20.94 48.77
CA SER M 415 -45.39 19.94 47.79
C SER M 415 -44.54 20.07 46.54
N TYR M 416 -45.00 19.45 45.45
CA TYR M 416 -44.25 19.34 44.21
C TYR M 416 -45.13 19.70 43.03
N VAL M 417 -44.50 20.00 41.90
CA VAL M 417 -45.22 20.25 40.66
C VAL M 417 -45.56 18.92 40.02
N THR M 418 -46.85 18.69 39.77
CA THR M 418 -47.29 17.40 39.25
C THR M 418 -46.76 17.20 37.84
N PRO M 419 -46.17 16.05 37.53
CA PRO M 419 -45.75 15.77 36.15
C PRO M 419 -46.94 15.81 35.20
N SER M 420 -46.69 16.30 33.99
CA SER M 420 -47.72 16.40 32.97
C SER M 420 -47.22 15.89 31.63
N MET N 1 -58.03 21.22 59.99
CA MET N 1 -57.57 20.19 59.07
C MET N 1 -56.11 19.82 59.33
N LYS N 2 -55.73 19.89 60.61
CA LYS N 2 -54.43 19.43 61.12
C LYS N 2 -53.30 20.17 60.41
N GLU N 3 -52.12 19.56 60.36
CA GLU N 3 -50.89 20.14 59.85
C GLU N 3 -49.88 19.02 59.65
N LEU N 4 -49.20 19.03 58.52
CA LEU N 4 -48.16 18.06 58.21
C LEU N 4 -46.81 18.75 58.21
N ILE N 5 -45.83 18.14 58.87
CA ILE N 5 -44.47 18.65 58.93
C ILE N 5 -43.64 17.97 57.86
N TYR N 6 -42.77 18.74 57.21
CA TYR N 6 -41.88 18.23 56.18
C TYR N 6 -40.48 18.04 56.76
N ILE N 7 -39.89 16.88 56.50
CA ILE N 7 -38.55 16.54 56.96
C ILE N 7 -37.62 16.53 55.76
N GLU N 8 -36.52 17.27 55.85
CA GLU N 8 -35.58 17.38 54.74
C GLU N 8 -34.92 16.03 54.47
N GLU N 9 -34.68 15.75 53.20
CA GLU N 9 -34.12 14.47 52.81
C GLU N 9 -32.64 14.40 53.21
N PRO N 10 -32.20 13.27 53.76
CA PRO N 10 -30.80 13.17 54.19
C PRO N 10 -29.83 13.14 53.01
N SER N 11 -28.58 13.46 53.30
CA SER N 11 -27.51 13.50 52.32
C SER N 11 -26.43 12.49 52.69
N ILE N 12 -26.01 11.69 51.72
CA ILE N 12 -25.02 10.64 51.92
C ILE N 12 -23.72 11.07 51.24
N LEU N 13 -22.61 11.01 51.99
CA LEU N 13 -21.33 11.48 51.48
C LEU N 13 -20.75 10.49 50.46
N PHE N 14 -19.82 10.99 49.67
CA PHE N 14 -19.14 10.22 48.64
C PHE N 14 -17.67 10.63 48.66
N ALA N 15 -16.94 10.28 47.60
CA ALA N 15 -15.53 10.61 47.52
C ALA N 15 -15.33 12.13 47.48
N HIS N 16 -14.14 12.56 47.90
CA HIS N 16 -13.74 13.96 47.93
C HIS N 16 -14.59 14.79 48.88
N GLY N 17 -15.32 14.14 49.79
CA GLY N 17 -16.15 14.86 50.73
C GLY N 17 -17.37 15.51 50.10
N GLN N 18 -17.84 15.02 48.98
CA GLN N 18 -19.00 15.58 48.30
C GLN N 18 -20.28 14.98 48.87
N LYS N 19 -21.37 15.72 48.69
CA LYS N 19 -22.67 15.35 49.23
C LYS N 19 -23.69 15.24 48.11
N CYS N 20 -24.55 14.22 48.19
CA CYS N 20 -25.61 14.03 47.23
C CYS N 20 -26.78 13.37 47.96
N THR N 21 -27.78 12.93 47.20
CA THR N 21 -28.92 12.22 47.77
C THR N 21 -29.21 10.88 47.11
N ASP N 22 -28.79 10.68 45.86
CA ASP N 22 -29.03 9.44 45.15
C ASP N 22 -27.73 8.68 45.03
N PRO N 23 -27.63 7.45 45.57
CA PRO N 23 -26.36 6.73 45.49
C PRO N 23 -25.86 6.51 44.07
N ARG N 24 -26.76 6.29 43.11
CA ARG N 24 -26.34 6.10 41.73
C ARG N 24 -25.63 7.35 41.21
N ASP N 25 -26.26 8.51 41.34
CA ASP N 25 -25.65 9.75 40.84
C ASP N 25 -24.36 10.08 41.58
N GLY N 26 -24.36 9.91 42.90
CA GLY N 26 -23.15 10.21 43.66
C GLY N 26 -21.99 9.32 43.27
N LEU N 27 -22.25 8.02 43.11
CA LEU N 27 -21.19 7.12 42.68
C LEU N 27 -20.71 7.46 41.28
N ALA N 28 -21.63 7.79 40.37
CA ALA N 28 -21.24 8.08 39.00
C ALA N 28 -20.38 9.33 38.91
N LEU N 29 -20.80 10.42 39.58
CA LEU N 29 -20.08 11.67 39.43
C LEU N 29 -18.79 11.72 40.24
N PHE N 30 -18.76 11.09 41.41
CA PHE N 30 -17.62 11.21 42.30
C PHE N 30 -16.90 9.91 42.57
N GLY N 31 -17.62 8.82 42.82
CA GLY N 31 -16.98 7.53 42.98
C GLY N 31 -16.96 7.02 44.40
N PRO N 32 -16.45 5.81 44.59
CA PRO N 32 -16.44 5.18 45.92
C PRO N 32 -15.51 5.91 46.88
N LEU N 33 -15.63 5.53 48.15
CA LEU N 33 -14.87 6.17 49.21
C LEU N 33 -13.52 5.53 49.47
N ASN N 34 -13.34 4.25 49.11
CA ASN N 34 -12.13 3.52 49.42
C ASN N 34 -11.60 2.84 48.16
N GLN N 35 -10.33 2.46 48.21
CA GLN N 35 -9.63 1.89 47.06
C GLN N 35 -9.27 0.43 47.35
N ILE N 36 -10.08 -0.49 46.83
CA ILE N 36 -9.69 -1.88 46.69
C ILE N 36 -9.28 -2.07 45.24
N TYR N 37 -8.04 -2.52 45.02
CA TYR N 37 -7.46 -2.42 43.69
C TYR N 37 -8.20 -3.27 42.67
N GLY N 38 -8.81 -4.36 43.09
CA GLY N 38 -9.56 -5.17 42.14
C GLY N 38 -10.31 -6.28 42.83
N ILE N 39 -11.22 -6.88 42.09
CA ILE N 39 -12.02 -8.01 42.55
C ILE N 39 -11.50 -9.26 41.84
N LYS N 40 -10.94 -10.19 42.61
CA LYS N 40 -10.50 -11.47 42.08
C LYS N 40 -11.64 -12.47 42.25
N SER N 41 -12.31 -12.79 41.15
CA SER N 41 -13.54 -13.55 41.21
C SER N 41 -13.28 -15.05 41.36
N GLY N 42 -14.33 -15.77 41.71
CA GLY N 42 -14.32 -17.22 41.78
C GLY N 42 -15.70 -17.76 41.47
N VAL N 43 -15.78 -18.75 40.58
CA VAL N 43 -17.06 -19.24 40.07
C VAL N 43 -17.20 -20.72 40.44
N VAL N 44 -18.36 -21.07 41.00
CA VAL N 44 -18.71 -22.45 41.30
C VAL N 44 -19.99 -22.76 40.55
N GLY N 45 -19.93 -23.74 39.66
CA GLY N 45 -21.09 -24.10 38.87
C GLY N 45 -20.68 -24.89 37.64
N THR N 46 -21.68 -25.22 36.83
CA THR N 46 -21.43 -25.97 35.62
C THR N 46 -20.75 -25.08 34.57
N GLN N 47 -20.32 -25.71 33.48
CA GLN N 47 -19.59 -24.97 32.45
C GLN N 47 -20.47 -23.93 31.78
N LYS N 48 -21.75 -24.25 31.58
CA LYS N 48 -22.68 -23.25 31.06
C LYS N 48 -22.80 -22.07 32.01
N GLY N 49 -22.78 -22.32 33.31
CA GLY N 49 -22.77 -21.24 34.28
C GLY N 49 -21.56 -20.35 34.13
N LEU N 50 -20.38 -20.94 33.92
CA LEU N 50 -19.18 -20.15 33.69
C LEU N 50 -19.30 -19.31 32.43
N GLN N 51 -19.84 -19.90 31.36
CA GLN N 51 -20.01 -19.15 30.12
C GLN N 51 -20.94 -17.96 30.32
N ILE N 52 -22.07 -18.19 30.99
CA ILE N 52 -23.03 -17.11 31.24
C ILE N 52 -22.40 -16.02 32.10
N PHE N 53 -21.67 -16.41 33.14
CA PHE N 53 -21.03 -15.42 34.01
C PHE N 53 -20.01 -14.61 33.23
N LYS N 54 -19.20 -15.26 32.39
CA LYS N 54 -18.21 -14.52 31.61
C LYS N 54 -18.87 -13.57 30.64
N SER N 55 -19.96 -14.00 29.98
CA SER N 55 -20.66 -13.13 29.05
C SER N 55 -21.23 -11.91 29.76
N TYR N 56 -21.87 -12.12 30.92
CA TYR N 56 -22.42 -10.99 31.66
C TYR N 56 -21.33 -10.06 32.16
N LEU N 57 -20.20 -10.61 32.62
CA LEU N 57 -19.10 -9.78 33.09
C LEU N 57 -18.54 -8.94 31.96
N ASP N 58 -18.40 -9.53 30.77
CA ASP N 58 -17.94 -8.75 29.63
C ASP N 58 -18.95 -7.67 29.25
N LYS N 59 -20.24 -7.99 29.32
CA LYS N 59 -21.27 -7.01 29.00
C LYS N 59 -21.24 -5.83 29.97
N ILE N 60 -21.00 -6.10 31.25
CA ILE N 60 -21.00 -5.04 32.26
C ILE N 60 -19.94 -3.99 31.96
N GLN N 61 -18.83 -4.40 31.36
CA GLN N 61 -17.69 -3.50 31.18
C GLN N 61 -17.99 -2.32 30.26
N LYS N 62 -19.08 -2.35 29.51
CA LYS N 62 -19.46 -1.29 28.60
C LYS N 62 -20.85 -0.76 28.97
N PRO N 63 -21.14 0.51 28.67
CA PRO N 63 -22.34 1.15 29.25
C PRO N 63 -23.64 0.51 28.78
N ILE N 64 -24.62 0.53 29.68
CA ILE N 64 -25.94 -0.05 29.44
C ILE N 64 -26.98 1.02 29.73
N TYR N 65 -28.05 1.03 28.95
CA TYR N 65 -29.09 2.06 29.03
C TYR N 65 -30.44 1.43 29.36
N ASN N 66 -31.24 2.19 30.10
CA ASN N 66 -32.61 1.79 30.43
C ASN N 66 -33.57 2.37 29.40
N HIS N 67 -34.87 2.31 29.69
CA HIS N 67 -35.88 2.97 28.89
C HIS N 67 -36.10 4.42 29.31
N ASN N 68 -36.07 4.68 30.63
CA ASN N 68 -36.12 6.02 31.17
C ASN N 68 -34.81 6.28 31.91
N ASN N 69 -34.11 7.34 31.54
CA ASN N 69 -32.79 7.63 32.07
C ASN N 69 -32.81 8.71 33.15
N ILE N 70 -33.99 9.14 33.60
CA ILE N 70 -34.11 10.02 34.74
C ILE N 70 -34.63 9.28 35.97
N THR N 71 -35.65 8.44 35.78
CA THR N 71 -36.08 7.57 36.87
C THR N 71 -35.02 6.56 37.25
N ARG N 72 -34.34 5.99 36.26
CA ARG N 72 -33.30 4.99 36.48
C ARG N 72 -32.03 5.42 35.75
N PRO N 73 -31.07 6.02 36.45
CA PRO N 73 -29.87 6.51 35.79
C PRO N 73 -29.09 5.39 35.11
N MET N 74 -28.39 5.74 34.03
CA MET N 74 -27.67 4.77 33.22
C MET N 74 -26.45 4.25 33.96
N PHE N 75 -25.89 3.15 33.44
CA PHE N 75 -24.69 2.55 33.99
C PHE N 75 -23.49 2.92 33.14
N PRO N 76 -22.58 3.77 33.62
CA PRO N 76 -21.37 4.07 32.84
C PRO N 76 -20.52 2.85 32.52
N GLY N 77 -20.45 1.88 33.43
CA GLY N 77 -19.56 0.74 33.29
C GLY N 77 -18.84 0.58 34.62
N PHE N 78 -18.38 -0.64 34.89
CA PHE N 78 -17.80 -0.94 36.18
C PHE N 78 -16.58 -0.07 36.46
N GLU N 79 -15.56 -0.15 35.61
CA GLU N 79 -14.33 0.58 35.86
C GLU N 79 -14.56 2.09 35.85
N ALA N 80 -15.50 2.56 35.03
CA ALA N 80 -15.81 3.98 35.01
C ALA N 80 -16.43 4.44 36.33
N VAL N 81 -17.32 3.63 36.90
CA VAL N 81 -18.01 4.02 38.13
C VAL N 81 -17.10 3.88 39.33
N PHE N 82 -16.53 2.69 39.52
CA PHE N 82 -15.86 2.34 40.78
C PHE N 82 -14.36 2.53 40.75
N GLY N 83 -13.72 2.40 39.58
CA GLY N 83 -12.27 2.46 39.51
C GLY N 83 -11.56 1.16 39.81
N CYS N 84 -12.27 0.04 39.80
CA CYS N 84 -11.70 -1.27 40.07
C CYS N 84 -11.87 -2.15 38.85
N LYS N 85 -11.00 -3.15 38.72
CA LYS N 85 -11.01 -4.06 37.58
C LYS N 85 -11.71 -5.34 37.99
N TRP N 86 -12.78 -5.68 37.28
CA TRP N 86 -13.52 -6.94 37.48
C TRP N 86 -13.72 -7.52 36.08
N GLU N 87 -12.72 -8.28 35.63
CA GLU N 87 -12.68 -8.78 34.26
C GLU N 87 -12.83 -10.30 34.24
N SER N 88 -13.33 -10.81 33.12
CA SER N 88 -13.58 -12.24 32.98
C SER N 88 -12.30 -13.05 32.74
N GLN N 89 -11.19 -12.40 32.39
CA GLN N 89 -9.95 -13.14 32.19
C GLN N 89 -9.45 -13.74 33.49
N ASN N 90 -9.56 -13.00 34.61
CA ASN N 90 -9.05 -13.45 35.90
C ASN N 90 -10.20 -14.06 36.70
N ILE N 91 -10.53 -15.31 36.36
CA ILE N 91 -11.60 -16.04 37.02
C ILE N 91 -11.06 -17.40 37.45
N VAL N 92 -11.34 -17.78 38.69
CA VAL N 92 -11.00 -19.10 39.22
C VAL N 92 -12.26 -19.96 39.18
N PHE N 93 -12.16 -21.13 38.55
CA PHE N 93 -13.31 -21.96 38.26
C PHE N 93 -13.22 -23.28 39.00
N LYS N 94 -14.30 -23.67 39.66
CA LYS N 94 -14.47 -25.00 40.24
C LYS N 94 -15.76 -25.57 39.69
N GLU N 95 -15.67 -26.72 39.03
CA GLU N 95 -16.76 -27.22 38.20
C GLU N 95 -17.61 -28.24 38.94
N ILE N 96 -18.92 -28.16 38.73
CA ILE N 96 -19.88 -29.16 39.19
C ILE N 96 -20.43 -29.84 37.95
N THR N 97 -19.99 -31.06 37.68
CA THR N 97 -20.37 -31.74 36.46
C THR N 97 -21.83 -32.20 36.53
N ASP N 98 -22.36 -32.56 35.37
CA ASP N 98 -23.77 -32.92 35.26
C ASP N 98 -24.09 -34.19 36.06
N GLU N 99 -23.16 -35.13 36.13
CA GLU N 99 -23.42 -36.37 36.85
C GLU N 99 -23.67 -36.12 38.33
N GLU N 100 -22.90 -35.22 38.93
CA GLU N 100 -23.06 -34.95 40.36
C GLU N 100 -24.43 -34.37 40.67
N ILE N 101 -24.87 -33.38 39.89
CA ILE N 101 -26.17 -32.77 40.14
C ILE N 101 -27.29 -33.76 39.84
N ARG N 102 -27.13 -34.58 38.79
CA ARG N 102 -28.15 -35.57 38.47
C ARG N 102 -28.28 -36.60 39.60
N ARG N 103 -27.15 -37.02 40.17
CA ARG N 103 -27.19 -37.99 41.27
C ARG N 103 -27.77 -37.37 42.53
N TYR N 104 -27.31 -36.18 42.90
CA TYR N 104 -27.73 -35.56 44.15
C TYR N 104 -29.16 -35.02 44.08
N LEU N 105 -29.70 -34.83 42.87
CA LEU N 105 -31.05 -34.33 42.69
C LEU N 105 -32.05 -35.47 42.50
N PHE N 106 -31.76 -36.65 43.03
CA PHE N 106 -32.67 -37.77 42.92
C PHE N 106 -33.94 -37.52 43.73
N ASN N 107 -35.01 -38.20 43.33
CA ASN N 107 -36.30 -38.04 44.00
C ASN N 107 -36.23 -38.61 45.40
N ALA N 108 -36.16 -37.73 46.40
CA ALA N 108 -36.11 -38.13 47.80
C ALA N 108 -36.90 -37.11 48.61
N SER N 109 -36.77 -37.19 49.93
CA SER N 109 -37.42 -36.22 50.80
C SER N 109 -36.83 -34.84 50.59
N THR N 110 -37.68 -33.82 50.62
CA THR N 110 -37.20 -32.46 50.43
C THR N 110 -36.66 -31.90 51.75
N HIS N 111 -35.81 -32.68 52.42
CA HIS N 111 -35.06 -32.23 53.58
C HIS N 111 -33.60 -32.65 53.56
N LYS N 112 -33.24 -33.72 52.84
CA LYS N 112 -31.86 -34.12 52.68
C LYS N 112 -31.31 -33.80 51.30
N ARG N 113 -32.17 -33.59 50.30
CA ARG N 113 -31.70 -33.19 48.99
C ARG N 113 -31.00 -31.83 49.05
N THR N 114 -31.64 -30.86 49.73
CA THR N 114 -31.02 -29.56 49.92
C THR N 114 -29.72 -29.67 50.72
N TYR N 115 -29.73 -30.54 51.74
CA TYR N 115 -28.52 -30.79 52.52
C TYR N 115 -27.39 -31.28 51.62
N ASP N 116 -27.69 -32.22 50.73
CA ASP N 116 -26.67 -32.78 49.85
C ASP N 116 -26.13 -31.73 48.89
N LEU N 117 -27.03 -30.95 48.28
CA LEU N 117 -26.57 -29.93 47.33
C LEU N 117 -25.74 -28.86 48.01
N VAL N 118 -26.18 -28.39 49.19
CA VAL N 118 -25.43 -27.38 49.91
C VAL N 118 -24.09 -27.93 50.35
N THR N 119 -24.06 -29.21 50.76
CA THR N 119 -22.79 -29.84 51.10
C THR N 119 -21.85 -29.88 49.91
N LEU N 120 -22.38 -30.21 48.73
CA LEU N 120 -21.59 -30.20 47.50
C LEU N 120 -20.92 -28.85 47.30
N PHE N 121 -21.74 -27.79 47.19
CA PHE N 121 -21.20 -26.46 46.89
C PHE N 121 -20.24 -26.01 47.99
N ASN N 122 -20.61 -26.22 49.26
CA ASN N 122 -19.79 -25.76 50.37
C ASN N 122 -18.46 -26.49 50.42
N ASP N 123 -18.45 -27.79 50.15
CA ASP N 123 -17.19 -28.53 50.17
C ASP N 123 -16.29 -28.09 49.04
N LYS N 124 -16.84 -27.86 47.85
CA LYS N 124 -16.00 -27.34 46.77
C LYS N 124 -15.39 -25.99 47.17
N ILE N 125 -16.20 -25.09 47.71
CA ILE N 125 -15.71 -23.76 48.07
C ILE N 125 -14.63 -23.86 49.15
N ILE N 126 -14.88 -24.68 50.18
CA ILE N 126 -13.95 -24.76 51.30
C ILE N 126 -12.63 -25.40 50.85
N THR N 127 -12.71 -26.47 50.07
CA THR N 127 -11.49 -27.11 49.59
C THR N 127 -10.69 -26.16 48.71
N ALA N 128 -11.36 -25.40 47.84
CA ALA N 128 -10.65 -24.41 47.06
C ALA N 128 -10.06 -23.31 47.93
N ASN N 129 -10.70 -23.02 49.07
CA ASN N 129 -10.20 -21.95 49.94
C ASN N 129 -8.94 -22.37 50.67
N LYS N 130 -8.91 -23.58 51.22
CA LYS N 130 -7.80 -23.97 52.09
C LYS N 130 -6.70 -24.76 51.38
N ASN N 131 -6.96 -25.29 50.19
CA ASN N 131 -6.00 -26.13 49.48
C ASN N 131 -5.64 -25.55 48.13
N ASP N 132 -5.44 -24.24 48.06
CA ASP N 132 -5.08 -23.58 46.80
C ASP N 132 -4.19 -22.39 47.11
N GLU N 133 -3.41 -21.99 46.10
CA GLU N 133 -2.49 -20.87 46.24
C GLU N 133 -3.11 -19.55 45.80
N GLU N 134 -4.09 -19.58 44.91
CA GLU N 134 -4.70 -18.36 44.39
C GLU N 134 -5.48 -17.64 45.49
N ARG N 135 -5.91 -16.43 45.16
CA ARG N 135 -6.69 -15.59 46.06
C ARG N 135 -8.04 -15.30 45.41
N VAL N 136 -9.12 -15.50 46.17
CA VAL N 136 -10.47 -15.22 45.72
C VAL N 136 -11.12 -14.31 46.75
N ASP N 137 -11.43 -13.08 46.35
CA ASP N 137 -12.06 -12.14 47.28
C ASP N 137 -13.53 -12.46 47.52
N VAL N 138 -14.26 -12.79 46.47
CA VAL N 138 -15.68 -13.12 46.58
C VAL N 138 -15.98 -14.31 45.67
N TRP N 139 -16.72 -15.28 46.20
CA TRP N 139 -17.11 -16.47 45.46
C TRP N 139 -18.51 -16.29 44.89
N PHE N 140 -18.69 -16.71 43.64
CA PHE N 140 -19.97 -16.60 42.95
C PHE N 140 -20.51 -18.00 42.68
N VAL N 141 -21.77 -18.22 43.05
CA VAL N 141 -22.44 -19.50 42.89
C VAL N 141 -23.51 -19.32 41.81
N ILE N 142 -23.33 -19.98 40.68
CA ILE N 142 -24.25 -19.88 39.56
C ILE N 142 -25.18 -21.09 39.64
N VAL N 143 -26.29 -20.91 40.35
CA VAL N 143 -27.24 -22.02 40.55
C VAL N 143 -27.93 -22.35 39.24
N PRO N 144 -27.98 -23.61 38.83
CA PRO N 144 -28.70 -23.96 37.60
C PRO N 144 -30.20 -23.78 37.72
N GLU N 145 -30.93 -24.12 36.67
CA GLU N 145 -32.38 -23.94 36.64
C GLU N 145 -33.15 -25.12 37.22
N GLU N 146 -32.45 -26.18 37.65
CA GLU N 146 -33.09 -27.33 38.26
C GLU N 146 -32.84 -27.44 39.75
N ILE N 147 -31.90 -26.66 40.30
CA ILE N 147 -31.66 -26.65 41.73
C ILE N 147 -32.54 -25.62 42.44
N TYR N 148 -33.40 -24.92 41.70
CA TYR N 148 -34.29 -23.91 42.25
C TYR N 148 -35.73 -24.37 42.36
N LYS N 149 -36.18 -25.22 41.43
CA LYS N 149 -37.56 -25.72 41.45
C LYS N 149 -37.59 -27.20 41.82
N ASP N 203 -35.24 -23.23 47.05
CA ASP N 203 -36.02 -22.99 48.25
C ASP N 203 -35.28 -22.03 49.19
N ALA N 204 -35.91 -21.71 50.31
CA ALA N 204 -35.29 -20.81 51.28
C ALA N 204 -34.10 -21.46 51.97
N GLN N 205 -34.15 -22.77 52.20
CA GLN N 205 -33.08 -23.45 52.93
C GLN N 205 -31.75 -23.37 52.19
N PHE N 206 -31.77 -23.49 50.86
CA PHE N 206 -30.53 -23.56 50.10
C PHE N 206 -29.66 -22.33 50.33
N HIS N 207 -30.27 -21.14 50.30
CA HIS N 207 -29.52 -19.92 50.55
C HIS N 207 -29.04 -19.86 52.00
N ASP N 208 -29.97 -20.07 52.95
CA ASP N 208 -29.63 -19.91 54.36
C ASP N 208 -28.63 -20.97 54.83
N GLN N 209 -28.81 -22.23 54.40
CA GLN N 209 -27.86 -23.26 54.80
C GLN N 209 -26.47 -22.98 54.26
N LEU N 210 -26.38 -22.56 52.99
CA LEU N 210 -25.08 -22.24 52.42
C LEU N 210 -24.39 -21.11 53.19
N LYS N 211 -25.14 -20.04 53.46
CA LYS N 211 -24.55 -18.92 54.18
C LYS N 211 -24.15 -19.31 55.59
N ALA N 212 -24.98 -20.10 56.27
CA ALA N 212 -24.68 -20.52 57.64
C ALA N 212 -23.45 -21.42 57.70
N ARG N 213 -23.30 -22.32 56.73
CA ARG N 213 -22.15 -23.20 56.74
C ARG N 213 -20.87 -22.45 56.37
N LEU N 214 -20.93 -21.56 55.38
CA LEU N 214 -19.76 -20.74 55.09
C LEU N 214 -19.49 -19.71 56.17
N LEU N 215 -20.43 -19.50 57.09
CA LEU N 215 -20.27 -18.51 58.13
C LEU N 215 -19.12 -18.83 59.08
N GLU N 216 -18.81 -20.12 59.27
CA GLU N 216 -17.73 -20.48 60.16
C GLU N 216 -16.37 -20.13 59.58
N HIS N 217 -16.20 -20.31 58.27
CA HIS N 217 -14.92 -20.08 57.62
C HIS N 217 -14.72 -18.65 57.15
N THR N 218 -15.76 -17.80 57.25
CA THR N 218 -15.69 -16.39 56.86
C THR N 218 -15.28 -16.23 55.39
N ILE N 219 -16.13 -16.74 54.52
CA ILE N 219 -15.90 -16.67 53.07
C ILE N 219 -17.02 -15.85 52.43
N PRO N 220 -16.74 -14.64 51.96
CA PRO N 220 -17.77 -13.89 51.22
C PRO N 220 -18.23 -14.65 49.99
N THR N 221 -19.53 -14.57 49.73
CA THR N 221 -20.12 -15.34 48.63
C THR N 221 -21.34 -14.60 48.10
N GLN N 222 -21.73 -14.95 46.88
CA GLN N 222 -22.89 -14.36 46.24
C GLN N 222 -23.56 -15.40 45.36
N ILE N 223 -24.86 -15.57 45.52
CA ILE N 223 -25.65 -16.53 44.75
C ILE N 223 -26.32 -15.80 43.61
N LEU N 224 -26.10 -16.27 42.38
CA LEU N 224 -26.70 -15.68 41.19
C LEU N 224 -27.35 -16.79 40.37
N ARG N 225 -28.65 -16.69 40.15
CA ARG N 225 -29.34 -17.65 39.31
C ARG N 225 -28.97 -17.41 37.85
N GLU N 226 -29.09 -18.48 37.05
CA GLU N 226 -28.81 -18.35 35.63
C GLU N 226 -29.85 -17.50 34.92
N SER N 227 -31.08 -17.48 35.42
CA SER N 227 -32.14 -16.68 34.81
C SER N 227 -31.82 -15.19 34.92
N THR N 228 -31.27 -14.77 36.06
CA THR N 228 -30.94 -13.35 36.24
C THR N 228 -29.88 -12.91 35.24
N LEU N 229 -28.83 -13.70 35.05
CA LEU N 229 -27.75 -13.30 34.17
C LEU N 229 -28.10 -13.47 32.70
N ALA N 230 -28.86 -14.50 32.35
CA ALA N 230 -29.27 -14.74 30.96
C ALA N 230 -30.78 -14.95 30.95
N TRP N 231 -31.53 -13.86 30.86
CA TRP N 231 -32.98 -13.91 30.87
C TRP N 231 -33.58 -14.07 29.47
N ARG N 232 -32.87 -13.64 28.43
CA ARG N 232 -33.40 -13.77 27.08
C ARG N 232 -33.45 -15.22 26.61
N ASP N 233 -32.63 -16.10 27.19
CA ASP N 233 -32.54 -17.47 26.71
C ASP N 233 -33.63 -18.35 27.30
N PHE N 234 -33.95 -18.18 28.57
CA PHE N 234 -34.93 -19.03 29.26
C PHE N 234 -36.33 -18.55 28.93
N LYS N 235 -36.72 -18.78 27.67
CA LYS N 235 -38.05 -18.41 27.22
C LYS N 235 -39.09 -19.38 27.77
N ASN N 236 -40.35 -18.92 27.79
CA ASN N 236 -41.46 -19.72 28.29
C ASN N 236 -42.76 -19.13 27.78
N THR N 237 -43.73 -20.00 27.53
CA THR N 237 -45.07 -19.60 27.11
C THR N 237 -45.02 -18.77 25.81
N PHE N 238 -44.59 -19.45 24.76
CA PHE N 238 -44.58 -18.91 23.39
C PHE N 238 -43.66 -17.69 23.26
N GLY N 239 -42.39 -17.92 23.59
CA GLY N 239 -41.36 -16.92 23.31
C GLY N 239 -41.50 -15.61 24.05
N ALA N 240 -41.87 -15.68 25.33
CA ALA N 240 -41.95 -14.49 26.18
C ALA N 240 -41.18 -14.78 27.47
N PRO N 241 -40.06 -14.09 27.72
CA PRO N 241 -39.28 -14.39 28.92
C PRO N 241 -40.12 -14.27 30.18
N ILE N 242 -39.89 -15.21 31.11
CA ILE N 242 -40.64 -15.20 32.37
C ILE N 242 -40.37 -13.91 33.12
N ARG N 243 -39.11 -13.46 33.12
CA ARG N 243 -38.72 -12.20 33.72
C ARG N 243 -37.87 -11.43 32.73
N ASP N 244 -38.37 -10.28 32.28
CA ASP N 244 -37.70 -9.48 31.27
C ASP N 244 -37.09 -8.24 31.91
N PHE N 245 -35.80 -8.02 31.64
CA PHE N 245 -35.06 -6.88 32.16
C PHE N 245 -34.72 -5.87 31.06
N SER N 246 -35.46 -5.91 29.94
CA SER N 246 -35.09 -5.12 28.77
C SER N 246 -35.09 -3.62 29.06
N LYS N 247 -35.95 -3.18 29.98
CA LYS N 247 -36.04 -1.76 30.31
C LYS N 247 -35.29 -1.39 31.58
N ILE N 248 -34.80 -2.37 32.34
CA ILE N 248 -34.10 -2.08 33.60
C ILE N 248 -32.75 -2.78 33.63
N GLU N 249 -32.15 -2.99 32.46
CA GLU N 249 -30.83 -3.61 32.40
C GLU N 249 -29.80 -2.79 33.16
N GLY N 250 -29.82 -1.47 33.02
CA GLY N 250 -28.88 -0.64 33.75
C GLY N 250 -29.08 -0.72 35.26
N HIS N 251 -30.33 -0.78 35.70
CA HIS N 251 -30.59 -0.93 37.13
C HIS N 251 -30.09 -2.27 37.65
N LEU N 252 -30.30 -3.34 36.87
CA LEU N 252 -29.78 -4.65 37.24
C LEU N 252 -28.26 -4.61 37.40
N ALA N 253 -27.58 -4.01 36.41
CA ALA N 253 -26.13 -3.87 36.50
C ALA N 253 -25.72 -3.04 37.70
N TRP N 254 -26.46 -1.98 37.99
CA TRP N 254 -26.17 -1.15 39.16
C TRP N 254 -26.20 -1.98 40.43
N THR N 255 -27.29 -2.72 40.64
CA THR N 255 -27.45 -3.49 41.87
C THR N 255 -26.36 -4.56 41.99
N ILE N 256 -26.12 -5.30 40.91
CA ILE N 256 -25.14 -6.38 40.98
C ILE N 256 -23.74 -5.82 41.23
N SER N 257 -23.38 -4.74 40.53
CA SER N 257 -22.06 -4.16 40.71
C SER N 257 -21.87 -3.62 42.12
N THR N 258 -22.89 -2.95 42.67
CA THR N 258 -22.77 -2.42 44.03
C THR N 258 -22.61 -3.56 45.03
N ALA N 259 -23.41 -4.63 44.89
CA ALA N 259 -23.30 -5.75 45.81
C ALA N 259 -21.92 -6.39 45.73
N ALA N 260 -21.41 -6.62 44.51
CA ALA N 260 -20.10 -7.24 44.36
C ALA N 260 -19.00 -6.35 44.92
N TYR N 261 -19.10 -5.03 44.71
CA TYR N 261 -18.11 -4.13 45.26
C TYR N 261 -18.13 -4.12 46.77
N TYR N 262 -19.32 -4.13 47.38
CA TYR N 262 -19.39 -4.12 48.84
C TYR N 262 -18.87 -5.43 49.43
N LYS N 263 -19.17 -6.55 48.79
CA LYS N 263 -18.74 -7.84 49.32
C LYS N 263 -17.25 -8.08 49.17
N ALA N 264 -16.54 -7.24 48.42
CA ALA N 264 -15.10 -7.39 48.20
C ALA N 264 -14.28 -6.39 49.00
N GLY N 265 -14.85 -5.84 50.08
CA GLY N 265 -14.11 -4.94 50.94
C GLY N 265 -14.17 -3.48 50.58
N GLY N 266 -15.21 -3.04 49.87
CA GLY N 266 -15.35 -1.65 49.48
C GLY N 266 -16.58 -1.02 50.13
N LYS N 267 -16.46 0.25 50.51
CA LYS N 267 -17.57 0.99 51.07
C LYS N 267 -18.04 2.04 50.08
N PRO N 268 -19.17 1.82 49.39
CA PRO N 268 -19.56 2.77 48.33
C PRO N 268 -19.84 4.17 48.83
N TRP N 269 -20.40 4.33 50.02
CA TRP N 269 -20.71 5.65 50.56
C TRP N 269 -20.81 5.55 52.08
N LYS N 270 -21.18 6.67 52.70
CA LYS N 270 -21.33 6.73 54.14
C LYS N 270 -22.33 7.83 54.49
N LEU N 271 -22.86 7.75 55.71
CA LEU N 271 -23.84 8.71 56.19
C LEU N 271 -23.14 9.92 56.80
N GLY N 272 -23.64 11.11 56.49
CA GLY N 272 -23.02 12.33 56.99
C GLY N 272 -23.83 13.09 58.01
N ASP N 273 -25.15 13.11 57.86
CA ASP N 273 -26.03 13.88 58.75
C ASP N 273 -26.63 12.92 59.78
N ILE N 274 -25.82 12.54 60.75
CA ILE N 274 -26.25 11.72 61.88
C ILE N 274 -25.63 12.30 63.13
N ARG N 275 -26.38 12.27 64.23
CA ARG N 275 -25.93 12.90 65.45
C ARG N 275 -24.67 12.21 65.96
N PRO N 276 -23.63 12.96 66.33
CA PRO N 276 -22.42 12.34 66.88
C PRO N 276 -22.61 11.96 68.34
N GLY N 277 -22.11 10.78 68.70
CA GLY N 277 -22.17 10.32 70.07
C GLY N 277 -23.41 9.53 70.43
N VAL N 278 -24.05 8.89 69.46
CA VAL N 278 -25.23 8.08 69.72
C VAL N 278 -25.04 6.72 69.07
N CYS N 279 -25.77 5.73 69.58
CA CYS N 279 -25.74 4.37 69.08
C CYS N 279 -27.15 3.94 68.71
N TYR N 280 -27.31 3.37 67.53
CA TYR N 280 -28.61 2.89 67.05
C TYR N 280 -28.59 1.37 67.05
N LEU N 281 -29.51 0.78 67.82
CA LEU N 281 -29.64 -0.67 67.92
C LEU N 281 -31.02 -1.08 67.44
N GLY N 282 -31.07 -2.12 66.61
CA GLY N 282 -32.33 -2.64 66.12
C GLY N 282 -32.54 -4.08 66.50
N LEU N 283 -33.59 -4.36 67.27
CA LEU N 283 -33.86 -5.70 67.78
C LEU N 283 -34.98 -6.33 66.99
N VAL N 284 -34.73 -7.53 66.46
CA VAL N 284 -35.72 -8.29 65.72
C VAL N 284 -35.81 -9.68 66.32
N TYR N 285 -37.03 -10.15 66.57
CA TYR N 285 -37.27 -11.45 67.18
C TYR N 285 -37.72 -12.45 66.11
N LYS N 286 -37.03 -13.59 66.07
CA LYS N 286 -37.36 -14.67 65.13
C LYS N 286 -37.74 -15.91 65.92
N LYS N 287 -38.78 -16.60 65.44
CA LYS N 287 -39.27 -17.81 66.08
C LYS N 287 -38.52 -19.02 65.53
N ILE N 288 -37.84 -19.75 66.41
CA ILE N 288 -37.17 -20.99 66.05
C ILE N 288 -38.09 -22.12 66.50
N GLU N 289 -38.93 -22.61 65.59
CA GLU N 289 -39.86 -23.69 65.87
C GLU N 289 -39.24 -24.99 65.35
N LYS N 290 -38.62 -25.74 66.25
CA LYS N 290 -37.96 -26.99 65.88
C LYS N 290 -38.11 -28.03 66.99
N ASN N 293 -37.06 -27.27 71.36
CA ASN N 293 -38.19 -26.55 71.93
C ASN N 293 -38.39 -25.21 71.23
N PRO N 294 -39.66 -24.80 71.09
CA PRO N 294 -39.95 -23.50 70.46
C PRO N 294 -39.34 -22.36 71.27
N GLN N 295 -38.55 -21.52 70.59
CA GLN N 295 -37.85 -20.42 71.24
C GLN N 295 -37.81 -19.23 70.29
N ASN N 296 -37.63 -18.06 70.88
CA ASN N 296 -37.52 -16.81 70.13
C ASN N 296 -36.13 -16.23 70.31
N ALA N 297 -35.47 -15.91 69.20
CA ALA N 297 -34.11 -15.38 69.19
C ALA N 297 -34.13 -13.89 68.93
N CYS N 298 -33.22 -13.16 69.57
CA CYS N 298 -33.10 -11.71 69.42
C CYS N 298 -31.75 -11.39 68.82
N CYS N 299 -31.73 -11.04 67.54
CA CYS N 299 -30.52 -10.62 66.84
C CYS N 299 -30.57 -9.12 66.59
N ALA N 300 -29.49 -8.43 66.92
CA ALA N 300 -29.45 -6.98 66.86
C ALA N 300 -28.48 -6.50 65.78
N ALA N 301 -28.51 -5.19 65.54
CA ALA N 301 -27.61 -4.55 64.60
C ALA N 301 -27.28 -3.16 65.13
N GLN N 302 -26.03 -2.74 64.95
CA GLN N 302 -25.54 -1.52 65.57
C GLN N 302 -24.97 -0.57 64.52
N MET N 303 -25.18 0.72 64.72
CA MET N 303 -24.63 1.75 63.87
C MET N 303 -24.28 2.97 64.71
N PHE N 304 -23.09 3.51 64.49
CA PHE N 304 -22.65 4.70 65.20
C PHE N 304 -21.59 5.40 64.37
N LEU N 305 -21.36 6.67 64.69
CA LEU N 305 -20.44 7.51 63.93
C LEU N 305 -19.12 7.61 64.68
N ASP N 306 -18.05 7.13 64.05
CA ASP N 306 -16.75 7.06 64.69
C ASP N 306 -16.07 8.43 64.62
N ASN N 307 -14.82 8.50 65.06
CA ASN N 307 -14.04 9.73 65.03
C ASN N 307 -13.47 9.91 63.63
N GLY N 308 -13.93 10.94 62.93
CA GLY N 308 -13.53 11.15 61.55
C GLY N 308 -14.69 11.00 60.60
N ASP N 309 -15.90 11.15 61.13
CA ASP N 309 -17.14 11.06 60.36
C ASP N 309 -17.31 9.69 59.68
N GLY N 310 -16.62 8.67 60.19
CA GLY N 310 -16.74 7.35 59.62
C GLY N 310 -17.94 6.62 60.19
N THR N 311 -18.72 6.01 59.31
CA THR N 311 -19.92 5.27 59.72
C THR N 311 -19.56 3.82 59.95
N VAL N 312 -19.82 3.33 61.16
CA VAL N 312 -19.57 1.95 61.53
C VAL N 312 -20.90 1.23 61.57
N PHE N 313 -21.10 0.29 60.65
CA PHE N 313 -22.37 -0.42 60.49
C PHE N 313 -22.10 -1.90 60.61
N LYS N 314 -22.35 -2.47 61.79
CA LYS N 314 -22.13 -3.88 62.06
C LYS N 314 -23.43 -4.50 62.58
N GLY N 315 -23.34 -5.74 63.04
CA GLY N 315 -24.47 -6.39 63.67
C GLY N 315 -24.13 -7.04 64.99
N GLU N 316 -24.71 -6.55 66.09
CA GLU N 316 -24.52 -7.18 67.38
C GLU N 316 -25.24 -8.52 67.40
N VAL N 317 -24.48 -9.60 67.48
CA VAL N 317 -25.00 -10.94 67.25
C VAL N 317 -24.63 -11.83 68.44
N GLY N 318 -24.93 -13.12 68.35
CA GLY N 318 -24.91 -13.98 69.51
C GLY N 318 -26.30 -14.10 70.11
N PRO N 319 -27.25 -14.58 69.31
CA PRO N 319 -28.68 -14.43 69.64
C PRO N 319 -29.01 -14.87 71.05
N TRP N 320 -29.79 -14.05 71.75
CA TRP N 320 -30.24 -14.32 73.10
C TRP N 320 -31.66 -14.85 73.04
N TYR N 321 -31.89 -16.00 73.65
CA TYR N 321 -33.14 -16.73 73.47
C TYR N 321 -34.13 -16.41 74.58
N ASN N 322 -35.40 -16.78 74.33
CA ASN N 322 -36.49 -16.58 75.27
C ASN N 322 -37.52 -17.70 75.08
N PRO N 323 -37.64 -18.61 76.03
CA PRO N 323 -38.45 -19.84 75.84
C PRO N 323 -39.93 -19.68 76.17
N GLU N 324 -40.65 -18.95 75.32
CA GLU N 324 -42.10 -18.85 75.43
C GLU N 324 -42.69 -18.85 74.03
N LYS N 325 -43.95 -19.31 73.93
CA LYS N 325 -44.63 -19.33 72.64
C LYS N 325 -44.80 -17.92 72.09
N GLY N 326 -45.23 -16.99 72.93
CA GLY N 326 -45.25 -15.59 72.57
C GLY N 326 -44.10 -14.87 73.25
N GLU N 327 -44.41 -13.82 74.00
CA GLU N 327 -43.44 -13.12 74.85
C GLU N 327 -42.23 -12.66 74.03
N TYR N 328 -42.49 -11.76 73.09
CA TYR N 328 -41.43 -11.19 72.25
C TYR N 328 -40.66 -10.13 73.04
N HIS N 329 -40.11 -10.56 74.17
CA HIS N 329 -39.34 -9.68 75.05
C HIS N 329 -38.07 -10.37 75.50
N LEU N 330 -37.35 -9.77 76.44
CA LEU N 330 -36.06 -10.29 76.87
C LEU N 330 -36.01 -10.40 78.38
N LYS N 331 -35.42 -11.48 78.87
CA LYS N 331 -35.25 -11.68 80.30
C LYS N 331 -34.17 -10.74 80.83
N PRO N 332 -34.14 -10.49 82.14
CA PRO N 332 -33.13 -9.58 82.71
C PRO N 332 -31.72 -10.16 82.69
N LYS N 333 -31.52 -11.39 82.21
CA LYS N 333 -30.20 -11.99 82.15
C LYS N 333 -29.57 -11.88 80.77
N GLU N 334 -30.32 -11.48 79.75
CA GLU N 334 -29.80 -11.32 78.40
C GLU N 334 -29.78 -9.88 77.93
N ALA N 335 -30.71 -9.05 78.39
CA ALA N 335 -30.68 -7.63 78.05
C ALA N 335 -29.42 -6.98 78.60
N LYS N 336 -29.00 -7.38 79.81
CA LYS N 336 -27.77 -6.86 80.38
C LYS N 336 -26.58 -7.19 79.49
N ALA N 337 -26.50 -8.44 79.04
CA ALA N 337 -25.38 -8.85 78.18
C ALA N 337 -25.42 -8.08 76.85
N LEU N 338 -26.60 -7.93 76.26
CA LEU N 338 -26.72 -7.20 75.00
C LEU N 338 -26.22 -5.78 75.14
N LEU N 339 -26.73 -5.05 76.13
CA LEU N 339 -26.34 -3.65 76.31
C LEU N 339 -24.87 -3.52 76.64
N THR N 340 -24.34 -4.41 77.50
CA THR N 340 -22.94 -4.34 77.85
C THR N 340 -22.06 -4.59 76.64
N GLN N 341 -22.41 -5.57 75.81
CA GLN N 341 -21.61 -5.86 74.62
C GLN N 341 -21.62 -4.68 73.66
N ALA N 342 -22.80 -4.09 73.42
CA ALA N 342 -22.86 -2.94 72.52
C ALA N 342 -22.05 -1.76 73.06
N LEU N 343 -22.18 -1.48 74.36
CA LEU N 343 -21.46 -0.37 74.96
C LEU N 343 -19.96 -0.58 74.90
N GLU N 344 -19.51 -1.82 75.18
CA GLU N 344 -18.08 -2.11 75.11
C GLU N 344 -17.55 -2.00 73.69
N SER N 345 -18.33 -2.43 72.70
CA SER N 345 -17.91 -2.26 71.31
C SER N 345 -17.74 -0.80 70.96
N TYR N 346 -18.71 0.04 71.35
CA TYR N 346 -18.60 1.46 71.06
C TYR N 346 -17.40 2.07 71.77
N LYS N 347 -17.18 1.70 73.03
CA LYS N 347 -16.05 2.26 73.79
C LYS N 347 -14.73 1.82 73.19
N GLU N 348 -14.63 0.58 72.73
CA GLU N 348 -13.42 0.12 72.08
C GLU N 348 -13.15 0.88 70.79
N GLN N 349 -14.21 1.13 70.01
CA GLN N 349 -14.01 1.83 68.74
C GLN N 349 -13.65 3.29 68.94
N ASN N 350 -14.37 4.00 69.81
CA ASN N 350 -14.23 5.45 69.93
C ASN N 350 -13.57 5.90 71.22
N LYS N 351 -12.99 4.97 71.99
CA LYS N 351 -12.20 5.28 73.18
C LYS N 351 -13.01 6.04 74.24
N SER N 352 -14.33 5.98 74.20
CA SER N 352 -15.17 6.63 75.20
C SER N 352 -16.55 6.01 75.17
N TYR N 353 -17.28 6.21 76.27
CA TYR N 353 -18.65 5.70 76.35
C TYR N 353 -19.61 6.65 75.64
N PRO N 354 -20.68 6.12 75.06
CA PRO N 354 -21.64 6.98 74.34
C PRO N 354 -22.36 7.90 75.29
N LYS N 355 -22.78 9.04 74.75
CA LYS N 355 -23.57 10.01 75.50
C LYS N 355 -25.06 9.77 75.38
N GLU N 356 -25.48 8.85 74.52
CA GLU N 356 -26.89 8.57 74.28
C GLU N 356 -26.99 7.28 73.50
N VAL N 357 -28.00 6.47 73.83
CA VAL N 357 -28.25 5.20 73.16
C VAL N 357 -29.67 5.22 72.61
N PHE N 358 -29.83 4.78 71.37
CA PHE N 358 -31.08 4.87 70.63
C PHE N 358 -31.52 3.45 70.26
N ILE N 359 -32.27 2.81 71.14
CA ILE N 359 -32.80 1.47 70.89
C ILE N 359 -34.13 1.59 70.17
N HIS N 360 -34.26 0.91 69.03
CA HIS N 360 -35.51 0.85 68.31
C HIS N 360 -35.77 -0.59 67.88
N ALA N 361 -37.04 -0.92 67.74
CA ALA N 361 -37.45 -2.28 67.39
C ALA N 361 -38.87 -2.25 66.85
N ARG N 362 -39.29 -3.38 66.30
CA ARG N 362 -40.66 -3.52 65.82
C ARG N 362 -41.65 -3.87 66.92
N THR N 363 -41.19 -4.13 68.12
CA THR N 363 -42.03 -4.53 69.25
C THR N 363 -41.94 -3.47 70.35
N ARG N 364 -42.52 -3.79 71.50
CA ARG N 364 -42.63 -2.89 72.63
C ARG N 364 -41.78 -3.39 73.79
N PHE N 365 -41.20 -2.45 74.54
CA PHE N 365 -40.39 -2.78 75.70
C PHE N 365 -41.24 -2.77 76.96
N ASN N 366 -40.95 -3.70 77.86
CA ASN N 366 -41.59 -3.75 79.17
C ASN N 366 -40.67 -3.12 80.21
N ASP N 367 -41.17 -3.03 81.44
CA ASP N 367 -40.40 -2.40 82.51
C ASP N 367 -39.20 -3.25 82.91
N GLU N 368 -39.29 -4.57 82.77
CA GLU N 368 -38.19 -5.44 83.14
C GLU N 368 -36.95 -5.18 82.29
N GLU N 369 -37.12 -5.18 80.97
CA GLU N 369 -36.00 -4.95 80.06
C GLU N 369 -35.37 -3.59 80.30
N TRP N 370 -36.20 -2.56 80.44
CA TRP N 370 -35.66 -1.22 80.62
C TRP N 370 -34.97 -1.07 81.96
N ASN N 371 -35.49 -1.72 83.01
CA ASN N 371 -34.81 -1.67 84.29
C ASN N 371 -33.44 -2.35 84.22
N ALA N 372 -33.36 -3.49 83.52
CA ALA N 372 -32.06 -4.13 83.34
C ALA N 372 -31.11 -3.21 82.56
N PHE N 373 -31.61 -2.59 81.49
CA PHE N 373 -30.79 -1.69 80.70
C PHE N 373 -30.26 -0.54 81.55
N ASN N 374 -31.14 0.06 82.36
CA ASN N 374 -30.73 1.17 83.20
C ASN N 374 -29.75 0.71 84.28
N GLU N 375 -29.88 -0.54 84.75
CA GLU N 375 -28.91 -1.06 85.70
C GLU N 375 -27.53 -1.18 85.06
N VAL N 376 -27.46 -1.66 83.82
CA VAL N 376 -26.16 -1.77 83.14
C VAL N 376 -25.63 -0.39 82.77
N THR N 377 -26.51 0.51 82.33
CA THR N 377 -26.07 1.77 81.72
C THR N 377 -25.25 2.59 82.71
N PRO N 378 -24.15 3.20 82.27
CA PRO N 378 -23.34 4.05 83.16
C PRO N 378 -24.06 5.32 83.58
N LYS N 379 -23.36 6.18 84.32
CA LYS N 379 -23.99 7.38 84.87
C LYS N 379 -24.44 8.34 83.78
N ASN N 380 -23.48 8.82 82.97
CA ASN N 380 -23.78 9.84 81.95
C ASN N 380 -24.05 9.16 80.60
N THR N 381 -25.22 8.55 80.51
CA THR N 381 -25.67 7.93 79.27
C THR N 381 -27.17 7.75 79.33
N ASN N 382 -27.87 8.22 78.31
CA ASN N 382 -29.32 8.17 78.25
C ASN N 382 -29.77 7.09 77.27
N LEU N 383 -30.95 6.54 77.53
CA LEU N 383 -31.54 5.51 76.68
C LEU N 383 -32.92 5.97 76.21
N VAL N 384 -33.21 5.72 74.94
CA VAL N 384 -34.50 6.05 74.34
C VAL N 384 -35.01 4.83 73.59
N GLY N 385 -36.25 4.45 73.85
CA GLY N 385 -36.89 3.32 73.17
C GLY N 385 -37.91 3.82 72.17
N VAL N 386 -37.83 3.29 70.95
CA VAL N 386 -38.71 3.67 69.86
C VAL N 386 -39.28 2.42 69.21
N THR N 387 -40.58 2.45 68.91
CA THR N 387 -41.27 1.34 68.27
C THR N 387 -41.77 1.80 66.91
N ILE N 388 -41.51 0.99 65.88
CA ILE N 388 -41.81 1.35 64.50
C ILE N 388 -42.74 0.29 63.93
N THR N 389 -44.04 0.58 63.94
CA THR N 389 -45.04 -0.26 63.29
C THR N 389 -45.22 0.17 61.83
N LYS N 390 -45.62 -0.78 60.98
CA LYS N 390 -45.65 -0.50 59.55
C LYS N 390 -46.95 -0.95 58.87
N SER N 391 -48.05 -1.10 59.61
CA SER N 391 -49.29 -1.51 58.98
C SER N 391 -50.52 -0.79 59.51
N LYS N 392 -50.37 0.28 60.29
CA LYS N 392 -51.53 0.96 60.84
C LYS N 392 -52.29 1.67 59.73
N PRO N 393 -53.62 1.52 59.65
CA PRO N 393 -54.39 2.01 58.49
C PRO N 393 -54.66 3.51 58.45
N LEU N 394 -53.69 4.25 57.94
CA LEU N 394 -53.86 5.66 57.58
C LEU N 394 -53.50 5.82 56.11
N LYS N 395 -54.28 6.60 55.38
CA LYS N 395 -54.04 6.79 53.96
C LYS N 395 -54.46 8.20 53.59
N LEU N 396 -53.49 9.05 53.26
CA LEU N 396 -53.76 10.42 52.83
C LEU N 396 -53.83 10.45 51.30
N TYR N 397 -55.03 10.64 50.77
CA TYR N 397 -55.23 10.78 49.34
C TYR N 397 -55.08 12.23 48.92
N LYS N 398 -54.59 12.43 47.70
CA LYS N 398 -54.45 13.78 47.15
C LYS N 398 -55.76 14.21 46.52
N THR N 399 -56.16 15.46 46.79
CA THR N 399 -57.48 15.92 46.40
C THR N 399 -57.59 16.11 44.90
N GLU N 400 -56.55 16.66 44.27
CA GLU N 400 -56.63 17.08 42.86
C GLU N 400 -55.82 16.19 41.93
N GLY N 401 -54.53 16.01 42.20
CA GLY N 401 -53.68 15.29 41.28
C GLY N 401 -53.97 13.80 41.27
N ALA N 402 -53.39 13.15 40.25
CA ALA N 402 -53.44 11.70 40.13
C ALA N 402 -52.15 11.04 40.61
N PHE N 403 -51.28 11.78 41.26
CA PHE N 403 -50.03 11.28 41.79
C PHE N 403 -50.06 11.30 43.32
N PRO N 404 -49.36 10.36 43.97
CA PRO N 404 -49.53 10.21 45.43
C PRO N 404 -48.86 11.31 46.24
N ILE N 405 -49.01 11.22 47.57
CA ILE N 405 -48.43 12.20 48.47
C ILE N 405 -46.90 12.07 48.47
N MET N 406 -46.23 13.21 48.54
CA MET N 406 -44.77 13.24 48.47
C MET N 406 -44.14 12.56 49.68
N ARG N 407 -42.97 11.97 49.45
CA ARG N 407 -42.21 11.36 50.54
C ARG N 407 -41.58 12.44 51.39
N GLY N 408 -41.58 12.22 52.71
CA GLY N 408 -41.02 13.16 53.66
C GLY N 408 -42.04 13.86 54.52
N ASN N 409 -43.33 13.75 54.20
CA ASN N 409 -44.36 14.38 55.02
C ASN N 409 -44.55 13.61 56.32
N ALA N 410 -44.62 14.35 57.42
CA ALA N 410 -44.77 13.77 58.75
C ALA N 410 -45.98 14.38 59.44
N TYR N 411 -46.78 13.52 60.08
CA TYR N 411 -47.93 13.94 60.86
C TYR N 411 -47.67 13.65 62.33
N ILE N 412 -47.78 14.66 63.17
CA ILE N 412 -47.58 14.52 64.60
C ILE N 412 -48.96 14.43 65.25
N VAL N 413 -49.27 13.27 65.82
CA VAL N 413 -50.56 13.07 66.46
C VAL N 413 -50.50 13.39 67.95
N ASP N 414 -49.37 13.10 68.58
CA ASP N 414 -49.15 13.38 69.99
C ASP N 414 -47.69 13.76 70.17
N GLU N 415 -47.37 14.29 71.35
CA GLU N 415 -45.99 14.66 71.63
C GLU N 415 -45.06 13.45 71.75
N LYS N 416 -45.58 12.23 71.55
CA LYS N 416 -44.76 11.04 71.57
C LYS N 416 -45.07 10.06 70.45
N LYS N 417 -46.01 10.37 69.57
CA LYS N 417 -46.38 9.50 68.46
C LYS N 417 -46.47 10.31 67.18
N ALA N 418 -46.18 9.65 66.06
CA ALA N 418 -46.19 10.34 64.77
C ALA N 418 -46.27 9.33 63.64
N PHE N 419 -46.61 9.83 62.46
CA PHE N 419 -46.59 9.05 61.23
C PHE N 419 -45.54 9.63 60.29
N LEU N 420 -44.85 8.75 59.56
CA LEU N 420 -43.84 9.16 58.60
C LEU N 420 -44.15 8.51 57.25
N TRP N 421 -44.10 9.30 56.19
CA TRP N 421 -44.29 8.79 54.84
C TRP N 421 -42.92 8.58 54.22
N THR N 422 -42.43 7.34 54.28
CA THR N 422 -41.14 6.98 53.71
C THR N 422 -41.26 6.50 52.26
N LEU N 423 -42.46 6.50 51.71
CA LEU N 423 -42.69 6.11 50.32
C LEU N 423 -43.45 7.23 49.63
N GLY N 424 -43.79 6.99 48.36
CA GLY N 424 -44.56 7.96 47.61
C GLY N 424 -43.79 8.62 46.49
N PHE N 425 -44.21 9.83 46.10
CA PHE N 425 -43.64 10.51 44.95
C PHE N 425 -42.34 11.19 45.35
N VAL N 426 -41.25 10.86 44.66
CA VAL N 426 -39.96 11.50 44.87
C VAL N 426 -39.71 12.45 43.70
N PRO N 427 -39.61 13.76 43.94
CA PRO N 427 -39.49 14.70 42.82
C PRO N 427 -38.31 14.42 41.90
N LYS N 428 -37.16 14.01 42.45
CA LYS N 428 -35.98 13.77 41.61
C LYS N 428 -36.23 12.66 40.61
N LEU N 429 -36.84 11.56 41.06
CA LEU N 429 -37.10 10.44 40.17
C LEU N 429 -38.29 10.67 39.27
N GLN N 430 -39.09 11.72 39.53
CA GLN N 430 -40.30 12.01 38.75
C GLN N 430 -41.23 10.80 38.73
N SER N 431 -41.24 10.03 39.81
CA SER N 431 -42.07 8.83 39.91
C SER N 431 -42.22 8.48 41.38
N THR N 432 -42.78 7.30 41.65
CA THR N 432 -43.10 6.88 43.00
C THR N 432 -42.22 5.70 43.41
N LEU N 433 -41.96 5.59 44.71
CA LEU N 433 -41.22 4.48 45.28
C LEU N 433 -42.10 3.29 45.62
N SER N 434 -43.40 3.37 45.34
CA SER N 434 -44.35 2.31 45.63
C SER N 434 -45.53 2.48 44.70
N MET N 435 -46.63 1.79 45.01
CA MET N 435 -47.83 1.90 44.20
C MET N 435 -49.05 1.68 45.08
N GLU N 436 -50.21 2.12 44.57
CA GLU N 436 -51.49 2.01 45.26
C GLU N 436 -51.48 2.73 46.60
N VAL N 437 -51.36 4.06 46.51
CA VAL N 437 -51.52 4.95 47.67
C VAL N 437 -50.58 4.55 48.80
N PRO N 438 -49.30 4.90 48.72
CA PRO N 438 -48.31 4.40 49.67
C PRO N 438 -48.73 4.53 51.13
N ASN N 439 -48.25 3.58 51.95
CA ASN N 439 -48.61 3.40 53.34
C ASN N 439 -47.57 4.06 54.25
N PRO N 440 -48.00 4.81 55.26
CA PRO N 440 -47.06 5.40 56.21
C PRO N 440 -46.65 4.38 57.26
N ILE N 441 -45.74 4.80 58.13
CA ILE N 441 -45.27 3.97 59.24
C ILE N 441 -45.47 4.74 60.54
N PHE N 442 -45.72 4.00 61.61
CA PHE N 442 -45.91 4.58 62.93
C PHE N 442 -44.58 4.68 63.68
N ILE N 443 -44.46 5.72 64.50
CA ILE N 443 -43.28 5.93 65.32
C ILE N 443 -43.74 6.38 66.70
N GLU N 444 -43.25 5.71 67.74
CA GLU N 444 -43.60 6.05 69.12
C GLU N 444 -42.36 6.00 69.99
N ILE N 445 -42.18 7.01 70.83
CA ILE N 445 -41.05 7.04 71.77
C ILE N 445 -41.57 6.33 73.03
N ASN N 446 -41.50 5.01 73.01
CA ASN N 446 -42.12 4.19 74.04
C ASN N 446 -41.10 3.80 75.13
N LYS N 447 -40.29 4.76 75.57
CA LYS N 447 -39.47 4.76 76.78
C LYS N 447 -38.67 6.06 76.81
N GLY N 448 -38.19 6.41 78.00
CA GLY N 448 -37.30 7.55 78.13
C GLY N 448 -37.95 8.87 77.75
N GLU N 449 -37.08 9.86 77.54
CA GLU N 449 -37.50 11.20 77.13
C GLU N 449 -36.73 11.61 75.88
N ALA N 450 -37.46 12.08 74.87
CA ALA N 450 -36.86 12.51 73.62
C ALA N 450 -37.87 13.34 72.84
N GLU N 451 -37.37 14.06 71.84
CA GLU N 451 -38.19 14.88 70.96
C GLU N 451 -38.48 14.12 69.67
N ILE N 452 -39.69 14.28 69.15
CA ILE N 452 -40.11 13.50 68.00
C ILE N 452 -39.46 13.95 66.69
N GLN N 453 -38.98 15.19 66.62
CA GLN N 453 -38.40 15.68 65.37
C GLN N 453 -37.05 15.02 65.11
N GLN N 454 -36.20 14.98 66.12
CA GLN N 454 -34.92 14.31 65.99
C GLN N 454 -35.11 12.82 65.71
N VAL N 455 -36.12 12.22 66.34
CA VAL N 455 -36.40 10.81 66.10
C VAL N 455 -36.75 10.57 64.64
N LEU N 456 -37.62 11.42 64.08
CA LEU N 456 -38.00 11.25 62.68
C LEU N 456 -36.80 11.47 61.75
N LYS N 457 -35.99 12.49 62.04
CA LYS N 457 -34.81 12.74 61.22
C LYS N 457 -33.88 11.54 61.23
N ASP N 458 -33.65 10.97 62.41
CA ASP N 458 -32.79 9.79 62.52
C ASP N 458 -33.39 8.59 61.80
N ILE N 459 -34.71 8.44 61.84
CA ILE N 459 -35.34 7.32 61.14
C ILE N 459 -35.10 7.44 59.64
N LEU N 460 -35.28 8.64 59.09
CA LEU N 460 -35.02 8.83 57.66
C LEU N 460 -33.56 8.56 57.31
N ALA N 461 -32.64 9.11 58.13
CA ALA N 461 -31.22 8.87 57.91
C ALA N 461 -30.90 7.39 57.91
N LEU N 462 -31.52 6.63 58.82
CA LEU N 462 -31.33 5.18 58.84
C LEU N 462 -31.88 4.54 57.58
N THR N 463 -33.01 5.04 57.07
CA THR N 463 -33.54 4.51 55.82
C THR N 463 -32.59 4.72 54.67
N LYS N 464 -31.72 5.72 54.74
CA LYS N 464 -30.74 5.93 53.66
C LYS N 464 -29.43 5.17 53.88
N LEU N 465 -29.49 3.84 54.12
CA LEU N 465 -28.25 3.08 54.30
C LEU N 465 -28.30 1.67 53.72
N ASN N 466 -29.04 1.44 52.64
CA ASN N 466 -29.21 0.09 52.11
C ASN N 466 -28.06 -0.23 51.17
N TYR N 467 -27.07 -0.99 51.67
CA TYR N 467 -25.96 -1.41 50.81
C TYR N 467 -26.33 -2.57 49.90
N ASN N 468 -27.31 -3.39 50.28
CA ASN N 468 -27.62 -4.59 49.52
C ASN N 468 -28.30 -4.29 48.19
N ALA N 469 -28.76 -3.06 47.98
CA ALA N 469 -29.41 -2.68 46.73
C ALA N 469 -29.01 -1.25 46.38
N CYS N 470 -29.21 -0.90 45.12
CA CYS N 470 -28.91 0.43 44.60
C CYS N 470 -30.22 1.11 44.26
N ILE N 471 -30.84 1.74 45.26
CA ILE N 471 -32.10 2.46 45.11
C ILE N 471 -31.99 3.78 45.85
N TYR N 472 -32.99 4.64 45.64
CA TYR N 472 -33.01 5.92 46.33
C TYR N 472 -33.16 5.73 47.84
N ALA N 473 -34.16 4.96 48.26
CA ALA N 473 -34.40 4.69 49.67
C ALA N 473 -35.40 3.54 49.77
N ASP N 474 -35.54 2.99 50.98
CA ASP N 474 -36.46 1.92 51.26
C ASP N 474 -37.50 2.37 52.27
N GLY N 475 -38.60 1.60 52.35
CA GLY N 475 -39.69 1.99 53.24
C GLY N 475 -39.31 1.95 54.70
N GLU N 476 -38.63 0.89 55.12
CA GLU N 476 -38.30 0.69 56.52
C GLU N 476 -36.81 0.94 56.76
N PRO N 477 -36.42 1.32 57.98
CA PRO N 477 -34.99 1.49 58.27
C PRO N 477 -34.22 0.20 58.03
N VAL N 478 -32.99 0.35 57.54
CA VAL N 478 -32.22 -0.80 57.10
C VAL N 478 -31.64 -1.60 58.25
N THR N 479 -31.53 -1.01 59.44
CA THR N 479 -31.00 -1.74 60.59
C THR N 479 -31.87 -2.95 60.91
N LEU N 480 -33.18 -2.75 60.95
CA LEU N 480 -34.09 -3.84 61.28
C LEU N 480 -34.10 -4.90 60.18
N ARG N 481 -34.04 -4.47 58.91
CA ARG N 481 -34.00 -5.43 57.81
C ARG N 481 -32.74 -6.29 57.86
N PHE N 482 -31.60 -5.66 58.14
CA PHE N 482 -30.36 -6.41 58.22
C PHE N 482 -30.34 -7.35 59.42
N ALA N 483 -30.92 -6.91 60.55
CA ALA N 483 -31.04 -7.81 61.69
C ALA N 483 -31.93 -9.01 61.37
N ASN N 484 -33.02 -8.76 60.63
CA ASN N 484 -33.89 -9.85 60.22
C ASN N 484 -33.16 -10.83 59.31
N LYS N 485 -32.35 -10.32 58.38
CA LYS N 485 -31.54 -11.20 57.52
C LYS N 485 -30.56 -12.02 58.35
N ILE N 486 -29.92 -11.39 59.33
CA ILE N 486 -28.98 -12.10 60.19
C ILE N 486 -29.69 -13.23 60.92
N GLY N 487 -30.85 -12.94 61.48
CA GLY N 487 -31.60 -13.97 62.18
C GLY N 487 -32.05 -15.10 61.27
N GLU N 488 -32.51 -14.76 60.07
CA GLU N 488 -32.94 -15.79 59.12
C GLU N 488 -31.78 -16.70 58.76
N ILE N 489 -30.59 -16.13 58.57
CA ILE N 489 -29.43 -16.94 58.24
C ILE N 489 -29.03 -17.81 59.43
N LEU N 490 -29.07 -17.25 60.64
CA LEU N 490 -28.55 -17.98 61.80
C LEU N 490 -29.48 -19.11 62.23
N THR N 491 -30.80 -18.91 62.14
CA THR N 491 -31.71 -19.92 62.64
C THR N 491 -31.72 -21.19 61.80
N ALA N 492 -31.10 -21.20 60.63
CA ALA N 492 -31.04 -22.38 59.77
C ALA N 492 -29.73 -23.15 59.92
N SER N 493 -29.09 -23.06 61.09
CA SER N 493 -27.83 -23.72 61.35
C SER N 493 -27.93 -24.54 62.63
N THR N 494 -26.87 -25.28 62.93
CA THR N 494 -26.85 -26.10 64.13
C THR N 494 -26.48 -25.27 65.36
N GLU N 495 -25.26 -24.74 65.38
CA GLU N 495 -24.78 -23.94 66.50
C GLU N 495 -23.48 -23.24 66.14
N ILE N 496 -23.39 -21.94 66.45
CA ILE N 496 -22.18 -21.16 66.23
C ILE N 496 -21.79 -20.51 67.56
N LYS N 497 -20.53 -20.71 67.96
CA LYS N 497 -20.08 -20.17 69.24
C LYS N 497 -20.00 -18.66 69.20
N THR N 498 -19.14 -18.12 68.33
CA THR N 498 -18.98 -16.67 68.17
C THR N 498 -19.09 -16.34 66.69
N PRO N 499 -20.25 -15.86 66.24
CA PRO N 499 -20.43 -15.60 64.81
C PRO N 499 -19.77 -14.30 64.40
N PRO N 500 -19.34 -14.20 63.15
CA PRO N 500 -18.77 -12.93 62.68
C PRO N 500 -19.81 -11.81 62.69
N LEU N 501 -19.33 -10.60 62.95
CA LEU N 501 -20.19 -9.44 63.03
C LEU N 501 -20.30 -8.69 61.71
N ALA N 502 -19.38 -8.91 60.79
CA ALA N 502 -19.37 -8.17 59.53
C ALA N 502 -20.57 -8.57 58.67
N PHE N 503 -21.02 -7.63 57.85
CA PHE N 503 -22.22 -7.83 57.05
C PHE N 503 -21.95 -8.48 55.71
N LYS N 504 -20.68 -8.64 55.31
CA LYS N 504 -20.36 -9.21 54.01
C LYS N 504 -20.74 -10.69 53.95
N TYR N 505 -20.60 -11.41 55.06
CA TYR N 505 -20.87 -12.84 55.07
C TYR N 505 -22.36 -13.16 55.05
N TYR N 506 -23.19 -12.29 55.63
CA TYR N 506 -24.62 -12.57 55.71
C TYR N 506 -25.34 -12.19 54.42
N ILE N 507 -25.31 -10.92 54.06
CA ILE N 507 -26.04 -10.44 52.88
C ILE N 507 -25.37 -10.92 51.60
N MET O 1 18.56 15.92 12.62
CA MET O 1 18.32 15.29 13.92
C MET O 1 18.13 13.79 13.76
N ARG O 2 19.17 13.11 13.26
CA ARG O 2 19.13 11.66 13.09
C ARG O 2 19.71 11.00 14.33
N ASN O 3 18.86 10.78 15.34
CA ASN O 3 19.21 9.96 16.48
C ASN O 3 18.12 9.00 16.92
N LYS O 4 16.91 9.10 16.39
CA LYS O 4 15.83 8.22 16.78
C LYS O 4 16.04 6.82 16.20
N ILE O 5 15.32 5.85 16.76
CA ILE O 5 15.40 4.45 16.35
C ILE O 5 13.97 3.99 16.10
N PHE O 6 13.53 4.09 14.84
CA PHE O 6 12.15 3.70 14.52
C PHE O 6 11.96 2.19 14.68
N ILE O 7 10.84 1.82 15.30
CA ILE O 7 10.47 0.43 15.49
C ILE O 7 9.10 0.22 14.89
N SER O 8 9.00 -0.71 13.94
CA SER O 8 7.72 -0.97 13.24
C SER O 8 7.20 -2.37 13.62
N HIS O 9 5.88 -2.53 13.76
CA HIS O 9 5.33 -3.83 14.21
C HIS O 9 3.83 -3.93 13.91
N ALA O 10 3.31 -5.16 13.90
CA ALA O 10 1.85 -5.37 13.69
C ALA O 10 1.17 -5.38 15.07
N THR O 11 0.74 -4.21 15.54
CA THR O 11 0.11 -4.10 16.89
C THR O 11 -0.79 -5.31 17.16
N PRO O 12 -1.51 -5.83 16.14
CA PRO O 12 -2.46 -6.94 16.40
C PRO O 12 -2.00 -7.87 17.54
N GLU O 13 -0.77 -8.36 17.48
CA GLU O 13 -0.27 -9.27 18.48
C GLU O 13 1.23 -9.26 18.40
N ASP O 14 1.81 -8.20 17.92
CA ASP O 14 3.28 -8.15 18.03
C ASP O 14 3.46 -6.85 18.77
N ASP O 15 2.55 -6.60 19.73
CA ASP O 15 2.52 -5.32 20.47
C ASP O 15 3.21 -5.36 21.83
N ASP O 16 3.27 -6.49 22.50
CA ASP O 16 3.96 -6.64 23.78
C ASP O 16 5.47 -6.66 23.61
N PHE O 17 5.96 -7.35 22.58
CA PHE O 17 7.39 -7.36 22.30
C PHE O 17 7.90 -5.96 21.97
N THR O 18 7.13 -5.22 21.17
CA THR O 18 7.53 -3.86 20.82
C THR O 18 7.60 -2.96 22.05
N ARG O 19 6.60 -3.07 22.93
CA ARG O 19 6.61 -2.28 24.15
C ARG O 19 7.80 -2.64 25.03
N TRP O 20 8.08 -3.94 25.18
CA TRP O 20 9.22 -4.37 25.98
C TRP O 20 10.53 -3.85 25.40
N LEU O 21 10.70 -3.95 24.08
CA LEU O 21 11.90 -3.47 23.45
C LEU O 21 12.07 -1.97 23.62
N SER O 22 10.98 -1.21 23.44
CA SER O 22 11.05 0.24 23.59
C SER O 22 11.45 0.63 25.01
N LEU O 23 10.82 0.01 26.01
CA LEU O 23 11.14 0.36 27.39
C LEU O 23 12.56 -0.08 27.76
N LYS O 24 13.03 -1.19 27.20
CA LYS O 24 14.40 -1.63 27.48
C LYS O 24 15.42 -0.70 26.84
N LEU O 25 15.14 -0.23 25.63
CA LEU O 25 16.11 0.61 24.92
C LEU O 25 16.14 2.02 25.48
N ILE O 26 14.98 2.58 25.85
CA ILE O 26 14.96 3.93 26.41
C ILE O 26 15.76 3.98 27.71
N GLY O 27 15.69 2.91 28.51
CA GLY O 27 16.44 2.85 29.74
C GLY O 27 17.95 2.79 29.55
N LEU O 28 18.40 2.36 28.37
CA LEU O 28 19.83 2.26 28.10
C LEU O 28 20.42 3.55 27.53
N GLY O 29 19.60 4.53 27.20
CA GLY O 29 20.08 5.79 26.68
C GLY O 29 19.75 6.08 25.22
N TYR O 30 18.91 5.28 24.59
CA TYR O 30 18.55 5.48 23.19
C TYR O 30 17.35 6.42 23.10
N GLU O 31 16.79 6.56 21.90
CA GLU O 31 15.73 7.53 21.60
C GLU O 31 14.62 6.87 20.81
N VAL O 32 14.13 5.73 21.29
CA VAL O 32 13.16 4.94 20.55
C VAL O 32 11.91 5.76 20.27
N TRP O 33 11.45 5.72 19.02
CA TRP O 33 10.16 6.25 18.62
C TRP O 33 9.27 5.09 18.19
N CYS O 34 8.13 4.94 18.84
CA CYS O 34 7.26 3.80 18.60
C CYS O 34 5.82 4.27 18.47
N ASP O 35 5.03 3.49 17.72
CA ASP O 35 3.63 3.82 17.53
C ASP O 35 2.87 3.77 18.84
N ILE O 36 3.18 2.79 19.70
CA ILE O 36 2.39 2.56 20.90
C ILE O 36 2.49 3.75 21.84
N LEU O 37 3.70 4.06 22.30
CA LEU O 37 3.89 5.13 23.26
C LEU O 37 3.71 6.50 22.61
N PHE O 38 4.47 6.77 21.56
CA PHE O 38 4.51 8.05 20.88
C PHE O 38 3.37 8.14 19.87
N LEU O 39 3.46 9.07 18.91
CA LEU O 39 2.38 9.35 17.96
C LEU O 39 1.17 9.91 18.69
N ASP O 40 1.28 11.16 19.15
CA ASP O 40 0.23 11.86 19.90
C ASP O 40 -1.13 11.74 19.24
N LYS O 41 -2.18 11.93 20.03
CA LYS O 41 -3.55 11.77 19.55
C LYS O 41 -4.04 13.05 18.90
N GLY O 42 -4.92 12.90 17.92
CA GLY O 42 -5.40 14.03 17.14
C GLY O 42 -4.47 14.46 16.02
N VAL O 43 -3.38 13.75 15.80
CA VAL O 43 -2.37 14.08 14.81
C VAL O 43 -2.71 13.36 13.52
N ASP O 44 -2.28 13.92 12.38
CA ASP O 44 -2.44 13.25 11.10
C ASP O 44 -1.80 11.87 11.14
N PHE O 45 -2.54 10.87 10.68
CA PHE O 45 -2.13 9.49 10.89
C PHE O 45 -0.89 9.14 10.07
N TRP O 46 -0.89 9.44 8.78
CA TRP O 46 0.12 8.93 7.86
C TRP O 46 1.18 9.97 7.52
N SER O 47 1.20 11.11 8.20
CA SER O 47 2.13 12.18 7.87
C SER O 47 3.33 12.24 8.80
N THR O 48 3.11 12.13 10.12
CA THR O 48 4.24 12.15 11.04
C THR O 48 5.07 10.89 10.94
N ILE O 49 4.46 9.76 10.57
CA ILE O 49 5.24 8.55 10.32
C ILE O 49 6.27 8.81 9.23
N GLU O 50 5.82 9.37 8.10
CA GLU O 50 6.74 9.69 7.01
C GLU O 50 7.76 10.73 7.44
N LYS O 51 7.32 11.76 8.18
CA LYS O 51 8.25 12.80 8.60
C LYS O 51 9.37 12.22 9.46
N GLU O 52 9.02 11.33 10.39
CA GLU O 52 10.04 10.73 11.22
C GLU O 52 10.95 9.78 10.43
N ILE O 53 10.38 8.97 9.54
CA ILE O 53 11.19 8.02 8.79
C ILE O 53 12.14 8.75 7.84
N ARG O 54 11.76 9.93 7.37
CA ARG O 54 12.60 10.64 6.41
C ARG O 54 13.49 11.69 7.02
N GLU O 55 13.23 12.15 8.23
CA GLU O 55 14.02 13.22 8.80
C GLU O 55 14.66 12.91 10.15
N ASN O 56 14.08 12.01 10.95
CA ASN O 56 14.54 11.85 12.32
C ASN O 56 15.13 10.49 12.63
N THR O 57 14.82 9.45 11.86
CA THR O 57 15.29 8.12 12.20
C THR O 57 16.80 7.99 11.99
N CYS O 58 17.38 6.98 12.64
CA CYS O 58 18.80 6.69 12.49
C CYS O 58 19.01 5.21 12.19
N LYS O 59 18.07 4.37 12.61
CA LYS O 59 18.20 2.93 12.39
C LYS O 59 16.80 2.31 12.40
N PHE O 60 16.28 2.01 11.22
CA PHE O 60 15.00 1.31 11.12
C PHE O 60 15.10 -0.10 11.68
N LEU O 61 14.06 -0.52 12.39
CA LEU O 61 13.92 -1.90 12.87
C LEU O 61 12.52 -2.37 12.54
N ILE O 62 12.42 -3.58 11.97
CA ILE O 62 11.14 -4.17 11.60
C ILE O 62 11.05 -5.56 12.23
N VAL O 63 9.92 -5.84 12.87
CA VAL O 63 9.68 -7.16 13.43
C VAL O 63 9.13 -8.07 12.34
N SER O 64 9.54 -9.33 12.36
CA SER O 64 9.12 -10.32 11.38
C SER O 64 8.32 -11.40 12.10
N SER O 65 7.10 -11.63 11.63
CA SER O 65 6.22 -12.65 12.20
C SER O 65 5.19 -13.01 11.14
N THR O 66 4.43 -14.07 11.43
CA THR O 66 3.39 -14.48 10.49
C THR O 66 2.26 -13.48 10.38
N ALA O 67 2.05 -12.65 11.41
CA ALA O 67 1.13 -11.52 11.27
C ALA O 67 1.76 -10.41 10.45
N GLY O 68 3.05 -10.13 10.67
CA GLY O 68 3.77 -9.16 9.87
C GLY O 68 4.16 -9.74 8.52
N ASN O 69 4.94 -8.95 7.79
CA ASN O 69 5.42 -9.24 6.43
C ASN O 69 4.28 -9.31 5.42
N LYS O 70 3.03 -9.19 5.85
CA LYS O 70 1.88 -9.11 4.96
C LYS O 70 0.94 -7.97 5.31
N ARG O 71 1.11 -7.32 6.45
CA ARG O 71 0.26 -6.21 6.83
C ARG O 71 0.55 -4.99 5.97
N GLU O 72 -0.50 -4.22 5.68
CA GLU O 72 -0.36 -3.09 4.76
C GLU O 72 0.54 -2.00 5.36
N GLY O 73 0.30 -1.63 6.62
CA GLY O 73 1.06 -0.55 7.21
C GLY O 73 2.55 -0.85 7.30
N VAL O 74 2.89 -2.07 7.68
CA VAL O 74 4.29 -2.48 7.74
C VAL O 74 4.91 -2.40 6.36
N LEU O 75 4.17 -2.83 5.33
CA LEU O 75 4.70 -2.79 3.97
C LEU O 75 4.96 -1.36 3.51
N LYS O 76 4.03 -0.44 3.81
CA LYS O 76 4.23 0.95 3.42
C LYS O 76 5.42 1.57 4.14
N GLU O 77 5.55 1.31 5.45
CA GLU O 77 6.71 1.81 6.17
C GLU O 77 8.00 1.22 5.63
N LEU O 78 7.96 -0.06 5.22
CA LEU O 78 9.12 -0.69 4.61
C LEU O 78 9.50 -0.02 3.30
N ALA O 79 8.50 0.31 2.48
CA ALA O 79 8.78 0.98 1.21
C ALA O 79 9.43 2.33 1.44
N VAL O 80 8.89 3.11 2.38
CA VAL O 80 9.48 4.42 2.69
C VAL O 80 10.91 4.24 3.22
N ALA O 81 11.12 3.21 4.05
CA ALA O 81 12.45 2.98 4.60
C ALA O 81 13.44 2.60 3.51
N THR O 82 13.02 1.80 2.54
CA THR O 82 13.89 1.46 1.42
C THR O 82 14.23 2.69 0.60
N LYS O 83 13.25 3.57 0.38
CA LYS O 83 13.54 4.81 -0.34
C LYS O 83 14.55 5.67 0.41
N VAL O 84 14.40 5.79 1.73
CA VAL O 84 15.38 6.55 2.51
C VAL O 84 16.74 5.86 2.51
N LYS O 85 16.76 4.54 2.34
CA LYS O 85 18.02 3.80 2.42
C LYS O 85 18.97 4.22 1.30
N LYS O 86 18.47 4.35 0.07
CA LYS O 86 19.33 4.69 -1.05
C LYS O 86 19.84 6.13 -0.93
N HIS O 87 19.01 7.04 -0.43
CA HIS O 87 19.43 8.44 -0.32
C HIS O 87 20.52 8.62 0.72
N LEU O 88 20.55 7.77 1.74
CA LEU O 88 21.52 7.91 2.82
C LEU O 88 22.80 7.13 2.59
N GLN O 89 22.78 6.13 1.71
CA GLN O 89 23.93 5.30 1.39
C GLN O 89 24.47 4.60 2.65
N ASP O 90 23.57 3.91 3.35
CA ASP O 90 23.92 3.10 4.50
C ASP O 90 23.29 1.73 4.32
N ASP O 91 24.13 0.71 4.12
CA ASP O 91 23.62 -0.63 3.86
C ASP O 91 22.86 -1.20 5.05
N MET O 92 23.37 -0.96 6.27
CA MET O 92 22.75 -1.49 7.48
C MET O 92 21.80 -0.45 8.06
N PHE O 93 20.70 -0.23 7.35
CA PHE O 93 19.63 0.66 7.78
C PHE O 93 18.41 -0.09 8.29
N ILE O 94 18.05 -1.19 7.64
CA ILE O 94 16.93 -2.02 8.05
C ILE O 94 17.48 -3.26 8.75
N ILE O 95 17.15 -3.41 10.02
CA ILE O 95 17.58 -4.57 10.80
C ILE O 95 16.35 -5.38 11.19
N PRO O 96 16.02 -6.43 10.45
CA PRO O 96 14.83 -7.22 10.78
C PRO O 96 14.97 -7.92 12.12
N LEU O 97 13.82 -8.14 12.77
CA LEU O 97 13.74 -8.85 14.03
C LEU O 97 12.79 -10.04 13.83
N ALA O 98 13.34 -11.25 13.93
CA ALA O 98 12.54 -12.47 13.77
C ALA O 98 12.12 -12.96 15.15
N ILE O 99 10.82 -12.88 15.44
CA ILE O 99 10.30 -13.24 16.75
C ILE O 99 9.36 -14.43 16.72
N ASP O 100 8.96 -14.90 15.54
CA ASP O 100 8.05 -16.03 15.42
C ASP O 100 8.82 -17.26 14.96
N GLU O 101 8.63 -18.38 15.67
CA GLU O 101 9.29 -19.62 15.32
C GLU O 101 8.57 -20.40 14.23
N ASN O 102 7.33 -20.05 13.92
CA ASN O 102 6.54 -20.75 12.92
C ASN O 102 6.67 -20.16 11.52
N LEU O 103 7.48 -19.11 11.35
CA LEU O 103 7.73 -18.50 10.05
C LEU O 103 9.16 -18.81 9.64
N SER O 104 9.30 -19.64 8.61
CA SER O 104 10.63 -20.03 8.16
C SER O 104 11.32 -18.87 7.46
N TYR O 105 12.65 -18.98 7.35
CA TYR O 105 13.43 -17.97 6.65
C TYR O 105 13.23 -17.99 5.15
N ASP O 106 12.44 -18.93 4.63
CA ASP O 106 12.19 -19.07 3.21
C ASP O 106 10.80 -18.62 2.79
N ASP O 107 10.07 -17.92 3.67
CA ASP O 107 8.73 -17.45 3.36
C ASP O 107 8.60 -15.94 3.55
N ILE O 108 9.71 -15.21 3.59
CA ILE O 108 9.68 -13.77 3.79
C ILE O 108 9.25 -13.09 2.49
N ASN O 109 8.62 -11.93 2.63
CA ASN O 109 8.31 -11.09 1.48
C ASN O 109 9.61 -10.54 0.88
N ILE O 110 9.57 -10.22 -0.41
CA ILE O 110 10.81 -9.82 -1.06
C ILE O 110 11.01 -8.31 -0.91
N GLU O 111 11.40 -7.90 0.29
CA GLU O 111 12.00 -6.60 0.53
C GLU O 111 13.17 -6.63 1.50
N ILE O 112 13.24 -7.66 2.36
CA ILE O 112 14.27 -7.77 3.38
C ILE O 112 14.87 -9.17 3.35
N VAL O 113 14.46 -9.95 2.36
CA VAL O 113 14.90 -11.35 2.26
C VAL O 113 16.40 -11.46 2.08
N ARG O 114 17.06 -10.39 1.63
CA ARG O 114 18.50 -10.40 1.43
C ARG O 114 19.28 -9.93 2.64
N LEU O 115 18.60 -9.47 3.69
CA LEU O 115 19.26 -9.03 4.92
C LEU O 115 19.18 -10.09 6.00
N ASN O 116 20.23 -10.18 6.81
CA ASN O 116 20.29 -11.15 7.88
C ASN O 116 19.56 -10.62 9.11
N ALA O 117 18.63 -11.40 9.63
CA ALA O 117 17.82 -11.01 10.77
C ALA O 117 18.60 -11.18 12.07
N ILE O 118 18.03 -10.65 13.14
CA ILE O 118 18.56 -10.81 14.49
C ILE O 118 17.71 -11.84 15.21
N ASP O 119 18.37 -12.82 15.85
CA ASP O 119 17.66 -13.95 16.42
C ASP O 119 16.91 -13.53 17.68
N PHE O 120 15.58 -13.60 17.62
CA PHE O 120 14.72 -13.32 18.77
C PHE O 120 13.71 -14.44 19.02
N LYS O 121 13.87 -15.59 18.37
CA LYS O 121 12.88 -16.65 18.45
C LYS O 121 13.17 -17.66 19.56
N LYS O 122 14.31 -17.54 20.24
CA LYS O 122 14.66 -18.46 21.32
C LYS O 122 14.72 -17.75 22.67
N SER O 123 15.54 -16.71 22.79
CA SER O 123 15.66 -15.96 24.03
C SER O 123 15.71 -14.47 23.71
N TRP O 124 14.87 -13.69 24.37
CA TRP O 124 14.82 -12.27 24.11
C TRP O 124 16.09 -11.56 24.57
N ALA O 125 16.69 -12.03 25.66
CA ALA O 125 17.89 -11.39 26.18
C ALA O 125 19.05 -11.46 25.19
N LYS O 126 19.24 -12.60 24.54
CA LYS O 126 20.34 -12.73 23.60
C LYS O 126 20.11 -11.90 22.35
N GLY O 127 18.87 -11.84 21.86
CA GLY O 127 18.56 -10.95 20.76
C GLY O 127 18.82 -9.50 21.11
N LEU O 128 18.45 -9.09 22.32
CA LEU O 128 18.66 -7.72 22.74
C LEU O 128 20.16 -7.42 22.85
N GLN O 129 20.93 -8.39 23.35
CA GLN O 129 22.38 -8.22 23.41
C GLN O 129 22.99 -8.11 22.03
N ASP O 130 22.50 -8.91 21.07
CA ASP O 130 22.97 -8.78 19.69
C ASP O 130 22.65 -7.39 19.15
N LEU O 131 21.46 -6.86 19.47
CA LEU O 131 21.09 -5.53 19.03
C LEU O 131 22.07 -4.49 19.56
N LEU O 132 22.41 -4.58 20.86
CA LEU O 132 23.37 -3.62 21.40
C LEU O 132 24.77 -3.80 20.83
N ASP O 133 25.18 -5.05 20.57
CA ASP O 133 26.48 -5.27 19.95
C ASP O 133 26.55 -4.63 18.57
N ALA O 134 25.49 -4.81 17.77
CA ALA O 134 25.44 -4.17 16.46
C ALA O 134 25.42 -2.65 16.59
N PHE O 135 24.64 -2.13 17.54
CA PHE O 135 24.53 -0.68 17.71
C PHE O 135 25.87 -0.08 18.10
N GLU O 136 26.63 -0.76 18.94
CA GLU O 136 27.97 -0.30 19.26
C GLU O 136 28.92 -0.44 18.08
N LYS O 137 28.70 -1.46 17.25
CA LYS O 137 29.55 -1.63 16.07
C LYS O 137 29.35 -0.50 15.07
N GLN O 138 28.11 -0.06 14.88
CA GLN O 138 27.79 0.96 13.88
C GLN O 138 27.74 2.37 14.45
N ASN O 139 28.19 2.56 15.69
CA ASN O 139 28.31 3.89 16.31
C ASN O 139 26.98 4.62 16.34
N VAL O 140 25.92 3.91 16.69
CA VAL O 140 24.62 4.56 16.90
C VAL O 140 24.70 5.41 18.17
N PRO O 141 24.36 6.70 18.12
CA PRO O 141 24.59 7.55 19.28
C PRO O 141 23.57 7.32 20.39
N LYS O 142 24.06 7.35 21.63
CA LYS O 142 23.22 7.20 22.81
C LYS O 142 23.65 8.22 23.85
N LYS O 143 22.71 8.62 24.69
CA LYS O 143 22.96 9.58 25.75
C LYS O 143 22.66 8.94 27.10
N PRO O 144 23.68 8.64 27.92
CA PRO O 144 23.48 8.00 29.23
C PRO O 144 22.65 8.84 30.19
N LYS O 149 23.26 4.76 35.39
CA LYS O 149 23.18 3.38 35.86
C LYS O 149 22.89 2.43 34.70
N SER O 150 23.02 2.93 33.48
CA SER O 150 22.83 2.08 32.30
C SER O 150 23.92 1.03 32.20
N ASN O 151 25.11 1.31 32.76
CA ASN O 151 26.17 0.31 32.79
C ASN O 151 25.71 -0.94 33.52
N LEU O 152 24.93 -0.77 34.59
CA LEU O 152 24.40 -1.91 35.30
C LEU O 152 23.45 -2.72 34.42
N LEU O 153 22.61 -2.03 33.63
CA LEU O 153 21.72 -2.74 32.71
C LEU O 153 22.51 -3.53 31.67
N TYR O 154 23.59 -2.95 31.15
CA TYR O 154 24.41 -3.65 30.16
C TYR O 154 25.08 -4.87 30.79
N GLN O 155 25.74 -4.67 31.95
CA GLN O 155 26.39 -5.75 32.66
C GLN O 155 25.41 -6.83 33.05
N GLN O 156 24.14 -6.47 33.26
CA GLN O 156 23.14 -7.47 33.62
C GLN O 156 23.01 -8.53 32.54
N ILE O 157 22.91 -8.10 31.27
CA ILE O 157 22.82 -9.08 30.19
C ILE O 157 24.15 -9.80 30.01
N PHE O 158 25.27 -9.07 30.12
CA PHE O 158 26.57 -9.71 29.98
C PHE O 158 26.74 -10.88 30.94
N LEU O 159 26.45 -10.67 32.22
CA LEU O 159 26.50 -11.76 33.19
C LEU O 159 25.28 -12.66 33.12
N HIS O 160 24.23 -12.25 32.41
CA HIS O 160 23.07 -13.12 32.21
C HIS O 160 23.39 -14.25 31.26
N ASP O 161 24.28 -14.02 30.29
CA ASP O 161 24.56 -15.13 29.38
C ASP O 161 25.41 -16.22 30.04
N LYS O 162 26.69 -15.91 30.27
CA LYS O 162 27.61 -16.68 31.14
C LYS O 162 27.38 -18.20 31.07
N GLN O 163 27.65 -18.77 29.89
CA GLN O 163 27.32 -20.17 29.61
C GLN O 163 28.49 -21.12 29.84
N ALA O 164 29.36 -20.84 30.82
CA ALA O 164 30.43 -21.74 31.25
C ALA O 164 31.45 -22.04 30.15
N ILE O 165 32.42 -22.90 30.45
CA ILE O 165 33.52 -23.20 29.52
C ILE O 165 33.76 -24.70 29.48
N GLU O 166 34.42 -25.14 28.40
CA GLU O 166 34.85 -26.52 28.23
C GLU O 166 36.33 -26.65 28.57
N LYS O 167 36.64 -26.51 29.85
CA LYS O 167 38.01 -26.59 30.34
C LYS O 167 38.19 -27.82 31.21
N GLU O 168 39.34 -28.48 31.05
CA GLU O 168 39.68 -29.66 31.86
C GLU O 168 40.33 -29.23 33.16
N GLU O 169 39.86 -29.79 34.27
CA GLU O 169 40.37 -29.47 35.59
C GLU O 169 40.67 -30.74 36.37
N THR O 170 41.58 -30.62 37.33
CA THR O 170 41.97 -31.74 38.19
C THR O 170 41.71 -31.35 39.64
N TYR O 171 41.06 -32.25 40.39
CA TYR O 171 40.70 -32.02 41.77
C TYR O 171 41.34 -33.08 42.65
N ASP O 172 41.77 -32.68 43.83
CA ASP O 172 42.23 -33.61 44.86
C ASP O 172 41.11 -33.86 45.87
N SER O 173 41.23 -34.97 46.59
CA SER O 173 40.24 -35.38 47.57
C SER O 173 40.91 -35.52 48.94
N ASN O 174 40.15 -36.01 49.91
CA ASN O 174 40.69 -36.38 51.21
C ASN O 174 40.61 -37.88 51.47
N TRP O 175 40.26 -38.67 50.45
CA TRP O 175 40.23 -40.12 50.55
C TRP O 175 41.62 -40.66 50.27
N PHE O 176 42.33 -41.07 51.31
CA PHE O 176 43.65 -41.65 51.16
C PHE O 176 43.52 -43.16 51.00
N PRO O 177 43.88 -43.74 49.86
CA PRO O 177 43.65 -45.17 49.65
C PRO O 177 44.57 -46.03 50.50
N ILE O 178 44.12 -47.26 50.73
CA ILE O 178 44.90 -48.28 51.42
C ILE O 178 45.49 -49.21 50.37
N ILE O 179 46.80 -49.40 50.42
CA ILE O 179 47.52 -50.09 49.34
C ILE O 179 47.88 -51.53 49.67
N SER O 180 47.77 -51.95 50.93
CA SER O 180 48.17 -53.31 51.28
C SER O 180 47.48 -53.73 52.58
N PHE O 181 46.64 -54.76 52.49
CA PHE O 181 46.03 -55.41 53.65
C PHE O 181 46.83 -56.66 54.00
N PRO O 182 47.09 -56.92 55.28
CA PRO O 182 47.70 -58.20 55.65
C PRO O 182 46.87 -59.36 55.12
N ASN O 183 47.56 -60.36 54.59
CA ASN O 183 46.90 -61.46 53.89
C ASN O 183 46.16 -62.41 54.81
N GLU O 184 46.33 -62.30 56.13
CA GLU O 184 45.77 -63.27 57.07
C GLU O 184 45.09 -62.54 58.22
N LEU O 185 43.78 -62.68 58.30
CA LEU O 185 43.02 -62.35 59.51
C LEU O 185 42.69 -63.65 60.21
N ARG O 186 43.03 -63.73 61.49
CA ARG O 186 43.01 -65.01 62.20
C ARG O 186 42.22 -64.85 63.50
N PHE O 187 41.14 -65.63 63.62
CA PHE O 187 40.44 -65.74 64.89
C PHE O 187 40.78 -67.07 65.53
N HIS O 188 41.12 -67.04 66.82
CA HIS O 188 41.66 -68.18 67.54
C HIS O 188 40.71 -68.60 68.65
N ARG O 189 40.78 -69.88 69.02
CA ARG O 189 40.01 -70.29 70.22
C ARG O 189 40.84 -69.75 71.38
N TYR O 190 41.84 -70.53 71.85
CA TYR O 190 42.78 -69.99 72.87
C TYR O 190 41.94 -69.51 74.06
N ASP O 191 40.90 -70.28 74.39
CA ASP O 191 39.99 -69.83 75.47
C ASP O 191 40.60 -70.18 76.83
N TRP O 192 39.90 -69.87 77.92
CA TRP O 192 40.33 -70.22 79.27
C TRP O 192 41.72 -69.65 79.60
N ARG O 193 42.39 -69.08 78.61
CA ARG O 193 43.65 -68.39 78.82
C ARG O 193 43.48 -66.88 78.93
N LEU O 194 42.26 -66.39 78.79
CA LEU O 194 41.95 -64.97 78.87
C LEU O 194 40.92 -64.77 79.97
N PRO O 195 41.23 -63.99 81.02
CA PRO O 195 40.26 -63.81 82.11
C PRO O 195 38.96 -63.23 81.58
N LYS O 196 37.85 -63.71 82.16
CA LYS O 196 36.53 -63.35 81.65
C LYS O 196 36.24 -61.86 81.77
N GLN O 197 36.88 -61.17 82.70
CA GLN O 197 36.68 -59.74 82.89
C GLN O 197 37.78 -58.91 82.24
N PHE O 198 38.46 -59.45 81.23
CA PHE O 198 39.52 -58.75 80.52
C PHE O 198 39.01 -58.38 79.13
N ASP O 199 38.87 -57.08 78.88
CA ASP O 199 38.44 -56.61 77.58
C ASP O 199 39.51 -56.87 76.53
N VAL O 200 39.08 -57.23 75.32
CA VAL O 200 39.99 -57.38 74.20
C VAL O 200 40.64 -56.07 73.80
N ARG O 201 40.20 -54.96 74.38
CA ARG O 201 40.82 -53.66 74.18
C ARG O 201 41.93 -53.45 75.23
N THR O 202 42.78 -52.46 74.98
CA THR O 202 43.94 -52.04 75.76
C THR O 202 45.14 -52.95 75.55
N LEU O 203 45.04 -54.04 74.79
CA LEU O 203 46.22 -54.78 74.39
C LEU O 203 47.05 -53.96 73.40
N ALA O 204 48.36 -54.20 73.43
CA ALA O 204 49.28 -53.41 72.63
C ALA O 204 48.99 -53.52 71.13
N PHE O 205 48.48 -54.67 70.69
CA PHE O 205 48.11 -54.80 69.31
C PHE O 205 46.60 -54.87 69.17
N PRO O 206 46.03 -54.29 68.12
CA PRO O 206 44.57 -54.24 68.01
C PRO O 206 43.94 -55.63 68.02
N ALA O 207 42.86 -55.76 68.77
CA ALA O 207 42.13 -57.01 68.90
C ALA O 207 40.75 -56.71 69.46
N ILE O 208 39.75 -57.43 68.99
CA ILE O 208 38.39 -57.29 69.47
C ILE O 208 37.89 -58.66 69.91
N ARG O 209 36.77 -58.65 70.64
CA ARG O 209 36.33 -59.82 71.39
C ARG O 209 36.16 -61.07 70.54
N TYR O 210 35.16 -61.09 69.65
CA TYR O 210 34.84 -62.33 68.95
C TYR O 210 33.73 -62.20 67.93
N LYS O 211 33.51 -63.27 67.18
CA LYS O 211 32.25 -63.51 66.48
C LYS O 211 31.56 -64.78 66.96
N GLU O 212 32.27 -65.63 67.70
CA GLU O 212 31.75 -66.85 68.31
C GLU O 212 32.64 -67.14 69.52
N TYR O 213 32.60 -68.38 70.02
CA TYR O 213 33.49 -68.76 71.11
C TYR O 213 34.96 -68.61 70.74
N LEU O 214 35.30 -68.62 69.45
CA LEU O 214 36.67 -68.44 68.98
C LEU O 214 37.02 -66.96 69.13
N CYS O 215 37.38 -66.57 70.35
CA CYS O 215 37.42 -65.17 70.75
C CYS O 215 38.85 -64.64 70.77
N THR O 216 39.40 -64.38 69.57
CA THR O 216 40.58 -63.54 69.45
C THR O 216 40.62 -63.03 68.01
N PHE O 217 40.25 -61.77 67.81
CA PHE O 217 40.22 -61.17 66.48
C PHE O 217 41.40 -60.22 66.32
N ALA O 218 42.47 -60.71 65.71
CA ALA O 218 43.63 -59.88 65.43
C ALA O 218 44.26 -60.32 64.12
N TRP O 219 45.04 -59.42 63.53
CA TRP O 219 45.86 -59.74 62.37
C TRP O 219 47.21 -60.34 62.76
N GLU O 220 47.49 -60.47 64.06
CA GLU O 220 48.83 -60.81 64.52
C GLU O 220 48.74 -61.87 65.60
N TYR O 221 49.87 -62.11 66.26
CA TYR O 221 50.00 -63.06 67.35
C TYR O 221 50.90 -62.46 68.41
N ASP O 222 51.35 -63.31 69.34
CA ASP O 222 52.32 -62.94 70.39
C ASP O 222 51.75 -61.87 71.32
N PHE O 223 50.62 -62.20 71.93
CA PHE O 223 50.04 -61.37 73.00
C PHE O 223 50.57 -61.82 74.36
N ILE O 224 51.89 -61.89 74.48
CA ILE O 224 52.55 -62.37 75.68
C ILE O 224 52.94 -61.15 76.51
N HIS O 225 53.02 -61.34 77.83
CA HIS O 225 53.16 -60.32 78.87
C HIS O 225 51.85 -59.62 79.11
N GLN O 226 50.76 -60.08 78.49
CA GLN O 226 49.42 -59.59 78.77
C GLN O 226 48.49 -60.76 79.04
N LEU O 227 48.76 -61.88 78.37
CA LEU O 227 47.97 -63.10 78.54
C LEU O 227 48.90 -64.29 78.38
N PRO O 228 49.64 -64.64 79.44
CA PRO O 228 50.66 -65.68 79.31
C PRO O 228 50.05 -67.06 79.08
N LYS O 229 49.56 -67.29 77.86
CA LYS O 229 49.02 -68.60 77.51
C LYS O 229 50.13 -69.55 77.09
N THR O 230 50.85 -69.21 76.02
CA THR O 230 52.00 -69.96 75.51
C THR O 230 51.66 -71.41 75.16
N GLU O 231 50.37 -71.76 75.13
CA GLU O 231 49.97 -73.12 74.79
C GLU O 231 48.72 -73.15 73.91
N THR O 232 48.47 -72.09 73.13
CA THR O 232 47.31 -72.04 72.28
C THR O 232 47.35 -73.09 71.16
N TYR O 233 48.51 -73.69 70.90
CA TYR O 233 48.68 -74.71 69.88
C TYR O 233 48.32 -74.18 68.49
N ASN O 234 48.23 -75.07 67.51
CA ASN O 234 47.91 -74.69 66.14
C ASN O 234 46.46 -74.96 65.79
N GLY O 235 45.67 -75.52 66.71
CA GLY O 235 44.28 -75.77 66.45
C GLY O 235 43.34 -74.62 66.75
N GLN O 236 43.82 -73.60 67.46
CA GLN O 236 42.98 -72.45 67.77
C GLN O 236 42.68 -71.63 66.52
N GLU O 237 43.66 -71.48 65.64
CA GLU O 237 43.50 -70.58 64.50
C GLU O 237 42.51 -71.14 63.50
N SER O 238 41.82 -70.22 62.82
CA SER O 238 40.89 -70.49 61.73
C SER O 238 41.14 -69.53 60.58
N ILE O 239 42.41 -69.50 60.13
CA ILE O 239 42.99 -68.51 59.23
C ILE O 239 42.06 -68.10 58.10
N ARG O 240 42.00 -66.79 57.84
CA ARG O 240 41.18 -66.22 56.77
C ARG O 240 42.07 -65.55 55.74
N ILE O 241 41.51 -65.34 54.56
CA ILE O 241 42.18 -64.66 53.47
C ILE O 241 41.47 -63.34 53.23
N SER O 242 42.19 -62.23 53.39
CA SER O 242 41.61 -60.91 53.13
C SER O 242 41.20 -60.76 51.68
N THR O 243 41.78 -61.54 50.77
CA THR O 243 41.31 -61.55 49.38
C THR O 243 39.88 -62.07 49.31
N SER O 244 39.55 -63.10 50.11
CA SER O 244 38.19 -63.59 50.19
C SER O 244 37.38 -62.70 51.12
N ASP O 245 37.43 -61.41 50.87
CA ASP O 245 36.76 -60.37 51.64
C ASP O 245 36.87 -59.10 50.81
N ILE O 246 36.16 -58.06 51.25
CA ILE O 246 36.18 -56.76 50.58
C ILE O 246 35.69 -56.91 49.15
N LEU O 247 36.46 -57.64 48.33
CA LEU O 247 36.10 -57.89 46.93
C LEU O 247 34.99 -58.94 46.84
N SER O 248 33.84 -58.59 47.42
CA SER O 248 32.62 -59.39 47.42
C SER O 248 32.76 -60.61 48.32
N GLY O 249 33.97 -60.87 48.80
CA GLY O 249 34.19 -61.90 49.79
C GLY O 249 34.06 -63.31 49.25
N ARG O 250 32.83 -63.69 48.92
CA ARG O 250 32.42 -65.04 48.50
C ARG O 250 32.59 -66.06 49.61
N TYR O 251 33.15 -65.66 50.75
CA TYR O 251 33.37 -66.58 51.88
C TYR O 251 32.27 -66.39 52.93
N ASP O 252 31.04 -66.73 52.54
CA ASP O 252 29.89 -66.62 53.43
C ASP O 252 29.79 -67.87 54.32
N THR O 253 30.81 -68.06 55.14
CA THR O 253 30.83 -69.19 56.06
C THR O 253 29.75 -69.02 57.12
N ASP O 254 29.21 -70.15 57.59
CA ASP O 254 28.25 -70.12 58.68
C ASP O 254 28.87 -69.57 59.96
N PHE O 255 30.20 -69.60 60.07
CA PHE O 255 30.88 -68.98 61.20
C PHE O 255 30.64 -67.48 61.23
N ILE O 256 30.75 -66.81 60.08
CA ILE O 256 30.54 -65.37 59.98
C ILE O 256 30.24 -65.00 58.53
N ARG O 257 29.25 -64.15 58.33
CA ARG O 257 28.89 -63.73 56.98
C ARG O 257 29.81 -62.61 56.48
N ASN O 258 29.66 -62.27 55.20
CA ASN O 258 30.52 -61.26 54.60
C ASN O 258 30.31 -59.90 55.24
N TYR O 259 29.07 -59.55 55.57
CA TYR O 259 28.78 -58.21 56.08
C TYR O 259 29.49 -57.94 57.40
N GLU O 260 29.52 -58.93 58.29
CA GLU O 260 30.14 -58.72 59.60
C GLU O 260 31.67 -58.65 59.48
N CYS O 261 32.26 -59.44 58.59
CA CYS O 261 33.71 -59.45 58.45
C CYS O 261 34.24 -58.09 58.01
N GLN O 262 33.54 -57.44 57.07
CA GLN O 262 33.96 -56.11 56.63
C GLN O 262 33.89 -55.12 57.78
N ARG O 263 32.82 -55.17 58.58
CA ARG O 263 32.71 -54.27 59.72
C ARG O 263 33.84 -54.50 60.71
N LEU O 264 34.18 -55.77 60.96
CA LEU O 264 35.26 -56.08 61.89
C LEU O 264 36.61 -55.60 61.36
N ILE O 265 36.83 -55.74 60.05
CA ILE O 265 38.05 -55.23 59.44
C ILE O 265 38.14 -53.72 59.61
N VAL O 266 37.02 -53.02 59.39
CA VAL O 266 37.00 -51.57 59.56
C VAL O 266 37.28 -51.19 61.01
N GLN O 267 36.73 -51.95 61.95
CA GLN O 267 36.98 -51.68 63.36
C GLN O 267 38.45 -51.85 63.71
N LEU O 268 39.08 -52.92 63.20
CA LEU O 268 40.51 -53.12 63.43
C LEU O 268 41.34 -52.02 62.80
N ILE O 269 40.94 -51.57 61.60
CA ILE O 269 41.66 -50.49 60.94
C ILE O 269 41.59 -49.22 61.79
N ASN O 270 40.41 -48.91 62.32
CA ASN O 270 40.27 -47.74 63.17
C ASN O 270 41.07 -47.89 64.45
N LYS O 271 41.15 -49.10 65.00
CA LYS O 271 41.89 -49.28 66.25
C LYS O 271 43.38 -49.13 66.04
N ALA O 272 43.93 -49.72 64.97
CA ALA O 272 45.34 -49.49 64.65
C ALA O 272 45.60 -48.02 64.34
N PHE O 273 44.63 -47.36 63.70
CA PHE O 273 44.74 -45.95 63.38
C PHE O 273 44.90 -45.12 64.64
N GLU O 274 44.08 -45.39 65.67
CA GLU O 274 44.19 -44.67 66.93
C GLU O 274 45.39 -45.10 67.74
N LEU O 275 45.87 -46.34 67.54
CA LEU O 275 47.01 -46.82 68.32
C LEU O 275 48.33 -46.25 67.83
N ARG O 276 48.45 -45.99 66.53
CA ARG O 276 49.74 -45.58 65.97
C ARG O 276 50.25 -44.29 66.61
N MET O 277 49.46 -43.23 66.59
CA MET O 277 49.92 -41.96 67.14
C MET O 277 49.69 -41.86 68.65
N LYS O 278 50.15 -42.89 69.36
CA LYS O 278 50.56 -42.75 70.74
C LYS O 278 52.08 -42.78 70.86
N ASP O 279 52.78 -43.20 69.81
CA ASP O 279 54.22 -43.11 69.71
C ASP O 279 54.68 -42.03 68.74
N LYS O 280 53.75 -41.33 68.09
CA LYS O 280 54.08 -40.19 67.24
C LYS O 280 54.29 -38.96 68.13
N ASN O 281 54.38 -37.79 67.51
CA ASN O 281 54.60 -36.54 68.23
C ASN O 281 53.36 -35.64 68.23
N VAL O 282 52.17 -36.21 68.00
CA VAL O 282 50.93 -35.47 67.94
C VAL O 282 50.13 -35.76 69.20
N ARG O 283 49.41 -34.76 69.70
CA ARG O 283 48.62 -34.88 70.90
C ARG O 283 47.20 -35.31 70.54
N GLU O 284 46.28 -35.24 71.50
CA GLU O 284 44.92 -35.75 71.32
C GLU O 284 43.90 -34.72 71.74
N TYR O 285 42.68 -34.87 71.23
CA TYR O 285 41.58 -33.97 71.57
C TYR O 285 40.27 -34.67 71.25
N GLN O 286 39.45 -34.92 72.27
CA GLN O 286 38.17 -35.59 72.11
C GLN O 286 37.08 -34.55 71.85
N MET O 287 36.52 -34.55 70.64
CA MET O 287 35.51 -33.55 70.36
C MET O 287 34.11 -33.97 70.80
N SER O 288 33.48 -34.88 70.05
CA SER O 288 32.20 -35.45 70.46
C SER O 288 32.20 -36.97 70.39
N LYS O 289 32.62 -37.50 69.25
CA LYS O 289 32.51 -38.91 68.94
C LYS O 289 33.82 -39.55 68.51
N THR O 290 34.88 -38.77 68.38
CA THR O 290 36.16 -39.28 67.88
C THR O 290 37.28 -38.45 68.49
N PHE O 291 38.48 -38.62 67.95
CA PHE O 291 39.66 -37.94 68.44
C PHE O 291 40.18 -36.96 67.40
N ALA O 292 40.92 -35.96 67.87
CA ALA O 292 41.58 -35.01 66.98
C ALA O 292 43.03 -34.86 67.42
N TYR O 293 43.96 -34.99 66.48
CA TYR O 293 45.39 -34.98 66.75
C TYR O 293 46.02 -33.72 66.16
N TRP O 294 46.78 -33.01 67.00
CA TRP O 294 47.41 -31.75 66.61
C TRP O 294 48.87 -31.77 67.02
N ILE O 295 49.64 -30.85 66.44
CA ILE O 295 51.08 -30.77 66.67
C ILE O 295 51.36 -29.79 67.80
N GLU O 296 52.33 -30.11 68.63
CA GLU O 296 52.71 -29.24 69.74
C GLU O 296 53.45 -28.00 69.24
N LYS O 297 53.53 -27.00 70.10
CA LYS O 297 54.24 -25.76 69.79
C LYS O 297 55.68 -25.86 70.26
N GLY O 298 56.61 -25.41 69.40
CA GLY O 298 58.02 -25.55 69.66
C GLY O 298 58.63 -26.62 68.79
N LYS O 299 57.91 -27.72 68.64
CA LYS O 299 58.23 -28.72 67.64
C LYS O 299 57.92 -28.16 66.26
N LEU O 300 58.60 -28.71 65.24
CA LEU O 300 58.49 -28.23 63.87
C LEU O 300 58.88 -26.76 63.77
N GLU O 301 60.18 -26.53 64.02
CA GLU O 301 60.75 -25.19 64.07
C GLU O 301 60.25 -24.31 62.94
N LYS O 302 60.02 -23.03 63.26
CA LYS O 302 59.38 -22.02 62.43
C LYS O 302 57.90 -22.29 62.23
N ASP O 303 57.32 -23.23 62.97
CA ASP O 303 55.88 -23.52 62.96
C ASP O 303 55.39 -23.90 61.56
N LYS O 304 56.26 -24.48 60.74
CA LYS O 304 55.87 -24.92 59.41
C LYS O 304 56.68 -26.16 59.04
N PHE O 305 56.04 -27.05 58.28
CA PHE O 305 56.72 -28.29 57.90
C PHE O 305 57.64 -28.08 56.71
N GLU O 306 57.06 -27.77 55.54
CA GLU O 306 57.84 -27.41 54.37
C GLU O 306 57.80 -25.91 54.11
N LYS O 307 56.62 -25.37 53.84
CA LYS O 307 56.41 -23.93 53.79
C LYS O 307 55.04 -23.55 54.35
N ILE O 308 54.30 -24.50 54.91
CA ILE O 308 52.91 -24.31 55.30
C ILE O 308 52.85 -24.27 56.82
N LYS O 309 52.40 -23.15 57.37
CA LYS O 309 52.28 -23.02 58.82
C LYS O 309 51.18 -23.95 59.34
N LEU O 310 51.50 -24.67 60.42
CA LEU O 310 50.50 -25.43 61.15
C LEU O 310 50.24 -24.88 62.54
N VAL O 311 51.03 -23.90 62.97
CA VAL O 311 50.83 -23.21 64.24
C VAL O 311 50.94 -21.70 63.99
N GLY O 312 50.04 -20.94 64.59
CA GLY O 312 50.07 -19.51 64.47
C GLY O 312 49.34 -18.86 65.63
N LYS O 313 49.05 -17.57 65.48
CA LYS O 313 48.40 -16.79 66.53
C LYS O 313 47.10 -16.18 66.02
N GLN O 314 46.10 -16.14 66.88
CA GLN O 314 44.83 -15.50 66.55
C GLN O 314 44.57 -14.24 67.38
N LYS O 315 44.48 -14.39 68.70
CA LYS O 315 44.50 -13.23 69.62
C LYS O 315 44.98 -13.76 70.97
N ASN O 316 46.29 -13.70 71.19
CA ASN O 316 46.93 -14.24 72.39
C ASN O 316 46.73 -15.74 72.51
N LYS O 317 46.09 -16.36 71.52
CA LYS O 317 45.92 -17.79 71.43
C LYS O 317 46.77 -18.36 70.30
N TYR O 318 46.59 -19.65 70.03
CA TYR O 318 47.24 -20.32 68.91
C TYR O 318 46.22 -21.22 68.23
N TRP O 319 46.47 -21.55 66.97
CA TRP O 319 45.48 -22.30 66.20
C TRP O 319 46.03 -23.58 65.59
N HIS O 320 46.70 -24.41 66.40
CA HIS O 320 47.27 -25.66 65.94
C HIS O 320 46.31 -26.44 65.04
N PHE O 321 46.81 -26.85 63.89
CA PHE O 321 46.01 -27.56 62.90
C PHE O 321 45.93 -29.04 63.26
N GLY O 322 44.75 -29.64 63.08
CA GLY O 322 44.55 -31.02 63.45
C GLY O 322 43.70 -31.75 62.42
N ILE O 323 43.75 -33.09 62.51
CA ILE O 323 43.03 -33.96 61.60
C ILE O 323 42.35 -35.08 62.37
N SER O 324 41.37 -35.71 61.72
CA SER O 324 40.75 -36.93 62.20
C SER O 324 40.29 -37.72 60.98
N ALA O 325 40.21 -39.03 61.13
CA ALA O 325 39.86 -39.86 59.98
C ALA O 325 39.32 -41.21 60.45
N ALA O 326 38.65 -41.89 59.52
CA ALA O 326 38.03 -43.18 59.77
C ALA O 326 38.00 -43.98 58.47
N GLY O 327 38.02 -45.31 58.60
CA GLY O 327 38.13 -46.17 57.44
C GLY O 327 36.83 -46.36 56.67
N LYS O 328 36.97 -46.89 55.46
CA LYS O 328 35.85 -47.19 54.58
C LYS O 328 36.27 -48.29 53.62
N LEU O 329 35.29 -49.08 53.18
CA LEU O 329 35.57 -50.24 52.35
C LEU O 329 34.69 -50.42 51.12
N TYR O 330 33.62 -49.63 50.96
CA TYR O 330 32.66 -49.95 49.90
C TYR O 330 33.30 -49.66 48.53
N PRO O 331 33.63 -48.40 48.17
CA PRO O 331 34.15 -48.17 46.82
C PRO O 331 35.53 -48.79 46.66
N SER O 332 36.40 -48.47 47.61
CA SER O 332 37.74 -49.05 47.69
C SER O 332 38.23 -48.84 49.12
N PRO O 333 39.21 -49.61 49.56
CA PRO O 333 39.74 -49.39 50.91
C PRO O 333 40.44 -48.05 51.01
N VAL O 334 39.80 -47.11 51.72
CA VAL O 334 40.26 -45.74 51.81
C VAL O 334 40.28 -45.32 53.28
N LEU O 335 40.66 -44.07 53.51
CA LEU O 335 40.72 -43.53 54.86
C LEU O 335 40.35 -42.04 54.76
N MET O 336 39.08 -41.74 55.05
CA MET O 336 38.55 -40.40 54.84
C MET O 336 38.97 -39.49 55.98
N VAL O 337 39.74 -38.45 55.66
CA VAL O 337 40.33 -37.55 56.65
C VAL O 337 39.52 -36.26 56.71
N SER O 338 39.33 -35.76 57.93
CA SER O 338 38.67 -34.48 58.17
C SER O 338 39.64 -33.53 58.85
N SER O 339 39.43 -32.23 58.63
CA SER O 339 40.33 -31.20 59.13
C SER O 339 39.63 -30.33 60.16
N HIS O 340 40.34 -30.00 61.23
CA HIS O 340 39.81 -29.17 62.30
C HIS O 340 40.87 -28.18 62.75
N ILE O 341 40.46 -27.26 63.61
CA ILE O 341 41.36 -26.28 64.22
C ILE O 341 41.21 -26.40 65.74
N ILE O 342 42.33 -26.50 66.44
CA ILE O 342 42.36 -26.64 67.89
C ILE O 342 43.08 -25.43 68.46
N PHE O 343 42.43 -24.73 69.37
CA PHE O 343 42.95 -23.49 69.95
C PHE O 343 43.47 -23.74 71.36
N THR O 344 44.70 -23.29 71.61
CA THR O 344 45.31 -23.35 72.92
C THR O 344 45.48 -21.93 73.47
N MET O 345 46.11 -21.83 74.65
CA MET O 345 46.29 -20.55 75.32
C MET O 345 47.75 -20.13 75.39
N ASP O 346 48.60 -20.95 76.00
CA ASP O 346 50.02 -20.64 76.13
C ASP O 346 50.86 -21.34 75.07
N GLY O 347 50.25 -22.09 74.17
CA GLY O 347 50.94 -22.84 73.15
C GLY O 347 51.14 -24.30 73.48
N ILE O 348 51.13 -24.67 74.76
CA ILE O 348 51.40 -26.04 75.15
C ILE O 348 50.17 -26.62 75.84
N ASN O 349 49.41 -25.78 76.53
CA ASN O 349 48.26 -26.21 77.33
C ASN O 349 46.97 -25.74 76.65
N LEU O 350 46.06 -26.69 76.49
CA LEU O 350 44.81 -26.38 75.74
C LEU O 350 43.84 -25.57 76.60
N ILE O 351 42.73 -25.19 75.99
CA ILE O 351 41.67 -24.42 76.63
C ILE O 351 40.51 -25.35 76.92
N LYS O 352 40.05 -25.37 78.17
CA LYS O 352 38.99 -26.27 78.59
C LYS O 352 37.60 -25.76 78.27
N SER O 353 37.46 -24.48 77.90
CA SER O 353 36.15 -23.90 77.64
C SER O 353 35.70 -24.31 76.25
N LYS O 354 34.70 -25.20 76.19
CA LYS O 354 34.21 -25.69 74.90
C LYS O 354 33.38 -24.66 74.14
N SER O 355 32.94 -23.59 74.79
CA SER O 355 32.15 -22.58 74.09
C SER O 355 33.04 -21.64 73.30
N ILE O 356 34.12 -21.14 73.91
CA ILE O 356 35.04 -20.28 73.18
C ILE O 356 35.86 -21.06 72.17
N GLN O 357 35.94 -22.38 72.29
CA GLN O 357 36.56 -23.16 71.23
C GLN O 357 35.77 -23.06 69.94
N HIS O 358 34.44 -23.16 70.02
CA HIS O 358 33.60 -22.94 68.85
C HIS O 358 33.62 -21.49 68.42
N SER O 359 33.59 -20.57 69.38
CA SER O 359 33.59 -19.14 69.07
C SER O 359 34.90 -18.67 68.44
N SER O 360 35.94 -19.49 68.50
CA SER O 360 37.18 -19.23 67.81
C SER O 360 37.36 -20.05 66.55
N ARG O 361 36.87 -21.28 66.51
CA ARG O 361 36.81 -22.04 65.26
C ARG O 361 36.03 -21.29 64.20
N ARG O 362 34.83 -20.82 64.54
CA ARG O 362 34.02 -20.07 63.57
C ARG O 362 34.71 -18.77 63.19
N LYS O 363 35.34 -18.10 64.14
CA LYS O 363 36.01 -16.83 63.87
C LYS O 363 37.21 -17.02 62.95
N GLN O 364 37.91 -18.15 63.08
CA GLN O 364 39.11 -18.37 62.30
C GLN O 364 38.80 -18.94 60.92
N GLY O 365 37.79 -19.79 60.80
CA GLY O 365 37.52 -20.43 59.53
C GLY O 365 36.83 -19.56 58.50
N LYS O 366 37.33 -18.34 58.29
CA LYS O 366 36.80 -17.45 57.27
C LYS O 366 37.81 -17.14 56.18
N ASN O 367 39.03 -16.76 56.55
CA ASN O 367 40.05 -16.39 55.57
C ASN O 367 40.70 -17.58 54.91
N TRP O 368 40.37 -18.80 55.33
CA TRP O 368 40.97 -20.02 54.78
C TRP O 368 40.06 -20.54 53.69
N TRP O 369 40.42 -20.26 52.44
CA TRP O 369 39.70 -20.78 51.29
C TRP O 369 40.35 -22.09 50.84
N ASN O 370 40.03 -22.53 49.62
CA ASN O 370 40.41 -23.85 49.13
C ASN O 370 41.90 -24.12 49.32
N ASP O 371 42.74 -23.16 48.91
CA ASP O 371 44.18 -23.40 48.86
C ASP O 371 44.74 -23.70 50.24
N LYS O 372 44.37 -22.91 51.25
CA LYS O 372 44.92 -23.10 52.58
C LYS O 372 44.51 -24.45 53.16
N TRP O 373 43.24 -24.81 53.03
CA TRP O 373 42.77 -26.09 53.55
C TRP O 373 43.50 -27.25 52.89
N ARG O 374 43.58 -27.24 51.56
CA ARG O 374 44.22 -28.35 50.86
C ARG O 374 45.71 -28.45 51.21
N GLU O 375 46.40 -27.30 51.22
CA GLU O 375 47.82 -27.29 51.53
C GLU O 375 48.08 -27.83 52.93
N LYS O 376 47.31 -27.37 53.92
CA LYS O 376 47.53 -27.80 55.29
C LYS O 376 47.22 -29.28 55.46
N LEU O 377 46.15 -29.77 54.81
CA LEU O 377 45.84 -31.19 54.91
C LEU O 377 46.97 -32.04 54.34
N LEU O 378 47.48 -31.68 53.16
CA LEU O 378 48.55 -32.46 52.56
C LEU O 378 49.82 -32.38 53.40
N ALA O 379 50.13 -31.20 53.95
CA ALA O 379 51.32 -31.06 54.79
C ALA O 379 51.22 -31.91 56.04
N PHE O 380 50.04 -31.94 56.68
CA PHE O 380 49.87 -32.75 57.87
C PHE O 380 50.00 -34.24 57.56
N ILE O 381 49.35 -34.70 56.49
CA ILE O 381 49.43 -36.12 56.19
C ILE O 381 50.86 -36.49 55.78
N ARG O 382 51.62 -35.55 55.21
CA ARG O 382 53.02 -35.81 54.93
C ARG O 382 53.85 -35.88 56.22
N PHE O 383 53.56 -34.99 57.17
CA PHE O 383 54.26 -35.03 58.45
C PHE O 383 54.01 -36.33 59.20
N LEU O 384 52.81 -36.90 59.05
CA LEU O 384 52.50 -38.18 59.69
C LEU O 384 53.19 -39.36 59.02
N SER O 385 53.82 -39.15 57.87
CA SER O 385 54.38 -40.26 57.10
C SER O 385 55.75 -40.66 57.63
N ASP O 386 56.05 -41.95 57.52
CA ASP O 386 57.35 -42.51 57.85
C ASP O 386 58.16 -42.88 56.60
N ASP O 387 57.55 -43.63 55.69
CA ASP O 387 58.17 -43.96 54.42
C ASP O 387 57.94 -42.83 53.42
N GLN O 388 58.44 -43.01 52.20
CA GLN O 388 58.31 -41.97 51.18
C GLN O 388 56.84 -41.75 50.81
N ASN O 389 56.11 -42.84 50.58
CA ASN O 389 54.72 -42.75 50.13
C ASN O 389 53.85 -43.76 50.85
N ALA O 390 54.00 -43.86 52.17
CA ALA O 390 53.24 -44.83 52.94
C ALA O 390 53.08 -44.36 54.37
N ILE O 391 52.11 -44.95 55.06
CA ILE O 391 51.87 -44.72 56.47
C ILE O 391 51.97 -46.07 57.17
N TYR O 392 52.77 -46.14 58.23
CA TYR O 392 53.04 -47.39 58.93
C TYR O 392 52.17 -47.46 60.18
N LEU O 393 51.00 -48.09 60.04
CA LEU O 393 50.17 -48.43 61.20
C LEU O 393 50.61 -49.81 61.69
N ASN O 394 51.28 -49.84 62.83
CA ASN O 394 51.78 -51.10 63.39
C ASN O 394 50.59 -51.93 63.85
N VAL O 395 50.23 -52.93 63.06
CA VAL O 395 49.09 -53.79 63.33
C VAL O 395 49.52 -55.20 63.68
N GLY O 396 50.80 -55.52 63.58
CA GLY O 396 51.27 -56.86 63.86
C GLY O 396 52.76 -56.88 64.14
N SER O 397 53.19 -57.98 64.77
CA SER O 397 54.61 -58.17 65.02
C SER O 397 55.40 -58.23 63.72
N GLU O 398 54.82 -58.85 62.70
CA GLU O 398 55.41 -58.88 61.36
C GLU O 398 54.38 -58.50 60.30
N GLU O 399 53.32 -57.79 60.68
CA GLU O 399 52.28 -57.36 59.77
C GLU O 399 52.03 -55.87 59.93
N LYS O 400 51.60 -55.23 58.85
CA LYS O 400 51.31 -53.80 58.89
C LYS O 400 50.31 -53.45 57.81
N ILE O 401 49.63 -52.33 58.01
CA ILE O 401 48.71 -51.76 57.02
C ILE O 401 49.33 -50.47 56.52
N LEU O 402 49.41 -50.34 55.20
CA LEU O 402 50.05 -49.19 54.57
C LEU O 402 49.00 -48.27 53.97
N ILE O 403 49.04 -47.00 54.37
CA ILE O 403 48.13 -45.98 53.86
C ILE O 403 48.93 -45.06 52.96
N SER O 404 48.41 -44.79 51.76
CA SER O 404 49.12 -43.96 50.81
C SER O 404 49.30 -42.54 51.34
N ASN O 405 50.44 -41.94 50.98
CA ASN O 405 50.78 -40.60 51.44
C ASN O 405 50.09 -39.50 50.64
N LYS O 406 49.50 -39.83 49.50
CA LYS O 406 48.90 -38.81 48.65
C LYS O 406 47.43 -39.13 48.41
N PRO O 407 46.58 -38.11 48.36
CA PRO O 407 45.14 -38.35 48.25
C PRO O 407 44.75 -38.81 46.85
N LEU O 408 43.53 -39.34 46.76
CA LEU O 408 42.95 -39.72 45.49
C LEU O 408 42.60 -38.49 44.68
N LYS O 409 42.55 -38.64 43.36
CA LYS O 409 42.38 -37.51 42.45
C LYS O 409 41.21 -37.73 41.52
N PHE O 410 40.57 -36.62 41.15
CA PHE O 410 39.41 -36.61 40.26
C PHE O 410 39.62 -35.56 39.19
N PHE O 411 38.86 -35.67 38.10
CA PHE O 411 38.97 -34.69 37.02
C PHE O 411 37.67 -34.62 36.24
N GLY O 412 37.41 -33.44 35.68
CA GLY O 412 36.25 -33.21 34.86
C GLY O 412 36.61 -32.44 33.61
N LYS O 413 35.62 -32.23 32.74
CA LYS O 413 35.84 -31.59 31.46
C LYS O 413 35.19 -30.22 31.33
N MET O 414 34.46 -29.75 32.33
CA MET O 414 33.82 -28.44 32.29
C MET O 414 34.23 -27.65 33.53
N SER O 415 34.67 -26.42 33.33
CA SER O 415 35.13 -25.59 34.42
C SER O 415 34.85 -24.12 34.10
N TYR O 416 35.48 -23.22 34.85
CA TYR O 416 35.25 -21.79 34.77
C TYR O 416 36.57 -21.05 34.76
N VAL O 417 36.50 -19.78 34.35
CA VAL O 417 37.65 -18.88 34.41
C VAL O 417 37.68 -18.24 35.78
N THR O 418 38.79 -18.38 36.48
CA THR O 418 38.87 -17.91 37.85
C THR O 418 38.81 -16.38 37.89
N PRO O 419 38.13 -15.80 38.89
CA PRO O 419 38.13 -14.35 39.04
C PRO O 419 39.50 -13.82 39.39
N SER O 420 39.73 -12.55 39.05
CA SER O 420 40.99 -11.89 39.34
C SER O 420 41.15 -11.67 40.84
N MET P 1 40.74 -41.83 35.73
CA MET P 1 41.12 -41.29 37.02
C MET P 1 39.86 -40.72 37.68
N LYS P 2 38.82 -41.56 37.70
CA LYS P 2 37.53 -41.24 38.33
C LYS P 2 36.92 -39.97 37.73
N GLU P 3 36.55 -40.11 36.46
CA GLU P 3 35.95 -39.01 35.71
C GLU P 3 34.68 -38.51 36.39
N LEU P 4 34.48 -37.20 36.34
CA LEU P 4 33.29 -36.55 36.89
C LEU P 4 32.34 -36.17 35.76
N ILE P 5 31.05 -36.31 36.02
CA ILE P 5 30.02 -35.94 35.06
C ILE P 5 29.46 -34.57 35.45
N TYR P 6 28.93 -33.86 34.47
CA TYR P 6 28.40 -32.51 34.67
C TYR P 6 26.92 -32.48 34.30
N ILE P 7 26.12 -31.90 35.19
CA ILE P 7 24.69 -31.72 34.98
C ILE P 7 24.42 -30.23 34.78
N GLU P 8 23.61 -29.90 33.78
CA GLU P 8 23.33 -28.51 33.46
C GLU P 8 22.48 -27.87 34.56
N GLU P 9 22.18 -26.59 34.39
CA GLU P 9 21.38 -25.88 35.38
C GLU P 9 19.96 -25.73 34.88
N PRO P 10 18.95 -26.00 35.71
CA PRO P 10 17.56 -25.95 35.23
C PRO P 10 17.13 -24.54 34.89
N SER P 11 16.06 -24.47 34.09
CA SER P 11 15.51 -23.20 33.63
C SER P 11 14.11 -23.02 34.17
N ILE P 12 13.82 -21.84 34.70
CA ILE P 12 12.53 -21.51 35.30
C ILE P 12 11.81 -20.53 34.38
N LEU P 13 10.51 -20.76 34.19
CA LEU P 13 9.72 -20.00 33.21
C LEU P 13 9.12 -18.77 33.88
N PHE P 14 9.52 -17.60 33.41
CA PHE P 14 8.98 -16.32 33.85
C PHE P 14 7.83 -15.91 32.95
N ALA P 15 7.42 -14.64 33.02
CA ALA P 15 6.35 -14.15 32.17
C ALA P 15 6.74 -14.23 30.70
N HIS P 16 5.72 -14.16 29.84
CA HIS P 16 5.87 -14.18 28.38
C HIS P 16 6.50 -15.49 27.88
N GLY P 17 6.44 -16.54 28.68
CA GLY P 17 7.01 -17.81 28.28
C GLY P 17 8.51 -17.83 28.19
N GLN P 18 9.19 -16.91 28.87
CA GLN P 18 10.63 -16.79 28.77
C GLN P 18 11.32 -17.57 29.89
N LYS P 19 12.60 -17.86 29.69
CA LYS P 19 13.36 -18.73 30.57
C LYS P 19 14.62 -18.03 31.04
N CYS P 20 15.00 -18.29 32.29
CA CYS P 20 16.24 -17.78 32.85
C CYS P 20 16.73 -18.77 33.89
N THR P 21 17.89 -18.47 34.48
CA THR P 21 18.45 -19.32 35.52
C THR P 21 18.57 -18.64 36.87
N ASP P 22 18.51 -17.31 36.92
CA ASP P 22 18.53 -16.56 38.17
C ASP P 22 17.19 -15.90 38.37
N PRO P 23 16.44 -16.21 39.43
CA PRO P 23 15.12 -15.59 39.61
C PRO P 23 15.17 -14.08 39.68
N ARG P 24 16.22 -13.51 40.28
CA ARG P 24 16.32 -12.05 40.35
C ARG P 24 16.38 -11.43 38.97
N ASP P 25 17.24 -11.96 38.10
CA ASP P 25 17.41 -11.39 36.77
C ASP P 25 16.14 -11.56 35.93
N GLY P 26 15.52 -12.74 36.00
CA GLY P 26 14.29 -12.95 35.25
C GLY P 26 13.17 -12.05 35.73
N LEU P 27 13.04 -11.87 37.05
CA LEU P 27 12.02 -10.99 37.58
C LEU P 27 12.26 -9.55 37.16
N ALA P 28 13.52 -9.10 37.19
CA ALA P 28 13.82 -7.73 36.82
C ALA P 28 13.60 -7.50 35.33
N LEU P 29 13.84 -8.50 34.49
CA LEU P 29 13.69 -8.32 33.05
C LEU P 29 12.24 -8.54 32.61
N PHE P 30 11.68 -9.72 32.90
CA PHE P 30 10.35 -10.06 32.39
C PHE P 30 9.25 -9.73 33.40
N GLY P 31 9.27 -10.36 34.57
CA GLY P 31 8.28 -10.11 35.59
C GLY P 31 7.49 -11.33 35.99
N PRO P 32 6.66 -11.19 37.02
CA PRO P 32 5.87 -12.32 37.52
C PRO P 32 4.92 -12.87 36.46
N LEU P 33 4.30 -14.00 36.80
CA LEU P 33 3.46 -14.73 35.85
C LEU P 33 1.99 -14.33 35.91
N ASN P 34 1.47 -14.03 37.09
CA ASN P 34 0.04 -13.76 37.26
C ASN P 34 -0.17 -12.34 37.74
N GLN P 35 -1.42 -11.88 37.62
CA GLN P 35 -1.79 -10.50 37.92
C GLN P 35 -2.74 -10.48 39.11
N ILE P 36 -2.21 -10.13 40.28
CA ILE P 36 -3.02 -9.71 41.41
C ILE P 36 -2.91 -8.21 41.51
N TYR P 37 -4.06 -7.53 41.57
CA TYR P 37 -4.08 -6.09 41.35
C TYR P 37 -3.35 -5.31 42.43
N GLY P 38 -3.42 -5.76 43.68
CA GLY P 38 -2.75 -5.04 44.74
C GLY P 38 -2.67 -5.88 46.00
N ILE P 39 -1.85 -5.40 46.93
CA ILE P 39 -1.66 -6.04 48.23
C ILE P 39 -2.15 -5.06 49.30
N LYS P 40 -3.29 -5.38 49.90
CA LYS P 40 -3.81 -4.62 51.02
C LYS P 40 -3.28 -5.23 52.31
N SER P 41 -2.47 -4.47 53.03
CA SER P 41 -1.75 -4.98 54.18
C SER P 41 -2.46 -4.65 55.49
N GLY P 42 -1.97 -5.26 56.57
CA GLY P 42 -2.43 -4.97 57.91
C GLY P 42 -1.28 -5.06 58.90
N VAL P 43 -1.18 -4.11 59.82
CA VAL P 43 -0.05 -4.03 60.73
C VAL P 43 -0.56 -4.19 62.16
N VAL P 44 0.10 -5.06 62.91
CA VAL P 44 -0.17 -5.23 64.33
C VAL P 44 1.13 -4.94 65.08
N GLY P 45 1.08 -3.98 65.99
CA GLY P 45 2.27 -3.62 66.74
C GLY P 45 2.15 -2.23 67.31
N THR P 46 3.23 -1.81 67.96
CA THR P 46 3.28 -0.51 68.60
C THR P 46 3.30 0.60 67.53
N GLN P 47 3.11 1.84 67.97
CA GLN P 47 3.15 2.97 67.06
C GLN P 47 4.50 3.07 66.35
N LYS P 48 5.59 2.85 67.09
CA LYS P 48 6.91 2.81 66.48
C LYS P 48 6.99 1.73 65.41
N GLY P 49 6.32 0.60 65.63
CA GLY P 49 6.29 -0.43 64.61
C GLY P 49 5.63 0.03 63.32
N LEU P 50 4.50 0.74 63.44
CA LEU P 50 3.85 1.29 62.25
C LEU P 50 4.75 2.30 61.55
N GLN P 51 5.41 3.16 62.33
CA GLN P 51 6.31 4.14 61.72
C GLN P 51 7.44 3.47 60.97
N ILE P 52 8.05 2.44 61.57
CA ILE P 52 9.15 1.73 60.93
C ILE P 52 8.68 1.02 59.66
N PHE P 53 7.51 0.37 59.72
CA PHE P 53 6.99 -0.30 58.54
C PHE P 53 6.71 0.69 57.42
N LYS P 54 6.13 1.85 57.76
CA LYS P 54 5.84 2.85 56.75
C LYS P 54 7.12 3.37 56.11
N SER P 55 8.15 3.63 56.93
CA SER P 55 9.42 4.09 56.38
C SER P 55 10.05 3.05 55.47
N TYR P 56 10.00 1.77 55.86
CA TYR P 56 10.56 0.72 55.02
C TYR P 56 9.80 0.61 53.69
N LEU P 57 8.47 0.69 53.73
CA LEU P 57 7.71 0.65 52.49
C LEU P 57 8.09 1.81 51.58
N ASP P 58 8.20 3.01 52.15
CA ASP P 58 8.62 4.17 51.36
C ASP P 58 10.00 3.96 50.76
N LYS P 59 10.91 3.34 51.51
CA LYS P 59 12.23 3.06 50.98
C LYS P 59 12.17 2.09 49.81
N ILE P 60 11.44 0.99 49.96
CA ILE P 60 11.41 -0.04 48.92
C ILE P 60 10.56 0.36 47.71
N GLN P 61 9.81 1.45 47.80
CA GLN P 61 9.10 1.91 46.60
C GLN P 61 10.01 2.45 45.51
N LYS P 62 11.29 2.67 45.80
CA LYS P 62 12.23 3.25 44.86
C LYS P 62 13.49 2.40 44.77
N PRO P 63 14.24 2.52 43.68
CA PRO P 63 15.39 1.63 43.45
C PRO P 63 16.41 1.68 44.58
N ILE P 64 16.98 0.50 44.86
CA ILE P 64 18.07 0.34 45.82
C ILE P 64 19.19 -0.44 45.16
N TYR P 65 20.42 -0.21 45.64
CA TYR P 65 21.60 -0.87 45.11
C TYR P 65 22.37 -1.56 46.23
N ASN P 66 23.33 -2.39 45.83
CA ASN P 66 24.26 -3.08 46.72
C ASN P 66 25.67 -2.56 46.50
N HIS P 67 26.64 -3.21 47.15
CA HIS P 67 28.04 -2.89 46.89
C HIS P 67 28.45 -3.31 45.48
N ASN P 68 28.36 -4.61 45.20
CA ASN P 68 28.53 -5.11 43.84
C ASN P 68 27.19 -5.57 43.30
N ASN P 69 27.03 -5.46 41.97
CA ASN P 69 25.76 -5.74 41.33
C ASN P 69 25.84 -6.94 40.39
N ILE P 70 26.92 -7.73 40.46
CA ILE P 70 27.02 -8.97 39.71
C ILE P 70 26.66 -10.16 40.58
N THR P 71 27.15 -10.19 41.82
CA THR P 71 26.76 -11.23 42.77
C THR P 71 25.32 -11.04 43.21
N ARG P 72 24.95 -9.82 43.57
CA ARG P 72 23.62 -9.50 44.06
C ARG P 72 22.99 -8.42 43.19
N PRO P 73 22.09 -8.78 42.28
CA PRO P 73 21.48 -7.77 41.41
C PRO P 73 20.72 -6.71 42.20
N MET P 74 20.69 -5.50 41.66
CA MET P 74 20.05 -4.37 42.32
C MET P 74 18.54 -4.58 42.41
N PHE P 75 17.88 -3.64 43.08
CA PHE P 75 16.43 -3.65 43.19
C PHE P 75 15.84 -2.54 42.33
N PRO P 76 15.17 -2.85 41.22
CA PRO P 76 14.53 -1.80 40.43
C PRO P 76 13.47 -1.03 41.19
N GLY P 77 12.72 -1.67 42.07
CA GLY P 77 11.61 -1.05 42.76
C GLY P 77 10.42 -2.00 42.68
N PHE P 78 9.54 -1.92 43.68
CA PHE P 78 8.45 -2.88 43.78
C PHE P 78 7.54 -2.83 42.56
N GLU P 79 7.07 -1.64 42.20
CA GLU P 79 6.13 -1.55 41.09
C GLU P 79 6.82 -1.80 39.76
N ALA P 80 8.10 -1.46 39.64
CA ALA P 80 8.84 -1.77 38.42
C ALA P 80 9.01 -3.27 38.25
N VAL P 81 9.23 -4.00 39.33
CA VAL P 81 9.50 -5.43 39.24
C VAL P 81 8.20 -6.23 39.14
N PHE P 82 7.36 -6.13 40.18
CA PHE P 82 6.19 -6.98 40.27
C PHE P 82 4.95 -6.39 39.62
N GLY P 83 4.94 -5.10 39.33
CA GLY P 83 3.76 -4.50 38.74
C GLY P 83 2.57 -4.42 39.66
N CYS P 84 2.80 -4.39 40.96
CA CYS P 84 1.75 -4.35 41.96
C CYS P 84 1.91 -3.12 42.83
N LYS P 85 0.80 -2.66 43.40
CA LYS P 85 0.81 -1.50 44.30
C LYS P 85 0.79 -2.00 45.74
N TRP P 86 1.85 -1.68 46.48
CA TRP P 86 1.98 -2.04 47.89
C TRP P 86 2.50 -0.79 48.60
N GLU P 87 1.58 0.06 49.04
CA GLU P 87 1.92 1.39 49.53
C GLU P 87 1.48 1.55 50.98
N SER P 88 2.05 2.56 51.64
CA SER P 88 1.80 2.80 53.05
C SER P 88 0.44 3.45 53.31
N GLN P 89 -0.18 4.02 52.28
CA GLN P 89 -1.46 4.70 52.49
C GLN P 89 -2.55 3.73 52.91
N ASN P 90 -2.56 2.52 52.33
CA ASN P 90 -3.61 1.54 52.58
C ASN P 90 -3.12 0.53 53.62
N ILE P 91 -3.13 0.96 54.88
CA ILE P 91 -2.68 0.14 56.00
C ILE P 91 -3.78 0.11 57.04
N VAL P 92 -4.09 -1.08 57.55
CA VAL P 92 -5.09 -1.27 58.57
C VAL P 92 -4.36 -1.54 59.89
N PHE P 93 -4.24 -0.50 60.71
CA PHE P 93 -3.50 -0.60 61.96
C PHE P 93 -4.34 -1.29 63.03
N LYS P 94 -3.64 -1.98 63.93
CA LYS P 94 -4.23 -2.54 65.15
C LYS P 94 -3.17 -2.41 66.24
N GLU P 95 -3.32 -1.38 67.09
CA GLU P 95 -2.24 -0.98 67.98
C GLU P 95 -2.19 -1.85 69.22
N ILE P 96 -0.98 -2.25 69.59
CA ILE P 96 -0.69 -2.91 70.87
C ILE P 96 -0.10 -1.86 71.79
N THR P 97 -0.79 -1.57 72.89
CA THR P 97 -0.35 -0.53 73.81
C THR P 97 0.91 -0.95 74.55
N ASP P 98 1.72 0.04 74.91
CA ASP P 98 2.95 -0.24 75.65
C ASP P 98 2.65 -0.86 77.02
N GLU P 99 1.61 -0.37 77.70
CA GLU P 99 1.22 -0.93 78.98
C GLU P 99 0.83 -2.39 78.84
N GLU P 100 0.18 -2.74 77.72
CA GLU P 100 -0.22 -4.12 77.50
C GLU P 100 0.98 -5.06 77.59
N ILE P 101 2.03 -4.77 76.81
CA ILE P 101 3.21 -5.62 76.83
C ILE P 101 3.90 -5.54 78.19
N ARG P 102 4.08 -4.32 78.71
CA ARG P 102 4.83 -4.13 79.95
C ARG P 102 4.19 -4.82 81.14
N ARG P 103 2.88 -5.07 81.09
CA ARG P 103 2.20 -5.81 82.15
C ARG P 103 2.00 -7.28 81.80
N TYR P 104 1.96 -7.62 80.51
CA TYR P 104 1.58 -8.96 80.08
C TYR P 104 2.78 -9.88 79.91
N LEU P 105 3.99 -9.32 79.73
CA LEU P 105 5.19 -10.12 79.52
C LEU P 105 5.98 -10.37 80.80
N PHE P 106 6.33 -9.31 81.52
CA PHE P 106 7.14 -9.44 82.72
C PHE P 106 6.39 -10.15 83.84
N SER P 109 7.80 -18.40 84.69
CA SER P 109 7.93 -19.55 83.81
C SER P 109 7.81 -19.14 82.35
N THR P 110 8.86 -19.39 81.57
CA THR P 110 8.85 -19.04 80.16
C THR P 110 8.12 -20.10 79.34
N HIS P 111 6.92 -20.45 79.78
CA HIS P 111 6.06 -21.37 79.04
C HIS P 111 4.67 -20.77 78.90
N LYS P 112 4.29 -19.94 79.88
CA LYS P 112 3.01 -19.26 79.85
C LYS P 112 3.09 -17.87 79.21
N ARG P 113 4.23 -17.20 79.34
CA ARG P 113 4.38 -15.87 78.72
C ARG P 113 4.33 -15.97 77.20
N THR P 114 5.03 -16.97 76.62
CA THR P 114 5.03 -17.16 75.19
C THR P 114 3.70 -17.68 74.67
N TYR P 115 2.82 -18.16 75.55
CA TYR P 115 1.45 -18.46 75.17
C TYR P 115 0.57 -17.23 75.25
N ASP P 116 0.79 -16.40 76.28
CA ASP P 116 -0.03 -15.21 76.48
C ASP P 116 0.18 -14.19 75.38
N LEU P 117 1.44 -13.94 74.99
CA LEU P 117 1.69 -12.96 73.94
C LEU P 117 1.12 -13.41 72.60
N VAL P 118 1.29 -14.69 72.27
CA VAL P 118 0.69 -15.23 71.06
C VAL P 118 -0.83 -15.11 71.12
N THR P 119 -1.41 -15.34 72.29
CA THR P 119 -2.86 -15.17 72.44
C THR P 119 -3.27 -13.72 72.16
N LEU P 120 -2.51 -12.77 72.70
CA LEU P 120 -2.77 -11.35 72.43
C LEU P 120 -2.79 -11.06 70.93
N PHE P 121 -1.68 -11.36 70.25
CA PHE P 121 -1.58 -11.03 68.83
C PHE P 121 -2.65 -11.75 68.02
N ASN P 122 -2.86 -13.04 68.30
CA ASN P 122 -3.79 -13.83 67.50
C ASN P 122 -5.23 -13.38 67.73
N ASP P 123 -5.60 -13.03 68.97
CA ASP P 123 -6.95 -12.56 69.20
C ASP P 123 -7.18 -11.23 68.50
N LYS P 124 -6.19 -10.34 68.50
CA LYS P 124 -6.33 -9.10 67.75
C LYS P 124 -6.53 -9.38 66.26
N ILE P 125 -5.72 -10.27 65.69
CA ILE P 125 -5.84 -10.58 64.27
C ILE P 125 -7.20 -11.18 63.96
N ILE P 126 -7.68 -12.09 64.81
CA ILE P 126 -8.94 -12.78 64.55
C ILE P 126 -10.12 -11.82 64.66
N THR P 127 -10.14 -10.98 65.69
CA THR P 127 -11.26 -10.04 65.82
C THR P 127 -11.21 -9.00 64.71
N ALA P 128 -10.02 -8.66 64.20
CA ALA P 128 -9.96 -7.81 63.02
C ALA P 128 -10.53 -8.52 61.80
N ASN P 129 -10.23 -9.81 61.64
CA ASN P 129 -10.68 -10.55 60.48
C ASN P 129 -12.19 -10.76 60.49
N LYS P 130 -12.79 -10.92 61.67
CA LYS P 130 -14.20 -11.28 61.76
C LYS P 130 -15.12 -10.09 62.04
N ASN P 131 -14.60 -9.00 62.60
CA ASN P 131 -15.42 -7.86 62.98
C ASN P 131 -14.97 -6.59 62.27
N ASP P 132 -14.70 -6.69 60.98
CA ASP P 132 -14.33 -5.53 60.19
C ASP P 132 -14.77 -5.73 58.75
N GLU P 133 -14.98 -4.61 58.05
CA GLU P 133 -15.42 -4.63 56.67
C GLU P 133 -14.26 -4.60 55.69
N GLU P 134 -13.13 -4.03 56.07
CA GLU P 134 -11.99 -3.91 55.18
C GLU P 134 -11.43 -5.28 54.82
N ARG P 135 -10.66 -5.32 53.74
CA ARG P 135 -10.05 -6.54 53.24
C ARG P 135 -8.55 -6.47 53.43
N VAL P 136 -7.98 -7.48 54.08
CA VAL P 136 -6.54 -7.59 54.29
C VAL P 136 -6.10 -8.96 53.78
N ASP P 137 -5.08 -8.96 52.90
CA ASP P 137 -4.61 -10.21 52.30
C ASP P 137 -3.45 -10.80 53.07
N VAL P 138 -2.54 -9.98 53.58
CA VAL P 138 -1.41 -10.45 54.37
C VAL P 138 -1.31 -9.58 55.61
N TRP P 139 -1.14 -10.22 56.77
CA TRP P 139 -1.03 -9.52 58.04
C TRP P 139 0.44 -9.48 58.47
N PHE P 140 0.88 -8.32 58.91
CA PHE P 140 2.27 -8.11 59.31
C PHE P 140 2.34 -7.91 60.82
N VAL P 141 3.24 -8.64 61.47
CA VAL P 141 3.40 -8.61 62.91
C VAL P 141 4.78 -8.01 63.18
N ILE P 142 4.82 -6.77 63.64
CA ILE P 142 6.08 -6.07 63.89
C ILE P 142 6.45 -6.35 65.36
N VAL P 143 7.26 -7.38 65.55
CA VAL P 143 7.63 -7.80 66.91
C VAL P 143 8.60 -6.79 67.51
N PRO P 144 8.33 -6.26 68.69
CA PRO P 144 9.29 -5.35 69.34
C PRO P 144 10.59 -6.03 69.72
N GLU P 145 11.50 -5.26 70.33
CA GLU P 145 12.82 -5.78 70.68
C GLU P 145 12.84 -6.50 72.02
N GLU P 146 11.72 -6.55 72.75
CA GLU P 146 11.66 -7.22 74.03
C GLU P 146 10.87 -8.51 74.00
N ILE P 147 10.17 -8.81 72.90
CA ILE P 147 9.39 -10.04 72.80
C ILE P 147 10.22 -11.20 72.27
N TYR P 148 11.46 -10.95 71.84
CA TYR P 148 12.33 -12.00 71.35
C TYR P 148 13.43 -12.40 72.33
N LYS P 149 13.86 -11.49 73.19
CA LYS P 149 14.89 -11.78 74.17
C LYS P 149 14.29 -11.97 75.57
N ASP P 203 12.19 -16.26 70.42
CA ASP P 203 12.34 -17.70 70.55
C ASP P 203 11.39 -18.42 69.61
N ALA P 204 11.63 -19.72 69.40
CA ALA P 204 10.86 -20.48 68.42
C ALA P 204 9.42 -20.73 68.86
N GLN P 205 9.12 -20.59 70.15
CA GLN P 205 7.75 -20.80 70.61
C GLN P 205 6.80 -19.77 69.99
N PHE P 206 7.21 -18.51 69.95
CA PHE P 206 6.33 -17.44 69.48
C PHE P 206 5.89 -17.67 68.04
N HIS P 207 6.87 -17.88 67.15
CA HIS P 207 6.59 -18.00 65.72
C HIS P 207 5.69 -19.19 65.42
N ASP P 208 6.07 -20.37 65.91
CA ASP P 208 5.34 -21.59 65.57
C ASP P 208 3.94 -21.58 66.18
N GLN P 209 3.81 -21.13 67.43
CA GLN P 209 2.49 -21.07 68.05
C GLN P 209 1.58 -20.08 67.31
N LEU P 210 2.11 -18.90 66.98
CA LEU P 210 1.30 -17.95 66.22
C LEU P 210 0.83 -18.57 64.90
N LYS P 211 1.74 -19.19 64.17
CA LYS P 211 1.37 -19.70 62.86
C LYS P 211 0.39 -20.85 62.96
N ALA P 212 0.50 -21.70 63.99
CA ALA P 212 -0.46 -22.80 64.14
C ALA P 212 -1.84 -22.28 64.54
N ARG P 213 -1.89 -21.39 65.53
CA ARG P 213 -3.18 -20.90 65.99
C ARG P 213 -3.86 -20.02 64.94
N LEU P 214 -3.12 -19.45 64.00
CA LEU P 214 -3.76 -18.78 62.87
C LEU P 214 -4.06 -19.72 61.72
N LEU P 215 -3.27 -20.79 61.57
CA LEU P 215 -3.63 -21.89 60.68
C LEU P 215 -5.01 -22.41 61.02
N GLU P 216 -5.36 -22.39 62.30
CA GLU P 216 -6.72 -22.74 62.70
C GLU P 216 -7.76 -21.91 61.95
N HIS P 217 -7.42 -20.67 61.57
CA HIS P 217 -8.36 -19.76 60.93
C HIS P 217 -7.99 -19.42 59.49
N THR P 218 -6.86 -19.91 58.97
CA THR P 218 -6.41 -19.70 57.59
C THR P 218 -6.25 -18.20 57.29
N ILE P 219 -5.29 -17.60 57.97
CA ILE P 219 -4.94 -16.19 57.76
C ILE P 219 -3.46 -16.08 57.42
N PRO P 220 -3.10 -15.67 56.20
CA PRO P 220 -1.69 -15.44 55.89
C PRO P 220 -1.10 -14.36 56.79
N THR P 221 0.17 -14.53 57.15
CA THR P 221 0.82 -13.60 58.06
C THR P 221 2.32 -13.61 57.80
N GLN P 222 2.98 -12.54 58.25
CA GLN P 222 4.43 -12.42 58.15
C GLN P 222 4.96 -11.70 59.38
N ILE P 223 5.99 -12.27 59.99
CA ILE P 223 6.61 -11.72 61.19
C ILE P 223 7.88 -11.00 60.79
N LEU P 224 8.00 -9.73 61.19
CA LEU P 224 9.16 -8.91 60.86
C LEU P 224 9.64 -8.21 62.13
N ARG P 225 10.86 -8.53 62.55
CA ARG P 225 11.45 -7.85 63.69
C ARG P 225 11.75 -6.40 63.37
N GLU P 226 11.76 -5.57 64.41
CA GLU P 226 12.09 -4.16 64.22
C GLU P 226 13.54 -3.97 63.79
N SER P 227 14.43 -4.84 64.25
CA SER P 227 15.85 -4.70 63.90
C SER P 227 16.08 -4.94 62.41
N THR P 228 15.33 -5.86 61.81
CA THR P 228 15.49 -6.12 60.38
C THR P 228 15.12 -4.91 59.55
N LEU P 229 14.00 -4.27 59.87
CA LEU P 229 13.53 -3.12 59.09
C LEU P 229 14.32 -1.86 59.38
N ALA P 230 14.71 -1.64 60.64
CA ALA P 230 15.46 -0.45 61.05
C ALA P 230 16.70 -0.92 61.80
N TRP P 231 17.77 -1.19 61.06
CA TRP P 231 18.97 -1.75 61.66
C TRP P 231 19.95 -0.69 62.15
N ARG P 232 19.95 0.50 61.55
CA ARG P 232 20.85 1.54 62.00
C ARG P 232 20.48 2.10 63.36
N ASP P 233 19.20 2.01 63.74
CA ASP P 233 18.77 2.59 65.01
C ASP P 233 19.16 1.73 66.20
N PHE P 234 19.07 0.41 66.07
CA PHE P 234 19.38 -0.50 67.17
C PHE P 234 20.89 -0.73 67.24
N LYS P 235 21.60 0.32 67.62
CA LYS P 235 23.05 0.24 67.77
C LYS P 235 23.40 -0.50 69.06
N ASN P 236 24.64 -1.00 69.09
CA ASN P 236 25.12 -1.74 70.24
C ASN P 236 26.64 -1.81 70.18
N THR P 237 27.27 -1.81 71.37
CA THR P 237 28.72 -1.93 71.50
C THR P 237 29.44 -0.83 70.72
N PHE P 238 29.22 0.40 71.19
CA PHE P 238 29.90 1.59 70.69
C PHE P 238 29.59 1.84 69.21
N GLY P 239 28.31 2.07 68.94
CA GLY P 239 27.88 2.54 67.63
C GLY P 239 28.15 1.58 66.48
N ALA P 240 27.87 0.29 66.69
CA ALA P 240 28.01 -0.71 65.64
C ALA P 240 26.72 -1.51 65.61
N PRO P 241 25.96 -1.46 64.51
CA PRO P 241 24.71 -2.24 64.46
C PRO P 241 24.96 -3.71 64.73
N ILE P 242 24.02 -4.34 65.44
CA ILE P 242 24.13 -5.76 65.73
C ILE P 242 24.26 -6.56 64.43
N ARG P 243 23.41 -6.23 63.45
CA ARG P 243 23.49 -6.78 62.11
CA ARG P 243 23.51 -6.78 62.12
C ARG P 243 23.66 -5.63 61.13
N ASP P 244 24.67 -5.72 60.27
CA ASP P 244 25.00 -4.67 59.32
C ASP P 244 24.50 -5.06 57.94
N PHE P 245 23.34 -4.54 57.56
CA PHE P 245 22.87 -4.64 56.18
C PHE P 245 23.29 -3.40 55.38
N SER P 246 24.56 -3.04 55.46
CA SER P 246 25.05 -1.87 54.74
C SER P 246 25.40 -2.16 53.29
N LYS P 247 25.50 -3.43 52.91
CA LYS P 247 25.86 -3.81 51.55
C LYS P 247 24.93 -4.86 50.96
N ILE P 248 23.87 -5.25 51.67
CA ILE P 248 22.97 -6.28 51.18
C ILE P 248 21.53 -5.79 51.26
N GLU P 249 21.34 -4.48 51.37
CA GLU P 249 20.00 -3.92 51.52
C GLU P 249 19.13 -4.26 50.30
N GLY P 250 19.71 -4.26 49.11
CA GLY P 250 18.96 -4.66 47.93
C GLY P 250 18.50 -6.10 47.99
N HIS P 251 19.37 -6.98 48.50
CA HIS P 251 18.98 -8.38 48.68
C HIS P 251 17.88 -8.52 49.72
N LEU P 252 17.96 -7.74 50.80
CA LEU P 252 16.91 -7.72 51.80
C LEU P 252 15.58 -7.34 51.19
N ALA P 253 15.58 -6.26 50.39
CA ALA P 253 14.36 -5.84 49.73
C ALA P 253 13.84 -6.91 48.78
N TRP P 254 14.75 -7.54 48.02
CA TRP P 254 14.36 -8.62 47.12
C TRP P 254 13.63 -9.72 47.87
N THR P 255 14.23 -10.21 48.96
CA THR P 255 13.66 -11.32 49.71
C THR P 255 12.31 -10.94 50.32
N ILE P 256 12.25 -9.78 50.97
CA ILE P 256 11.01 -9.38 51.64
C ILE P 256 9.90 -9.17 50.63
N SER P 257 10.19 -8.50 49.51
CA SER P 257 9.18 -8.26 48.49
C SER P 257 8.69 -9.56 47.87
N THR P 258 9.61 -10.49 47.59
CA THR P 258 9.19 -11.76 47.01
C THR P 258 8.31 -12.55 47.97
N ALA P 259 8.67 -12.57 49.26
CA ALA P 259 7.84 -13.27 50.24
C ALA P 259 6.47 -12.64 50.35
N ALA P 260 6.40 -11.30 50.39
CA ALA P 260 5.12 -10.62 50.49
C ALA P 260 4.27 -10.87 49.25
N TYR P 261 4.89 -10.86 48.06
CA TYR P 261 4.15 -11.13 46.84
C TYR P 261 3.60 -12.55 46.83
N TYR P 262 4.41 -13.52 47.25
CA TYR P 262 3.95 -14.91 47.24
C TYR P 262 2.83 -15.14 48.25
N LYS P 263 2.95 -14.53 49.44
CA LYS P 263 1.93 -14.74 50.46
C LYS P 263 0.61 -14.04 50.14
N ALA P 264 0.57 -13.17 49.13
CA ALA P 264 -0.64 -12.46 48.77
C ALA P 264 -1.37 -13.11 47.59
N GLY P 265 -0.88 -14.24 47.11
CA GLY P 265 -1.57 -14.98 46.07
C GLY P 265 -0.97 -14.92 44.68
N GLY P 266 0.31 -14.57 44.54
CA GLY P 266 0.94 -14.48 43.23
C GLY P 266 2.13 -15.40 43.12
N LYS P 267 2.35 -15.93 41.91
CA LYS P 267 3.49 -16.80 41.64
C LYS P 267 4.58 -15.98 40.96
N PRO P 268 5.76 -15.83 41.56
CA PRO P 268 6.83 -15.11 40.86
C PRO P 268 7.33 -15.85 39.62
N TRP P 269 7.51 -17.17 39.71
CA TRP P 269 8.04 -17.94 38.60
C TRP P 269 7.51 -19.36 38.69
N LYS P 270 7.89 -20.18 37.71
CA LYS P 270 7.43 -21.58 37.66
C LYS P 270 8.52 -22.42 37.02
N LEU P 271 8.43 -23.73 37.27
CA LEU P 271 9.39 -24.68 36.72
C LEU P 271 8.92 -25.20 35.37
N GLY P 272 9.86 -25.28 34.42
CA GLY P 272 9.53 -25.73 33.08
C GLY P 272 10.11 -27.07 32.69
N ASP P 273 11.32 -27.37 33.15
CA ASP P 273 12.02 -28.59 32.74
C ASP P 273 11.88 -29.65 33.84
N ILE P 274 10.69 -30.25 33.88
CA ILE P 274 10.41 -31.36 34.79
C ILE P 274 9.63 -32.41 34.01
N ARG P 275 9.88 -33.67 34.33
CA ARG P 275 9.27 -34.76 33.58
C ARG P 275 7.75 -34.75 33.76
N PRO P 276 6.98 -34.75 32.69
CA PRO P 276 5.51 -34.73 32.83
C PRO P 276 4.98 -36.11 33.19
N GLY P 277 4.11 -36.15 34.19
CA GLY P 277 3.48 -37.38 34.60
C GLY P 277 4.07 -38.07 35.81
N VAL P 278 4.80 -37.36 36.66
CA VAL P 278 5.39 -37.93 37.85
C VAL P 278 5.05 -37.06 39.04
N CYS P 279 5.08 -37.66 40.23
CA CYS P 279 4.83 -36.95 41.47
C CYS P 279 6.05 -37.06 42.37
N TYR P 280 6.44 -35.95 42.98
CA TYR P 280 7.57 -35.91 43.90
C TYR P 280 7.07 -35.69 45.31
N LEU P 281 7.35 -36.64 46.20
CA LEU P 281 6.94 -36.59 47.59
C LEU P 281 8.17 -36.54 48.48
N GLY P 282 8.17 -35.63 49.45
CA GLY P 282 9.27 -35.53 50.38
C GLY P 282 8.85 -35.76 51.81
N LEU P 283 9.30 -36.86 52.40
CA LEU P 283 8.89 -37.26 53.74
C LEU P 283 9.94 -36.81 54.75
N VAL P 284 9.48 -36.15 55.81
CA VAL P 284 10.34 -35.69 56.89
C VAL P 284 9.72 -36.12 58.21
N TYR P 285 10.54 -36.67 59.10
CA TYR P 285 10.08 -37.16 60.39
C TYR P 285 10.50 -36.19 61.50
N LYS P 286 9.54 -35.80 62.33
CA LYS P 286 9.78 -34.93 63.47
C LYS P 286 9.38 -35.67 64.73
N LYS P 287 10.27 -35.70 65.72
CA LYS P 287 10.01 -36.40 66.96
C LYS P 287 9.31 -35.47 67.95
N ILE P 288 8.25 -35.96 68.57
CA ILE P 288 7.51 -35.24 69.59
C ILE P 288 7.72 -35.96 70.92
N GLU P 289 8.32 -35.26 71.89
CA GLU P 289 8.64 -35.84 73.18
C GLU P 289 7.86 -35.15 74.30
N LYS P 290 6.59 -34.84 74.04
CA LYS P 290 5.74 -34.19 75.03
C LYS P 290 5.15 -35.21 76.00
N ASN P 293 3.81 -40.02 74.85
CA ASN P 293 4.84 -40.94 74.36
C ASN P 293 5.71 -40.25 73.30
N PRO P 294 6.99 -40.64 73.24
CA PRO P 294 7.88 -40.06 72.23
C PRO P 294 7.54 -40.51 70.82
N GLN P 295 6.43 -40.01 70.28
CA GLN P 295 6.01 -40.39 68.94
C GLN P 295 6.82 -39.64 67.88
N ASN P 296 6.79 -40.18 66.66
CA ASN P 296 7.49 -39.60 65.52
C ASN P 296 6.44 -39.29 64.45
N ALA P 297 6.32 -38.01 64.10
CA ALA P 297 5.32 -37.55 63.14
C ALA P 297 5.93 -37.39 61.76
N CYS P 298 5.17 -37.80 60.74
CA CYS P 298 5.60 -37.74 59.36
C CYS P 298 4.72 -36.76 58.58
N CYS P 299 5.35 -35.79 57.91
CA CYS P 299 4.67 -34.83 57.08
C CYS P 299 5.34 -34.80 55.71
N ALA P 300 4.53 -34.64 54.67
CA ALA P 300 5.02 -34.73 53.30
C ALA P 300 4.66 -33.47 52.52
N ALA P 301 5.38 -33.27 51.41
CA ALA P 301 5.11 -32.20 50.48
C ALA P 301 5.11 -32.77 49.07
N GLN P 302 4.21 -32.29 48.22
CA GLN P 302 4.00 -32.86 46.90
C GLN P 302 4.20 -31.81 45.82
N MET P 303 4.67 -32.27 44.66
CA MET P 303 4.92 -31.38 43.54
C MET P 303 4.76 -32.17 42.25
N PHE P 304 3.87 -31.70 41.37
CA PHE P 304 3.68 -32.32 40.07
C PHE P 304 3.27 -31.27 39.06
N LEU P 305 3.50 -31.55 37.80
CA LEU P 305 3.24 -30.63 36.71
C LEU P 305 2.46 -31.33 35.61
N ASP P 306 1.33 -30.76 35.23
CA ASP P 306 0.51 -31.33 34.17
C ASP P 306 -0.57 -30.34 33.76
N ASN P 307 -1.07 -30.52 32.54
CA ASN P 307 -2.22 -29.79 32.00
C ASN P 307 -1.98 -28.28 32.02
N GLY P 308 -1.01 -27.88 31.21
CA GLY P 308 -0.68 -26.49 31.02
C GLY P 308 0.66 -26.03 31.54
N ASP P 309 1.60 -26.97 31.78
CA ASP P 309 2.93 -26.63 32.30
C ASP P 309 2.86 -25.88 33.62
N GLY P 310 1.78 -26.05 34.36
CA GLY P 310 1.63 -25.40 35.65
C GLY P 310 2.13 -26.30 36.75
N THR P 311 2.97 -25.73 37.62
CA THR P 311 3.57 -26.49 38.72
C THR P 311 2.67 -26.39 39.94
N VAL P 312 2.20 -27.55 40.41
CA VAL P 312 1.32 -27.63 41.57
C VAL P 312 2.18 -28.07 42.75
N PHE P 313 2.55 -27.12 43.59
CA PHE P 313 3.39 -27.38 44.77
C PHE P 313 2.55 -27.19 46.02
N LYS P 314 2.18 -28.31 46.65
CA LYS P 314 1.41 -28.28 47.89
C LYS P 314 2.11 -29.11 48.96
N GLY P 315 1.44 -29.30 50.10
CA GLY P 315 1.97 -30.17 51.12
C GLY P 315 0.95 -31.18 51.61
N GLU P 316 1.20 -32.47 51.39
CA GLU P 316 0.29 -33.50 51.90
C GLU P 316 0.44 -33.60 53.41
N VAL P 317 -0.65 -33.35 54.12
CA VAL P 317 -0.61 -33.22 55.57
C VAL P 317 -1.64 -34.15 56.20
N GLY P 318 -1.81 -34.03 57.51
CA GLY P 318 -2.48 -35.06 58.27
C GLY P 318 -1.47 -36.02 58.86
N PRO P 319 -0.55 -35.48 59.66
CA PRO P 319 0.65 -36.23 60.04
C PRO P 319 0.34 -37.63 60.55
N TRP P 320 1.07 -38.60 60.04
CA TRP P 320 0.92 -40.01 60.39
C TRP P 320 2.00 -40.36 61.41
N TYR P 321 1.57 -40.80 62.59
CA TYR P 321 2.48 -40.98 63.72
C TYR P 321 3.02 -42.41 63.78
N ASN P 322 4.04 -42.59 64.60
CA ASN P 322 4.67 -43.90 64.83
C ASN P 322 5.21 -43.95 66.25
N PRO P 323 4.62 -44.75 67.13
CA PRO P 323 4.94 -44.69 68.58
C PRO P 323 6.15 -45.53 68.98
N GLU P 324 7.33 -45.15 68.50
CA GLU P 324 8.58 -45.76 68.93
C GLU P 324 9.60 -44.65 69.16
N LYS P 325 10.56 -44.94 70.04
CA LYS P 325 11.62 -43.96 70.33
C LYS P 325 12.44 -43.68 69.09
N GLY P 326 12.90 -44.72 68.41
CA GLY P 326 13.53 -44.57 67.12
C GLY P 326 12.54 -44.87 66.02
N GLU P 327 12.88 -45.79 65.13
CA GLU P 327 11.96 -46.32 64.13
C GLU P 327 11.34 -45.20 63.29
N TYR P 328 12.20 -44.52 62.54
CA TYR P 328 11.76 -43.47 61.63
C TYR P 328 11.14 -44.10 60.38
N HIS P 329 10.05 -44.83 60.60
CA HIS P 329 9.36 -45.56 59.55
C HIS P 329 7.85 -45.50 59.81
N LEU P 330 7.08 -45.99 58.84
CA LEU P 330 5.63 -45.95 58.88
C LEU P 330 5.05 -47.36 58.91
N LYS P 331 3.97 -47.52 59.65
CA LYS P 331 3.21 -48.76 59.64
C LYS P 331 2.40 -48.86 58.34
N PRO P 332 1.99 -50.07 57.96
CA PRO P 332 1.29 -50.23 56.67
C PRO P 332 0.06 -49.34 56.50
N LYS P 333 -0.75 -49.18 57.54
CA LYS P 333 -1.99 -48.41 57.39
C LYS P 333 -1.71 -46.96 57.04
N GLU P 334 -0.76 -46.34 57.75
CA GLU P 334 -0.45 -44.94 57.49
C GLU P 334 0.19 -44.76 56.12
N ALA P 335 1.04 -45.69 55.71
CA ALA P 335 1.63 -45.62 54.37
C ALA P 335 0.56 -45.73 53.28
N LYS P 336 -0.39 -46.65 53.46
CA LYS P 336 -1.48 -46.78 52.51
C LYS P 336 -2.30 -45.51 52.43
N ALA P 337 -2.61 -44.91 53.60
CA ALA P 337 -3.37 -43.67 53.60
C ALA P 337 -2.61 -42.55 52.89
N LEU P 338 -1.31 -42.44 53.15
CA LEU P 338 -0.49 -41.41 52.52
C LEU P 338 -0.52 -41.55 50.99
N LEU P 339 -0.22 -42.75 50.49
CA LEU P 339 -0.18 -42.94 49.04
C LEU P 339 -1.55 -42.72 48.42
N THR P 340 -2.61 -43.21 49.08
CA THR P 340 -3.95 -43.01 48.52
C THR P 340 -4.29 -41.54 48.43
N GLN P 341 -3.97 -40.77 49.47
CA GLN P 341 -4.26 -39.35 49.45
C GLN P 341 -3.49 -38.64 48.33
N ALA P 342 -2.20 -38.98 48.18
CA ALA P 342 -1.40 -38.33 47.15
C ALA P 342 -1.93 -38.65 45.75
N LEU P 343 -2.22 -39.92 45.49
CA LEU P 343 -2.71 -40.32 44.18
C LEU P 343 -4.07 -39.71 43.89
N GLU P 344 -4.95 -39.64 44.89
CA GLU P 344 -6.26 -39.02 44.68
C GLU P 344 -6.12 -37.53 44.40
N SER P 345 -5.20 -36.85 45.09
CA SER P 345 -4.96 -35.44 44.79
C SER P 345 -4.51 -35.24 43.36
N TYR P 346 -3.55 -36.06 42.92
CA TYR P 346 -3.05 -35.94 41.55
C TYR P 346 -4.15 -36.22 40.54
N LYS P 347 -4.96 -37.26 40.79
CA LYS P 347 -6.00 -37.61 39.83
C LYS P 347 -7.10 -36.55 39.80
N GLU P 348 -7.41 -35.96 40.96
CA GLU P 348 -8.38 -34.88 40.98
C GLU P 348 -7.88 -33.68 40.18
N GLN P 349 -6.59 -33.37 40.30
CA GLN P 349 -6.06 -32.21 39.59
C GLN P 349 -5.97 -32.45 38.09
N ASN P 350 -5.46 -33.61 37.66
CA ASN P 350 -5.16 -33.85 36.26
C ASN P 350 -6.08 -34.87 35.60
N LYS P 351 -7.13 -35.32 36.27
CA LYS P 351 -8.14 -36.22 35.71
C LYS P 351 -7.55 -37.55 35.24
N SER P 352 -6.39 -37.94 35.79
CA SER P 352 -5.80 -39.23 35.46
C SER P 352 -4.78 -39.59 36.53
N TYR P 353 -4.43 -40.87 36.58
CA TYR P 353 -3.46 -41.35 37.55
C TYR P 353 -2.03 -41.13 37.04
N PRO P 354 -1.07 -40.93 37.94
CA PRO P 354 0.30 -40.69 37.50
C PRO P 354 0.90 -41.91 36.81
N LYS P 355 1.80 -41.65 35.87
CA LYS P 355 2.54 -42.71 35.23
C LYS P 355 3.73 -43.18 36.06
N GLU P 356 4.15 -42.41 37.05
CA GLU P 356 5.23 -42.80 37.94
C GLU P 356 5.18 -41.93 39.18
N VAL P 357 5.74 -42.43 40.27
CA VAL P 357 5.81 -41.71 41.53
C VAL P 357 7.26 -41.70 41.99
N PHE P 358 7.74 -40.53 42.39
CA PHE P 358 9.14 -40.32 42.77
C PHE P 358 9.18 -39.95 44.24
N ILE P 359 9.31 -40.96 45.10
CA ILE P 359 9.32 -40.75 46.54
C ILE P 359 10.76 -40.60 47.01
N HIS P 360 11.06 -39.49 47.67
CA HIS P 360 12.37 -39.25 48.24
C HIS P 360 12.23 -38.81 49.69
N ALA P 361 13.26 -39.10 50.48
CA ALA P 361 13.26 -38.78 51.89
C ALA P 361 14.70 -38.73 52.38
N ARG P 362 14.87 -38.26 53.61
CA ARG P 362 16.19 -38.25 54.24
C ARG P 362 16.54 -39.58 54.89
N THR P 363 15.62 -40.54 54.92
CA THR P 363 15.82 -41.86 55.49
C THR P 363 15.62 -42.92 54.42
N ARG P 364 15.76 -44.18 54.82
CA ARG P 364 15.57 -45.32 53.94
C ARG P 364 14.20 -45.94 54.14
N PHE P 365 13.84 -46.83 53.23
CA PHE P 365 12.56 -47.53 53.25
C PHE P 365 12.77 -49.01 53.53
N ASN P 366 11.96 -49.56 54.43
CA ASN P 366 11.98 -50.99 54.69
C ASN P 366 11.04 -51.70 53.73
N ASP P 367 10.99 -53.04 53.83
CA ASP P 367 10.15 -53.81 52.94
C ASP P 367 8.67 -53.70 53.30
N GLU P 368 8.37 -53.43 54.57
CA GLU P 368 6.98 -53.26 54.98
C GLU P 368 6.34 -52.07 54.27
N GLU P 369 7.01 -50.91 54.32
CA GLU P 369 6.49 -49.71 53.68
C GLU P 369 6.32 -49.91 52.18
N TRP P 370 7.33 -50.51 51.54
CA TRP P 370 7.25 -50.67 50.10
C TRP P 370 6.20 -51.68 49.70
N ASN P 371 5.99 -52.72 50.51
CA ASN P 371 4.92 -53.67 50.23
C ASN P 371 3.56 -52.98 50.34
N ALA P 372 3.36 -52.16 51.36
CA ALA P 372 2.10 -51.42 51.46
C ALA P 372 1.92 -50.47 50.28
N PHE P 373 2.99 -49.76 49.90
CA PHE P 373 2.93 -48.82 48.80
C PHE P 373 2.56 -49.52 47.50
N ASN P 374 3.16 -50.68 47.26
CA ASN P 374 2.84 -51.45 46.07
C ASN P 374 1.43 -52.01 46.14
N GLU P 375 0.94 -52.29 47.34
CA GLU P 375 -0.43 -52.77 47.49
C GLU P 375 -1.44 -51.69 47.08
N VAL P 376 -1.22 -50.44 47.50
CA VAL P 376 -2.14 -49.38 47.11
C VAL P 376 -1.91 -48.83 45.72
N THR P 377 -0.77 -49.14 45.10
CA THR P 377 -0.44 -48.57 43.80
C THR P 377 -1.32 -49.18 42.71
N PRO P 378 -1.79 -48.37 41.75
CA PRO P 378 -2.60 -48.92 40.65
C PRO P 378 -1.82 -49.83 39.71
N LYS P 379 -2.48 -50.29 38.66
CA LYS P 379 -1.90 -51.31 37.78
C LYS P 379 -0.68 -50.78 37.04
N ASN P 380 -0.74 -49.55 36.54
CA ASN P 380 0.30 -49.04 35.64
C ASN P 380 1.04 -47.84 36.21
N THR P 381 1.40 -47.91 37.49
CA THR P 381 2.16 -46.85 38.13
C THR P 381 3.39 -47.46 38.80
N ASN P 382 4.55 -46.85 38.56
CA ASN P 382 5.81 -47.31 39.10
C ASN P 382 6.27 -46.40 40.24
N LEU P 383 7.00 -46.98 41.18
CA LEU P 383 7.50 -46.25 42.34
C LEU P 383 9.02 -46.35 42.39
N VAL P 384 9.66 -45.25 42.76
CA VAL P 384 11.11 -45.18 42.92
C VAL P 384 11.40 -44.54 44.27
N GLY P 385 12.28 -45.15 45.04
CA GLY P 385 12.69 -44.63 46.34
C GLY P 385 14.11 -44.10 46.29
N VAL P 386 14.27 -42.86 46.75
CA VAL P 386 15.56 -42.17 46.74
C VAL P 386 15.84 -41.62 48.12
N THR P 387 17.08 -41.75 48.58
CA THR P 387 17.51 -41.25 49.88
C THR P 387 18.60 -40.22 49.66
N ILE P 388 18.46 -39.06 50.30
CA ILE P 388 19.37 -37.93 50.13
C ILE P 388 20.02 -37.65 51.48
N THR P 389 21.24 -38.16 51.66
CA THR P 389 22.05 -37.86 52.83
C THR P 389 22.98 -36.68 52.53
N LYS P 390 23.13 -35.79 53.51
CA LYS P 390 23.78 -34.51 53.28
C LYS P 390 25.05 -34.30 54.09
N SER P 391 25.61 -35.35 54.71
CA SER P 391 26.78 -35.15 55.54
C SER P 391 27.87 -36.20 55.37
N LYS P 392 27.84 -37.00 54.30
CA LYS P 392 28.87 -38.01 54.10
C LYS P 392 30.19 -37.33 53.73
N PRO P 393 31.31 -37.69 54.38
CA PRO P 393 32.57 -36.94 54.26
C PRO P 393 33.36 -37.17 52.96
N LEU P 394 32.98 -36.43 51.92
CA LEU P 394 33.77 -36.32 50.70
C LEU P 394 34.01 -34.85 50.42
N LYS P 395 35.23 -34.52 49.98
CA LYS P 395 35.59 -33.14 49.72
C LYS P 395 36.58 -33.11 48.57
N LEU P 396 36.23 -32.44 47.48
CA LEU P 396 37.08 -32.37 46.30
C LEU P 396 37.71 -30.98 46.21
N TYR P 397 38.92 -30.84 46.75
CA TYR P 397 39.67 -29.61 46.62
C TYR P 397 40.20 -29.46 45.19
N LYS P 398 40.31 -28.21 44.74
CA LYS P 398 40.87 -27.93 43.42
C LYS P 398 42.37 -27.75 43.52
N THR P 399 43.09 -28.27 42.53
CA THR P 399 44.54 -28.38 42.61
C THR P 399 45.24 -27.04 42.42
N GLU P 400 44.75 -26.21 41.51
CA GLU P 400 45.48 -25.01 41.09
C GLU P 400 44.85 -23.73 41.61
N GLY P 401 43.57 -23.49 41.34
CA GLY P 401 42.95 -22.24 41.71
C GLY P 401 42.70 -22.11 43.20
N ALA P 402 42.35 -20.90 43.60
CA ALA P 402 42.00 -20.59 44.98
C ALA P 402 40.50 -20.48 45.19
N PHE P 403 39.70 -20.94 44.23
CA PHE P 403 38.25 -20.90 44.30
C PHE P 403 37.69 -22.32 44.31
N PRO P 404 36.51 -22.54 44.88
CA PRO P 404 36.01 -23.90 45.05
C PRO P 404 35.55 -24.56 43.76
N ILE P 405 35.15 -25.83 43.86
CA ILE P 405 34.69 -26.59 42.71
C ILE P 405 33.35 -26.05 42.23
N MET P 406 33.17 -26.01 40.91
CA MET P 406 31.95 -25.46 40.33
C MET P 406 30.75 -26.36 40.62
N ARG P 407 29.59 -25.73 40.71
CA ARG P 407 28.35 -26.44 41.02
C ARG P 407 27.85 -27.19 39.79
N GLY P 408 27.25 -28.36 40.02
CA GLY P 408 26.74 -29.19 38.95
C GLY P 408 27.57 -30.42 38.65
N ASN P 409 28.66 -30.63 39.38
CA ASN P 409 29.52 -31.79 39.18
C ASN P 409 29.00 -32.98 39.97
N ALA P 410 28.99 -34.15 39.34
CA ALA P 410 28.45 -35.35 39.96
C ALA P 410 29.39 -36.53 39.74
N TYR P 411 29.51 -37.38 40.76
CA TYR P 411 30.32 -38.57 40.72
C TYR P 411 29.40 -39.78 40.84
N ILE P 412 29.42 -40.64 39.84
CA ILE P 412 28.58 -41.84 39.82
C ILE P 412 29.45 -42.98 40.36
N VAL P 413 29.33 -43.23 41.66
CA VAL P 413 30.09 -44.30 42.29
C VAL P 413 29.58 -45.67 41.86
N ASP P 414 28.26 -45.81 41.71
CA ASP P 414 27.65 -47.07 41.37
C ASP P 414 26.43 -46.80 40.50
N GLU P 415 25.82 -47.88 40.00
CA GLU P 415 24.62 -47.76 39.18
C GLU P 415 23.42 -47.28 39.98
N LYS P 416 23.51 -47.23 41.32
CA LYS P 416 22.41 -46.80 42.15
C LYS P 416 22.79 -45.74 43.18
N LYS P 417 24.06 -45.34 43.25
CA LYS P 417 24.50 -44.33 44.19
C LYS P 417 25.35 -43.29 43.47
N ALA P 418 25.36 -42.08 44.00
CA ALA P 418 26.12 -41.00 43.39
C ALA P 418 26.26 -39.85 44.38
N PHE P 419 27.21 -38.96 44.09
CA PHE P 419 27.39 -37.71 44.80
C PHE P 419 27.01 -36.56 43.89
N LEU P 420 26.58 -35.45 44.49
CA LEU P 420 26.18 -34.27 43.73
C LEU P 420 26.65 -33.03 44.47
N TRP P 421 27.26 -32.10 43.73
CA TRP P 421 27.69 -30.83 44.29
C TRP P 421 26.59 -29.80 44.01
N THR P 422 25.79 -29.50 45.03
CA THR P 422 24.73 -28.51 44.92
C THR P 422 25.17 -27.15 45.42
N LEU P 423 26.41 -27.00 45.86
CA LEU P 423 26.96 -25.74 46.32
C LEU P 423 28.27 -25.48 45.59
N GLY P 424 28.92 -24.38 45.94
CA GLY P 424 30.20 -24.05 45.35
C GLY P 424 30.16 -22.82 44.47
N PHE P 425 31.06 -22.75 43.50
CA PHE P 425 31.21 -21.58 42.65
C PHE P 425 30.24 -21.68 41.48
N VAL P 426 29.46 -20.63 41.28
CA VAL P 426 28.50 -20.54 40.17
C VAL P 426 29.02 -19.50 39.19
N PRO P 427 29.15 -19.83 37.90
CA PRO P 427 29.79 -18.88 36.97
C PRO P 427 29.06 -17.56 36.83
N LYS P 428 27.74 -17.57 36.77
CA LYS P 428 27.00 -16.34 36.50
C LYS P 428 27.20 -15.32 37.62
N LEU P 429 27.16 -15.77 38.87
CA LEU P 429 27.30 -14.86 40.00
C LEU P 429 28.75 -14.47 40.25
N GLN P 430 29.71 -15.19 39.67
CA GLN P 430 31.13 -14.96 39.91
C GLN P 430 31.45 -14.96 41.39
N SER P 431 30.85 -15.90 42.12
CA SER P 431 31.08 -16.04 43.55
C SER P 431 30.67 -17.47 43.93
N THR P 432 30.73 -17.77 45.22
CA THR P 432 30.41 -19.08 45.73
C THR P 432 29.12 -19.05 46.55
N LEU P 433 28.35 -20.13 46.47
CA LEU P 433 27.09 -20.27 47.20
C LEU P 433 27.30 -20.85 48.59
N SER P 434 28.53 -20.88 49.08
CA SER P 434 28.83 -21.48 50.37
C SER P 434 30.08 -20.82 50.92
N MET P 435 30.67 -21.44 51.94
CA MET P 435 31.88 -20.93 52.56
C MET P 435 32.74 -22.11 52.97
N GLU P 436 34.04 -21.84 53.13
CA GLU P 436 35.05 -22.87 53.29
C GLU P 436 35.12 -23.73 52.03
N VAL P 437 34.85 -25.03 52.15
CA VAL P 437 34.86 -25.96 51.02
C VAL P 437 33.46 -26.55 50.90
N PRO P 438 32.86 -26.55 49.71
CA PRO P 438 31.48 -27.05 49.57
C PRO P 438 31.38 -28.53 49.93
N ASN P 439 30.19 -28.90 50.43
CA ASN P 439 29.90 -30.26 50.84
C ASN P 439 28.90 -30.89 49.87
N PRO P 440 29.21 -32.05 49.30
CA PRO P 440 28.26 -32.73 48.41
C PRO P 440 27.16 -33.42 49.21
N ILE P 441 26.17 -33.93 48.47
CA ILE P 441 25.04 -34.64 49.06
C ILE P 441 24.95 -36.01 48.40
N PHE P 442 24.78 -37.05 49.23
CA PHE P 442 24.67 -38.41 48.73
C PHE P 442 23.27 -38.69 48.19
N ILE P 443 23.21 -39.43 47.09
CA ILE P 443 21.95 -39.82 46.47
C ILE P 443 21.99 -41.31 46.21
N GLU P 444 20.96 -42.04 46.68
CA GLU P 444 20.88 -43.48 46.51
C GLU P 444 19.48 -43.87 46.08
N ILE P 445 19.39 -44.71 45.05
CA ILE P 445 18.09 -45.26 44.60
C ILE P 445 17.83 -46.48 45.48
N ASN P 446 17.18 -46.24 46.63
CA ASN P 446 17.03 -47.29 47.63
C ASN P 446 16.18 -48.43 47.11
N LYS P 447 14.99 -48.13 46.59
CA LYS P 447 14.08 -49.15 46.09
C LYS P 447 13.52 -48.72 44.74
N GLY P 448 13.20 -49.70 43.91
CA GLY P 448 12.70 -49.44 42.58
C GLY P 448 13.80 -49.33 41.54
N GLU P 449 13.38 -49.36 40.28
CA GLU P 449 14.30 -49.31 39.14
C GLU P 449 14.26 -47.94 38.50
N ALA P 450 15.42 -47.31 38.37
CA ALA P 450 15.54 -46.01 37.73
C ALA P 450 16.99 -45.75 37.40
N GLU P 451 17.22 -44.77 36.53
CA GLU P 451 18.56 -44.38 36.13
C GLU P 451 19.10 -43.31 37.07
N ILE P 452 20.43 -43.27 37.20
CA ILE P 452 21.05 -42.37 38.16
C ILE P 452 21.25 -40.96 37.61
N GLN P 453 20.95 -40.73 36.34
CA GLN P 453 21.08 -39.38 35.77
C GLN P 453 19.79 -38.59 35.87
N GLN P 454 18.66 -39.23 35.52
CA GLN P 454 17.37 -38.57 35.67
C GLN P 454 17.11 -38.18 37.11
N VAL P 455 17.55 -39.02 38.05
CA VAL P 455 17.38 -38.70 39.47
C VAL P 455 18.13 -37.42 39.82
N LEU P 456 19.36 -37.28 39.33
CA LEU P 456 20.15 -36.10 39.65
C LEU P 456 19.55 -34.85 39.01
N LYS P 457 19.07 -34.96 37.76
CA LYS P 457 18.41 -33.83 37.14
C LYS P 457 17.17 -33.41 37.92
N ASP P 458 16.38 -34.38 38.38
CA ASP P 458 15.20 -34.06 39.17
C ASP P 458 15.59 -33.40 40.50
N ILE P 459 16.67 -33.86 41.11
CA ILE P 459 17.12 -33.24 42.37
C ILE P 459 17.48 -31.79 42.15
N LEU P 460 18.22 -31.49 41.08
CA LEU P 460 18.54 -30.09 40.79
C LEU P 460 17.28 -29.27 40.52
N ALA P 461 16.36 -29.83 39.73
CA ALA P 461 15.11 -29.13 39.44
C ALA P 461 14.37 -28.80 40.72
N LEU P 462 14.34 -29.73 41.68
CA LEU P 462 13.69 -29.47 42.95
C LEU P 462 14.44 -28.43 43.77
N THR P 463 15.77 -28.41 43.68
CA THR P 463 16.54 -27.39 44.39
C THR P 463 16.34 -26.00 43.80
N LYS P 464 15.86 -25.90 42.56
CA LYS P 464 15.61 -24.59 41.96
C LYS P 464 14.62 -23.77 42.79
N LEU P 465 13.37 -24.20 42.85
CA LEU P 465 12.28 -23.37 43.35
C LEU P 465 12.33 -23.26 44.86
N ASN P 466 12.49 -22.04 45.37
CA ASN P 466 12.44 -21.74 46.81
C ASN P 466 11.73 -20.40 46.95
N TYR P 467 10.42 -20.42 47.18
CA TYR P 467 9.64 -19.19 47.21
C TYR P 467 9.86 -18.38 48.49
N ASN P 468 10.46 -18.97 49.52
CA ASN P 468 10.68 -18.27 50.77
C ASN P 468 11.85 -17.29 50.72
N ALA P 469 12.72 -17.42 49.72
CA ALA P 469 13.88 -16.54 49.61
C ALA P 469 14.18 -16.30 48.14
N CYS P 470 14.96 -15.25 47.87
CA CYS P 470 15.34 -14.87 46.52
C CYS P 470 16.84 -15.14 46.37
N ILE P 471 17.18 -16.36 45.98
CA ILE P 471 18.57 -16.78 45.79
C ILE P 471 18.66 -17.60 44.51
N TYR P 472 19.90 -17.79 44.04
CA TYR P 472 20.12 -18.58 42.84
C TYR P 472 19.65 -20.01 43.02
N ALA P 473 19.99 -20.62 44.16
CA ALA P 473 19.59 -21.98 44.48
C ALA P 473 19.97 -22.26 45.93
N ASP P 474 19.55 -23.42 46.42
CA ASP P 474 19.85 -23.85 47.77
C ASP P 474 20.52 -25.23 47.75
N GLY P 475 21.11 -25.60 48.88
CA GLY P 475 21.84 -26.85 48.94
C GLY P 475 20.95 -28.07 48.81
N GLU P 476 19.82 -28.08 49.52
CA GLU P 476 18.97 -29.26 49.55
C GLU P 476 17.68 -29.02 48.77
N PRO P 477 17.05 -30.09 48.27
CA PRO P 477 15.75 -29.91 47.60
C PRO P 477 14.72 -29.31 48.55
N VAL P 478 13.86 -28.44 47.98
CA VAL P 478 12.94 -27.67 48.80
C VAL P 478 11.76 -28.50 49.29
N THR P 479 11.45 -29.62 48.62
CA THR P 479 10.34 -30.45 49.04
C THR P 479 10.52 -30.99 50.45
N LEU P 480 11.76 -31.08 50.92
CA LEU P 480 12.04 -31.55 52.26
C LEU P 480 12.11 -30.42 53.27
N ARG P 481 12.67 -29.27 52.87
CA ARG P 481 12.71 -28.12 53.77
C ARG P 481 11.31 -27.61 54.10
N PHE P 482 10.46 -27.51 53.08
CA PHE P 482 9.09 -27.05 53.32
C PHE P 482 8.32 -28.06 54.16
N ALA P 483 8.55 -29.35 53.92
CA ALA P 483 7.91 -30.38 54.75
C ALA P 483 8.37 -30.27 56.20
N ASN P 484 9.65 -29.97 56.42
CA ASN P 484 10.14 -29.79 57.78
C ASN P 484 9.49 -28.58 58.45
N LYS P 485 9.33 -27.48 57.71
CA LYS P 485 8.63 -26.33 58.27
C LYS P 485 7.19 -26.67 58.63
N ILE P 486 6.50 -27.37 57.74
CA ILE P 486 5.13 -27.83 58.03
C ILE P 486 5.13 -28.68 59.29
N GLY P 487 6.11 -29.56 59.43
CA GLY P 487 6.16 -30.42 60.61
C GLY P 487 6.32 -29.63 61.89
N GLU P 488 7.24 -28.67 61.90
CA GLU P 488 7.42 -27.85 63.10
C GLU P 488 6.13 -27.11 63.45
N ILE P 489 5.48 -26.52 62.45
CA ILE P 489 4.26 -25.76 62.71
C ILE P 489 3.16 -26.67 63.24
N LEU P 490 3.00 -27.85 62.63
CA LEU P 490 1.91 -28.74 63.04
C LEU P 490 2.15 -29.33 64.42
N THR P 491 3.39 -29.70 64.75
CA THR P 491 3.67 -30.24 66.06
C THR P 491 3.79 -29.19 67.14
N ALA P 492 3.85 -27.90 66.77
CA ALA P 492 3.81 -26.86 67.80
C ALA P 492 2.43 -26.67 68.39
N SER P 493 1.38 -27.12 67.70
CA SER P 493 0.00 -26.89 68.14
C SER P 493 -0.46 -28.05 69.02
N THR P 494 -1.76 -28.08 69.33
CA THR P 494 -2.36 -29.14 70.13
C THR P 494 -2.96 -30.24 69.27
N GLU P 495 -3.92 -29.89 68.42
CA GLU P 495 -4.57 -30.88 67.56
C GLU P 495 -5.33 -30.15 66.46
N ILE P 496 -5.13 -30.58 65.21
CA ILE P 496 -5.83 -30.04 64.06
C ILE P 496 -6.47 -31.20 63.32
N LYS P 497 -7.77 -31.08 63.03
CA LYS P 497 -8.49 -32.17 62.38
C LYS P 497 -8.07 -32.31 60.93
N THR P 498 -8.31 -31.28 60.12
CA THR P 498 -7.88 -31.25 58.72
C THR P 498 -7.11 -29.95 58.51
N PRO P 499 -5.80 -30.00 58.30
CA PRO P 499 -5.03 -28.77 58.18
C PRO P 499 -4.99 -28.30 56.73
N PRO P 500 -4.83 -27.00 56.51
CA PRO P 500 -4.74 -26.50 55.14
C PRO P 500 -3.50 -27.00 54.43
N LEU P 501 -3.62 -27.16 53.12
CA LEU P 501 -2.53 -27.67 52.30
C LEU P 501 -1.68 -26.57 51.68
N ALA P 502 -2.22 -25.36 51.56
CA ALA P 502 -1.52 -24.27 50.91
C ALA P 502 -0.29 -23.86 51.71
N PHE P 503 0.74 -23.41 51.00
CA PHE P 503 2.02 -23.08 51.61
C PHE P 503 2.07 -21.67 52.19
N LYS P 504 1.10 -20.82 51.86
CA LYS P 504 1.13 -19.44 52.35
C LYS P 504 0.98 -19.39 53.86
N TYR P 505 0.12 -20.23 54.42
CA TYR P 505 -0.15 -20.19 55.86
C TYR P 505 1.06 -20.65 56.67
N TYR P 506 1.86 -21.58 56.13
CA TYR P 506 2.98 -22.13 56.88
C TYR P 506 4.21 -21.23 56.78
N ILE P 507 4.73 -21.04 55.58
CA ILE P 507 5.97 -20.29 55.40
C ILE P 507 5.73 -18.80 55.60
#